data_8JX8
#
_entry.id   8JX8
#
_cell.length_a   1.00
_cell.length_b   1.00
_cell.length_c   1.00
_cell.angle_alpha   90.00
_cell.angle_beta   90.00
_cell.angle_gamma   90.00
#
_symmetry.space_group_name_H-M   'P 1'
#
loop_
_entity.id
_entity.type
_entity.pdbx_description
1 polymer 'LDL receptor related protein 2'
2 polymer 'unclear peptide'
3 polymer 'unclear peptide'
4 polymer 'unclear peptide'
5 polymer 'unclear peptide'
6 branched 2-acetamido-2-deoxy-beta-D-glucopyranose-(1-4)-2-acetamido-2-deoxy-beta-D-glucopyranose
7 branched beta-D-mannopyranose-(1-4)-2-acetamido-2-deoxy-beta-D-glucopyranose-(1-4)-2-acetamido-2-deoxy-beta-D-glucopyranose
8 branched alpha-D-mannopyranose-(1-3)-[alpha-D-mannopyranose-(1-6)]beta-D-mannopyranose-(1-4)-2-acetamido-2-deoxy-beta-D-glucopyranose-(1-4)-2-acetamido-2-deoxy-beta-D-glucopyranose
9 non-polymer 2-acetamido-2-deoxy-beta-D-glucopyranose
10 non-polymer 2-acetamido-2-deoxy-alpha-D-galactopyranose
11 non-polymer 'CALCIUM ION'
12 non-polymer 'NICKEL (II) ION'
#
loop_
_entity_poly.entity_id
_entity_poly.type
_entity_poly.pdbx_seq_one_letter_code
_entity_poly.pdbx_strand_id
1 'polypeptide(L)'
;MERGAAAAAWMLLLAIAACLEPVSSQECGSGNFRCDNGYCIPASWRCDGTRDCLDDTDEIGCPPRSCESGLFLCPAEGTC
IPSSWVCDEDKDCSDGADEQQNCAGTTCSAQQMTCSNGQCIPSEYRCDHVSDCPDGSDERNCHYPTCDQLTCANGACYNT
SQRCDQKVDCRDSSDEANCTTLCSQKEFECGSGECILRAYVCDHDNDCEDNSDERNCNYDTCGGHQFTCSNGQCINQNWV
CDGDDDCQDSGDEDGCESNQSHHRCYPREWACPGSGRCISIDKVCDGVPDCPEGDDENNVTSGRTCGMGVCSVLNCEYQC
HQTPFGGECFCPPGHIINSNDSRTCIDFDDCQIWGICDQKCENRQGRHQCLCEEGYILERGQHCKSSDSFSAASVIFSNG
RDLLVGDLHGRNFRILAESKNRGMVMGVDFHYQKHRVFWTDPMQEKVFSTDINGLNTQEILNVSVDTPENLAVDWINNKL
YLVETKVNRIDVVNLEGNQRVTLITENLGHPRGIALDPTVGYLFFSDWGSLSGQPKVERAFMDGSNRKDLVTTKVGWPAG
ITLDLVSKRVYWVDSRYDYIETVTYDGIQRKTVARGGSLVPHPFGISLFEEHVFFTDWTKMAVMKASKFTETNPQVYHQS
SLRPHGVTVYHALRQPNATNPCGSNNGGCAQVCVLSHRTDNGGLGYRCKCEFGFELDDDEHRCVAVKNFLLFSSKTAVRG
IPFTLSTQEDVMVPVTGSPSFFVGIDFDAQHSTVFYSDLSKDIIYKQKIDGTGKEVITANRLESVECLTFDWISRNLYWT
DGGLKSVTVLRLADKSRRQIISNLNNPRSIVVHPTAGYMFLSDWFRPAKIMRAWSDGSHLMPIVNTSLGWPNGLAIDWSA
SRLYWVDAFFDKIEHSTLDGLDRKRLGHVDQMTHPFGLTVFKDNVFITDWRLGAIIRVRKSDGGDMTVIRRGISSVMHVK
AYDADLQTGSNYCSQTTHANGDCSHFCFPVPNFQRVCGCPYGMKLQRDQMTCEGDPAREPPTQQCGSLSFPCNNGKCVPS
FFRCDGVDDCHDNSDEHQCGVFNNTCSPSAFACVRGGQCIPGQWHCDRQNDCLDGSDEQNCPTHATSSTCPSTSFTCDNH
VCIPKDWVCDTDNDCSDGSDEKNCQASGTCQPTQFRCPDHRCISPLYVCDGDKDCADGSDEAGCVLNCTSAQFKCADGSS
CINSRYRCDGVYDCRDNSDEAGCPTRPPGMCHLDEFQCQGDGTCIPNTWECDGHPDCIHGSDEHTGCVPKTCSPTHFLCD
NGNCIYKAWICDGDNDCRDMSDEKDCPTQPFHCPSTQWQCPGYSTCINLSALCDGVFDCPNGTDESPLCNQDSCSHFNGG
CTHQCMQGPFGATCLCPLGYQLANDTKTCEDINECDIPGFCSQHCVNMRGSFRCACDPEYTLESDGRTCKVTGSENPLLV
VASRDKIIVDNITAHTHNLYSLVQDVSFVVALDFDSVTGRVFWSDLLQGKTWSVFQNGTDKRVVHDSGLSVTEMIAVDWI
GRNLYWTDYALETIEVSKIDGSHRTVLISKNVTKPRGLALDPRMGDNVMFWSDWGHHPRIERASMDGTMRTVIVQEKIYW
PCGLSIDYPNRLIYFMDAYLDYIEFCDYDGHNRRQVIASDLVLHHPHALTLFEDFVYWTDRGTRQVMQANKWHGGNQSVV
MYSVHQPLGITAIHPSRQPPSRNPCASASCSHLCLLSAQAPRHYSCACPSGWNLSDDSVNCVRGDQPFLMSVRDNIIFGI
SLDPEVKSNDAMVPISGIQHGYDVEFDDSEQFIYWVENPGEIHRVKTDGSNRTVFAPLSLLGSSLGLALDWVSRNIYYTT
PASRSIEVLTLKGDTRYGKTLIANDGTPLGVGFPVGIAVDPARGKLYWSDHGTDSGVPAKIASANMDGTSLKILFTGNLQ
HLEVVTLDIQEQKLYWAVTSRGVIERGNVDGTERMILVHHLAHPWGLVVYGSFLYYSDEQYEVIERVDKSSGNNKVVLRD
NVPYLRGLRVYHRRNAADSSNGCSNNPNACQQICLPVPGGMFSCACASGFKLSPDGRSCSPYNSFMVVSMLPAVRGFSLE
LSDHSEAMVPVAGQGRNVLHADVDVANGFIYWCDFSSSVRSSNGIRRIKPDGSNFTNVVTYGIGANGIRGVALDWAAGNL
YFTNAFVYETLIEVLRINTTYRRVLLKVSVDMPRHIIVDPKHRYLFWADYGQKPKIERSFLDCTNRTVLVSEGIVTPRGL
AMDHDTGYIYWVDDSLDLIARIHLDGGESQVVRYGSRYPTPYGITVFGESIIWVDRNLKKVFQASKQPGNTDPPVVIRDK
INLLRDVTIFDEHAQPLSPAELNNNPCLQSNGGCSHFCFALPELPTPRCGCAFGTLGNDGKSCATSQEDFLIYSLNNSLR
SLHFDPRDHSLPFQVISVAGTAIALDYDRRNNRIFFTQKLNSLRGQISYVSLYSGSSSPTVLLSNIGVTDGIAFDWINRR
IYYSDFSNQTINSMAEDGSNRAVIARVSKPRAIVLDPCRGYMYWTDWGTNAKIERATLGGNFRVPIVNTSLVWPNGLALD
LETDLLYWADASLQKIERSTLTGTNREVVVSTAFHSFGLTVYGQYIYWTDLYTRKIYRANKYDGSDLVAMTTRLPTQPSG
ISTVVKTQRQQCSNPCDQFNGGCSHICAPGPNGAECQCPHEGNWYLANDNKYCVVDTGTRCNQLQFTCLNGHCINQDWKC
DNDNDCGDGSDELPTVCAFHTCRSTAFTCGNGRCVPYHYRCDYYNDCGDNSDEAGCLFRNCNSTTEFTCSNGRCIPLSYV
CNGINNCHDNDTSDEKNCPPHTCPPDFTKCQTTNICVPRAFLCDGDNDCGDGSDENPIYCASHTCRSNEFQCLSPQRCIP
SYWFCDGEADCADGSDEPDTCGHSVNTCRASQFQCDNGRCISGNWVCDGDNDCGDMSDEDQRHHCELQNCSSTQFTCVNS
RPPNRRCIPQYWVCDGDADCSDALDELQNCTMRTCSAGEFSCANGRCVRQSFRCDRRNDCGDYSDERGCSYPPCHANQFT
CQNGRCIPRFFVCDEDNDCGDGSDEQEHLCHTPEPTCPLHQFRCDNGHCIEMGRVCNHVDDCSDNSDEKGCGINECLDSS
ISRCDHNCTDTITSFYCSCLPGYKLMSDKRSCVDIDECKESPQLCSQKCENVVGSYICKCAPGYIREPDGKSCRQNSNIE
PYLIFSNRYYIRNLTTDGSSYSLILQGLGNVVALDFDRVEKRLYWIDAEKQIIERMFLNKTNRETIINHRLRRAESLAVD
WVSRKLYWLDAILDCLFVSDLEGRHRKMIAQHCVDANNTFCFEHPRGIVLHPQRGHVYWADWGVHAYIGRIGMDGTNKSV
IISTKIEWPNAITIDYTNDLLYWADAHLGYIEFSDLEGHHRHTVYDGSLPHPFALTIFEDTVFWTDWNTRTVEKGNKYDG
SGRVVLVNTTHKPFDIHVYHPYRQPIMSNPCGTNNGGCSHLCLIKAGGRGFTCACPDDFQTVQLRDRTLCMPMCSSTQFL
CGNNEKCIPIWWKCDGQKDCSDGSDEPDLCPHRFCRLGQFQCRDGNCTSPQALCNARQDCADGSDEDRVLCEHHRCESNE
WQCANKRCIPQSWQCDSVNDCLDNSDEDTSHCASRTCRPGQFKCNNGRCIPQSWKCDVDNDCGDYSDEPIDECTTAAYNC
DNHTEFSCKTNYRCIPQWAVCNGFDDCRDNSDEQGCESVPCHPSGDFRCANHHCIPLRWKCDGTDDCGDNSDEENCVPRE
CSESEFRCADQQCIPSRWVCDQENDCGDNSDERDCEMKTCHPEHFQCTSGHCVPKALACDGRADCLDASDESACPTRFPN
GTYCPAAMFECKNHVCIQSFWICDGENDCVDGSDEEIHLCFNIPCESPQRFRCDNSRCVYGHQLCNGVDDCGDGSDEKEE
HCRKPTHKPCTDTEYKCSNGNCISQHYVCDNVNDCGDLSDETGCNLGDNRTCAENICEQNCTQLSSGGFICSCRPGFKPS
TLDKNSCQDINECEEFGICPQSCRNSKGSYECFCVDGFKSMSTHYGERCAADGSPPLLLLPENVRIRKYNTSSEKFSEYL
EEEEHIQTIDYDWDPEHIGLSVVYYTVLAQGSQFGAIKRAYIPNFESGSNNPIREVDLGLKYLMQPDGLAVDWVGRHIYW
SDAKSQRIEVATLDGRYRKWLITTQLDQPAAIAVNPKLGLMFWTDQGKQPKIESAWMNGEHRSVLVSENLGWPNGLSIDY
LNDDRVYWSDSKEDVIEAIKYDGTDRRLIINEAMKPFSLDIFEDKLYWVAKEKGEVWRQNKFGKENKEKVLVVNPWLTQV
RIFHQLRYNQSVSNPCKQVCSHLCLLRPGGYSCACPQGSDFVTGSTVQCDAASELPVTMPPPCRCMHGGNCYFDENELPK
CKCSSGYSGEYCEVGLSRGIPPGTTMAVLLTFVIVIIVGALVLVGLFHYRKTGSLLPTLPKLPSLSSLAKPSENGNGVTF
RSGADVNMDIGVSPFGPETIIDRSMAMNEHFVMEVGKQPVIFENPMYAAKDNTSKVALAVQGPSTGAQVTVPENVENQNY
GRPIDPSEIVPEPKPASPGADEIQGKKWNIFKRKPKQTTNFENPIYAEMDSEVKDAVAVAPPPSPSLPAKASKRNLTPGY
TATEDTFKDTANLVKEDSDV
;
A,B
2 'polypeptide(L)' (UNK)(UNK)L(UNK)(UNK)(UNK) C,I
3 'polypeptide(L)' (UNK)C(UNK) D,J
4 'polypeptide(L)' (UNK)EE(UNK)(UNK) G,K
5 'polypeptide(L)' (UNK)(UNK)N(UNK)(UNK) H,L
#
loop_
_chem_comp.id
_chem_comp.type
_chem_comp.name
_chem_comp.formula
A2G D-saccharide, alpha linking 2-acetamido-2-deoxy-alpha-D-galactopyranose 'C8 H15 N O6'
BMA D-saccharide, beta linking beta-D-mannopyranose 'C6 H12 O6'
CA non-polymer 'CALCIUM ION' 'Ca 2'
MAN D-saccharide, alpha linking alpha-D-mannopyranose 'C6 H12 O6'
NAG D-saccharide, beta linking 2-acetamido-2-deoxy-beta-D-glucopyranose 'C8 H15 N O6'
NI non-polymer 'NICKEL (II) ION' 'Ni 2'
#
# COMPACT_ATOMS: atom_id res chain seq x y z
N CYS A 1306 63.04 -63.22 -9.93
CA CYS A 1306 62.94 -61.99 -9.14
C CYS A 1306 64.34 -61.40 -8.91
N PRO A 1307 64.41 -60.08 -8.74
CA PRO A 1307 65.72 -59.44 -8.50
C PRO A 1307 66.38 -59.90 -7.21
N THR A 1308 65.62 -60.43 -6.24
CA THR A 1308 66.20 -61.03 -5.04
C THR A 1308 67.04 -60.01 -4.25
N GLN A 1309 66.37 -59.06 -3.60
CA GLN A 1309 67.00 -57.98 -2.85
C GLN A 1309 67.77 -57.02 -3.76
N PRO A 1310 67.08 -56.21 -4.55
CA PRO A 1310 67.79 -55.27 -5.44
C PRO A 1310 68.77 -54.36 -4.71
N PHE A 1311 68.46 -53.93 -3.50
CA PHE A 1311 69.39 -53.13 -2.72
C PHE A 1311 69.26 -53.43 -1.23
N HIS A 1312 70.40 -53.49 -0.55
CA HIS A 1312 70.46 -53.53 0.90
C HIS A 1312 71.90 -53.30 1.33
N CYS A 1313 72.05 -52.59 2.45
CA CYS A 1313 73.36 -52.38 3.08
C CYS A 1313 73.21 -52.63 4.58
N PRO A 1314 72.87 -53.88 4.97
CA PRO A 1314 72.66 -54.15 6.40
C PRO A 1314 73.94 -53.98 7.20
N SER A 1315 74.97 -54.77 6.87
CA SER A 1315 76.34 -54.60 7.34
C SER A 1315 76.43 -54.26 8.82
N THR A 1316 77.43 -53.47 9.17
CA THR A 1316 77.47 -52.76 10.45
C THR A 1316 77.39 -51.26 10.24
N GLN A 1317 77.65 -50.81 9.00
CA GLN A 1317 77.69 -49.38 8.70
C GLN A 1317 76.28 -48.79 8.76
N TRP A 1318 76.18 -47.60 9.36
CA TRP A 1318 74.89 -46.94 9.55
C TRP A 1318 74.39 -46.33 8.25
N GLN A 1319 73.09 -46.43 8.03
CA GLN A 1319 72.44 -45.81 6.88
C GLN A 1319 71.88 -44.46 7.31
N CYS A 1320 72.58 -43.39 6.97
CA CYS A 1320 72.02 -42.08 7.27
C CYS A 1320 70.84 -41.84 6.36
N PRO A 1321 69.65 -41.55 6.89
CA PRO A 1321 68.43 -41.63 6.08
C PRO A 1321 68.42 -40.66 4.91
N GLY A 1322 67.76 -41.08 3.84
CA GLY A 1322 67.65 -40.31 2.63
C GLY A 1322 68.60 -40.70 1.52
N TYR A 1323 69.64 -41.48 1.84
CA TYR A 1323 70.65 -41.85 0.84
C TYR A 1323 71.17 -43.24 1.16
N SER A 1324 71.76 -43.88 0.14
CA SER A 1324 72.23 -45.25 0.27
C SER A 1324 73.65 -45.35 0.81
N THR A 1325 74.30 -44.22 1.09
CA THR A 1325 75.67 -44.24 1.59
C THR A 1325 75.72 -44.91 2.97
N CYS A 1326 76.73 -45.75 3.17
CA CYS A 1326 76.91 -46.51 4.40
C CYS A 1326 78.14 -46.00 5.13
N ILE A 1327 77.98 -45.67 6.41
CA ILE A 1327 79.04 -45.10 7.24
C ILE A 1327 79.08 -45.86 8.56
N ASN A 1328 80.30 -46.12 9.04
CA ASN A 1328 80.49 -46.93 10.25
C ASN A 1328 79.76 -46.33 11.44
N LEU A 1329 79.13 -47.19 12.23
CA LEU A 1329 78.39 -46.73 13.40
C LEU A 1329 79.30 -46.23 14.51
N SER A 1330 80.58 -46.57 14.49
CA SER A 1330 81.52 -46.02 15.47
C SER A 1330 81.70 -44.52 15.31
N ALA A 1331 81.31 -43.97 14.16
CA ALA A 1331 81.39 -42.53 13.92
C ALA A 1331 80.08 -41.82 14.20
N LEU A 1332 79.06 -42.51 14.70
CA LEU A 1332 77.83 -41.82 15.08
C LEU A 1332 78.04 -41.04 16.36
N CYS A 1333 77.63 -39.78 16.36
CA CYS A 1333 77.81 -38.87 17.49
C CYS A 1333 79.28 -38.81 17.91
N ASP A 1334 80.19 -38.81 16.94
CA ASP A 1334 81.61 -38.74 17.22
C ASP A 1334 82.10 -37.29 17.18
N GLY A 1335 81.17 -36.35 17.27
CA GLY A 1335 81.49 -34.94 17.30
C GLY A 1335 81.36 -34.20 15.98
N VAL A 1336 81.36 -34.91 14.85
CA VAL A 1336 81.19 -34.30 13.53
C VAL A 1336 80.19 -35.14 12.75
N PHE A 1337 79.22 -34.46 12.13
CA PHE A 1337 78.23 -35.15 11.30
C PHE A 1337 78.89 -35.68 10.03
N ASP A 1338 78.99 -37.01 9.92
CA ASP A 1338 79.66 -37.60 8.77
C ASP A 1338 78.89 -37.35 7.48
N CYS A 1339 77.60 -37.64 7.47
CA CYS A 1339 76.78 -37.41 6.29
C CYS A 1339 76.51 -35.92 6.13
N PRO A 1340 76.24 -35.46 4.91
CA PRO A 1340 76.25 -34.01 4.63
C PRO A 1340 75.30 -33.19 5.47
N ASN A 1341 74.15 -33.72 5.88
CA ASN A 1341 73.18 -32.88 6.60
C ASN A 1341 72.42 -33.70 7.63
N GLY A 1342 72.91 -33.69 8.87
CA GLY A 1342 72.11 -34.06 10.02
C GLY A 1342 71.42 -35.39 9.96
N THR A 1343 72.13 -36.46 9.60
CA THR A 1343 71.50 -37.77 9.46
C THR A 1343 72.27 -38.90 10.11
N ASP A 1344 73.38 -38.63 10.79
CA ASP A 1344 74.19 -39.68 11.41
C ASP A 1344 74.37 -39.51 12.91
N GLU A 1345 73.89 -38.41 13.49
CA GLU A 1345 74.04 -38.18 14.92
C GLU A 1345 72.70 -37.76 15.51
N SER A 1346 72.54 -38.04 16.80
CA SER A 1346 71.35 -37.66 17.55
C SER A 1346 71.47 -36.20 18.00
N PRO A 1347 70.33 -35.55 18.29
CA PRO A 1347 70.40 -34.17 18.79
C PRO A 1347 71.17 -34.02 20.09
N LEU A 1348 71.17 -35.05 20.94
CA LEU A 1348 71.81 -34.97 22.26
C LEU A 1348 73.22 -35.56 22.27
N CYS A 1349 73.40 -36.74 21.68
CA CYS A 1349 74.69 -37.43 21.66
C CYS A 1349 75.22 -37.70 23.07
N ASN A 1350 76.47 -38.15 23.16
CA ASN A 1350 77.10 -38.59 24.41
C ASN A 1350 76.27 -39.76 24.94
N GLN A 1351 75.97 -39.83 26.24
CA GLN A 1351 75.19 -40.89 26.87
C GLN A 1351 75.87 -42.25 26.79
N ASP A 1352 75.55 -43.14 27.72
CA ASP A 1352 76.16 -44.45 27.82
C ASP A 1352 75.22 -45.52 27.27
N SER A 1353 75.56 -46.79 27.50
CA SER A 1353 74.75 -47.91 27.07
C SER A 1353 73.68 -48.25 28.10
N CYS A 1354 73.32 -47.26 28.93
CA CYS A 1354 72.26 -47.39 29.93
C CYS A 1354 72.61 -48.46 30.98
N SER A 1355 73.83 -48.35 31.50
CA SER A 1355 74.26 -49.21 32.60
C SER A 1355 74.85 -48.39 33.74
N HIS A 1356 75.57 -47.32 33.39
CA HIS A 1356 76.25 -46.49 34.37
C HIS A 1356 75.25 -45.56 35.05
N PHE A 1357 74.65 -46.02 36.16
CA PHE A 1357 73.57 -45.30 36.83
C PHE A 1357 72.42 -45.02 35.86
N ASN A 1358 72.16 -45.98 34.97
CA ASN A 1358 71.22 -45.83 33.86
C ASN A 1358 71.56 -44.61 32.99
N GLY A 1359 72.85 -44.25 32.95
CA GLY A 1359 73.26 -43.06 32.24
C GLY A 1359 72.67 -41.77 32.76
N GLY A 1360 72.45 -41.68 34.07
CA GLY A 1360 71.80 -40.54 34.67
C GLY A 1360 70.28 -40.59 34.64
N CYS A 1361 69.70 -41.63 34.03
CA CYS A 1361 68.26 -41.73 33.95
C CYS A 1361 67.70 -42.27 35.27
N THR A 1362 66.75 -41.54 35.86
CA THR A 1362 66.17 -41.94 37.14
C THR A 1362 64.97 -42.86 36.98
N HIS A 1363 64.56 -43.16 35.75
CA HIS A 1363 63.40 -43.99 35.51
C HIS A 1363 63.82 -45.13 34.57
N GLN A 1364 62.83 -45.84 34.03
CA GLN A 1364 63.12 -46.90 33.07
C GLN A 1364 63.88 -46.34 31.89
N CYS A 1365 64.93 -47.04 31.46
CA CYS A 1365 65.84 -46.55 30.44
C CYS A 1365 66.23 -47.67 29.49
N MET A 1366 66.55 -47.27 28.26
CA MET A 1366 67.15 -48.15 27.27
C MET A 1366 68.08 -47.30 26.41
N GLN A 1367 69.07 -47.95 25.81
CA GLN A 1367 70.08 -47.26 25.02
C GLN A 1367 69.86 -47.52 23.54
N GLY A 1368 69.95 -46.47 22.74
CA GLY A 1368 69.92 -46.58 21.30
C GLY A 1368 71.31 -46.55 20.73
N PRO A 1369 71.42 -46.37 19.40
CA PRO A 1369 72.74 -46.25 18.79
C PRO A 1369 73.52 -45.03 19.27
N PHE A 1370 72.84 -44.02 19.79
CA PHE A 1370 73.48 -42.78 20.22
C PHE A 1370 73.53 -42.62 21.73
N GLY A 1371 73.08 -43.62 22.49
CA GLY A 1371 73.15 -43.54 23.93
C GLY A 1371 71.84 -43.84 24.62
N ALA A 1372 71.83 -43.53 25.92
CA ALA A 1372 70.71 -43.89 26.78
C ALA A 1372 69.75 -42.73 26.98
N THR A 1373 68.46 -43.03 26.84
CA THR A 1373 67.39 -42.08 27.15
C THR A 1373 66.34 -42.79 28.00
N CYS A 1374 65.64 -42.01 28.82
CA CYS A 1374 64.53 -42.57 29.56
C CYS A 1374 63.34 -42.80 28.65
N LEU A 1375 62.53 -43.80 28.99
CA LEU A 1375 61.25 -44.06 28.32
C LEU A 1375 60.21 -44.23 29.43
N CYS A 1376 59.59 -43.12 29.82
CA CYS A 1376 58.62 -43.11 30.90
C CYS A 1376 57.41 -43.97 30.54
N PRO A 1377 56.82 -44.67 31.52
CA PRO A 1377 55.71 -45.58 31.20
C PRO A 1377 54.39 -44.84 30.95
N LEU A 1378 53.31 -45.60 30.78
CA LEU A 1378 51.99 -45.04 30.55
C LEU A 1378 51.58 -44.23 31.78
N GLY A 1379 51.34 -42.94 31.59
CA GLY A 1379 50.99 -42.04 32.67
C GLY A 1379 52.11 -41.10 33.09
N TYR A 1380 53.26 -41.15 32.44
CA TYR A 1380 54.39 -40.30 32.73
C TYR A 1380 54.86 -39.61 31.46
N GLN A 1381 55.57 -38.50 31.63
CA GLN A 1381 56.12 -37.75 30.50
C GLN A 1381 57.60 -37.47 30.72
N LEU A 1382 58.36 -37.49 29.63
CA LEU A 1382 59.77 -37.16 29.70
C LEU A 1382 59.95 -35.69 30.06
N ALA A 1383 60.87 -35.42 30.97
CA ALA A 1383 61.16 -34.05 31.33
C ALA A 1383 62.21 -33.46 30.40
N ASN A 1384 62.73 -32.29 30.80
CA ASN A 1384 63.53 -31.47 29.91
C ASN A 1384 64.98 -31.94 29.86
N ASP A 1385 65.43 -32.57 30.95
CA ASP A 1385 66.73 -33.25 30.92
C ASP A 1385 66.68 -34.52 30.10
N THR A 1386 65.48 -35.08 29.89
CA THR A 1386 65.26 -36.36 29.23
C THR A 1386 65.91 -37.51 30.00
N LYS A 1387 66.48 -37.19 31.15
CA LYS A 1387 66.98 -38.19 32.10
C LYS A 1387 66.14 -38.25 33.37
N THR A 1388 64.99 -37.58 33.38
CA THR A 1388 64.05 -37.61 34.49
C THR A 1388 62.64 -37.60 33.95
N CYS A 1389 61.73 -38.29 34.64
CA CYS A 1389 60.33 -38.39 34.25
C CYS A 1389 59.48 -37.65 35.27
N GLU A 1390 58.41 -37.02 34.80
CA GLU A 1390 57.49 -36.28 35.65
C GLU A 1390 56.07 -36.76 35.42
N ASP A 1391 55.26 -36.74 36.48
CA ASP A 1391 53.89 -37.21 36.38
C ASP A 1391 53.04 -36.24 35.56
N ILE A 1392 52.17 -36.79 34.73
CA ILE A 1392 51.22 -36.01 33.95
C ILE A 1392 50.02 -35.67 34.82
N ASN A 1393 49.63 -34.40 34.84
CA ASN A 1393 48.37 -34.01 35.47
C ASN A 1393 47.27 -34.29 34.45
N GLU A 1394 46.77 -35.52 34.45
CA GLU A 1394 45.89 -35.98 33.39
C GLU A 1394 44.58 -35.22 33.30
N CYS A 1395 44.19 -34.52 34.37
CA CYS A 1395 42.93 -33.78 34.32
C CYS A 1395 43.08 -32.29 34.60
N ASP A 1396 44.27 -31.73 34.39
CA ASP A 1396 44.35 -30.30 34.11
C ASP A 1396 43.76 -29.98 32.74
N ILE A 1397 43.66 -30.98 31.87
CA ILE A 1397 42.99 -30.85 30.58
C ILE A 1397 41.49 -30.77 30.83
N PRO A 1398 40.81 -29.74 30.35
CA PRO A 1398 39.35 -29.65 30.57
C PRO A 1398 38.63 -30.74 29.80
N GLY A 1399 37.80 -31.50 30.51
CA GLY A 1399 37.01 -32.54 29.90
C GLY A 1399 37.63 -33.91 29.85
N PHE A 1400 38.83 -34.10 30.39
CA PHE A 1400 39.39 -35.43 30.50
C PHE A 1400 38.51 -36.32 31.36
N CYS A 1401 38.11 -35.81 32.53
CA CYS A 1401 37.07 -36.40 33.33
C CYS A 1401 35.80 -35.56 33.21
N SER A 1402 34.69 -36.23 32.92
CA SER A 1402 33.42 -35.52 32.77
C SER A 1402 33.03 -34.80 34.05
N GLN A 1403 33.47 -35.31 35.20
CA GLN A 1403 33.13 -34.73 36.49
C GLN A 1403 34.32 -34.78 37.43
N HIS A 1404 34.07 -34.67 38.74
CA HIS A 1404 35.12 -34.53 39.75
C HIS A 1404 36.32 -35.43 39.47
N CYS A 1405 37.51 -34.85 39.61
CA CYS A 1405 38.76 -35.56 39.34
C CYS A 1405 39.77 -35.26 40.43
N VAL A 1406 40.68 -36.20 40.64
CA VAL A 1406 41.86 -36.01 41.48
C VAL A 1406 43.07 -36.53 40.71
N ASN A 1407 44.21 -35.87 40.89
CA ASN A 1407 45.42 -36.29 40.21
C ASN A 1407 46.30 -37.11 41.15
N MET A 1408 46.77 -38.25 40.65
CA MET A 1408 47.62 -39.15 41.42
C MET A 1408 48.88 -39.45 40.63
N ARG A 1409 49.87 -40.03 41.31
CA ARG A 1409 51.14 -40.37 40.70
C ARG A 1409 50.97 -41.38 39.57
N GLY A 1410 51.21 -40.94 38.35
CA GLY A 1410 51.17 -41.81 37.18
C GLY A 1410 49.80 -42.38 36.87
N SER A 1411 48.75 -41.75 37.37
CA SER A 1411 47.38 -42.22 37.13
C SER A 1411 46.36 -41.16 37.54
N PHE A 1412 45.09 -41.51 37.50
CA PHE A 1412 44.02 -40.60 37.86
C PHE A 1412 42.88 -41.38 38.49
N ARG A 1413 42.04 -40.68 39.24
CA ARG A 1413 40.83 -41.24 39.82
C ARG A 1413 39.66 -40.30 39.53
N CYS A 1414 38.53 -40.88 39.13
CA CYS A 1414 37.37 -40.12 38.72
C CYS A 1414 36.15 -40.54 39.53
N ALA A 1415 35.26 -39.59 39.76
CA ALA A 1415 34.01 -39.83 40.45
C ALA A 1415 33.00 -38.78 40.03
N CYS A 1416 31.72 -39.09 40.19
CA CYS A 1416 30.66 -38.15 39.85
C CYS A 1416 29.55 -38.16 40.90
N ASP A 1417 28.59 -37.26 40.70
CA ASP A 1417 27.53 -37.04 41.66
C ASP A 1417 26.58 -38.23 41.70
N PRO A 1418 25.79 -38.36 42.77
CA PRO A 1418 24.91 -39.53 42.90
C PRO A 1418 23.90 -39.68 41.77
N GLU A 1419 23.60 -38.61 41.02
CA GLU A 1419 22.69 -38.74 39.89
C GLU A 1419 23.33 -39.40 38.69
N TYR A 1420 24.63 -39.69 38.74
CA TYR A 1420 25.35 -40.25 37.61
C TYR A 1420 26.08 -41.53 38.05
N THR A 1421 26.47 -42.32 37.06
CA THR A 1421 27.25 -43.54 37.28
C THR A 1421 28.44 -43.57 36.34
N LEU A 1422 29.60 -43.94 36.88
CA LEU A 1422 30.81 -44.05 36.07
C LEU A 1422 30.69 -45.19 35.08
N GLU A 1423 31.12 -44.95 33.84
CA GLU A 1423 31.07 -45.98 32.83
C GLU A 1423 32.31 -46.87 32.88
N SER A 1424 32.36 -47.86 31.99
CA SER A 1424 33.50 -48.76 31.93
C SER A 1424 34.78 -48.04 31.54
N ASP A 1425 34.68 -46.89 30.88
CA ASP A 1425 35.85 -46.11 30.52
C ASP A 1425 36.59 -45.58 31.76
N GLY A 1426 35.89 -45.45 32.88
CA GLY A 1426 36.51 -44.97 34.10
C GLY A 1426 36.57 -43.48 34.24
N ARG A 1427 36.15 -42.72 33.24
CA ARG A 1427 36.17 -41.27 33.33
C ARG A 1427 34.95 -40.60 32.71
N THR A 1428 33.96 -41.35 32.25
CA THR A 1428 32.73 -40.78 31.69
C THR A 1428 31.55 -41.24 32.52
N CYS A 1429 30.68 -40.29 32.87
CA CYS A 1429 29.50 -40.58 33.69
C CYS A 1429 28.23 -40.31 32.90
N LYS A 1430 27.19 -41.07 33.22
CA LYS A 1430 25.90 -41.00 32.54
C LYS A 1430 24.81 -40.98 33.59
N VAL A 1431 23.64 -40.42 33.22
CA VAL A 1431 22.56 -40.25 34.20
C VAL A 1431 22.13 -41.60 34.76
N THR A 1432 21.42 -41.53 35.91
CA THR A 1432 21.04 -42.74 36.62
C THR A 1432 20.23 -43.69 35.74
N GLY A 1433 19.29 -43.16 34.97
CA GLY A 1433 18.54 -43.96 34.02
C GLY A 1433 17.13 -43.43 33.82
N SER A 1434 16.55 -43.86 32.69
CA SER A 1434 15.18 -43.53 32.32
C SER A 1434 14.95 -42.04 32.18
N GLU A 1435 13.67 -41.65 32.12
CA GLU A 1435 13.19 -40.28 32.12
C GLU A 1435 13.43 -39.56 30.80
N ASN A 1436 14.21 -40.18 29.90
CA ASN A 1436 14.32 -39.80 28.49
C ASN A 1436 14.42 -38.29 28.29
N PRO A 1437 15.57 -37.68 28.53
CA PRO A 1437 15.64 -36.20 28.63
C PRO A 1437 15.07 -35.51 27.40
N LEU A 1438 14.31 -34.44 27.67
CA LEU A 1438 13.64 -33.68 26.63
C LEU A 1438 14.35 -32.34 26.41
N LEU A 1439 14.30 -31.86 25.18
CA LEU A 1439 14.84 -30.55 24.81
C LEU A 1439 13.68 -29.69 24.31
N VAL A 1440 13.49 -28.53 24.94
CA VAL A 1440 12.37 -27.65 24.63
C VAL A 1440 12.93 -26.37 24.02
N VAL A 1441 12.41 -26.01 22.84
CA VAL A 1441 12.88 -24.84 22.10
C VAL A 1441 11.67 -23.97 21.78
N ALA A 1442 11.81 -22.67 21.99
CA ALA A 1442 10.73 -21.72 21.72
C ALA A 1442 10.93 -21.10 20.34
N SER A 1443 9.92 -21.25 19.46
CA SER A 1443 9.97 -20.72 18.11
C SER A 1443 8.72 -19.88 17.87
N ARG A 1444 8.79 -18.61 18.29
CA ARG A 1444 7.72 -17.64 18.09
C ARG A 1444 6.36 -18.16 18.52
N ASP A 1445 5.57 -18.66 17.58
CA ASP A 1445 4.20 -19.07 17.86
C ASP A 1445 4.07 -20.51 18.29
N LYS A 1446 5.17 -21.26 18.40
CA LYS A 1446 5.12 -22.65 18.80
C LYS A 1446 6.23 -22.95 19.79
N ILE A 1447 6.01 -23.96 20.62
CA ILE A 1447 7.00 -24.47 21.55
C ILE A 1447 7.24 -25.93 21.18
N ILE A 1448 8.41 -26.21 20.63
CA ILE A 1448 8.71 -27.54 20.10
C ILE A 1448 9.47 -28.32 21.15
N VAL A 1449 8.99 -29.52 21.46
CA VAL A 1449 9.62 -30.42 22.41
C VAL A 1449 10.35 -31.51 21.64
N ASP A 1450 11.63 -31.69 21.92
CA ASP A 1450 12.45 -32.71 21.26
C ASP A 1450 12.70 -33.83 22.26
N ASN A 1451 12.04 -34.96 22.04
CA ASN A 1451 12.24 -36.15 22.85
C ASN A 1451 13.47 -36.86 22.32
N ILE A 1452 14.53 -36.93 23.13
CA ILE A 1452 15.77 -37.55 22.70
C ILE A 1452 15.70 -39.05 22.95
N THR A 1453 15.09 -39.78 22.03
CA THR A 1453 14.99 -41.22 22.14
C THR A 1453 16.25 -41.87 21.58
N ALA A 1454 17.02 -42.53 22.44
CA ALA A 1454 18.31 -43.11 22.06
C ALA A 1454 19.20 -42.07 21.41
N HIS A 1455 19.40 -42.18 20.10
CA HIS A 1455 20.28 -41.28 19.37
C HIS A 1455 19.54 -40.30 18.45
N THR A 1456 18.25 -40.54 18.19
CA THR A 1456 17.48 -39.73 17.26
C THR A 1456 16.58 -38.77 18.02
N HIS A 1457 15.77 -38.02 17.28
CA HIS A 1457 14.97 -36.93 17.82
C HIS A 1457 13.52 -37.08 17.37
N ASN A 1458 12.60 -36.61 18.22
CA ASN A 1458 11.17 -36.62 17.93
C ASN A 1458 10.62 -35.23 18.24
N LEU A 1459 10.12 -34.54 17.22
CA LEU A 1459 9.67 -33.16 17.35
C LEU A 1459 8.15 -33.09 17.35
N TYR A 1460 7.59 -32.34 18.29
CA TYR A 1460 6.16 -32.06 18.32
C TYR A 1460 5.92 -30.80 19.14
N SER A 1461 4.77 -30.17 18.89
CA SER A 1461 4.41 -28.94 19.58
C SER A 1461 3.94 -29.24 20.99
N LEU A 1462 4.30 -28.37 21.93
CA LEU A 1462 3.91 -28.58 23.32
C LEU A 1462 2.51 -28.04 23.60
N VAL A 1463 2.23 -26.80 23.19
CA VAL A 1463 0.95 -26.16 23.46
C VAL A 1463 0.43 -25.57 22.15
N GLN A 1464 -0.89 -25.54 22.02
CA GLN A 1464 -1.54 -25.08 20.79
C GLN A 1464 -1.70 -23.57 20.73
N ASP A 1465 -1.86 -22.90 21.87
CA ASP A 1465 -2.20 -21.49 21.91
C ASP A 1465 -1.00 -20.67 22.42
N VAL A 1466 -0.14 -20.28 21.50
CA VAL A 1466 1.04 -19.46 21.80
C VAL A 1466 1.17 -18.40 20.72
N SER A 1467 1.47 -17.16 21.14
CA SER A 1467 1.64 -16.04 20.22
C SER A 1467 3.10 -15.71 19.97
N PHE A 1468 3.87 -15.44 21.02
CA PHE A 1468 5.29 -15.13 20.89
C PHE A 1468 6.03 -15.56 22.14
N VAL A 1469 6.61 -16.76 22.13
CA VAL A 1469 7.26 -17.29 23.32
C VAL A 1469 8.76 -16.95 23.28
N VAL A 1470 9.28 -16.48 24.41
CA VAL A 1470 10.66 -16.05 24.49
C VAL A 1470 11.44 -16.90 25.49
N ALA A 1471 11.00 -16.91 26.73
CA ALA A 1471 11.72 -17.62 27.79
C ALA A 1471 11.14 -19.01 28.00
N LEU A 1472 11.94 -19.87 28.63
CA LEU A 1472 11.53 -21.23 28.92
C LEU A 1472 12.26 -21.75 30.15
N ASP A 1473 11.54 -22.46 31.00
CA ASP A 1473 12.13 -23.19 32.12
C ASP A 1473 11.11 -24.19 32.61
N PHE A 1474 11.56 -25.13 33.45
CA PHE A 1474 10.73 -26.23 33.90
C PHE A 1474 10.90 -26.44 35.40
N ASP A 1475 9.88 -27.04 35.99
CA ASP A 1475 9.87 -27.38 37.41
C ASP A 1475 9.89 -28.89 37.55
N SER A 1476 10.92 -29.41 38.22
CA SER A 1476 11.08 -30.86 38.32
C SER A 1476 10.16 -31.50 39.34
N VAL A 1477 9.68 -30.74 40.33
CA VAL A 1477 8.88 -31.36 41.39
C VAL A 1477 7.41 -31.46 40.97
N THR A 1478 6.99 -30.66 39.99
CA THR A 1478 5.62 -30.74 39.48
C THR A 1478 5.54 -31.14 38.02
N GLY A 1479 6.66 -31.14 37.31
CA GLY A 1479 6.64 -31.50 35.90
C GLY A 1479 6.01 -30.47 35.00
N ARG A 1480 5.94 -29.22 35.43
CA ARG A 1480 5.41 -28.14 34.63
C ARG A 1480 6.54 -27.42 33.90
N VAL A 1481 6.19 -26.77 32.80
CA VAL A 1481 7.13 -25.98 32.01
C VAL A 1481 6.59 -24.56 31.88
N PHE A 1482 7.42 -23.58 32.21
CA PHE A 1482 7.01 -22.18 32.23
C PHE A 1482 7.54 -21.48 30.99
N TRP A 1483 6.75 -20.54 30.47
CA TRP A 1483 7.20 -19.73 29.35
C TRP A 1483 6.50 -18.38 29.42
N SER A 1484 7.15 -17.36 28.85
CA SER A 1484 6.64 -16.01 28.84
C SER A 1484 6.29 -15.61 27.41
N ASP A 1485 5.12 -14.99 27.24
CA ASP A 1485 4.64 -14.59 25.94
C ASP A 1485 4.89 -13.10 25.76
N LEU A 1486 5.59 -12.74 24.68
CA LEU A 1486 5.96 -11.35 24.47
C LEU A 1486 4.76 -10.50 24.07
N LEU A 1487 3.92 -11.02 23.17
CA LEU A 1487 2.79 -10.24 22.68
C LEU A 1487 1.68 -10.12 23.72
N GLN A 1488 1.37 -11.21 24.41
CA GLN A 1488 0.30 -11.19 25.40
C GLN A 1488 0.74 -10.56 26.72
N GLY A 1489 2.03 -10.41 26.95
CA GLY A 1489 2.51 -9.87 28.21
C GLY A 1489 2.17 -10.69 29.42
N LYS A 1490 2.19 -12.01 29.28
CA LYS A 1490 1.82 -12.92 30.35
C LYS A 1490 2.86 -14.03 30.47
N THR A 1491 2.92 -14.64 31.65
CA THR A 1491 3.75 -15.81 31.90
C THR A 1491 2.84 -16.98 32.17
N TRP A 1492 3.02 -18.06 31.42
CA TRP A 1492 2.17 -19.23 31.50
C TRP A 1492 2.89 -20.39 32.15
N SER A 1493 2.17 -21.48 32.31
CA SER A 1493 2.74 -22.77 32.68
C SER A 1493 1.80 -23.87 32.23
N VAL A 1494 2.37 -25.04 31.97
CA VAL A 1494 1.62 -26.20 31.53
C VAL A 1494 2.44 -27.44 31.89
N PHE A 1495 1.76 -28.56 32.03
CA PHE A 1495 2.46 -29.82 32.23
C PHE A 1495 3.24 -30.22 30.99
N GLN A 1496 4.25 -31.07 31.19
CA GLN A 1496 4.93 -31.71 30.07
C GLN A 1496 3.95 -32.51 29.21
N ASN A 1497 2.84 -32.97 29.79
CA ASN A 1497 1.88 -33.82 29.12
C ASN A 1497 0.98 -32.97 28.21
N GLY A 1498 1.11 -31.64 28.30
CA GLY A 1498 0.29 -30.74 27.52
C GLY A 1498 -1.01 -30.28 28.15
N THR A 1499 -1.37 -30.79 29.34
CA THR A 1499 -2.64 -30.46 29.96
C THR A 1499 -2.49 -29.44 31.09
N ASP A 1500 -3.62 -28.84 31.47
CA ASP A 1500 -3.73 -27.89 32.58
C ASP A 1500 -2.87 -26.64 32.33
N LYS A 1501 -3.15 -25.93 31.24
CA LYS A 1501 -2.46 -24.68 30.97
C LYS A 1501 -3.11 -23.55 31.78
N ARG A 1502 -2.31 -22.92 32.65
CA ARG A 1502 -2.81 -21.85 33.51
C ARG A 1502 -1.79 -20.72 33.56
N VAL A 1503 -2.28 -19.52 33.82
CA VAL A 1503 -1.45 -18.32 33.79
C VAL A 1503 -0.78 -18.14 35.14
N VAL A 1504 0.46 -17.65 35.13
CA VAL A 1504 1.20 -17.36 36.35
C VAL A 1504 1.19 -15.87 36.66
N HIS A 1505 1.57 -15.06 35.68
CA HIS A 1505 1.56 -13.61 35.79
C HIS A 1505 0.70 -13.04 34.67
N ASP A 1506 -0.43 -12.44 35.01
CA ASP A 1506 -1.33 -11.90 34.01
C ASP A 1506 -1.06 -10.42 33.71
N SER A 1507 -0.12 -9.79 34.40
CA SER A 1507 0.20 -8.39 34.15
C SER A 1507 1.55 -8.08 34.77
N GLY A 1508 2.11 -6.94 34.36
CA GLY A 1508 3.33 -6.44 34.95
C GLY A 1508 4.62 -6.81 34.24
N LEU A 1509 4.55 -7.45 33.09
CA LEU A 1509 5.73 -7.86 32.36
C LEU A 1509 5.79 -7.17 31.01
N SER A 1510 7.00 -6.75 30.63
CA SER A 1510 7.22 -6.10 29.34
C SER A 1510 8.61 -6.53 28.85
N VAL A 1511 8.62 -7.44 27.87
CA VAL A 1511 9.84 -7.97 27.28
C VAL A 1511 10.63 -8.74 28.34
N THR A 1512 10.07 -9.85 28.81
CA THR A 1512 10.80 -10.74 29.70
C THR A 1512 11.85 -11.50 28.89
N GLU A 1513 13.12 -11.37 29.28
CA GLU A 1513 14.19 -11.94 28.48
C GLU A 1513 14.45 -13.40 28.84
N MET A 1514 14.56 -13.71 30.13
CA MET A 1514 14.85 -15.07 30.57
C MET A 1514 14.05 -15.37 31.83
N ILE A 1515 13.83 -16.65 32.08
CA ILE A 1515 13.11 -17.13 33.25
C ILE A 1515 13.90 -18.26 33.89
N ALA A 1516 14.09 -18.19 35.20
CA ALA A 1516 14.72 -19.27 35.95
C ALA A 1516 13.90 -19.55 37.19
N VAL A 1517 13.50 -20.82 37.36
CA VAL A 1517 12.72 -21.24 38.51
C VAL A 1517 13.66 -21.74 39.59
N ASP A 1518 13.23 -21.65 40.84
CA ASP A 1518 14.01 -22.14 41.97
C ASP A 1518 13.30 -23.38 42.51
N TRP A 1519 13.79 -24.56 42.11
CA TRP A 1519 13.11 -25.80 42.46
C TRP A 1519 13.24 -26.13 43.94
N ILE A 1520 14.18 -25.52 44.65
CA ILE A 1520 14.34 -25.78 46.08
C ILE A 1520 13.58 -24.76 46.91
N GLY A 1521 13.76 -23.48 46.62
CA GLY A 1521 13.05 -22.44 47.36
C GLY A 1521 11.64 -22.17 46.90
N ARG A 1522 11.21 -22.80 45.81
CA ARG A 1522 9.88 -22.58 45.24
C ARG A 1522 9.67 -21.11 44.90
N ASN A 1523 10.53 -20.57 44.06
CA ASN A 1523 10.45 -19.18 43.62
C ASN A 1523 10.74 -19.10 42.14
N LEU A 1524 10.33 -17.98 41.53
CA LEU A 1524 10.47 -17.75 40.10
C LEU A 1524 11.22 -16.44 39.88
N TYR A 1525 12.34 -16.52 39.16
CA TYR A 1525 13.15 -15.36 38.83
C TYR A 1525 13.05 -15.08 37.33
N TRP A 1526 13.07 -13.79 36.98
CA TRP A 1526 13.08 -13.40 35.58
C TRP A 1526 13.73 -12.04 35.43
N THR A 1527 14.27 -11.79 34.24
CA THR A 1527 14.90 -10.52 33.91
C THR A 1527 14.05 -9.79 32.88
N ASP A 1528 13.90 -8.48 33.06
CA ASP A 1528 13.07 -7.67 32.18
C ASP A 1528 13.95 -6.66 31.46
N TYR A 1529 13.90 -6.68 30.13
CA TYR A 1529 14.69 -5.74 29.34
C TYR A 1529 14.10 -4.34 29.37
N ALA A 1530 12.78 -4.23 29.27
CA ALA A 1530 12.13 -2.93 29.22
C ALA A 1530 12.16 -2.23 30.58
N LEU A 1531 11.89 -2.97 31.65
CA LEU A 1531 11.91 -2.37 32.99
C LEU A 1531 13.31 -2.24 33.57
N GLU A 1532 14.29 -2.93 32.98
CA GLU A 1532 15.68 -2.89 33.44
C GLU A 1532 15.78 -3.29 34.92
N THR A 1533 15.17 -4.43 35.24
CA THR A 1533 15.13 -4.94 36.60
C THR A 1533 15.31 -6.44 36.59
N ILE A 1534 15.52 -6.99 37.78
CA ILE A 1534 15.52 -8.43 38.02
C ILE A 1534 14.52 -8.70 39.13
N GLU A 1535 13.50 -9.50 38.84
CA GLU A 1535 12.37 -9.67 39.74
C GLU A 1535 12.26 -11.11 40.17
N VAL A 1536 11.65 -11.31 41.34
CA VAL A 1536 11.43 -12.63 41.91
C VAL A 1536 9.99 -12.73 42.37
N SER A 1537 9.44 -13.94 42.29
CA SER A 1537 8.07 -14.20 42.73
C SER A 1537 7.94 -15.68 43.06
N LYS A 1538 6.86 -16.02 43.76
CA LYS A 1538 6.60 -17.40 44.09
C LYS A 1538 6.28 -18.19 42.82
N ILE A 1539 6.31 -19.52 42.94
CA ILE A 1539 6.06 -20.38 41.80
C ILE A 1539 4.68 -20.13 41.21
N ASP A 1540 3.68 -19.86 42.05
CA ASP A 1540 2.36 -19.50 41.58
C ASP A 1540 2.22 -18.00 41.30
N GLY A 1541 3.29 -17.22 41.49
CA GLY A 1541 3.26 -15.80 41.22
C GLY A 1541 2.45 -14.97 42.20
N SER A 1542 2.31 -15.43 43.44
CA SER A 1542 1.45 -14.72 44.40
C SER A 1542 2.06 -13.39 44.80
N HIS A 1543 3.35 -13.38 45.14
CA HIS A 1543 4.01 -12.20 45.68
C HIS A 1543 5.18 -11.82 44.79
N ARG A 1544 5.29 -10.52 44.49
CA ARG A 1544 6.23 -10.04 43.48
C ARG A 1544 6.98 -8.82 44.01
N THR A 1545 8.30 -8.84 43.84
CA THR A 1545 9.13 -7.70 44.23
C THR A 1545 10.27 -7.55 43.23
N VAL A 1546 10.83 -6.34 43.17
CA VAL A 1546 11.99 -6.06 42.34
C VAL A 1546 13.24 -6.32 43.16
N LEU A 1547 14.07 -7.27 42.71
CA LEU A 1547 15.22 -7.67 43.50
C LEU A 1547 16.41 -6.74 43.29
N ILE A 1548 16.82 -6.55 42.04
CA ILE A 1548 18.00 -5.76 41.71
C ILE A 1548 17.66 -4.78 40.61
N SER A 1549 17.89 -3.49 40.86
CA SER A 1549 17.63 -2.47 39.85
C SER A 1549 18.70 -1.38 39.84
N LYS A 1550 19.69 -1.48 40.73
CA LYS A 1550 20.65 -0.40 40.92
C LYS A 1550 21.49 -0.10 39.67
N ASN A 1551 22.32 -1.05 39.25
CA ASN A 1551 23.21 -0.86 38.11
C ASN A 1551 22.80 -1.71 36.92
N VAL A 1552 21.50 -2.03 36.81
CA VAL A 1552 21.03 -2.90 35.75
C VAL A 1552 20.56 -2.05 34.57
N THR A 1553 21.07 -2.37 33.38
CA THR A 1553 20.73 -1.61 32.19
C THR A 1553 19.99 -2.45 31.16
N LYS A 1554 20.56 -3.60 30.78
CA LYS A 1554 19.99 -4.48 29.77
C LYS A 1554 20.22 -5.93 30.18
N PRO A 1555 19.44 -6.45 31.12
CA PRO A 1555 19.67 -7.81 31.60
C PRO A 1555 19.04 -8.83 30.66
N ARG A 1556 19.83 -9.79 30.21
CA ARG A 1556 19.27 -10.89 29.43
C ARG A 1556 19.42 -12.25 30.11
N GLY A 1557 20.66 -12.64 30.41
CA GLY A 1557 20.88 -13.98 30.93
C GLY A 1557 20.50 -14.09 32.39
N LEU A 1558 20.25 -15.32 32.83
CA LEU A 1558 19.90 -15.57 34.23
C LEU A 1558 20.06 -17.06 34.52
N ALA A 1559 20.69 -17.37 35.66
CA ALA A 1559 20.88 -18.75 36.09
C ALA A 1559 20.98 -18.79 37.61
N LEU A 1560 20.69 -19.95 38.18
CA LEU A 1560 20.65 -20.12 39.62
C LEU A 1560 21.38 -21.39 40.03
N ASP A 1561 21.86 -21.40 41.28
CA ASP A 1561 22.42 -22.59 41.92
C ASP A 1561 21.79 -22.73 43.31
N PRO A 1562 20.57 -23.28 43.40
CA PRO A 1562 19.86 -23.32 44.68
C PRO A 1562 20.41 -24.30 45.69
N ARG A 1563 21.38 -25.14 45.33
CA ARG A 1563 21.89 -26.13 46.27
C ARG A 1563 22.46 -25.45 47.51
N MET A 1564 22.15 -26.02 48.68
CA MET A 1564 22.52 -25.40 49.94
C MET A 1564 24.03 -25.27 50.06
N GLY A 1565 24.49 -24.08 50.46
CA GLY A 1565 25.89 -23.77 50.50
C GLY A 1565 26.36 -22.87 49.37
N ASP A 1566 25.76 -22.96 48.20
CA ASP A 1566 26.07 -22.04 47.11
C ASP A 1566 25.08 -20.88 47.10
N ASN A 1567 23.81 -21.20 46.86
CA ASN A 1567 22.71 -20.22 46.89
C ASN A 1567 23.07 -18.91 46.21
N VAL A 1568 23.53 -19.00 44.96
CA VAL A 1568 23.94 -17.83 44.20
C VAL A 1568 23.14 -17.76 42.91
N MET A 1569 23.02 -16.55 42.38
CA MET A 1569 22.37 -16.31 41.09
C MET A 1569 23.32 -15.54 40.18
N PHE A 1570 23.17 -15.77 38.88
CA PHE A 1570 24.00 -15.12 37.87
C PHE A 1570 23.09 -14.46 36.84
N TRP A 1571 23.53 -13.32 36.32
CA TRP A 1571 22.84 -12.68 35.21
C TRP A 1571 23.85 -11.93 34.37
N SER A 1572 23.47 -11.68 33.11
CA SER A 1572 24.34 -10.98 32.16
C SER A 1572 23.66 -9.71 31.70
N ASP A 1573 24.46 -8.65 31.57
CA ASP A 1573 23.99 -7.34 31.15
C ASP A 1573 24.78 -6.90 29.94
N TRP A 1574 24.08 -6.42 28.90
CA TRP A 1574 24.74 -5.92 27.71
C TRP A 1574 24.52 -4.42 27.51
N GLY A 1575 24.59 -3.66 28.59
CA GLY A 1575 24.52 -2.21 28.50
C GLY A 1575 25.82 -1.64 27.96
N HIS A 1576 26.06 -0.36 28.30
CA HIS A 1576 27.23 0.33 27.77
C HIS A 1576 28.53 -0.20 28.37
N HIS A 1577 28.44 -0.88 29.52
CA HIS A 1577 29.58 -1.57 30.13
C HIS A 1577 29.15 -3.01 30.39
N PRO A 1578 29.15 -3.85 29.35
CA PRO A 1578 28.62 -5.20 29.51
C PRO A 1578 29.42 -6.02 30.52
N ARG A 1579 28.69 -6.85 31.26
CA ARG A 1579 29.30 -7.62 32.33
C ARG A 1579 28.39 -8.79 32.68
N ILE A 1580 28.98 -9.78 33.36
CA ILE A 1580 28.24 -10.88 33.96
C ILE A 1580 28.44 -10.78 35.47
N GLU A 1581 27.35 -10.72 36.22
CA GLU A 1581 27.40 -10.47 37.64
C GLU A 1581 26.88 -11.66 38.43
N ARG A 1582 27.45 -11.86 39.62
CA ARG A 1582 27.01 -12.86 40.57
C ARG A 1582 26.50 -12.17 41.82
N ALA A 1583 25.43 -12.73 42.39
CA ALA A 1583 24.88 -12.25 43.63
C ALA A 1583 24.22 -13.41 44.36
N SER A 1584 24.01 -13.23 45.66
CA SER A 1584 23.21 -14.19 46.41
C SER A 1584 21.77 -14.14 45.92
N MET A 1585 21.07 -15.26 46.08
CA MET A 1585 19.72 -15.34 45.52
C MET A 1585 18.73 -14.42 46.22
N ASP A 1586 19.11 -13.80 47.33
CA ASP A 1586 18.35 -12.70 47.90
C ASP A 1586 18.87 -11.34 47.45
N GLY A 1587 19.90 -11.31 46.60
CA GLY A 1587 20.40 -10.07 46.04
C GLY A 1587 21.33 -9.28 46.92
N THR A 1588 21.91 -9.89 47.95
CA THR A 1588 22.72 -9.12 48.90
C THR A 1588 24.15 -8.93 48.41
N MET A 1589 24.89 -10.03 48.23
CA MET A 1589 26.31 -9.94 47.92
C MET A 1589 26.57 -9.79 46.43
N ARG A 1590 26.23 -8.62 45.88
CA ARG A 1590 26.32 -8.42 44.45
C ARG A 1590 27.77 -8.13 44.04
N THR A 1591 28.24 -8.82 43.00
CA THR A 1591 29.61 -8.68 42.54
C THR A 1591 29.68 -8.98 41.05
N VAL A 1592 30.75 -8.50 40.42
CA VAL A 1592 30.96 -8.69 38.99
C VAL A 1592 32.09 -9.69 38.80
N ILE A 1593 31.87 -10.70 37.96
CA ILE A 1593 32.83 -11.78 37.76
C ILE A 1593 33.52 -11.69 36.40
N VAL A 1594 32.79 -11.31 35.35
CA VAL A 1594 33.34 -11.23 34.00
C VAL A 1594 33.05 -9.85 33.44
N GLN A 1595 34.10 -9.09 33.16
CA GLN A 1595 33.94 -7.76 32.59
C GLN A 1595 35.00 -7.39 31.56
N GLU A 1596 35.82 -8.35 31.10
CA GLU A 1596 37.02 -8.01 30.35
C GLU A 1596 36.92 -8.25 28.85
N LYS A 1597 36.30 -9.35 28.42
CA LYS A 1597 36.33 -9.70 27.00
C LYS A 1597 34.93 -10.05 26.52
N ILE A 1598 33.95 -9.20 26.84
CA ILE A 1598 32.57 -9.40 26.42
C ILE A 1598 32.04 -8.12 25.81
N TYR A 1599 31.22 -8.28 24.78
CA TYR A 1599 30.59 -7.15 24.12
C TYR A 1599 29.07 -7.29 24.17
N TRP A 1600 28.56 -8.49 23.88
CA TRP A 1600 27.13 -8.77 23.81
C TRP A 1600 26.81 -10.06 24.55
N PRO A 1601 26.88 -10.05 25.88
CA PRO A 1601 26.54 -11.27 26.65
C PRO A 1601 25.10 -11.69 26.39
N CYS A 1602 24.93 -12.94 25.97
CA CYS A 1602 23.64 -13.45 25.50
C CYS A 1602 23.47 -14.90 25.97
N GLY A 1603 22.75 -15.08 27.07
CA GLY A 1603 22.40 -16.41 27.51
C GLY A 1603 23.41 -16.98 28.49
N LEU A 1604 22.90 -17.59 29.55
CA LEU A 1604 23.72 -18.16 30.61
C LEU A 1604 23.19 -19.54 30.98
N SER A 1605 24.08 -20.37 31.51
CA SER A 1605 23.69 -21.69 32.01
C SER A 1605 24.78 -22.19 32.95
N ILE A 1606 24.41 -23.09 33.85
CA ILE A 1606 25.29 -23.53 34.92
C ILE A 1606 25.47 -25.04 34.83
N ASP A 1607 26.73 -25.48 34.93
CA ASP A 1607 27.09 -26.90 34.99
C ASP A 1607 27.15 -27.25 36.48
N TYR A 1608 26.07 -27.82 36.98
CA TYR A 1608 25.97 -28.05 38.42
C TYR A 1608 27.01 -29.01 38.99
N PRO A 1609 27.26 -30.20 38.41
CA PRO A 1609 28.25 -31.10 39.03
C PRO A 1609 29.63 -30.51 39.15
N ASN A 1610 30.09 -29.77 38.14
CA ASN A 1610 31.42 -29.18 38.15
C ASN A 1610 31.44 -27.74 38.67
N ARG A 1611 30.28 -27.16 38.94
CA ARG A 1611 30.16 -25.78 39.41
C ARG A 1611 30.86 -24.82 38.44
N LEU A 1612 30.44 -24.88 37.19
CA LEU A 1612 30.91 -23.98 36.14
C LEU A 1612 29.70 -23.30 35.52
N ILE A 1613 29.92 -22.07 35.06
CA ILE A 1613 28.87 -21.29 34.39
C ILE A 1613 29.27 -21.10 32.93
N TYR A 1614 28.37 -21.46 32.03
CA TYR A 1614 28.58 -21.32 30.61
C TYR A 1614 27.87 -20.07 30.10
N PHE A 1615 28.60 -19.24 29.36
CA PHE A 1615 28.03 -18.02 28.81
C PHE A 1615 28.47 -17.86 27.36
N MET A 1616 27.70 -17.07 26.62
CA MET A 1616 27.92 -16.87 25.20
C MET A 1616 27.98 -15.37 24.90
N ASP A 1617 28.51 -15.05 23.72
CA ASP A 1617 28.57 -13.69 23.22
C ASP A 1617 28.11 -13.68 21.77
N ALA A 1618 27.26 -12.73 21.42
CA ALA A 1618 26.73 -12.63 20.07
C ALA A 1618 27.50 -11.67 19.19
N TYR A 1619 28.38 -10.85 19.76
CA TYR A 1619 29.22 -9.94 18.99
C TYR A 1619 30.62 -10.49 18.74
N LEU A 1620 31.24 -11.06 19.76
CA LEU A 1620 32.52 -11.75 19.58
C LEU A 1620 32.35 -13.20 19.16
N ASP A 1621 31.11 -13.72 19.19
CA ASP A 1621 30.77 -15.03 18.65
C ASP A 1621 31.58 -16.16 19.28
N TYR A 1622 31.41 -16.40 20.58
CA TYR A 1622 32.09 -17.51 21.22
C TYR A 1622 31.18 -18.14 22.26
N ILE A 1623 31.58 -19.34 22.71
CA ILE A 1623 30.99 -19.99 23.86
C ILE A 1623 32.10 -20.27 24.85
N GLU A 1624 31.91 -19.85 26.09
CA GLU A 1624 32.93 -19.97 27.12
C GLU A 1624 32.30 -20.50 28.40
N PHE A 1625 33.12 -21.15 29.22
CA PHE A 1625 32.70 -21.57 30.55
C PHE A 1625 33.72 -21.08 31.57
N CYS A 1626 33.26 -20.96 32.81
CA CYS A 1626 34.09 -20.38 33.85
C CYS A 1626 33.51 -20.76 35.20
N ASP A 1627 34.32 -20.60 36.25
CA ASP A 1627 33.88 -20.94 37.60
C ASP A 1627 33.10 -19.79 38.22
N TYR A 1628 32.60 -20.02 39.43
CA TYR A 1628 31.71 -19.06 40.08
C TYR A 1628 32.40 -17.75 40.43
N ASP A 1629 33.72 -17.74 40.57
CA ASP A 1629 34.44 -16.53 40.95
C ASP A 1629 35.03 -15.78 39.77
N GLY A 1630 34.87 -16.29 38.55
CA GLY A 1630 35.32 -15.61 37.37
C GLY A 1630 36.74 -15.93 36.93
N HIS A 1631 37.45 -16.80 37.65
CA HIS A 1631 38.88 -16.95 37.44
C HIS A 1631 39.20 -17.90 36.29
N ASN A 1632 38.84 -19.18 36.43
CA ASN A 1632 39.32 -20.20 35.49
C ASN A 1632 38.42 -20.32 34.28
N ARG A 1633 38.49 -19.36 33.37
CA ARG A 1633 37.64 -19.39 32.19
C ARG A 1633 38.36 -20.02 30.99
N ARG A 1634 37.59 -20.78 30.21
CA ARG A 1634 38.10 -21.46 29.02
C ARG A 1634 37.13 -21.19 27.88
N GLN A 1635 37.61 -21.39 26.65
CA GLN A 1635 36.80 -21.20 25.46
C GLN A 1635 36.39 -22.55 24.91
N VAL A 1636 35.08 -22.76 24.73
CA VAL A 1636 34.56 -23.99 24.15
C VAL A 1636 34.60 -23.86 22.64
N ILE A 1637 33.85 -22.89 22.11
CA ILE A 1637 33.83 -22.59 20.68
C ILE A 1637 34.21 -21.13 20.51
N ALA A 1638 35.28 -20.88 19.77
CA ALA A 1638 35.74 -19.52 19.55
C ALA A 1638 36.48 -19.46 18.23
N SER A 1639 36.50 -18.26 17.64
CA SER A 1639 37.12 -18.04 16.34
C SER A 1639 36.55 -19.00 15.30
N ASP A 1640 35.25 -19.23 15.37
CA ASP A 1640 34.58 -20.21 14.53
C ASP A 1640 33.40 -19.54 13.86
N LEU A 1641 33.25 -19.75 12.55
CA LEU A 1641 32.14 -19.18 11.82
C LEU A 1641 30.83 -19.94 12.03
N VAL A 1642 30.84 -20.97 12.88
CA VAL A 1642 29.62 -21.72 13.13
C VAL A 1642 28.63 -20.90 13.96
N LEU A 1643 29.11 -19.89 14.67
CA LEU A 1643 28.27 -19.05 15.52
C LEU A 1643 27.94 -17.75 14.79
N HIS A 1644 26.66 -17.52 14.54
CA HIS A 1644 26.17 -16.30 13.93
C HIS A 1644 25.59 -15.33 14.94
N HIS A 1645 24.62 -15.79 15.74
CA HIS A 1645 23.99 -14.94 16.75
C HIS A 1645 23.34 -15.83 17.81
N PRO A 1646 24.14 -16.51 18.63
CA PRO A 1646 23.56 -17.36 19.67
C PRO A 1646 22.76 -16.53 20.67
N HIS A 1647 21.69 -17.13 21.18
CA HIS A 1647 20.83 -16.39 22.11
C HIS A 1647 20.65 -17.09 23.45
N ALA A 1648 20.46 -18.41 23.46
CA ALA A 1648 20.23 -19.14 24.69
C ALA A 1648 21.09 -20.39 24.69
N LEU A 1649 21.29 -20.96 25.87
CA LEU A 1649 22.21 -22.07 26.04
C LEU A 1649 21.80 -22.94 27.22
N THR A 1650 21.75 -24.25 26.98
CA THR A 1650 21.58 -25.24 28.03
C THR A 1650 22.43 -26.45 27.70
N LEU A 1651 22.88 -27.14 28.75
CA LEU A 1651 23.82 -28.24 28.58
C LEU A 1651 23.33 -29.47 29.33
N PHE A 1652 23.70 -30.64 28.80
CA PHE A 1652 23.29 -31.91 29.38
C PHE A 1652 24.21 -33.01 28.88
N GLU A 1653 24.90 -33.68 29.80
CA GLU A 1653 25.70 -34.87 29.52
C GLU A 1653 26.76 -34.60 28.45
N ASP A 1654 27.70 -33.73 28.78
CA ASP A 1654 28.85 -33.40 27.94
C ASP A 1654 28.45 -32.81 26.60
N PHE A 1655 27.28 -32.20 26.50
CA PHE A 1655 26.84 -31.49 25.32
C PHE A 1655 26.24 -30.15 25.70
N VAL A 1656 26.47 -29.14 24.86
CA VAL A 1656 25.75 -27.87 24.94
C VAL A 1656 24.80 -27.77 23.77
N TYR A 1657 23.61 -27.26 24.03
CA TYR A 1657 22.63 -26.95 23.00
C TYR A 1657 22.37 -25.45 23.04
N TRP A 1658 22.49 -24.79 21.89
CA TRP A 1658 22.27 -23.36 21.82
C TRP A 1658 21.40 -23.05 20.61
N THR A 1659 20.65 -21.97 20.72
CA THR A 1659 19.79 -21.48 19.65
C THR A 1659 20.45 -20.27 19.01
N ASP A 1660 20.60 -20.31 17.69
CA ASP A 1660 21.20 -19.23 16.93
C ASP A 1660 20.10 -18.48 16.19
N ARG A 1661 19.99 -17.19 16.45
CA ARG A 1661 18.95 -16.38 15.81
C ARG A 1661 19.33 -15.94 14.42
N GLY A 1662 20.62 -15.79 14.13
CA GLY A 1662 21.06 -15.38 12.82
C GLY A 1662 20.79 -16.42 11.75
N THR A 1663 21.08 -17.69 12.05
CA THR A 1663 20.90 -18.78 11.10
C THR A 1663 19.65 -19.60 11.40
N ARG A 1664 18.92 -19.26 12.46
CA ARG A 1664 17.62 -19.84 12.76
C ARG A 1664 17.66 -21.36 12.88
N GLN A 1665 18.54 -21.89 13.71
CA GLN A 1665 18.57 -23.33 13.96
C GLN A 1665 19.16 -23.61 15.33
N VAL A 1666 18.77 -24.75 15.90
CA VAL A 1666 19.27 -25.22 17.19
C VAL A 1666 20.44 -26.16 16.92
N MET A 1667 21.55 -25.96 17.62
CA MET A 1667 22.76 -26.72 17.38
C MET A 1667 23.20 -27.44 18.65
N GLN A 1668 24.07 -28.42 18.46
CA GLN A 1668 24.61 -29.24 19.53
C GLN A 1668 26.11 -29.40 19.32
N ALA A 1669 26.87 -29.36 20.41
CA ALA A 1669 28.31 -29.54 20.34
C ALA A 1669 28.82 -30.07 21.67
N ASN A 1670 30.03 -30.61 21.64
CA ASN A 1670 30.66 -31.10 22.85
C ASN A 1670 30.97 -29.93 23.78
N LYS A 1671 30.70 -30.12 25.07
CA LYS A 1671 30.75 -29.00 26.01
C LYS A 1671 32.15 -28.67 26.49
N TRP A 1672 33.14 -29.48 26.18
CA TRP A 1672 34.48 -29.28 26.72
C TRP A 1672 35.46 -28.70 25.70
N HIS A 1673 35.38 -29.11 24.43
CA HIS A 1673 36.26 -28.58 23.41
C HIS A 1673 35.53 -28.10 22.16
N GLY A 1674 34.21 -28.13 22.14
CA GLY A 1674 33.47 -27.58 21.03
C GLY A 1674 33.41 -28.43 19.79
N GLY A 1675 33.93 -29.66 19.84
CA GLY A 1675 33.87 -30.56 18.71
C GLY A 1675 32.53 -31.25 18.60
N ASN A 1676 32.45 -32.15 17.61
CA ASN A 1676 31.26 -32.96 17.38
C ASN A 1676 30.03 -32.10 17.13
N GLN A 1677 30.18 -31.04 16.33
CA GLN A 1677 29.09 -30.12 16.06
C GLN A 1677 28.10 -30.74 15.10
N SER A 1678 26.81 -30.52 15.35
CA SER A 1678 25.75 -31.03 14.49
C SER A 1678 24.48 -30.24 14.75
N VAL A 1679 23.62 -30.20 13.73
CA VAL A 1679 22.35 -29.49 13.86
C VAL A 1679 21.32 -30.41 14.51
N VAL A 1680 20.60 -29.89 15.50
CA VAL A 1680 19.51 -30.64 16.11
C VAL A 1680 18.20 -30.43 15.34
N MET A 1681 17.92 -29.18 14.96
CA MET A 1681 16.68 -28.87 14.25
C MET A 1681 16.84 -27.57 13.50
N TYR A 1682 15.98 -27.37 12.51
CA TYR A 1682 15.82 -26.09 11.86
C TYR A 1682 14.50 -25.46 12.28
N SER A 1683 14.45 -24.14 12.20
CA SER A 1683 13.26 -23.39 12.60
C SER A 1683 12.93 -22.35 11.55
N VAL A 1684 11.65 -22.25 11.20
CA VAL A 1684 11.20 -21.20 10.30
C VAL A 1684 11.41 -19.83 10.92
N HIS A 1685 11.07 -19.69 12.21
CA HIS A 1685 11.27 -18.45 12.93
C HIS A 1685 12.54 -18.51 13.76
N GLN A 1686 12.87 -17.38 14.39
CA GLN A 1686 14.06 -17.33 15.22
C GLN A 1686 13.84 -18.12 16.51
N PRO A 1687 14.69 -19.10 16.82
CA PRO A 1687 14.58 -19.81 18.11
C PRO A 1687 15.24 -19.00 19.21
N LEU A 1688 14.43 -18.57 20.18
CA LEU A 1688 14.95 -17.70 21.23
C LEU A 1688 15.34 -18.47 22.48
N GLY A 1689 14.38 -19.19 23.08
CA GLY A 1689 14.66 -19.87 24.33
C GLY A 1689 14.89 -21.36 24.15
N ILE A 1690 15.64 -21.93 25.09
CA ILE A 1690 15.93 -23.35 25.08
C ILE A 1690 16.14 -23.81 26.53
N THR A 1691 15.76 -25.04 26.81
CA THR A 1691 15.96 -25.64 28.11
C THR A 1691 15.97 -27.15 27.98
N ALA A 1692 16.73 -27.80 28.86
CA ALA A 1692 16.82 -29.26 28.89
C ALA A 1692 16.06 -29.77 30.12
N ILE A 1693 15.07 -30.61 29.89
CA ILE A 1693 14.21 -31.10 30.96
C ILE A 1693 14.71 -32.48 31.37
N HIS A 1694 15.28 -32.56 32.57
CA HIS A 1694 15.75 -33.82 33.13
C HIS A 1694 16.05 -33.60 34.61
N PRO A 1695 15.85 -34.61 35.45
CA PRO A 1695 16.20 -34.45 36.87
C PRO A 1695 17.66 -34.15 37.11
N SER A 1696 18.55 -34.55 36.20
CA SER A 1696 19.96 -34.21 36.33
C SER A 1696 20.16 -32.70 36.25
N ARG A 1697 19.34 -32.02 35.46
CA ARG A 1697 19.41 -30.57 35.32
C ARG A 1697 18.98 -29.82 36.57
N GLN A 1698 18.31 -30.49 37.51
CA GLN A 1698 17.87 -29.87 38.76
C GLN A 1698 18.20 -30.81 39.91
N PRO A 1699 19.43 -30.78 40.39
CA PRO A 1699 19.81 -31.70 41.46
C PRO A 1699 19.04 -31.41 42.73
N PRO A 1700 18.76 -32.43 43.53
CA PRO A 1700 18.03 -32.21 44.78
C PRO A 1700 18.95 -31.73 45.89
N SER A 1701 18.36 -31.02 46.85
CA SER A 1701 19.08 -30.55 48.02
C SER A 1701 18.05 -30.25 49.10
N ARG A 1702 18.54 -30.11 50.34
CA ARG A 1702 17.67 -29.77 51.44
C ARG A 1702 17.24 -28.31 51.35
N ASN A 1703 16.01 -28.03 51.79
CA ASN A 1703 15.47 -26.68 51.71
C ASN A 1703 15.66 -25.98 53.05
N PRO A 1704 16.50 -24.95 53.11
CA PRO A 1704 16.74 -24.27 54.39
C PRO A 1704 15.54 -23.50 54.92
N CYS A 1705 14.58 -23.16 54.06
CA CYS A 1705 13.41 -22.38 54.47
C CYS A 1705 12.18 -23.24 54.70
N ALA A 1706 12.34 -24.56 54.77
CA ALA A 1706 11.19 -25.43 55.03
C ALA A 1706 10.58 -25.17 56.40
N SER A 1707 11.42 -24.83 57.39
CA SER A 1707 10.95 -24.54 58.73
C SER A 1707 11.02 -23.05 59.07
N ALA A 1708 11.15 -22.19 58.07
CA ALA A 1708 11.19 -20.76 58.31
C ALA A 1708 9.79 -20.18 58.48
N SER A 1709 9.70 -19.10 59.23
CA SER A 1709 8.44 -18.43 59.51
C SER A 1709 8.29 -17.10 58.78
N CYS A 1710 9.10 -16.87 57.73
CA CYS A 1710 9.01 -15.63 56.99
C CYS A 1710 7.65 -15.50 56.30
N SER A 1711 7.07 -14.31 56.40
CA SER A 1711 5.85 -14.03 55.66
C SER A 1711 6.18 -13.54 54.26
N HIS A 1712 5.25 -13.73 53.34
CA HIS A 1712 5.41 -13.38 51.92
C HIS A 1712 6.59 -14.19 51.38
N LEU A 1713 7.50 -13.58 50.63
CA LEU A 1713 8.60 -14.31 50.02
C LEU A 1713 9.60 -14.76 51.09
N CYS A 1714 10.24 -15.90 50.85
CA CYS A 1714 11.38 -16.36 51.63
C CYS A 1714 12.47 -16.77 50.65
N LEU A 1715 13.54 -16.00 50.61
CA LEU A 1715 14.57 -16.12 49.59
C LEU A 1715 15.80 -16.82 50.15
N LEU A 1716 16.30 -17.82 49.43
CA LEU A 1716 17.55 -18.45 49.81
C LEU A 1716 18.70 -17.46 49.66
N SER A 1717 19.75 -17.67 50.46
CA SER A 1717 20.86 -16.74 50.49
C SER A 1717 22.15 -17.50 50.77
N ALA A 1718 23.27 -16.86 50.44
CA ALA A 1718 24.58 -17.43 50.68
C ALA A 1718 25.10 -17.15 52.08
N GLN A 1719 24.33 -16.43 52.90
CA GLN A 1719 24.73 -16.19 54.29
C GLN A 1719 24.76 -17.51 55.04
N ALA A 1720 25.87 -17.77 55.72
CA ALA A 1720 26.16 -19.08 56.31
C ALA A 1720 25.16 -19.56 57.36
N PRO A 1721 24.79 -18.74 58.38
CA PRO A 1721 23.99 -19.28 59.49
C PRO A 1721 22.64 -19.85 59.08
N ARG A 1722 21.79 -19.04 58.46
CA ARG A 1722 20.44 -19.46 58.12
C ARG A 1722 20.29 -19.89 56.66
N HIS A 1723 21.07 -19.32 55.76
CA HIS A 1723 20.96 -19.55 54.31
C HIS A 1723 19.58 -19.20 53.78
N TYR A 1724 18.92 -18.22 54.38
CA TYR A 1724 17.67 -17.69 53.87
C TYR A 1724 17.45 -16.29 54.42
N SER A 1725 16.58 -15.55 53.76
CA SER A 1725 16.22 -14.20 54.20
C SER A 1725 14.79 -13.91 53.76
N CYS A 1726 14.05 -13.23 54.61
CA CYS A 1726 12.66 -12.92 54.31
C CYS A 1726 12.57 -11.62 53.52
N ALA A 1727 11.78 -11.66 52.44
CA ALA A 1727 11.55 -10.49 51.62
C ALA A 1727 10.06 -10.42 51.28
N CYS A 1728 9.61 -9.22 50.97
CA CYS A 1728 8.18 -8.98 50.92
C CYS A 1728 7.86 -8.09 49.71
N PRO A 1729 6.66 -8.19 49.14
CA PRO A 1729 6.42 -7.61 47.80
C PRO A 1729 6.58 -6.10 47.75
N SER A 1730 6.45 -5.59 46.53
CA SER A 1730 6.51 -4.15 46.30
C SER A 1730 5.39 -3.45 47.06
N GLY A 1731 5.74 -2.35 47.74
CA GLY A 1731 4.78 -1.62 48.54
C GLY A 1731 4.60 -2.14 49.95
N TRP A 1732 5.58 -2.86 50.48
CA TRP A 1732 5.52 -3.39 51.84
C TRP A 1732 6.84 -3.07 52.52
N ASN A 1733 6.78 -2.82 53.84
CA ASN A 1733 7.99 -2.70 54.65
C ASN A 1733 8.28 -3.99 55.41
N LEU A 1734 9.53 -4.44 55.34
CA LEU A 1734 10.00 -5.49 56.22
C LEU A 1734 10.08 -4.94 57.64
N SER A 1735 9.33 -5.54 58.56
CA SER A 1735 9.29 -5.02 59.92
C SER A 1735 10.59 -5.32 60.65
N ASP A 1736 10.73 -4.73 61.84
CA ASP A 1736 11.90 -4.96 62.66
C ASP A 1736 12.02 -6.40 63.14
N ASP A 1737 10.93 -7.15 63.14
CA ASP A 1737 11.02 -8.57 63.48
C ASP A 1737 11.82 -9.33 62.44
N SER A 1738 11.92 -8.79 61.23
CA SER A 1738 12.62 -9.41 60.10
C SER A 1738 12.01 -10.76 59.72
N VAL A 1739 10.74 -10.98 60.08
CA VAL A 1739 10.03 -12.18 59.66
C VAL A 1739 8.63 -11.80 59.18
N ASN A 1740 8.21 -10.57 59.48
CA ASN A 1740 6.88 -10.10 59.13
C ASN A 1740 6.98 -8.75 58.44
N CYS A 1741 5.99 -8.47 57.59
CA CYS A 1741 6.02 -7.32 56.69
C CYS A 1741 4.68 -6.61 56.73
N VAL A 1742 4.70 -5.28 56.67
CA VAL A 1742 3.48 -4.50 56.80
C VAL A 1742 3.29 -3.66 55.54
N ARG A 1743 2.04 -3.28 55.27
CA ARG A 1743 1.75 -2.50 54.08
C ARG A 1743 2.37 -1.12 54.15
N GLY A 1744 2.96 -0.70 53.05
CA GLY A 1744 3.54 0.63 52.94
C GLY A 1744 2.53 1.69 52.57
N ASP A 1745 1.73 2.13 53.53
CA ASP A 1745 0.62 3.04 53.27
C ASP A 1745 1.07 4.44 52.84
N GLN A 1746 2.36 4.70 52.69
CA GLN A 1746 2.82 6.01 52.27
C GLN A 1746 2.43 6.28 50.82
N PRO A 1747 2.27 7.55 50.44
CA PRO A 1747 1.91 7.87 49.06
C PRO A 1747 3.06 7.61 48.10
N PHE A 1748 2.70 7.47 46.82
CA PHE A 1748 3.69 7.34 45.76
C PHE A 1748 3.12 7.97 44.49
N LEU A 1749 4.03 8.47 43.65
CA LEU A 1749 3.65 9.16 42.42
C LEU A 1749 3.51 8.15 41.29
N MET A 1750 2.35 8.16 40.63
CA MET A 1750 2.09 7.28 39.50
C MET A 1750 2.38 8.03 38.21
N SER A 1751 3.44 7.64 37.51
CA SER A 1751 3.91 8.35 36.32
C SER A 1751 3.38 7.63 35.09
N VAL A 1752 2.36 8.21 34.47
CA VAL A 1752 1.82 7.66 33.23
C VAL A 1752 2.75 7.98 32.08
N ARG A 1753 3.02 6.99 31.25
CA ARG A 1753 3.84 7.15 30.06
C ARG A 1753 3.17 6.41 28.93
N ASP A 1754 3.66 6.65 27.71
CA ASP A 1754 3.22 5.81 26.60
C ASP A 1754 3.72 4.39 26.81
N ASN A 1755 2.82 3.43 26.60
CA ASN A 1755 3.12 2.00 26.63
C ASN A 1755 3.28 1.45 28.05
N ILE A 1756 3.25 2.29 29.07
CA ILE A 1756 3.40 1.80 30.45
C ILE A 1756 2.98 2.88 31.44
N ILE A 1757 2.55 2.44 32.61
CA ILE A 1757 2.32 3.30 33.77
C ILE A 1757 3.19 2.80 34.91
N PHE A 1758 3.97 3.70 35.50
CA PHE A 1758 4.92 3.37 36.54
C PHE A 1758 4.50 3.98 37.87
N GLY A 1759 4.92 3.34 38.96
CA GLY A 1759 4.75 3.87 40.29
C GLY A 1759 6.11 4.15 40.92
N ILE A 1760 6.39 5.42 41.16
CA ILE A 1760 7.68 5.85 41.67
C ILE A 1760 7.49 6.49 43.03
N SER A 1761 8.52 6.40 43.87
CA SER A 1761 8.43 6.93 45.22
C SER A 1761 8.55 8.44 45.21
N LEU A 1762 7.87 9.09 46.16
CA LEU A 1762 7.94 10.54 46.27
C LEU A 1762 9.31 11.03 46.69
N ASP A 1763 10.16 10.15 47.24
CA ASP A 1763 11.50 10.54 47.63
C ASP A 1763 12.40 10.61 46.40
N PRO A 1764 12.98 11.77 46.10
CA PRO A 1764 13.83 11.89 44.90
C PRO A 1764 15.08 11.04 44.94
N GLU A 1765 15.54 10.63 46.13
CA GLU A 1765 16.75 9.84 46.25
C GLU A 1765 16.56 8.38 45.86
N VAL A 1766 15.33 7.93 45.69
CA VAL A 1766 15.04 6.55 45.32
C VAL A 1766 14.71 6.51 43.83
N LYS A 1767 15.47 5.70 43.09
CA LYS A 1767 15.29 5.54 41.65
C LYS A 1767 14.82 4.15 41.28
N SER A 1768 13.92 3.56 42.08
CA SER A 1768 13.63 2.14 41.94
C SER A 1768 12.45 1.88 41.01
N ASN A 1769 11.45 2.77 41.01
CA ASN A 1769 10.21 2.59 40.25
C ASN A 1769 9.48 1.31 40.63
N ASP A 1770 9.45 0.98 41.92
CA ASP A 1770 8.85 -0.27 42.38
C ASP A 1770 7.80 -0.03 43.47
N ALA A 1771 7.20 1.15 43.52
CA ALA A 1771 6.12 1.39 44.48
C ALA A 1771 4.88 0.57 44.17
N MET A 1772 4.73 0.14 42.93
CA MET A 1772 3.58 -0.66 42.50
C MET A 1772 4.03 -1.58 41.39
N VAL A 1773 3.26 -2.63 41.15
CA VAL A 1773 3.52 -3.49 39.99
C VAL A 1773 3.21 -2.69 38.72
N PRO A 1774 4.17 -2.55 37.81
CA PRO A 1774 3.93 -1.71 36.62
C PRO A 1774 2.79 -2.24 35.77
N ILE A 1775 2.08 -1.32 35.13
CA ILE A 1775 0.95 -1.66 34.27
C ILE A 1775 1.45 -1.51 32.83
N SER A 1776 1.88 -2.62 32.26
CA SER A 1776 2.38 -2.63 30.89
C SER A 1776 1.25 -2.94 29.92
N GLY A 1777 1.53 -2.75 28.63
CA GLY A 1777 0.55 -3.00 27.60
C GLY A 1777 -0.42 -1.86 27.34
N ILE A 1778 -0.15 -0.68 27.88
CA ILE A 1778 -1.01 0.46 27.61
C ILE A 1778 -0.79 0.94 26.17
N GLN A 1779 -1.85 1.50 25.59
CA GLN A 1779 -1.78 2.11 24.27
C GLN A 1779 -2.32 3.53 24.35
N HIS A 1780 -1.53 4.48 23.83
CA HIS A 1780 -1.90 5.89 23.82
C HIS A 1780 -2.26 6.38 25.22
N GLY A 1781 -1.44 6.00 26.20
CA GLY A 1781 -1.72 6.39 27.57
C GLY A 1781 -1.59 7.89 27.77
N TYR A 1782 -2.61 8.47 28.39
CA TYR A 1782 -2.62 9.91 28.67
C TYR A 1782 -2.86 10.20 30.15
N ASP A 1783 -3.78 9.47 30.77
CA ASP A 1783 -4.26 9.81 32.10
C ASP A 1783 -4.59 8.55 32.88
N VAL A 1784 -4.80 8.72 34.18
CA VAL A 1784 -5.00 7.60 35.08
C VAL A 1784 -5.81 8.09 36.29
N GLU A 1785 -6.43 7.14 36.98
CA GLU A 1785 -7.11 7.40 38.24
C GLU A 1785 -6.97 6.18 39.14
N PHE A 1786 -7.37 6.34 40.39
CA PHE A 1786 -7.24 5.26 41.35
C PHE A 1786 -8.38 5.31 42.36
N ASP A 1787 -8.70 4.16 42.91
CA ASP A 1787 -9.60 4.02 44.05
C ASP A 1787 -8.84 3.30 45.15
N ASP A 1788 -8.53 4.02 46.22
CA ASP A 1788 -7.73 3.44 47.30
C ASP A 1788 -8.44 2.25 47.92
N SER A 1789 -9.74 2.36 48.18
CA SER A 1789 -10.54 1.20 48.55
C SER A 1789 -10.50 0.19 47.41
N GLU A 1790 -10.24 -1.07 47.76
CA GLU A 1790 -10.06 -2.18 46.82
C GLU A 1790 -8.73 -2.06 46.08
N GLN A 1791 -8.02 -0.95 46.26
CA GLN A 1791 -6.72 -0.71 45.64
C GLN A 1791 -6.75 -0.98 44.14
N PHE A 1792 -7.51 -0.18 43.41
CA PHE A 1792 -7.67 -0.35 41.97
C PHE A 1792 -7.11 0.86 41.23
N ILE A 1793 -6.61 0.61 40.02
CA ILE A 1793 -6.06 1.65 39.15
C ILE A 1793 -6.85 1.65 37.85
N TYR A 1794 -7.30 2.82 37.43
CA TYR A 1794 -8.16 2.97 36.27
C TYR A 1794 -7.46 3.76 35.18
N TRP A 1795 -7.50 3.24 33.95
CA TRP A 1795 -7.02 3.96 32.78
C TRP A 1795 -7.91 3.60 31.60
N VAL A 1796 -7.97 4.50 30.63
CA VAL A 1796 -8.81 4.29 29.46
C VAL A 1796 -8.00 3.68 28.33
N GLU A 1797 -8.65 2.88 27.51
CA GLU A 1797 -8.05 2.27 26.34
C GLU A 1797 -8.69 2.85 25.08
N ASN A 1798 -7.94 2.85 23.98
CA ASN A 1798 -8.30 3.51 22.74
C ASN A 1798 -9.67 3.07 22.23
N PRO A 1799 -9.99 1.76 22.17
CA PRO A 1799 -11.27 1.35 21.52
C PRO A 1799 -12.52 1.86 22.22
N GLY A 1800 -12.37 2.50 23.37
CA GLY A 1800 -13.52 3.02 24.08
C GLY A 1800 -13.89 2.21 25.30
N GLU A 1801 -12.88 1.78 26.05
CA GLU A 1801 -13.06 0.97 27.24
C GLU A 1801 -12.29 1.59 28.39
N ILE A 1802 -12.70 1.27 29.62
CA ILE A 1802 -11.97 1.64 30.82
C ILE A 1802 -11.51 0.36 31.51
N HIS A 1803 -10.22 0.27 31.77
CA HIS A 1803 -9.64 -0.93 32.36
C HIS A 1803 -9.33 -0.70 33.84
N ARG A 1804 -9.16 -1.79 34.56
CA ARG A 1804 -8.84 -1.75 35.97
C ARG A 1804 -7.78 -2.79 36.29
N VAL A 1805 -7.04 -2.55 37.36
CA VAL A 1805 -6.04 -3.50 37.86
C VAL A 1805 -5.68 -3.09 39.28
N LYS A 1806 -5.33 -4.08 40.09
CA LYS A 1806 -4.90 -3.80 41.45
C LYS A 1806 -3.44 -3.38 41.48
N THR A 1807 -3.05 -2.70 42.55
CA THR A 1807 -1.67 -2.24 42.69
C THR A 1807 -0.69 -3.39 42.79
N ASP A 1808 -1.15 -4.60 43.12
CA ASP A 1808 -0.30 -5.77 43.17
C ASP A 1808 -0.30 -6.57 41.87
N GLY A 1809 -0.99 -6.10 40.83
CA GLY A 1809 -1.00 -6.75 39.55
C GLY A 1809 -2.12 -7.74 39.34
N SER A 1810 -3.01 -7.93 40.31
CA SER A 1810 -4.07 -8.91 40.18
C SER A 1810 -5.37 -8.25 39.69
N ASN A 1811 -6.28 -9.10 39.21
CA ASN A 1811 -7.62 -8.70 38.78
C ASN A 1811 -7.59 -7.68 37.64
N ARG A 1812 -6.70 -7.84 36.68
CA ARG A 1812 -6.69 -6.97 35.51
C ARG A 1812 -7.81 -7.36 34.55
N THR A 1813 -8.81 -6.50 34.42
CA THR A 1813 -9.95 -6.78 33.56
C THR A 1813 -10.39 -5.49 32.89
N VAL A 1814 -11.18 -5.63 31.83
CA VAL A 1814 -11.85 -4.47 31.24
C VAL A 1814 -13.11 -4.19 32.05
N PHE A 1815 -13.20 -2.97 32.57
CA PHE A 1815 -14.25 -2.67 33.56
C PHE A 1815 -15.60 -2.45 32.89
N ALA A 1816 -15.68 -1.49 31.98
CA ALA A 1816 -16.95 -1.15 31.34
C ALA A 1816 -16.65 -0.46 30.02
N PRO A 1817 -17.60 -0.48 29.09
CA PRO A 1817 -17.46 0.36 27.89
C PRO A 1817 -17.86 1.79 28.19
N LEU A 1818 -17.08 2.73 27.66
CA LEU A 1818 -17.27 4.15 27.96
C LEU A 1818 -18.15 4.86 26.94
N SER A 1819 -17.76 4.87 25.68
CA SER A 1819 -18.51 5.60 24.66
C SER A 1819 -18.44 4.86 23.34
N LEU A 1820 -19.57 4.79 22.65
CA LEU A 1820 -19.63 4.20 21.33
C LEU A 1820 -19.29 5.20 20.23
N LEU A 1821 -18.99 6.44 20.59
CA LEU A 1821 -18.79 7.50 19.62
C LEU A 1821 -17.34 7.93 19.46
N GLY A 1822 -16.48 7.60 20.41
CA GLY A 1822 -15.09 8.01 20.32
C GLY A 1822 -14.29 7.53 21.52
N SER A 1823 -13.04 7.96 21.54
CA SER A 1823 -12.11 7.58 22.60
C SER A 1823 -12.05 8.65 23.66
N SER A 1824 -12.02 8.24 24.92
CA SER A 1824 -11.98 9.18 26.03
C SER A 1824 -10.55 9.62 26.30
N LEU A 1825 -10.43 10.82 26.88
CA LEU A 1825 -9.11 11.42 27.09
C LEU A 1825 -8.80 11.62 28.57
N GLY A 1826 -9.68 12.33 29.28
CA GLY A 1826 -9.42 12.66 30.67
C GLY A 1826 -10.11 11.71 31.63
N LEU A 1827 -9.72 11.79 32.90
CA LEU A 1827 -10.28 10.95 33.94
C LEU A 1827 -10.28 11.68 35.27
N ALA A 1828 -11.24 11.33 36.12
CA ALA A 1828 -11.33 11.82 37.48
C ALA A 1828 -12.33 10.98 38.24
N LEU A 1829 -11.97 10.53 39.43
CA LEU A 1829 -12.77 9.59 40.21
C LEU A 1829 -13.36 10.31 41.41
N ASP A 1830 -14.67 10.21 41.57
CA ASP A 1830 -15.37 10.72 42.74
C ASP A 1830 -15.41 9.60 43.78
N TRP A 1831 -14.67 9.75 44.87
CA TRP A 1831 -14.42 8.63 45.76
C TRP A 1831 -15.42 8.51 46.91
N VAL A 1832 -16.44 9.37 46.98
CA VAL A 1832 -17.41 9.25 48.06
C VAL A 1832 -18.77 8.86 47.48
N SER A 1833 -19.03 9.28 46.24
CA SER A 1833 -20.23 8.83 45.54
C SER A 1833 -19.94 7.67 44.58
N ARG A 1834 -18.66 7.33 44.39
CA ARG A 1834 -18.23 6.21 43.57
C ARG A 1834 -18.67 6.38 42.12
N ASN A 1835 -18.27 7.51 41.55
CA ASN A 1835 -18.49 7.82 40.14
C ASN A 1835 -17.17 8.20 39.52
N ILE A 1836 -17.06 8.01 38.21
CA ILE A 1836 -15.88 8.40 37.44
C ILE A 1836 -16.32 9.33 36.32
N TYR A 1837 -15.70 10.50 36.24
CA TYR A 1837 -15.99 11.48 35.22
C TYR A 1837 -14.87 11.49 34.19
N TYR A 1838 -15.23 11.54 32.92
CA TYR A 1838 -14.23 11.48 31.86
C TYR A 1838 -14.69 12.33 30.68
N THR A 1839 -13.71 12.73 29.87
CA THR A 1839 -13.97 13.52 28.68
C THR A 1839 -13.75 12.67 27.43
N THR A 1840 -14.63 12.87 26.45
CA THR A 1840 -14.51 12.23 25.14
C THR A 1840 -14.46 13.32 24.07
N PRO A 1841 -13.27 13.81 23.75
CA PRO A 1841 -13.17 14.94 22.81
C PRO A 1841 -13.67 14.61 21.41
N ALA A 1842 -13.77 13.32 21.06
CA ALA A 1842 -14.30 12.96 19.74
C ALA A 1842 -15.74 13.40 19.59
N SER A 1843 -16.59 13.07 20.57
CA SER A 1843 -17.98 13.52 20.56
C SER A 1843 -18.17 14.82 21.33
N ARG A 1844 -17.12 15.34 21.96
CA ARG A 1844 -17.13 16.66 22.60
C ARG A 1844 -18.18 16.73 23.71
N SER A 1845 -18.04 15.86 24.70
CA SER A 1845 -18.94 15.82 25.83
C SER A 1845 -18.21 15.39 27.09
N ILE A 1846 -18.77 15.78 28.24
CA ILE A 1846 -18.29 15.34 29.54
C ILE A 1846 -19.36 14.45 30.15
N GLU A 1847 -18.99 13.22 30.49
CA GLU A 1847 -19.96 12.25 30.99
C GLU A 1847 -19.49 11.65 32.30
N VAL A 1848 -20.37 10.85 32.89
CA VAL A 1848 -20.13 10.21 34.18
C VAL A 1848 -20.45 8.73 34.06
N LEU A 1849 -19.84 7.93 34.92
CA LEU A 1849 -20.04 6.49 34.95
C LEU A 1849 -19.96 6.01 36.39
N THR A 1850 -20.84 5.10 36.78
CA THR A 1850 -20.95 4.68 38.17
C THR A 1850 -20.03 3.50 38.44
N LEU A 1851 -19.27 3.59 39.53
CA LEU A 1851 -18.42 2.50 39.99
C LEU A 1851 -19.14 1.55 40.95
N LYS A 1852 -20.17 2.05 41.62
CA LYS A 1852 -20.89 1.27 42.61
C LYS A 1852 -21.80 0.25 41.92
N GLY A 1853 -22.09 -0.84 42.63
CA GLY A 1853 -23.05 -1.82 42.16
C GLY A 1853 -22.45 -2.79 41.15
N ASP A 1854 -23.33 -3.66 40.66
CA ASP A 1854 -22.95 -4.70 39.70
C ASP A 1854 -23.36 -4.36 38.27
N THR A 1855 -24.10 -3.27 38.06
CA THR A 1855 -24.55 -2.87 36.74
C THR A 1855 -24.02 -1.47 36.43
N ARG A 1856 -23.54 -1.28 35.21
CA ARG A 1856 -22.94 -0.01 34.81
C ARG A 1856 -24.00 0.93 34.26
N TYR A 1857 -23.93 2.19 34.67
CA TYR A 1857 -24.81 3.23 34.16
C TYR A 1857 -23.98 4.46 33.81
N GLY A 1858 -24.24 5.01 32.64
CA GLY A 1858 -23.49 6.17 32.17
C GLY A 1858 -24.41 7.21 31.58
N LYS A 1859 -24.08 8.47 31.85
CA LYS A 1859 -24.87 9.60 31.37
C LYS A 1859 -23.96 10.69 30.87
N THR A 1860 -24.29 11.27 29.71
CA THR A 1860 -23.60 12.45 29.23
C THR A 1860 -24.09 13.66 30.00
N LEU A 1861 -23.16 14.40 30.61
CA LEU A 1861 -23.55 15.52 31.46
C LEU A 1861 -23.58 16.84 30.69
N ILE A 1862 -22.51 17.17 29.99
CA ILE A 1862 -22.39 18.43 29.26
C ILE A 1862 -22.05 18.12 27.82
N ALA A 1863 -22.69 18.83 26.89
CA ALA A 1863 -22.46 18.63 25.47
C ALA A 1863 -22.11 19.96 24.83
N ASN A 1864 -21.76 19.90 23.55
CA ASN A 1864 -21.34 21.09 22.80
C ASN A 1864 -22.54 21.68 22.08
N ASP A 1865 -23.00 22.84 22.57
CA ASP A 1865 -23.95 23.66 21.84
C ASP A 1865 -23.27 24.97 21.42
N GLY A 1866 -24.04 25.86 20.83
CA GLY A 1866 -23.47 27.10 20.32
C GLY A 1866 -23.00 28.05 21.39
N THR A 1867 -23.53 27.93 22.61
CA THR A 1867 -23.20 28.86 23.68
C THR A 1867 -21.76 28.68 24.15
N PRO A 1868 -21.12 29.74 24.63
CA PRO A 1868 -19.77 29.59 25.18
C PRO A 1868 -19.70 28.70 26.42
N LEU A 1869 -20.82 28.47 27.09
CA LEU A 1869 -20.81 27.69 28.33
C LEU A 1869 -20.63 26.19 28.09
N GLY A 1870 -20.87 25.71 26.88
CA GLY A 1870 -20.71 24.30 26.61
C GLY A 1870 -19.27 23.88 26.46
N VAL A 1871 -19.06 22.57 26.35
CA VAL A 1871 -17.73 22.02 26.19
C VAL A 1871 -17.32 22.11 24.72
N GLY A 1872 -16.16 22.69 24.46
CA GLY A 1872 -15.65 22.78 23.10
C GLY A 1872 -14.74 21.62 22.77
N PHE A 1873 -13.73 21.39 23.61
CA PHE A 1873 -12.78 20.31 23.42
C PHE A 1873 -12.12 20.04 24.75
N PRO A 1874 -12.81 19.34 25.66
CA PRO A 1874 -12.31 19.21 27.04
C PRO A 1874 -11.11 18.28 27.11
N VAL A 1875 -10.11 18.68 27.92
CA VAL A 1875 -8.88 17.93 28.05
C VAL A 1875 -8.80 17.27 29.43
N GLY A 1876 -8.80 18.06 30.48
CA GLY A 1876 -8.66 17.54 31.82
C GLY A 1876 -9.90 17.68 32.68
N ILE A 1877 -9.98 16.91 33.76
CA ILE A 1877 -11.11 16.94 34.68
C ILE A 1877 -10.57 16.90 36.11
N ALA A 1878 -11.15 17.75 36.96
CA ALA A 1878 -10.94 17.69 38.40
C ALA A 1878 -12.29 17.69 39.09
N VAL A 1879 -12.44 16.81 40.09
CA VAL A 1879 -13.70 16.68 40.81
C VAL A 1879 -13.48 17.04 42.26
N ASP A 1880 -14.47 17.75 42.82
CA ASP A 1880 -14.50 18.11 44.24
C ASP A 1880 -15.70 17.41 44.84
N PRO A 1881 -15.51 16.27 45.51
CA PRO A 1881 -16.65 15.51 46.03
C PRO A 1881 -17.51 16.32 46.99
N ALA A 1882 -16.92 16.82 48.06
CA ALA A 1882 -17.58 17.84 48.85
C ALA A 1882 -17.68 19.12 48.04
N ARG A 1883 -18.70 19.92 48.34
CA ARG A 1883 -19.00 21.17 47.64
C ARG A 1883 -19.43 20.92 46.20
N GLY A 1884 -19.38 19.66 45.76
CA GLY A 1884 -19.96 19.21 44.51
C GLY A 1884 -19.78 20.08 43.29
N LYS A 1885 -18.55 20.28 42.83
CA LYS A 1885 -18.30 21.04 41.62
C LYS A 1885 -17.26 20.36 40.74
N LEU A 1886 -17.55 20.30 39.45
CA LEU A 1886 -16.59 19.84 38.46
C LEU A 1886 -15.73 21.00 37.97
N TYR A 1887 -14.54 20.66 37.49
CA TYR A 1887 -13.66 21.62 36.85
C TYR A 1887 -13.00 20.95 35.65
N TRP A 1888 -12.95 21.66 34.53
CA TRP A 1888 -12.35 21.10 33.33
C TRP A 1888 -11.69 22.20 32.52
N SER A 1889 -10.71 21.80 31.71
CA SER A 1889 -9.98 22.69 30.83
C SER A 1889 -10.38 22.43 29.39
N ASP A 1890 -10.62 23.50 28.64
CA ASP A 1890 -11.19 23.40 27.30
C ASP A 1890 -10.28 24.08 26.30
N HIS A 1891 -10.08 23.44 25.15
CA HIS A 1891 -9.34 24.05 24.05
C HIS A 1891 -10.20 25.00 23.21
N GLY A 1892 -11.51 24.95 23.35
CA GLY A 1892 -12.38 25.80 22.58
C GLY A 1892 -12.64 25.26 21.19
N THR A 1893 -13.50 25.98 20.46
CA THR A 1893 -13.86 25.62 19.10
C THR A 1893 -13.95 26.88 18.25
N ASP A 1894 -13.84 26.70 16.94
CA ASP A 1894 -13.92 27.83 16.02
C ASP A 1894 -15.32 28.42 16.02
N SER A 1895 -15.39 29.76 16.18
CA SER A 1895 -16.65 30.51 16.16
C SER A 1895 -17.62 30.00 17.23
N GLY A 1896 -17.08 29.40 18.28
CA GLY A 1896 -17.90 28.86 19.34
C GLY A 1896 -17.33 29.09 20.73
N VAL A 1897 -17.19 28.02 21.49
CA VAL A 1897 -16.64 28.11 22.84
C VAL A 1897 -15.18 28.57 22.76
N PRO A 1898 -14.75 29.52 23.60
CA PRO A 1898 -13.34 29.88 23.63
C PRO A 1898 -12.53 28.86 24.43
N ALA A 1899 -11.21 29.02 24.37
CA ALA A 1899 -10.33 28.23 25.23
C ALA A 1899 -10.38 28.80 26.64
N LYS A 1900 -10.90 28.02 27.58
CA LYS A 1900 -11.21 28.56 28.90
C LYS A 1900 -11.12 27.47 29.96
N ILE A 1901 -11.04 27.90 31.22
CA ILE A 1901 -11.17 27.04 32.38
C ILE A 1901 -12.58 27.19 32.90
N ALA A 1902 -13.31 26.08 32.97
CA ALA A 1902 -14.73 26.12 33.28
C ALA A 1902 -15.04 25.23 34.48
N SER A 1903 -16.18 25.50 35.11
CA SER A 1903 -16.62 24.74 36.27
C SER A 1903 -18.13 24.54 36.17
N ALA A 1904 -18.60 23.48 36.83
CA ALA A 1904 -20.03 23.18 36.86
C ALA A 1904 -20.31 22.24 38.03
N ASN A 1905 -21.58 22.19 38.42
CA ASN A 1905 -22.00 21.20 39.40
C ASN A 1905 -21.81 19.79 38.83
N MET A 1906 -21.55 18.83 39.70
CA MET A 1906 -21.23 17.49 39.23
C MET A 1906 -22.42 16.80 38.56
N ASP A 1907 -23.62 17.35 38.68
CA ASP A 1907 -24.73 16.91 37.85
C ASP A 1907 -24.81 17.66 36.53
N GLY A 1908 -23.99 18.69 36.34
CA GLY A 1908 -23.93 19.42 35.08
C GLY A 1908 -24.82 20.64 35.00
N THR A 1909 -25.37 21.11 36.11
CA THR A 1909 -26.38 22.16 36.09
C THR A 1909 -25.84 23.54 35.74
N SER A 1910 -24.94 24.07 36.56
CA SER A 1910 -24.55 25.48 36.49
C SER A 1910 -23.20 25.62 35.81
N LEU A 1911 -23.23 25.76 34.48
CA LEU A 1911 -22.02 26.02 33.73
C LEU A 1911 -21.47 27.41 34.08
N LYS A 1912 -20.16 27.53 34.08
CA LYS A 1912 -19.51 28.79 34.44
C LYS A 1912 -18.15 28.86 33.78
N ILE A 1913 -17.72 30.07 33.45
CA ILE A 1913 -16.40 30.32 32.86
C ILE A 1913 -15.55 31.02 33.92
N LEU A 1914 -14.46 30.37 34.32
CA LEU A 1914 -13.61 30.92 35.38
C LEU A 1914 -12.48 31.78 34.82
N PHE A 1915 -11.62 31.20 33.99
CA PHE A 1915 -10.46 31.90 33.46
C PHE A 1915 -10.42 31.77 31.95
N THR A 1916 -10.28 32.90 31.27
CA THR A 1916 -10.09 32.93 29.82
C THR A 1916 -9.02 33.95 29.50
N GLY A 1917 -8.34 33.76 28.37
CA GLY A 1917 -7.25 34.65 28.02
C GLY A 1917 -6.20 34.05 27.12
N ASN A 1918 -4.95 34.07 27.58
CA ASN A 1918 -3.81 33.69 26.75
C ASN A 1918 -3.63 32.17 26.68
N LEU A 1919 -4.67 31.42 27.05
CA LEU A 1919 -4.61 29.97 26.97
C LEU A 1919 -4.82 29.50 25.54
N GLN A 1920 -3.77 28.94 24.95
CA GLN A 1920 -3.90 28.39 23.60
C GLN A 1920 -3.70 26.88 23.59
N HIS A 1921 -2.52 26.41 24.00
CA HIS A 1921 -2.24 24.98 24.08
C HIS A 1921 -2.41 24.53 25.53
N LEU A 1922 -3.65 24.62 25.99
CA LEU A 1922 -3.96 24.34 27.38
C LEU A 1922 -3.83 22.84 27.67
N GLU A 1923 -3.21 22.52 28.81
CA GLU A 1923 -3.00 21.16 29.25
C GLU A 1923 -4.02 20.81 30.35
N VAL A 1924 -3.81 19.66 30.99
CA VAL A 1924 -4.77 19.17 31.98
C VAL A 1924 -4.86 20.13 33.15
N VAL A 1925 -6.01 20.11 33.81
CA VAL A 1925 -6.25 20.90 35.00
C VAL A 1925 -6.17 19.99 36.22
N THR A 1926 -5.89 20.58 37.38
CA THR A 1926 -5.86 19.85 38.63
C THR A 1926 -6.26 20.78 39.76
N LEU A 1927 -6.67 20.19 40.87
CA LEU A 1927 -7.26 20.93 41.99
C LEU A 1927 -6.57 20.55 43.28
N ASP A 1928 -6.19 21.54 44.07
CA ASP A 1928 -5.75 21.34 45.45
C ASP A 1928 -6.94 21.57 46.36
N ILE A 1929 -7.55 20.48 46.83
CA ILE A 1929 -8.78 20.60 47.59
C ILE A 1929 -8.56 21.31 48.91
N GLN A 1930 -7.44 21.05 49.58
CA GLN A 1930 -7.19 21.67 50.88
C GLN A 1930 -7.09 23.19 50.78
N GLU A 1931 -6.43 23.69 49.75
CA GLU A 1931 -6.30 25.13 49.56
C GLU A 1931 -7.34 25.71 48.62
N GLN A 1932 -8.07 24.86 47.89
CA GLN A 1932 -9.13 25.28 46.98
C GLN A 1932 -8.59 26.23 45.89
N LYS A 1933 -7.57 25.79 45.18
CA LYS A 1933 -7.00 26.55 44.07
C LYS A 1933 -6.75 25.62 42.89
N LEU A 1934 -7.04 26.11 41.69
CA LEU A 1934 -6.86 25.34 40.48
C LEU A 1934 -5.45 25.56 39.91
N TYR A 1935 -4.89 24.50 39.33
CA TYR A 1935 -3.60 24.57 38.66
C TYR A 1935 -3.75 24.07 37.24
N TRP A 1936 -3.05 24.72 36.31
CA TRP A 1936 -3.04 24.30 34.92
C TRP A 1936 -1.76 24.74 34.26
N ALA A 1937 -1.46 24.14 33.12
CA ALA A 1937 -0.25 24.45 32.36
C ALA A 1937 -0.62 24.87 30.95
N VAL A 1938 0.07 25.87 30.44
CA VAL A 1938 -0.14 26.40 29.10
C VAL A 1938 1.13 26.14 28.31
N THR A 1939 1.03 25.28 27.28
CA THR A 1939 2.20 24.94 26.49
C THR A 1939 2.62 26.07 25.58
N SER A 1940 1.66 26.83 25.03
CA SER A 1940 2.00 27.91 24.11
C SER A 1940 2.84 29.00 24.78
N ARG A 1941 2.83 29.08 26.10
CA ARG A 1941 3.66 30.02 26.83
C ARG A 1941 4.66 29.36 27.76
N GLY A 1942 4.59 28.03 27.93
CA GLY A 1942 5.54 27.32 28.77
C GLY A 1942 5.47 27.69 30.23
N VAL A 1943 4.26 27.79 30.80
CA VAL A 1943 4.09 28.20 32.19
C VAL A 1943 3.10 27.26 32.88
N ILE A 1944 3.17 27.25 34.20
CA ILE A 1944 2.17 26.61 35.05
C ILE A 1944 1.54 27.70 35.90
N GLU A 1945 0.20 27.75 35.90
CA GLU A 1945 -0.52 28.86 36.51
C GLU A 1945 -1.41 28.35 37.62
N ARG A 1946 -1.79 29.26 38.52
CA ARG A 1946 -2.70 29.01 39.61
C ARG A 1946 -3.95 29.88 39.46
N GLY A 1947 -5.01 29.48 40.15
CA GLY A 1947 -6.21 30.27 40.17
C GLY A 1947 -7.19 29.75 41.19
N ASN A 1948 -7.87 30.66 41.87
CA ASN A 1948 -8.91 30.29 42.82
C ASN A 1948 -10.10 29.72 42.07
N VAL A 1949 -10.88 28.90 42.77
CA VAL A 1949 -12.10 28.36 42.17
C VAL A 1949 -13.13 29.45 41.95
N ASP A 1950 -13.01 30.58 42.66
CA ASP A 1950 -13.88 31.73 42.40
C ASP A 1950 -13.61 32.37 41.06
N GLY A 1951 -12.46 32.09 40.44
CA GLY A 1951 -12.13 32.71 39.17
C GLY A 1951 -11.57 34.11 39.29
N THR A 1952 -11.14 34.51 40.49
CA THR A 1952 -10.71 35.89 40.71
C THR A 1952 -9.21 36.07 40.57
N GLU A 1953 -8.43 35.35 41.39
CA GLU A 1953 -6.99 35.57 41.42
C GLU A 1953 -6.27 34.59 40.50
N ARG A 1954 -5.39 35.12 39.65
CA ARG A 1954 -4.67 34.31 38.68
C ARG A 1954 -3.24 34.81 38.61
N MET A 1955 -2.29 33.86 38.53
CA MET A 1955 -0.88 34.21 38.54
C MET A 1955 -0.08 33.09 37.90
N ILE A 1956 1.16 33.40 37.54
CA ILE A 1956 2.06 32.47 36.89
C ILE A 1956 3.01 31.91 37.94
N LEU A 1957 3.10 30.58 38.01
CA LEU A 1957 3.85 29.90 39.06
C LEU A 1957 5.23 29.45 38.60
N VAL A 1958 5.33 28.81 37.44
CA VAL A 1958 6.59 28.32 36.90
C VAL A 1958 6.80 28.94 35.52
N HIS A 1959 8.06 29.22 35.18
CA HIS A 1959 8.42 29.80 33.90
C HIS A 1959 9.32 28.87 33.11
N HIS A 1960 9.43 29.15 31.80
CA HIS A 1960 10.41 28.53 30.91
C HIS A 1960 10.27 27.02 30.85
N LEU A 1961 9.05 26.50 30.83
CA LEU A 1961 8.85 25.10 30.55
C LEU A 1961 8.79 24.87 29.04
N ALA A 1962 8.98 23.62 28.62
CA ALA A 1962 9.02 23.27 27.22
C ALA A 1962 7.68 22.75 26.70
N HIS A 1963 7.18 21.68 27.31
CA HIS A 1963 5.88 21.12 26.94
C HIS A 1963 5.33 20.34 28.12
N PRO A 1964 4.75 21.03 29.10
CA PRO A 1964 4.15 20.33 30.24
C PRO A 1964 3.02 19.43 29.78
N TRP A 1965 2.93 18.25 30.39
CA TRP A 1965 1.89 17.31 30.00
C TRP A 1965 0.99 16.97 31.18
N GLY A 1966 1.58 16.65 32.32
CA GLY A 1966 0.83 16.32 33.52
C GLY A 1966 1.35 17.10 34.71
N LEU A 1967 0.48 17.29 35.70
CA LEU A 1967 0.86 17.95 36.93
C LEU A 1967 -0.10 17.54 38.04
N VAL A 1968 0.42 17.49 39.27
CA VAL A 1968 -0.38 17.09 40.42
C VAL A 1968 0.15 17.84 41.63
N VAL A 1969 -0.76 18.20 42.53
CA VAL A 1969 -0.43 18.91 43.76
C VAL A 1969 -0.77 18.01 44.94
N TYR A 1970 0.23 17.72 45.77
CA TYR A 1970 0.03 16.95 46.99
C TYR A 1970 0.89 17.53 48.10
N GLY A 1971 0.29 17.69 49.27
CA GLY A 1971 1.03 18.27 50.38
C GLY A 1971 1.46 19.68 50.06
N SER A 1972 2.74 19.97 50.33
CA SER A 1972 3.29 21.29 50.08
C SER A 1972 4.06 21.38 48.77
N PHE A 1973 4.01 20.36 47.93
CA PHE A 1973 4.80 20.31 46.71
C PHE A 1973 3.91 20.06 45.50
N LEU A 1974 4.37 20.57 44.36
CA LEU A 1974 3.71 20.37 43.08
C LEU A 1974 4.65 19.61 42.14
N TYR A 1975 4.15 18.50 41.59
CA TYR A 1975 4.93 17.66 40.69
C TYR A 1975 4.43 17.84 39.27
N TYR A 1976 5.35 18.11 38.35
CA TYR A 1976 5.00 18.24 36.95
C TYR A 1976 6.00 17.48 36.09
N SER A 1977 5.52 16.94 34.97
CA SER A 1977 6.35 16.23 34.02
C SER A 1977 6.39 17.00 32.71
N ASP A 1978 7.58 17.19 32.16
CA ASP A 1978 7.77 17.88 30.90
C ASP A 1978 8.13 16.84 29.84
N GLU A 1979 7.29 16.73 28.82
CA GLU A 1979 7.49 15.73 27.78
C GLU A 1979 8.67 16.07 26.86
N GLN A 1980 8.98 17.35 26.69
CA GLN A 1980 10.05 17.78 25.82
C GLN A 1980 11.40 17.85 26.53
N TYR A 1981 11.41 18.23 27.80
CA TYR A 1981 12.62 18.13 28.60
C TYR A 1981 12.89 16.70 29.05
N GLU A 1982 11.89 15.81 28.93
CA GLU A 1982 12.02 14.41 29.35
C GLU A 1982 12.41 14.32 30.82
N VAL A 1983 11.67 15.02 31.67
CA VAL A 1983 12.03 15.16 33.08
C VAL A 1983 10.77 15.21 33.92
N ILE A 1984 10.90 14.80 35.18
CA ILE A 1984 9.87 14.93 36.20
C ILE A 1984 10.45 15.76 37.33
N GLU A 1985 9.78 16.87 37.67
CA GLU A 1985 10.32 17.81 38.63
C GLU A 1985 9.32 18.08 39.74
N ARG A 1986 9.85 18.41 40.91
CA ARG A 1986 9.05 18.79 42.06
C ARG A 1986 9.39 20.23 42.47
N VAL A 1987 8.36 21.04 42.63
CA VAL A 1987 8.48 22.41 43.11
C VAL A 1987 7.44 22.64 44.19
N ASP A 1988 7.63 23.71 44.96
CA ASP A 1988 6.64 24.08 45.95
C ASP A 1988 5.36 24.53 45.28
N LYS A 1989 4.23 24.34 45.97
CA LYS A 1989 2.95 24.72 45.38
C LYS A 1989 2.65 26.20 45.54
N SER A 1990 3.41 26.92 46.38
CA SER A 1990 3.25 28.35 46.49
C SER A 1990 4.09 29.12 45.47
N SER A 1991 5.24 28.55 45.09
CA SER A 1991 6.10 29.14 44.07
C SER A 1991 7.08 28.07 43.62
N GLY A 1992 7.79 28.36 42.52
CA GLY A 1992 8.79 27.43 42.04
C GLY A 1992 9.82 27.09 43.10
N ASN A 1993 10.62 28.09 43.48
CA ASN A 1993 11.53 28.00 44.61
C ASN A 1993 12.43 26.77 44.51
N ASN A 1994 12.18 25.75 45.33
CA ASN A 1994 13.06 24.59 45.45
C ASN A 1994 12.71 23.55 44.37
N LYS A 1995 13.36 23.71 43.21
CA LYS A 1995 13.20 22.75 42.14
C LYS A 1995 14.01 21.50 42.43
N VAL A 1996 13.36 20.34 42.34
CA VAL A 1996 14.00 19.05 42.57
C VAL A 1996 13.58 18.10 41.44
N VAL A 1997 14.55 17.36 40.92
CA VAL A 1997 14.32 16.43 39.83
C VAL A 1997 14.14 15.04 40.40
N LEU A 1998 13.02 14.40 40.05
CA LEU A 1998 12.76 13.02 40.48
C LEU A 1998 13.24 12.01 39.45
N ARG A 1999 12.95 12.23 38.18
CA ARG A 1999 13.40 11.35 37.11
C ARG A 1999 13.88 12.22 35.94
N ASP A 2000 14.84 11.69 35.19
CA ASP A 2000 15.38 12.40 34.04
C ASP A 2000 15.71 11.40 32.95
N ASN A 2001 15.83 11.90 31.73
CA ASN A 2001 16.02 11.07 30.54
C ASN A 2001 14.93 10.02 30.40
N VAL A 2002 13.68 10.40 30.68
CA VAL A 2002 12.54 9.51 30.57
C VAL A 2002 11.73 9.93 29.35
N PRO A 2003 11.70 9.14 28.28
CA PRO A 2003 10.93 9.51 27.10
C PRO A 2003 9.45 9.20 27.26
N TYR A 2004 8.65 9.83 26.39
CA TYR A 2004 7.21 9.60 26.30
C TYR A 2004 6.51 9.83 27.64
N LEU A 2005 6.84 10.93 28.31
CA LEU A 2005 6.18 11.26 29.57
C LEU A 2005 4.75 11.73 29.32
N ARG A 2006 3.87 11.42 30.28
CA ARG A 2006 2.46 11.78 30.20
C ARG A 2006 1.98 12.24 31.57
N GLY A 2007 0.66 12.30 31.76
CA GLY A 2007 0.09 12.82 32.99
C GLY A 2007 0.57 12.11 34.24
N LEU A 2008 0.29 12.75 35.38
CA LEU A 2008 0.74 12.26 36.67
C LEU A 2008 -0.40 12.26 37.67
N ARG A 2009 -0.26 11.43 38.70
CA ARG A 2009 -1.20 11.36 39.80
C ARG A 2009 -0.47 10.84 41.04
N VAL A 2010 -0.96 11.21 42.21
CA VAL A 2010 -0.38 10.77 43.47
C VAL A 2010 -1.37 9.81 44.13
N TYR A 2011 -0.94 8.56 44.32
CA TYR A 2011 -1.74 7.58 45.03
C TYR A 2011 -1.59 7.81 46.52
N HIS A 2012 -2.71 8.10 47.19
CA HIS A 2012 -2.66 8.41 48.61
C HIS A 2012 -3.97 8.03 49.26
N ARG A 2013 -3.99 8.07 50.60
CA ARG A 2013 -5.16 7.69 51.36
C ARG A 2013 -6.14 8.85 51.47
N ARG A 2014 -7.29 8.71 50.83
CA ARG A 2014 -8.42 9.59 51.07
C ARG A 2014 -9.63 8.73 51.36
N ASN A 2015 -10.39 9.11 52.40
CA ASN A 2015 -11.45 8.28 52.93
C ASN A 2015 -12.80 8.98 52.78
N ALA A 2016 -13.86 8.18 52.80
CA ALA A 2016 -15.22 8.72 52.73
C ALA A 2016 -15.62 9.45 54.01
N ALA A 2017 -14.86 9.32 55.10
CA ALA A 2017 -15.19 9.98 56.34
C ALA A 2017 -14.68 11.42 56.41
N ASP A 2018 -13.53 11.72 55.82
CA ASP A 2018 -13.00 13.07 55.86
C ASP A 2018 -13.83 14.05 55.04
N SER A 2019 -14.63 13.57 54.10
CA SER A 2019 -15.51 14.43 53.32
C SER A 2019 -16.71 13.61 52.88
N SER A 2020 -17.91 14.18 53.02
CA SER A 2020 -19.14 13.49 52.71
C SER A 2020 -20.08 14.42 51.95
N ASN A 2021 -20.99 13.82 51.20
CA ASN A 2021 -22.01 14.57 50.48
C ASN A 2021 -23.30 13.79 50.48
N GLY A 2022 -24.25 14.24 49.66
CA GLY A 2022 -25.57 13.63 49.65
C GLY A 2022 -25.56 12.18 49.20
N CYS A 2023 -24.79 11.88 48.15
CA CYS A 2023 -24.77 10.52 47.63
C CYS A 2023 -24.10 9.53 48.58
N SER A 2024 -23.27 10.02 49.51
CA SER A 2024 -22.67 9.15 50.50
C SER A 2024 -23.55 9.01 51.75
N ASN A 2025 -24.26 10.08 52.11
CA ASN A 2025 -25.14 10.02 53.27
C ASN A 2025 -26.38 9.16 52.98
N ASN A 2026 -26.82 9.14 51.72
CA ASN A 2026 -28.06 8.48 51.33
C ASN A 2026 -27.80 7.47 50.22
N PRO A 2027 -27.28 6.28 50.57
CA PRO A 2027 -27.21 5.21 49.58
C PRO A 2027 -28.60 4.69 49.24
N ASN A 2028 -28.70 4.10 48.06
CA ASN A 2028 -29.95 3.51 47.55
C ASN A 2028 -31.03 4.57 47.34
N ALA A 2029 -30.65 5.85 47.39
CA ALA A 2029 -31.62 6.91 47.17
C ALA A 2029 -32.08 6.95 45.72
N CYS A 2030 -31.14 6.92 44.78
CA CYS A 2030 -31.43 6.90 43.35
C CYS A 2030 -31.22 5.49 42.83
N GLN A 2031 -32.12 5.04 41.96
CA GLN A 2031 -32.07 3.67 41.49
C GLN A 2031 -30.92 3.42 40.51
N GLN A 2032 -30.50 4.42 39.75
CA GLN A 2032 -29.43 4.18 38.78
C GLN A 2032 -28.17 4.99 39.07
N ILE A 2033 -28.27 6.32 39.12
CA ILE A 2033 -27.10 7.18 39.25
C ILE A 2033 -27.41 8.28 40.26
N CYS A 2034 -26.43 8.58 41.12
CA CYS A 2034 -26.52 9.68 42.07
C CYS A 2034 -25.39 10.66 41.77
N LEU A 2035 -25.73 11.95 41.70
CA LEU A 2035 -24.76 12.99 41.39
C LEU A 2035 -24.88 14.11 42.43
N PRO A 2036 -23.85 14.34 43.23
CA PRO A 2036 -23.94 15.39 44.26
C PRO A 2036 -23.91 16.79 43.65
N VAL A 2037 -24.49 17.73 44.38
CA VAL A 2037 -24.56 19.13 43.99
C VAL A 2037 -24.12 19.98 45.17
N PRO A 2038 -23.74 21.25 44.97
CA PRO A 2038 -23.29 22.07 46.10
C PRO A 2038 -24.37 22.22 47.16
N GLY A 2039 -23.94 22.34 48.41
CA GLY A 2039 -24.84 22.48 49.53
C GLY A 2039 -25.17 21.20 50.27
N GLY A 2040 -24.57 20.08 49.88
CA GLY A 2040 -24.85 18.81 50.51
C GLY A 2040 -25.99 18.02 49.89
N MET A 2041 -26.72 18.61 48.95
CA MET A 2041 -27.82 17.92 48.31
C MET A 2041 -27.30 16.94 47.26
N PHE A 2042 -28.21 16.13 46.74
CA PHE A 2042 -27.89 15.14 45.71
C PHE A 2042 -28.96 15.19 44.63
N SER A 2043 -28.54 14.93 43.40
CA SER A 2043 -29.45 14.89 42.26
C SER A 2043 -29.40 13.51 41.60
N CYS A 2044 -30.56 12.91 41.42
CA CYS A 2044 -30.65 11.61 40.77
C CYS A 2044 -30.57 11.76 39.26
N ALA A 2045 -29.95 10.77 38.62
CA ALA A 2045 -29.85 10.72 37.17
C ALA A 2045 -30.13 9.31 36.71
N CYS A 2046 -30.55 9.18 35.44
CA CYS A 2046 -30.97 7.89 34.89
C CYS A 2046 -30.27 7.64 33.55
N ALA A 2047 -29.05 7.10 33.62
CA ALA A 2047 -28.35 6.51 32.50
C ALA A 2047 -28.46 7.29 31.20
N SER A 2048 -28.47 6.57 30.07
CA SER A 2048 -28.59 7.16 28.74
C SER A 2048 -29.76 6.50 28.03
N GLY A 2049 -30.63 7.32 27.44
CA GLY A 2049 -31.86 6.83 26.87
C GLY A 2049 -33.00 6.72 27.85
N PHE A 2050 -32.77 7.06 29.13
CA PHE A 2050 -33.81 7.06 30.15
C PHE A 2050 -33.97 8.48 30.69
N LYS A 2051 -35.19 8.79 31.13
CA LYS A 2051 -35.52 10.10 31.67
C LYS A 2051 -35.99 9.96 33.11
N LEU A 2052 -35.64 10.94 33.93
CA LEU A 2052 -35.99 10.90 35.34
C LEU A 2052 -37.50 11.02 35.52
N SER A 2053 -38.06 10.17 36.39
CA SER A 2053 -39.49 10.18 36.63
C SER A 2053 -39.88 11.41 37.45
N PRO A 2054 -41.16 11.79 37.44
CA PRO A 2054 -41.59 12.95 38.22
C PRO A 2054 -41.35 12.81 39.71
N ASP A 2055 -41.26 11.58 40.24
CA ASP A 2055 -40.93 11.41 41.64
C ASP A 2055 -39.50 11.83 41.95
N GLY A 2056 -38.64 11.92 40.93
CA GLY A 2056 -37.27 12.32 41.12
C GLY A 2056 -36.32 11.22 41.52
N ARG A 2057 -36.77 9.97 41.56
CA ARG A 2057 -35.89 8.88 41.96
C ARG A 2057 -35.83 7.74 40.95
N SER A 2058 -36.94 7.41 40.30
CA SER A 2058 -36.97 6.28 39.39
C SER A 2058 -36.77 6.73 37.95
N CYS A 2059 -36.66 5.76 37.05
CA CYS A 2059 -36.31 6.00 35.66
C CYS A 2059 -37.40 5.49 34.73
N SER A 2060 -37.59 6.20 33.62
CA SER A 2060 -38.51 5.83 32.57
C SER A 2060 -37.86 6.13 31.23
N PRO A 2061 -38.26 5.44 30.17
CA PRO A 2061 -37.68 5.72 28.85
C PRO A 2061 -38.04 7.12 28.37
N TYR A 2062 -37.16 7.68 27.54
CA TYR A 2062 -37.31 9.05 27.04
C TYR A 2062 -38.45 9.06 26.03
N ASN A 2063 -39.65 9.43 26.50
CA ASN A 2063 -40.83 9.36 25.66
C ASN A 2063 -40.76 10.32 24.47
N SER A 2064 -40.24 11.53 24.69
CA SER A 2064 -40.20 12.54 23.64
C SER A 2064 -38.75 12.98 23.42
N PHE A 2065 -38.24 12.77 22.23
CA PHE A 2065 -36.92 13.23 21.84
C PHE A 2065 -36.88 13.33 20.32
N MET A 2066 -35.75 13.82 19.80
CA MET A 2066 -35.56 13.95 18.36
C MET A 2066 -34.39 13.10 17.92
N VAL A 2067 -34.43 12.65 16.67
CA VAL A 2067 -33.44 11.76 16.11
C VAL A 2067 -32.66 12.49 15.02
N VAL A 2068 -31.34 12.47 15.13
CA VAL A 2068 -30.47 12.98 14.08
C VAL A 2068 -29.59 11.82 13.61
N SER A 2069 -29.39 11.74 12.30
CA SER A 2069 -28.65 10.64 11.71
C SER A 2069 -27.43 11.19 10.98
N MET A 2070 -26.26 10.67 11.34
CA MET A 2070 -25.01 10.99 10.67
C MET A 2070 -24.52 9.74 9.96
N LEU A 2071 -23.60 9.93 9.03
CA LEU A 2071 -22.95 8.77 8.40
C LEU A 2071 -22.29 7.84 9.42
N PRO A 2072 -21.55 8.30 10.43
CA PRO A 2072 -20.99 7.36 11.39
C PRO A 2072 -22.02 6.74 12.34
N ALA A 2073 -23.04 7.48 12.75
CA ALA A 2073 -23.89 7.00 13.81
C ALA A 2073 -25.25 7.69 13.78
N VAL A 2074 -26.20 7.13 14.52
CA VAL A 2074 -27.51 7.71 14.77
C VAL A 2074 -27.59 8.06 16.25
N ARG A 2075 -28.04 9.28 16.55
CA ARG A 2075 -28.04 9.79 17.91
C ARG A 2075 -29.36 10.49 18.19
N GLY A 2076 -29.71 10.54 19.48
CA GLY A 2076 -30.93 11.19 19.90
C GLY A 2076 -30.71 12.31 20.89
N PHE A 2077 -31.34 13.46 20.65
CA PHE A 2077 -31.21 14.63 21.50
C PHE A 2077 -32.59 15.06 21.98
N SER A 2078 -32.66 15.55 23.22
CA SER A 2078 -33.92 16.01 23.77
C SER A 2078 -34.34 17.34 23.18
N LEU A 2079 -35.65 17.59 23.15
CA LEU A 2079 -36.16 18.86 22.65
C LEU A 2079 -35.80 20.04 23.55
N GLU A 2080 -35.87 19.87 24.87
CA GLU A 2080 -35.52 20.94 25.79
C GLU A 2080 -34.01 21.11 25.78
N LEU A 2081 -33.54 22.30 25.43
CA LEU A 2081 -32.12 22.51 25.15
C LEU A 2081 -31.27 22.45 26.41
N SER A 2082 -31.87 22.54 27.59
CA SER A 2082 -31.08 22.48 28.83
C SER A 2082 -30.59 21.06 29.14
N ASP A 2083 -31.19 20.05 28.52
CA ASP A 2083 -30.81 18.66 28.76
C ASP A 2083 -29.75 18.27 27.73
N HIS A 2084 -28.51 18.12 28.19
CA HIS A 2084 -27.41 17.75 27.33
C HIS A 2084 -27.20 16.24 27.23
N SER A 2085 -27.97 15.45 27.97
CA SER A 2085 -27.78 14.01 27.95
C SER A 2085 -28.29 13.41 26.64
N GLU A 2086 -27.76 12.23 26.32
CA GLU A 2086 -28.22 11.49 25.16
C GLU A 2086 -29.57 10.87 25.47
N ALA A 2087 -30.56 11.14 24.62
CA ALA A 2087 -31.91 10.62 24.83
C ALA A 2087 -32.12 9.24 24.24
N MET A 2088 -31.07 8.64 23.69
CA MET A 2088 -31.17 7.34 23.05
C MET A 2088 -29.77 6.73 22.98
N VAL A 2089 -29.67 5.44 23.27
CA VAL A 2089 -28.38 4.77 23.19
C VAL A 2089 -27.90 4.83 21.75
N PRO A 2090 -26.76 5.45 21.49
CA PRO A 2090 -26.35 5.70 20.10
C PRO A 2090 -26.17 4.42 19.31
N VAL A 2091 -26.57 4.47 18.04
CA VAL A 2091 -26.34 3.37 17.10
C VAL A 2091 -25.05 3.68 16.36
N ALA A 2092 -23.99 2.96 16.68
CA ALA A 2092 -22.68 3.25 16.12
C ALA A 2092 -21.86 1.97 15.95
N GLY A 2093 -20.56 2.11 15.75
CA GLY A 2093 -19.71 0.95 15.61
C GLY A 2093 -19.45 0.59 14.16
N GLN A 2094 -18.75 -0.54 14.01
CA GLN A 2094 -18.34 -1.00 12.69
C GLN A 2094 -19.55 -1.40 11.85
N GLY A 2095 -19.45 -1.12 10.55
CA GLY A 2095 -20.51 -1.46 9.62
C GLY A 2095 -21.62 -0.43 9.53
N ARG A 2096 -21.43 0.75 10.09
CA ARG A 2096 -22.47 1.78 10.12
C ARG A 2096 -22.16 2.85 9.07
N ASN A 2097 -23.10 3.08 8.17
CA ASN A 2097 -23.05 4.21 7.25
C ASN A 2097 -24.48 4.64 6.95
N VAL A 2098 -24.98 5.61 7.72
CA VAL A 2098 -26.42 5.87 7.78
C VAL A 2098 -26.79 6.98 6.80
N LEU A 2099 -27.82 6.73 6.00
CA LEU A 2099 -28.33 7.74 5.07
C LEU A 2099 -29.58 8.43 5.61
N HIS A 2100 -30.51 7.66 6.18
CA HIS A 2100 -31.76 8.21 6.67
C HIS A 2100 -32.25 7.38 7.84
N ALA A 2101 -33.14 7.97 8.63
CA ALA A 2101 -33.73 7.29 9.77
C ALA A 2101 -35.19 7.67 9.90
N ASP A 2102 -36.00 6.73 10.39
CA ASP A 2102 -37.41 6.98 10.66
C ASP A 2102 -37.77 6.27 11.96
N VAL A 2103 -38.84 6.73 12.59
CA VAL A 2103 -39.19 6.32 13.94
C VAL A 2103 -40.55 5.63 13.94
N ASP A 2104 -40.76 4.80 14.95
CA ASP A 2104 -42.03 4.11 15.20
C ASP A 2104 -42.33 4.33 16.68
N VAL A 2105 -43.11 5.38 16.96
CA VAL A 2105 -43.28 5.84 18.33
C VAL A 2105 -44.04 4.83 19.17
N ALA A 2106 -45.12 4.25 18.63
CA ALA A 2106 -45.95 3.35 19.43
C ALA A 2106 -45.21 2.09 19.80
N ASN A 2107 -44.60 1.42 18.82
CA ASN A 2107 -43.93 0.16 19.09
C ASN A 2107 -42.52 0.35 19.63
N GLY A 2108 -42.01 1.58 19.64
CA GLY A 2108 -40.69 1.85 20.18
C GLY A 2108 -39.57 1.28 19.36
N PHE A 2109 -39.46 1.71 18.10
CA PHE A 2109 -38.40 1.26 17.22
C PHE A 2109 -37.89 2.44 16.41
N ILE A 2110 -36.65 2.32 15.94
CA ILE A 2110 -36.03 3.32 15.07
C ILE A 2110 -35.48 2.59 13.85
N TYR A 2111 -35.98 2.97 12.68
CA TYR A 2111 -35.59 2.35 11.42
C TYR A 2111 -34.60 3.25 10.70
N TRP A 2112 -33.50 2.65 10.22
CA TRP A 2112 -32.49 3.37 9.47
C TRP A 2112 -31.98 2.47 8.35
N CYS A 2113 -31.45 3.11 7.31
CA CYS A 2113 -30.93 2.41 6.15
C CYS A 2113 -29.44 2.66 6.02
N ASP A 2114 -28.68 1.57 5.95
CA ASP A 2114 -27.24 1.65 5.76
C ASP A 2114 -26.90 1.69 4.28
N PHE A 2115 -25.71 2.19 3.97
CA PHE A 2115 -25.22 2.25 2.60
C PHE A 2115 -23.76 1.84 2.55
N SER A 2116 -23.38 1.22 1.44
CA SER A 2116 -21.98 0.89 1.19
C SER A 2116 -21.81 0.60 -0.30
N SER A 2117 -20.92 1.37 -0.95
CA SER A 2117 -20.72 1.21 -2.38
C SER A 2117 -19.91 -0.04 -2.71
N SER A 2118 -18.92 -0.37 -1.89
CA SER A 2118 -18.03 -1.49 -2.18
C SER A 2118 -18.50 -2.78 -1.52
N VAL A 2119 -18.60 -2.77 -0.20
CA VAL A 2119 -18.91 -4.00 0.55
C VAL A 2119 -20.42 -4.20 0.57
N ARG A 2120 -20.85 -5.38 0.13
CA ARG A 2120 -22.26 -5.72 0.23
C ARG A 2120 -22.58 -6.25 1.63
N SER A 2121 -23.88 -6.46 1.88
CA SER A 2121 -24.41 -6.87 3.16
C SER A 2121 -24.27 -5.75 4.19
N SER A 2122 -23.65 -4.65 3.79
CA SER A 2122 -23.68 -3.40 4.55
C SER A 2122 -24.74 -2.48 4.06
N ASN A 2123 -25.55 -3.01 3.15
CA ASN A 2123 -26.70 -2.31 2.58
C ASN A 2123 -27.97 -2.95 3.10
N GLY A 2124 -28.93 -2.12 3.46
CA GLY A 2124 -30.21 -2.62 3.91
C GLY A 2124 -30.84 -1.70 4.92
N ILE A 2125 -31.92 -2.17 5.52
CA ILE A 2125 -32.68 -1.44 6.53
C ILE A 2125 -32.65 -2.24 7.83
N ARG A 2126 -32.35 -1.56 8.93
CA ARG A 2126 -32.28 -2.17 10.24
C ARG A 2126 -33.25 -1.49 11.18
N ARG A 2127 -33.56 -2.17 12.28
CA ARG A 2127 -34.38 -1.62 13.35
C ARG A 2127 -33.69 -1.85 14.69
N ILE A 2128 -34.03 -0.99 15.66
CA ILE A 2128 -33.48 -1.08 17.01
C ILE A 2128 -34.38 -0.28 17.94
N LYS A 2129 -34.47 -0.74 19.18
CA LYS A 2129 -35.20 0.02 20.17
C LYS A 2129 -34.33 1.15 20.71
N PRO A 2130 -34.94 2.25 21.18
CA PRO A 2130 -34.14 3.38 21.68
C PRO A 2130 -33.24 3.03 22.84
N ASP A 2131 -33.53 1.96 23.58
CA ASP A 2131 -32.66 1.54 24.67
C ASP A 2131 -31.53 0.62 24.21
N GLY A 2132 -31.44 0.32 22.92
CA GLY A 2132 -30.34 -0.44 22.36
C GLY A 2132 -30.59 -1.92 22.20
N SER A 2133 -31.82 -2.38 22.36
CA SER A 2133 -32.10 -3.81 22.32
C SER A 2133 -32.90 -4.18 21.07
N ASN A 2134 -32.90 -5.48 20.77
CA ASN A 2134 -33.67 -6.06 19.67
C ASN A 2134 -33.26 -5.47 18.32
N PHE A 2135 -31.97 -5.54 18.03
CA PHE A 2135 -31.48 -5.18 16.71
C PHE A 2135 -31.87 -6.26 15.70
N THR A 2136 -32.31 -5.83 14.52
CA THR A 2136 -32.85 -6.77 13.55
C THR A 2136 -32.79 -6.15 12.16
N ASN A 2137 -32.38 -6.94 11.18
CA ASN A 2137 -32.41 -6.52 9.79
C ASN A 2137 -33.84 -6.60 9.26
N VAL A 2138 -34.31 -5.54 8.62
CA VAL A 2138 -35.66 -5.53 8.07
C VAL A 2138 -35.65 -5.85 6.58
N VAL A 2139 -34.83 -5.17 5.80
CA VAL A 2139 -34.69 -5.41 4.36
C VAL A 2139 -33.23 -5.68 4.07
N THR A 2140 -32.94 -6.83 3.46
CA THR A 2140 -31.57 -7.17 3.10
C THR A 2140 -31.47 -7.59 1.64
N TYR A 2141 -32.49 -8.28 1.15
CA TYR A 2141 -32.45 -8.85 -0.19
C TYR A 2141 -32.94 -7.85 -1.23
N GLY A 2142 -32.30 -7.88 -2.40
CA GLY A 2142 -32.75 -7.11 -3.53
C GLY A 2142 -32.42 -5.64 -3.50
N ILE A 2143 -31.40 -5.23 -2.75
CA ILE A 2143 -31.00 -3.83 -2.74
C ILE A 2143 -30.30 -3.48 -4.04
N GLY A 2144 -30.56 -2.26 -4.53
CA GLY A 2144 -29.97 -1.82 -5.78
C GLY A 2144 -28.50 -1.46 -5.64
N ALA A 2145 -27.90 -1.11 -6.77
CA ALA A 2145 -26.48 -0.75 -6.79
C ALA A 2145 -26.19 0.39 -5.83
N ASN A 2146 -27.00 1.44 -5.89
CA ASN A 2146 -27.04 2.43 -4.82
C ASN A 2146 -28.08 1.98 -3.80
N GLY A 2147 -27.75 2.15 -2.53
CA GLY A 2147 -28.54 1.55 -1.47
C GLY A 2147 -29.91 2.17 -1.33
N ILE A 2148 -30.57 1.79 -0.23
CA ILE A 2148 -31.87 2.36 0.09
C ILE A 2148 -31.69 3.85 0.33
N ARG A 2149 -32.25 4.67 -0.56
CA ARG A 2149 -31.99 6.10 -0.56
C ARG A 2149 -33.05 6.88 0.22
N GLY A 2150 -34.02 6.20 0.81
CA GLY A 2150 -35.05 6.87 1.58
C GLY A 2150 -35.94 5.87 2.30
N VAL A 2151 -36.44 6.23 3.47
CA VAL A 2151 -37.29 5.36 4.27
C VAL A 2151 -38.43 6.16 4.85
N ALA A 2152 -39.62 5.57 4.86
CA ALA A 2152 -40.80 6.20 5.44
C ALA A 2152 -41.69 5.11 6.00
N LEU A 2153 -42.19 5.31 7.22
CA LEU A 2153 -42.99 4.30 7.89
C LEU A 2153 -44.41 4.81 8.09
N ASP A 2154 -45.38 3.97 7.74
CA ASP A 2154 -46.80 4.28 7.92
C ASP A 2154 -47.21 3.73 9.28
N TRP A 2155 -47.36 4.62 10.26
CA TRP A 2155 -47.61 4.19 11.63
C TRP A 2155 -49.06 3.75 11.85
N ALA A 2156 -49.93 3.97 10.87
CA ALA A 2156 -51.33 3.54 11.00
C ALA A 2156 -51.53 2.15 10.43
N ALA A 2157 -51.21 1.96 9.15
CA ALA A 2157 -51.41 0.67 8.49
C ALA A 2157 -50.27 -0.31 8.74
N GLY A 2158 -49.15 0.14 9.31
CA GLY A 2158 -48.01 -0.72 9.50
C GLY A 2158 -47.19 -0.97 8.26
N ASN A 2159 -47.28 -0.10 7.26
CA ASN A 2159 -46.51 -0.24 6.03
C ASN A 2159 -45.21 0.54 6.12
N LEU A 2160 -44.16 0.00 5.49
CA LEU A 2160 -42.87 0.66 5.40
C LEU A 2160 -42.55 0.92 3.94
N TYR A 2161 -42.33 2.18 3.59
CA TYR A 2161 -42.00 2.59 2.24
C TYR A 2161 -40.52 2.93 2.13
N PHE A 2162 -39.89 2.45 1.06
CA PHE A 2162 -38.47 2.75 0.86
C PHE A 2162 -38.17 2.78 -0.63
N THR A 2163 -37.05 3.39 -0.97
CA THR A 2163 -36.64 3.62 -2.34
C THR A 2163 -35.39 2.80 -2.66
N ASN A 2164 -35.47 1.96 -3.68
CA ASN A 2164 -34.29 1.30 -4.22
C ASN A 2164 -33.74 2.13 -5.36
N ALA A 2165 -32.42 2.31 -5.37
CA ALA A 2165 -31.75 3.17 -6.34
C ALA A 2165 -30.78 2.33 -7.17
N PHE A 2166 -31.30 1.77 -8.26
CA PHE A 2166 -30.43 1.08 -9.19
C PHE A 2166 -29.67 2.09 -10.06
N VAL A 2167 -28.73 1.58 -10.86
CA VAL A 2167 -27.86 2.46 -11.62
C VAL A 2167 -28.66 3.27 -12.65
N TYR A 2168 -29.62 2.65 -13.34
CA TYR A 2168 -30.45 3.36 -14.30
C TYR A 2168 -31.94 3.23 -14.00
N GLU A 2169 -32.31 2.67 -12.85
CA GLU A 2169 -33.70 2.50 -12.48
C GLU A 2169 -33.87 2.89 -11.01
N THR A 2170 -35.11 3.15 -10.63
CA THR A 2170 -35.45 3.48 -9.25
C THR A 2170 -36.82 2.91 -8.92
N LEU A 2171 -36.89 2.14 -7.83
CA LEU A 2171 -38.13 1.52 -7.40
C LEU A 2171 -38.61 2.14 -6.10
N ILE A 2172 -39.94 2.23 -5.97
CA ILE A 2172 -40.58 2.55 -4.71
C ILE A 2172 -41.29 1.30 -4.22
N GLU A 2173 -40.99 0.89 -2.99
CA GLU A 2173 -41.41 -0.42 -2.49
C GLU A 2173 -42.17 -0.27 -1.18
N VAL A 2174 -42.92 -1.31 -0.84
CA VAL A 2174 -43.63 -1.39 0.44
C VAL A 2174 -43.24 -2.69 1.11
N LEU A 2175 -43.16 -2.67 2.43
CA LEU A 2175 -42.95 -3.86 3.23
C LEU A 2175 -43.82 -3.78 4.47
N ARG A 2176 -44.65 -4.81 4.68
CA ARG A 2176 -45.44 -4.89 5.89
C ARG A 2176 -44.57 -5.39 7.03
N ILE A 2177 -44.55 -4.64 8.14
CA ILE A 2177 -43.65 -4.97 9.24
C ILE A 2177 -44.06 -6.30 9.84
N ASN A 2178 -43.08 -7.06 10.32
CA ASN A 2178 -43.32 -8.36 10.96
C ASN A 2178 -43.99 -9.32 9.99
N THR A 2179 -43.62 -9.21 8.72
CA THR A 2179 -44.32 -9.90 7.65
C THR A 2179 -43.41 -9.92 6.42
N THR A 2180 -43.43 -11.05 5.69
CA THR A 2180 -42.54 -11.21 4.55
C THR A 2180 -43.08 -10.57 3.27
N TYR A 2181 -44.28 -10.02 3.29
CA TYR A 2181 -44.88 -9.47 2.07
C TYR A 2181 -44.17 -8.18 1.68
N ARG A 2182 -43.63 -8.14 0.46
CA ARG A 2182 -42.89 -7.00 -0.05
C ARG A 2182 -43.31 -6.77 -1.49
N ARG A 2183 -43.63 -5.51 -1.81
CA ARG A 2183 -44.21 -5.18 -3.10
C ARG A 2183 -43.52 -3.98 -3.71
N VAL A 2184 -43.45 -3.96 -5.04
CA VAL A 2184 -42.94 -2.80 -5.76
C VAL A 2184 -44.13 -1.98 -6.27
N LEU A 2185 -44.12 -0.68 -5.99
CA LEU A 2185 -45.21 0.18 -6.41
C LEU A 2185 -44.93 0.88 -7.73
N LEU A 2186 -43.72 1.39 -7.92
CA LEU A 2186 -43.39 2.22 -9.05
C LEU A 2186 -42.00 1.87 -9.57
N LYS A 2187 -41.85 1.86 -10.89
CA LYS A 2187 -40.55 1.71 -11.52
C LYS A 2187 -40.37 2.84 -12.52
N VAL A 2188 -39.35 3.66 -12.30
CA VAL A 2188 -39.11 4.85 -13.10
C VAL A 2188 -37.67 4.87 -13.57
N SER A 2189 -37.43 5.52 -14.69
CA SER A 2189 -36.10 5.62 -15.26
C SER A 2189 -35.62 7.05 -15.45
N VAL A 2190 -36.50 7.96 -15.87
CA VAL A 2190 -36.11 9.35 -16.05
C VAL A 2190 -36.32 10.14 -14.76
N ASP A 2191 -37.27 9.70 -13.94
CA ASP A 2191 -37.47 10.29 -12.63
C ASP A 2191 -36.79 9.44 -11.56
N MET A 2192 -36.23 10.09 -10.55
CA MET A 2192 -35.53 9.39 -9.48
C MET A 2192 -36.00 9.89 -8.11
N PRO A 2193 -37.06 9.30 -7.57
CA PRO A 2193 -37.45 9.62 -6.20
C PRO A 2193 -36.34 9.25 -5.23
N ARG A 2194 -36.09 10.13 -4.26
CA ARG A 2194 -34.99 9.88 -3.34
C ARG A 2194 -35.45 9.80 -1.88
N HIS A 2195 -36.14 10.83 -1.39
CA HIS A 2195 -36.57 10.85 0.00
C HIS A 2195 -38.08 10.82 0.08
N ILE A 2196 -38.63 9.84 0.80
CA ILE A 2196 -40.07 9.62 0.87
C ILE A 2196 -40.58 9.98 2.26
N ILE A 2197 -41.67 10.72 2.31
CA ILE A 2197 -42.43 10.94 3.54
C ILE A 2197 -43.87 10.51 3.28
N VAL A 2198 -44.45 9.83 4.27
CA VAL A 2198 -45.80 9.28 4.17
C VAL A 2198 -46.69 10.00 5.16
N ASP A 2199 -47.91 10.32 4.73
CA ASP A 2199 -48.89 10.99 5.59
C ASP A 2199 -50.15 10.16 5.68
N PRO A 2200 -50.29 9.31 6.70
CA PRO A 2200 -51.54 8.54 6.84
C PRO A 2200 -52.77 9.40 7.10
N LYS A 2201 -52.61 10.60 7.65
CA LYS A 2201 -53.77 11.43 7.98
C LYS A 2201 -54.51 11.86 6.71
N HIS A 2202 -53.77 12.33 5.71
CA HIS A 2202 -54.36 12.67 4.42
C HIS A 2202 -54.18 11.58 3.38
N ARG A 2203 -53.50 10.49 3.73
CA ARG A 2203 -53.32 9.34 2.83
C ARG A 2203 -52.63 9.74 1.53
N TYR A 2204 -51.39 10.23 1.64
CA TYR A 2204 -50.60 10.67 0.50
C TYR A 2204 -49.15 10.25 0.68
N LEU A 2205 -48.43 10.16 -0.44
CA LEU A 2205 -46.99 9.99 -0.45
C LEU A 2205 -46.34 11.18 -1.14
N PHE A 2206 -45.34 11.76 -0.48
CA PHE A 2206 -44.54 12.82 -1.07
C PHE A 2206 -43.09 12.38 -1.12
N TRP A 2207 -42.47 12.51 -2.29
CA TRP A 2207 -41.06 12.20 -2.45
C TRP A 2207 -40.37 13.33 -3.20
N ALA A 2208 -39.08 13.48 -2.95
CA ALA A 2208 -38.28 14.50 -3.59
C ALA A 2208 -37.37 13.89 -4.66
N ASP A 2209 -37.21 14.62 -5.76
CA ASP A 2209 -36.42 14.17 -6.89
C ASP A 2209 -35.36 15.23 -7.19
N TYR A 2210 -34.09 14.81 -7.21
CA TYR A 2210 -33.01 15.74 -7.52
C TYR A 2210 -32.19 15.33 -8.75
N GLY A 2211 -32.74 14.48 -9.61
CA GLY A 2211 -32.08 14.19 -10.87
C GLY A 2211 -32.44 15.23 -11.90
N GLN A 2212 -32.42 14.87 -13.18
CA GLN A 2212 -32.93 15.76 -14.20
C GLN A 2212 -34.40 16.02 -13.95
N LYS A 2213 -34.84 17.26 -14.21
CA LYS A 2213 -36.18 17.72 -13.86
C LYS A 2213 -36.43 17.56 -12.36
N PRO A 2214 -35.73 18.31 -11.51
CA PRO A 2214 -36.02 18.21 -10.07
C PRO A 2214 -37.43 18.68 -9.75
N LYS A 2215 -38.07 18.02 -8.81
CA LYS A 2215 -39.45 18.33 -8.45
C LYS A 2215 -39.80 17.59 -7.16
N ILE A 2216 -40.96 17.93 -6.62
CA ILE A 2216 -41.56 17.21 -5.51
C ILE A 2216 -42.90 16.65 -5.99
N GLU A 2217 -43.07 15.34 -5.91
CA GLU A 2217 -44.26 14.68 -6.40
C GLU A 2217 -45.13 14.21 -5.24
N ARG A 2218 -46.42 14.09 -5.51
CA ARG A 2218 -47.40 13.61 -4.55
C ARG A 2218 -48.29 12.58 -5.23
N SER A 2219 -48.63 11.52 -4.49
CA SER A 2219 -49.46 10.47 -5.02
C SER A 2219 -50.16 9.76 -3.87
N PHE A 2220 -51.03 8.82 -4.23
CA PHE A 2220 -51.76 8.05 -3.22
C PHE A 2220 -50.80 7.12 -2.50
N LEU A 2221 -51.34 6.36 -1.54
CA LEU A 2221 -50.52 5.47 -0.74
C LEU A 2221 -50.08 4.24 -1.53
N ASP A 2222 -50.43 4.19 -2.82
CA ASP A 2222 -49.92 3.14 -3.70
C ASP A 2222 -49.28 3.71 -4.96
N CYS A 2223 -48.84 4.96 -4.94
CA CYS A 2223 -48.20 5.62 -6.07
C CYS A 2223 -49.02 5.58 -7.35
N THR A 2224 -50.34 5.73 -7.25
CA THR A 2224 -51.19 5.55 -8.42
C THR A 2224 -51.57 6.86 -9.11
N ASN A 2225 -51.68 7.96 -8.40
CA ASN A 2225 -52.46 9.08 -8.92
C ASN A 2225 -51.55 10.32 -8.91
N ARG A 2226 -50.34 10.13 -9.43
CA ARG A 2226 -49.25 11.08 -9.21
C ARG A 2226 -49.58 12.46 -9.72
N THR A 2227 -49.22 13.47 -8.92
CA THR A 2227 -49.24 14.87 -9.33
C THR A 2227 -47.98 15.52 -8.81
N VAL A 2228 -47.63 16.67 -9.36
CA VAL A 2228 -46.42 17.38 -8.99
C VAL A 2228 -46.80 18.63 -8.21
N LEU A 2229 -46.23 18.79 -7.02
CA LEU A 2229 -46.48 19.97 -6.22
C LEU A 2229 -45.69 21.16 -6.73
N VAL A 2230 -44.37 21.06 -6.73
CA VAL A 2230 -43.49 22.13 -7.19
C VAL A 2230 -42.48 21.55 -8.17
N SER A 2231 -42.33 22.22 -9.32
CA SER A 2231 -41.36 21.78 -10.32
C SER A 2231 -40.54 22.95 -10.86
N GLU A 2232 -40.72 24.15 -10.34
CA GLU A 2232 -39.98 25.33 -10.78
C GLU A 2232 -39.24 25.93 -9.60
N GLY A 2233 -38.06 26.48 -9.87
CA GLY A 2233 -37.26 27.06 -8.81
C GLY A 2233 -36.85 26.06 -7.74
N ILE A 2234 -36.59 24.82 -8.14
CA ILE A 2234 -36.15 23.78 -7.22
C ILE A 2234 -34.99 23.02 -7.85
N VAL A 2235 -33.87 22.97 -7.15
CA VAL A 2235 -32.71 22.20 -7.57
C VAL A 2235 -32.17 21.43 -6.38
N THR A 2236 -32.07 20.11 -6.53
CA THR A 2236 -31.64 19.21 -5.45
C THR A 2236 -32.44 19.40 -4.16
N PRO A 2237 -33.71 19.00 -4.13
CA PRO A 2237 -34.43 18.96 -2.86
C PRO A 2237 -33.93 17.81 -2.00
N ARG A 2238 -33.15 18.13 -0.97
CA ARG A 2238 -32.43 17.09 -0.25
C ARG A 2238 -33.28 16.39 0.79
N GLY A 2239 -34.26 17.08 1.37
CA GLY A 2239 -35.06 16.48 2.41
C GLY A 2239 -36.48 17.00 2.38
N LEU A 2240 -37.36 16.26 3.04
CA LEU A 2240 -38.78 16.60 3.13
C LEU A 2240 -39.26 16.46 4.57
N ALA A 2241 -40.29 17.24 4.90
CA ALA A 2241 -40.88 17.19 6.24
C ALA A 2241 -42.34 17.59 6.13
N MET A 2242 -43.16 16.98 6.97
CA MET A 2242 -44.60 17.19 6.95
C MET A 2242 -45.08 17.71 8.30
N ASP A 2243 -45.94 18.73 8.26
CA ASP A 2243 -46.63 19.23 9.45
C ASP A 2243 -48.06 18.71 9.40
N HIS A 2244 -48.38 17.80 10.31
CA HIS A 2244 -49.71 17.18 10.30
C HIS A 2244 -50.81 18.14 10.74
N ASP A 2245 -50.46 19.23 11.41
CA ASP A 2245 -51.48 20.16 11.90
C ASP A 2245 -51.94 21.11 10.81
N THR A 2246 -51.03 21.93 10.28
CA THR A 2246 -51.39 22.94 9.31
C THR A 2246 -51.43 22.44 7.88
N GLY A 2247 -50.93 21.22 7.63
CA GLY A 2247 -51.00 20.65 6.30
C GLY A 2247 -50.02 21.21 5.30
N TYR A 2248 -48.85 21.65 5.75
CA TYR A 2248 -47.80 22.09 4.84
C TYR A 2248 -46.68 21.05 4.79
N ILE A 2249 -45.94 21.04 3.70
CA ILE A 2249 -44.77 20.19 3.55
C ILE A 2249 -43.55 21.09 3.38
N TYR A 2250 -42.46 20.72 4.03
CA TYR A 2250 -41.24 21.51 4.06
C TYR A 2250 -40.11 20.78 3.37
N TRP A 2251 -39.31 21.51 2.60
CA TRP A 2251 -38.18 20.94 1.89
C TRP A 2251 -37.02 21.91 1.94
N VAL A 2252 -35.82 21.38 1.64
CA VAL A 2252 -34.58 22.15 1.69
C VAL A 2252 -33.83 21.94 0.38
N ASP A 2253 -33.33 23.04 -0.19
CA ASP A 2253 -32.54 23.01 -1.42
C ASP A 2253 -31.13 23.50 -1.08
N ASP A 2254 -30.20 22.55 -0.93
CA ASP A 2254 -28.83 22.91 -0.63
C ASP A 2254 -28.13 23.55 -1.82
N SER A 2255 -28.61 23.29 -3.04
CA SER A 2255 -28.03 23.93 -4.21
C SER A 2255 -28.57 25.32 -4.46
N LEU A 2256 -29.68 25.68 -3.80
CA LEU A 2256 -30.23 27.02 -3.89
C LEU A 2256 -30.13 27.79 -2.58
N ASP A 2257 -29.71 27.14 -1.50
CA ASP A 2257 -29.52 27.77 -0.20
C ASP A 2257 -30.82 28.40 0.31
N LEU A 2258 -31.85 27.56 0.43
CA LEU A 2258 -33.13 28.03 0.92
C LEU A 2258 -33.92 26.88 1.53
N ILE A 2259 -34.87 27.26 2.37
CA ILE A 2259 -35.92 26.37 2.86
C ILE A 2259 -37.26 26.95 2.42
N ALA A 2260 -38.22 26.08 2.15
CA ALA A 2260 -39.50 26.54 1.65
C ALA A 2260 -40.58 25.54 2.02
N ARG A 2261 -41.83 25.97 1.86
CA ARG A 2261 -42.99 25.15 2.18
C ARG A 2261 -44.07 25.36 1.14
N ILE A 2262 -44.91 24.35 0.98
CA ILE A 2262 -46.04 24.42 0.06
C ILE A 2262 -47.14 23.52 0.60
N HIS A 2263 -48.38 23.91 0.35
CA HIS A 2263 -49.52 23.18 0.89
C HIS A 2263 -49.71 21.86 0.15
N LEU A 2264 -50.48 20.96 0.77
CA LEU A 2264 -50.79 19.68 0.15
C LEU A 2264 -51.52 19.86 -1.17
N ASP A 2265 -52.40 20.85 -1.24
CA ASP A 2265 -53.24 21.08 -2.40
C ASP A 2265 -52.48 21.70 -3.57
N GLY A 2266 -51.20 22.00 -3.40
CA GLY A 2266 -50.42 22.57 -4.48
C GLY A 2266 -50.67 24.03 -4.74
N GLY A 2267 -50.42 24.89 -3.76
CA GLY A 2267 -50.59 26.31 -3.95
C GLY A 2267 -49.35 26.98 -4.50
N GLU A 2268 -48.82 27.96 -3.78
CA GLU A 2268 -47.60 28.65 -4.17
C GLU A 2268 -46.54 28.44 -3.10
N SER A 2269 -45.30 28.25 -3.54
CA SER A 2269 -44.20 28.00 -2.61
C SER A 2269 -43.90 29.26 -1.81
N GLN A 2270 -43.81 29.11 -0.49
CA GLN A 2270 -43.47 30.22 0.40
C GLN A 2270 -42.05 30.03 0.90
N VAL A 2271 -41.27 31.11 0.86
CA VAL A 2271 -39.85 31.04 1.21
C VAL A 2271 -39.69 31.17 2.72
N VAL A 2272 -38.96 30.24 3.32
CA VAL A 2272 -38.65 30.26 4.74
C VAL A 2272 -37.14 30.28 4.89
N ARG A 2273 -36.60 31.38 5.42
CA ARG A 2273 -35.18 31.50 5.74
C ARG A 2273 -34.31 31.28 4.50
N TYR A 2274 -34.44 32.20 3.54
CA TYR A 2274 -33.51 32.25 2.42
C TYR A 2274 -32.27 33.05 2.79
N GLY A 2275 -31.15 32.67 2.21
CA GLY A 2275 -29.92 33.40 2.41
C GLY A 2275 -28.71 32.53 2.15
N SER A 2276 -27.54 33.17 2.15
CA SER A 2276 -26.29 32.45 2.01
C SER A 2276 -25.82 31.86 3.34
N ARG A 2277 -26.48 32.23 4.45
CA ARG A 2277 -26.15 31.68 5.76
C ARG A 2277 -26.65 30.26 5.95
N TYR A 2278 -27.23 29.66 4.92
CA TYR A 2278 -27.76 28.30 4.96
C TYR A 2278 -27.15 27.52 3.80
N PRO A 2279 -25.85 27.20 3.88
CA PRO A 2279 -25.17 26.64 2.70
C PRO A 2279 -25.68 25.26 2.32
N THR A 2280 -25.74 24.33 3.27
CA THR A 2280 -26.13 22.97 2.92
C THR A 2280 -27.18 22.42 3.87
N PRO A 2281 -28.41 22.90 3.82
CA PRO A 2281 -29.49 22.25 4.60
C PRO A 2281 -29.79 20.88 4.02
N TYR A 2282 -29.47 19.84 4.79
CA TYR A 2282 -29.53 18.47 4.31
C TYR A 2282 -30.80 17.73 4.69
N GLY A 2283 -31.36 18.01 5.86
CA GLY A 2283 -32.58 17.36 6.28
C GLY A 2283 -33.37 18.26 7.21
N ILE A 2284 -34.69 18.12 7.22
CA ILE A 2284 -35.55 19.03 7.96
C ILE A 2284 -36.67 18.23 8.63
N THR A 2285 -37.12 18.74 9.78
CA THR A 2285 -38.28 18.20 10.47
C THR A 2285 -39.03 19.35 11.12
N VAL A 2286 -40.32 19.14 11.36
CA VAL A 2286 -41.19 20.15 11.96
C VAL A 2286 -41.77 19.60 13.26
N PHE A 2287 -41.60 20.36 14.34
CA PHE A 2287 -42.14 20.01 15.64
C PHE A 2287 -42.80 21.24 16.25
N GLY A 2288 -44.11 21.19 16.42
CA GLY A 2288 -44.83 22.32 16.98
C GLY A 2288 -44.74 23.56 16.12
N GLU A 2289 -44.27 24.66 16.69
CA GLU A 2289 -44.16 25.93 15.99
C GLU A 2289 -42.78 26.17 15.39
N SER A 2290 -41.87 25.20 15.46
CA SER A 2290 -40.49 25.40 15.04
C SER A 2290 -40.08 24.32 14.07
N ILE A 2291 -39.19 24.67 13.14
CA ILE A 2291 -38.58 23.72 12.24
C ILE A 2291 -37.17 23.43 12.75
N ILE A 2292 -36.77 22.16 12.68
CA ILE A 2292 -35.45 21.72 13.10
C ILE A 2292 -34.77 21.09 11.89
N TRP A 2293 -33.57 21.57 11.56
CA TRP A 2293 -32.87 21.08 10.39
C TRP A 2293 -31.39 20.97 10.71
N VAL A 2294 -30.68 20.23 9.86
CA VAL A 2294 -29.25 19.98 10.02
C VAL A 2294 -28.51 20.58 8.83
N ASP A 2295 -27.34 21.13 9.10
CA ASP A 2295 -26.51 21.77 8.07
C ASP A 2295 -25.16 21.06 8.06
N ARG A 2296 -24.80 20.48 6.91
CA ARG A 2296 -23.56 19.73 6.83
C ARG A 2296 -22.34 20.63 6.91
N ASN A 2297 -22.34 21.73 6.14
CA ASN A 2297 -21.17 22.59 6.08
C ASN A 2297 -20.87 23.22 7.43
N LEU A 2298 -21.90 23.67 8.14
CA LEU A 2298 -21.71 24.31 9.43
C LEU A 2298 -21.59 23.32 10.57
N LYS A 2299 -21.84 22.03 10.31
CA LYS A 2299 -21.75 20.97 11.32
C LYS A 2299 -22.66 21.26 12.51
N LYS A 2300 -23.84 21.82 12.27
CA LYS A 2300 -24.72 22.28 13.32
C LYS A 2300 -26.13 21.76 13.11
N VAL A 2301 -26.88 21.67 14.20
CA VAL A 2301 -28.31 21.37 14.17
C VAL A 2301 -29.04 22.61 14.65
N PHE A 2302 -29.89 23.16 13.79
CA PHE A 2302 -30.54 24.44 14.04
C PHE A 2302 -32.01 24.24 14.37
N GLN A 2303 -32.56 25.18 15.14
CA GLN A 2303 -33.99 25.26 15.40
C GLN A 2303 -34.44 26.69 15.20
N ALA A 2304 -35.52 26.86 14.44
CA ALA A 2304 -36.04 28.19 14.13
C ALA A 2304 -37.53 28.10 13.88
N SER A 2305 -38.20 29.25 13.92
CA SER A 2305 -39.64 29.28 13.75
C SER A 2305 -40.03 28.81 12.35
N LYS A 2306 -41.16 28.10 12.27
CA LYS A 2306 -41.64 27.57 11.01
C LYS A 2306 -42.29 28.63 10.13
N GLN A 2307 -42.67 29.77 10.69
CA GLN A 2307 -43.43 30.76 9.94
C GLN A 2307 -42.51 31.51 8.97
N PRO A 2308 -42.92 31.67 7.71
CA PRO A 2308 -42.10 32.45 6.78
C PRO A 2308 -42.06 33.92 7.18
N GLY A 2309 -40.94 34.56 6.87
CA GLY A 2309 -40.76 35.97 7.19
C GLY A 2309 -40.20 36.25 8.56
N ASN A 2310 -40.03 35.24 9.40
CA ASN A 2310 -39.41 35.45 10.70
C ASN A 2310 -37.93 35.73 10.52
N THR A 2311 -37.40 36.66 11.32
CA THR A 2311 -36.02 37.11 11.17
C THR A 2311 -35.17 36.86 12.42
N ASP A 2312 -35.70 36.15 13.42
CA ASP A 2312 -34.89 35.82 14.58
C ASP A 2312 -33.81 34.80 14.18
N PRO A 2313 -32.60 34.93 14.73
CA PRO A 2313 -31.56 33.98 14.40
C PRO A 2313 -31.87 32.60 14.95
N PRO A 2314 -31.55 31.53 14.21
CA PRO A 2314 -31.84 30.18 14.71
C PRO A 2314 -30.97 29.84 15.91
N VAL A 2315 -31.50 28.98 16.78
CA VAL A 2315 -30.74 28.50 17.92
C VAL A 2315 -30.03 27.20 17.54
N VAL A 2316 -28.95 26.90 18.22
CA VAL A 2316 -28.11 25.75 17.92
C VAL A 2316 -28.38 24.69 19.00
N ILE A 2317 -29.03 23.60 18.60
CA ILE A 2317 -29.27 22.50 19.54
C ILE A 2317 -27.97 21.79 19.87
N ARG A 2318 -27.17 21.48 18.85
CA ARG A 2318 -25.90 20.80 19.03
C ARG A 2318 -24.96 21.31 17.95
N ASP A 2319 -23.67 21.32 18.24
CA ASP A 2319 -22.70 21.96 17.38
C ASP A 2319 -21.51 21.03 17.16
N LYS A 2320 -20.87 21.21 16.00
CA LYS A 2320 -19.64 20.51 15.65
C LYS A 2320 -19.86 19.00 15.53
N ILE A 2321 -20.86 18.62 14.72
CA ILE A 2321 -21.15 17.22 14.43
C ILE A 2321 -20.82 16.96 12.98
N ASN A 2322 -20.03 15.93 12.72
CA ASN A 2322 -19.53 15.68 11.38
C ASN A 2322 -20.49 14.83 10.57
N LEU A 2323 -20.69 15.23 9.30
CA LEU A 2323 -21.42 14.44 8.32
C LEU A 2323 -22.88 14.23 8.72
N LEU A 2324 -23.58 15.33 9.00
CA LEU A 2324 -25.01 15.24 9.30
C LEU A 2324 -25.78 14.87 8.04
N ARG A 2325 -26.85 14.09 8.22
CA ARG A 2325 -27.62 13.63 7.06
C ARG A 2325 -29.12 13.91 7.19
N ASP A 2326 -29.69 13.75 8.38
CA ASP A 2326 -31.15 13.81 8.51
C ASP A 2326 -31.51 14.08 9.96
N VAL A 2327 -32.77 14.47 10.16
CA VAL A 2327 -33.33 14.74 11.49
C VAL A 2327 -34.82 14.45 11.46
N THR A 2328 -35.32 13.79 12.51
CA THR A 2328 -36.74 13.49 12.66
C THR A 2328 -37.13 13.72 14.11
N ILE A 2329 -38.41 13.49 14.41
CA ILE A 2329 -38.99 13.67 15.73
C ILE A 2329 -39.57 12.35 16.22
N PHE A 2330 -39.19 11.96 17.43
CA PHE A 2330 -39.73 10.77 18.08
C PHE A 2330 -40.69 11.24 19.17
N ASP A 2331 -41.96 11.36 18.84
CA ASP A 2331 -42.95 11.86 19.78
C ASP A 2331 -44.32 11.31 19.41
N GLU A 2332 -45.17 11.13 20.43
CA GLU A 2332 -46.54 10.69 20.18
C GLU A 2332 -47.32 11.71 19.38
N HIS A 2333 -47.13 13.00 19.67
CA HIS A 2333 -47.83 14.05 18.93
C HIS A 2333 -47.45 14.05 17.45
N ALA A 2334 -46.28 13.54 17.10
CA ALA A 2334 -45.88 13.42 15.71
C ALA A 2334 -46.48 12.20 15.02
N GLN A 2335 -47.01 11.25 15.78
CA GLN A 2335 -47.64 10.05 15.22
C GLN A 2335 -48.94 9.78 15.97
N PRO A 2336 -50.00 10.53 15.65
CA PRO A 2336 -51.29 10.26 16.27
C PRO A 2336 -51.83 8.89 15.86
N LEU A 2337 -52.63 8.30 16.76
CA LEU A 2337 -53.14 6.96 16.52
C LEU A 2337 -54.65 6.82 16.67
N SER A 2338 -55.33 7.74 17.35
CA SER A 2338 -56.77 7.62 17.49
C SER A 2338 -57.45 7.89 16.14
N PRO A 2339 -58.58 7.23 15.87
CA PRO A 2339 -59.26 7.44 14.58
C PRO A 2339 -59.70 8.88 14.36
N ALA A 2340 -60.00 9.63 15.42
CA ALA A 2340 -60.39 11.02 15.26
C ALA A 2340 -59.23 11.85 14.70
N GLU A 2341 -58.01 11.62 15.19
CA GLU A 2341 -56.87 12.39 14.71
C GLU A 2341 -56.42 11.96 13.33
N LEU A 2342 -56.70 10.72 12.94
CA LEU A 2342 -56.31 10.20 11.63
C LEU A 2342 -57.44 10.27 10.60
N ASN A 2343 -58.44 11.11 10.84
CA ASN A 2343 -59.57 11.31 9.92
C ASN A 2343 -60.25 9.97 9.59
N ASN A 2344 -60.50 9.17 10.64
CA ASN A 2344 -61.15 7.87 10.50
C ASN A 2344 -60.43 6.98 9.50
N ASN A 2345 -59.12 6.93 9.58
CA ASN A 2345 -58.32 6.18 8.61
C ASN A 2345 -58.65 4.70 8.69
N PRO A 2346 -58.93 4.04 7.57
CA PRO A 2346 -59.00 2.58 7.57
C PRO A 2346 -57.63 1.95 7.79
N CYS A 2347 -57.57 0.62 7.83
CA CYS A 2347 -56.34 -0.13 8.06
C CYS A 2347 -55.82 0.07 9.47
N LEU A 2348 -56.48 0.94 10.24
CA LEU A 2348 -56.07 1.18 11.62
C LEU A 2348 -56.61 0.09 12.53
N GLN A 2349 -57.80 -0.43 12.23
CA GLN A 2349 -58.46 -1.36 13.14
C GLN A 2349 -57.85 -2.75 13.07
N SER A 2350 -58.02 -3.42 11.92
CA SER A 2350 -57.52 -4.77 11.74
C SER A 2350 -56.91 -4.89 10.34
N ASN A 2351 -56.12 -3.89 9.97
CA ASN A 2351 -55.52 -3.80 8.63
C ASN A 2351 -56.59 -3.71 7.55
N GLY A 2352 -57.78 -3.22 7.91
CA GLY A 2352 -58.87 -3.09 6.96
C GLY A 2352 -59.38 -4.40 6.42
N GLY A 2353 -59.02 -5.51 7.04
CA GLY A 2353 -59.41 -6.82 6.56
C GLY A 2353 -58.62 -7.33 5.37
N CYS A 2354 -57.71 -6.52 4.82
CA CYS A 2354 -56.92 -6.95 3.68
C CYS A 2354 -55.90 -7.98 4.11
N SER A 2355 -55.76 -9.03 3.29
CA SER A 2355 -54.85 -10.12 3.64
C SER A 2355 -53.38 -9.70 3.54
N HIS A 2356 -53.01 -9.05 2.45
CA HIS A 2356 -51.60 -8.73 2.23
C HIS A 2356 -51.27 -7.27 2.55
N PHE A 2357 -51.93 -6.34 1.87
CA PHE A 2357 -51.63 -4.92 1.99
C PHE A 2357 -52.91 -4.11 2.05
N CYS A 2358 -52.91 -3.08 2.89
CA CYS A 2358 -54.01 -2.15 3.02
C CYS A 2358 -53.56 -0.77 2.58
N PHE A 2359 -54.26 -0.20 1.59
CA PHE A 2359 -53.93 1.11 1.04
C PHE A 2359 -55.15 2.01 1.18
N ALA A 2360 -55.05 2.99 2.08
CA ALA A 2360 -56.13 3.95 2.24
C ALA A 2360 -56.12 4.97 1.11
N LEU A 2361 -57.30 5.51 0.81
CA LEU A 2361 -57.45 6.50 -0.25
C LEU A 2361 -58.10 7.77 0.29
N PRO A 2362 -57.77 8.92 -0.29
CA PRO A 2362 -58.14 10.20 0.35
C PRO A 2362 -59.62 10.37 0.69
N GLU A 2363 -60.49 10.25 -0.30
CA GLU A 2363 -61.92 10.48 -0.10
C GLU A 2363 -62.73 9.19 -0.04
N LEU A 2364 -62.08 8.07 0.25
CA LEU A 2364 -62.88 6.85 0.29
C LEU A 2364 -62.93 6.28 1.71
N PRO A 2365 -64.11 5.86 2.18
CA PRO A 2365 -64.18 5.12 3.44
C PRO A 2365 -63.77 3.67 3.31
N THR A 2366 -63.54 3.18 2.10
CA THR A 2366 -63.17 1.80 1.84
C THR A 2366 -61.72 1.72 1.40
N PRO A 2367 -60.91 0.88 2.03
CA PRO A 2367 -59.51 0.79 1.64
C PRO A 2367 -59.32 -0.12 0.42
N ARG A 2368 -58.39 0.28 -0.45
CA ARG A 2368 -58.04 -0.54 -1.60
C ARG A 2368 -56.98 -1.55 -1.18
N CYS A 2369 -57.38 -2.81 -1.03
CA CYS A 2369 -56.45 -3.84 -0.59
C CYS A 2369 -55.41 -4.11 -1.65
N GLY A 2370 -54.15 -4.25 -1.21
CA GLY A 2370 -53.06 -4.60 -2.08
C GLY A 2370 -52.88 -6.10 -2.16
N CYS A 2371 -51.85 -6.50 -2.90
CA CYS A 2371 -51.59 -7.91 -3.12
C CYS A 2371 -50.11 -8.09 -3.46
N ALA A 2372 -49.35 -8.68 -2.55
CA ALA A 2372 -47.92 -8.88 -2.79
C ALA A 2372 -47.67 -9.92 -3.87
N PHE A 2373 -48.44 -11.00 -3.88
CA PHE A 2373 -48.30 -12.03 -4.89
C PHE A 2373 -49.67 -12.58 -5.24
N GLY A 2374 -49.78 -13.14 -6.43
CA GLY A 2374 -51.08 -13.61 -6.89
C GLY A 2374 -51.96 -12.44 -7.31
N THR A 2375 -53.27 -12.67 -7.24
CA THR A 2375 -54.24 -11.67 -7.65
C THR A 2375 -55.36 -11.59 -6.61
N LEU A 2376 -56.01 -10.43 -6.58
CA LEU A 2376 -57.14 -10.23 -5.68
C LEU A 2376 -58.31 -11.11 -6.07
N GLY A 2377 -59.03 -11.62 -5.08
CA GLY A 2377 -60.25 -12.33 -5.32
C GLY A 2377 -61.40 -11.38 -5.62
N ASN A 2378 -62.56 -11.98 -5.92
CA ASN A 2378 -63.76 -11.18 -6.15
C ASN A 2378 -64.17 -10.42 -4.90
N ASP A 2379 -63.85 -10.96 -3.72
CA ASP A 2379 -64.15 -10.26 -2.47
C ASP A 2379 -63.37 -8.97 -2.34
N GLY A 2380 -62.18 -8.90 -2.93
CA GLY A 2380 -61.34 -7.74 -2.81
C GLY A 2380 -60.53 -7.67 -1.54
N LYS A 2381 -60.63 -8.68 -0.67
CA LYS A 2381 -59.90 -8.70 0.59
C LYS A 2381 -58.85 -9.81 0.64
N SER A 2382 -58.86 -10.73 -0.32
CA SER A 2382 -58.00 -11.90 -0.25
C SER A 2382 -57.23 -12.04 -1.55
N CYS A 2383 -56.14 -12.80 -1.49
CA CYS A 2383 -55.28 -13.04 -2.64
C CYS A 2383 -55.11 -14.54 -2.86
N ALA A 2384 -55.08 -14.93 -4.13
CA ALA A 2384 -54.87 -16.32 -4.51
C ALA A 2384 -53.99 -16.35 -5.75
N THR A 2385 -53.67 -17.55 -6.22
CA THR A 2385 -52.79 -17.71 -7.37
C THR A 2385 -53.38 -17.00 -8.58
N SER A 2386 -52.50 -16.57 -9.49
CA SER A 2386 -52.90 -15.69 -10.58
C SER A 2386 -53.96 -16.29 -11.47
N GLN A 2387 -53.89 -17.59 -11.77
CA GLN A 2387 -54.83 -18.24 -12.69
C GLN A 2387 -54.85 -17.52 -14.03
N GLU A 2388 -53.67 -17.19 -14.53
CA GLU A 2388 -53.51 -16.45 -15.78
C GLU A 2388 -52.22 -16.90 -16.42
N ASP A 2389 -51.93 -16.35 -17.60
CA ASP A 2389 -50.67 -16.63 -18.27
C ASP A 2389 -49.60 -15.66 -17.81
N PHE A 2390 -48.40 -16.18 -17.58
CA PHE A 2390 -47.29 -15.37 -17.11
C PHE A 2390 -45.98 -16.09 -17.43
N LEU A 2391 -44.88 -15.53 -16.94
CA LEU A 2391 -43.56 -16.10 -17.12
C LEU A 2391 -43.07 -16.75 -15.84
N ILE A 2392 -42.25 -17.79 -15.98
CA ILE A 2392 -41.57 -18.42 -14.87
C ILE A 2392 -40.10 -18.58 -15.23
N TYR A 2393 -39.24 -18.26 -14.27
CA TYR A 2393 -37.80 -18.40 -14.47
C TYR A 2393 -37.18 -18.87 -13.17
N SER A 2394 -35.97 -19.41 -13.29
CA SER A 2394 -35.23 -19.94 -12.15
C SER A 2394 -34.09 -18.99 -11.82
N LEU A 2395 -33.99 -18.60 -10.55
CA LEU A 2395 -32.97 -17.67 -10.09
C LEU A 2395 -32.24 -18.33 -8.92
N ASN A 2396 -31.04 -18.84 -9.19
CA ASN A 2396 -30.23 -19.57 -8.21
C ASN A 2396 -31.01 -20.72 -7.58
N ASN A 2397 -31.27 -20.61 -6.27
CA ASN A 2397 -31.86 -21.71 -5.52
C ASN A 2397 -33.37 -21.58 -5.39
N SER A 2398 -34.01 -20.96 -6.36
CA SER A 2398 -35.44 -20.73 -6.25
C SER A 2398 -36.04 -20.53 -7.65
N LEU A 2399 -37.36 -20.67 -7.71
CA LEU A 2399 -38.14 -20.37 -8.91
C LEU A 2399 -38.95 -19.11 -8.68
N ARG A 2400 -39.00 -18.25 -9.69
CA ARG A 2400 -39.68 -16.97 -9.57
C ARG A 2400 -40.60 -16.76 -10.75
N SER A 2401 -41.58 -15.87 -10.56
CA SER A 2401 -42.61 -15.63 -11.56
C SER A 2401 -42.63 -14.16 -11.93
N LEU A 2402 -43.27 -13.87 -13.06
CA LEU A 2402 -43.29 -12.51 -13.61
C LEU A 2402 -44.39 -12.41 -14.65
N HIS A 2403 -45.19 -11.35 -14.59
CA HIS A 2403 -46.23 -11.14 -15.57
C HIS A 2403 -45.65 -10.65 -16.89
N PHE A 2404 -46.46 -10.75 -17.95
CA PHE A 2404 -46.03 -10.24 -19.25
C PHE A 2404 -46.05 -8.73 -19.31
N ASP A 2405 -47.02 -8.11 -18.67
CA ASP A 2405 -47.18 -6.66 -18.73
C ASP A 2405 -46.04 -5.98 -18.01
N PRO A 2406 -45.26 -5.12 -18.66
CA PRO A 2406 -44.15 -4.44 -17.98
C PRO A 2406 -44.60 -3.53 -16.84
N ARG A 2407 -45.84 -3.04 -16.87
CA ARG A 2407 -46.33 -2.10 -15.88
C ARG A 2407 -47.04 -2.77 -14.71
N ASP A 2408 -47.10 -4.10 -14.69
CA ASP A 2408 -47.71 -4.84 -13.59
C ASP A 2408 -46.58 -5.40 -12.72
N HIS A 2409 -46.45 -4.86 -11.51
CA HIS A 2409 -45.36 -5.21 -10.62
C HIS A 2409 -45.73 -6.27 -9.61
N SER A 2410 -46.94 -6.80 -9.65
CA SER A 2410 -47.32 -7.88 -8.76
C SER A 2410 -46.75 -9.21 -9.27
N LEU A 2411 -46.71 -10.18 -8.37
CA LEU A 2411 -46.15 -11.48 -8.73
C LEU A 2411 -47.27 -12.51 -8.88
N PRO A 2412 -47.26 -13.29 -9.98
CA PRO A 2412 -48.28 -14.34 -10.11
C PRO A 2412 -48.26 -15.36 -9.00
N PHE A 2413 -47.09 -15.73 -8.49
CA PHE A 2413 -46.99 -16.55 -7.29
C PHE A 2413 -45.70 -16.21 -6.58
N GLN A 2414 -45.69 -16.45 -5.26
CA GLN A 2414 -44.52 -16.10 -4.46
C GLN A 2414 -43.37 -17.05 -4.73
N VAL A 2415 -42.17 -16.59 -4.40
CA VAL A 2415 -40.93 -17.32 -4.68
C VAL A 2415 -41.00 -18.72 -4.08
N ILE A 2416 -40.59 -19.71 -4.86
CA ILE A 2416 -40.55 -21.10 -4.43
C ILE A 2416 -39.10 -21.48 -4.20
N SER A 2417 -38.74 -21.75 -2.95
CA SER A 2417 -37.37 -22.16 -2.63
C SER A 2417 -37.16 -23.62 -2.97
N VAL A 2418 -36.03 -23.92 -3.60
CA VAL A 2418 -35.70 -25.27 -4.01
C VAL A 2418 -34.26 -25.57 -3.60
N ALA A 2419 -33.93 -26.87 -3.57
CA ALA A 2419 -32.58 -27.29 -3.24
C ALA A 2419 -31.65 -27.10 -4.43
N GLY A 2420 -30.37 -26.91 -4.12
CA GLY A 2420 -29.38 -26.76 -5.18
C GLY A 2420 -29.60 -25.48 -5.97
N THR A 2421 -29.43 -25.58 -7.29
CA THR A 2421 -29.61 -24.45 -8.19
C THR A 2421 -30.39 -24.90 -9.42
N ALA A 2422 -31.57 -24.33 -9.63
CA ALA A 2422 -32.39 -24.66 -10.77
C ALA A 2422 -31.85 -23.99 -12.02
N ILE A 2423 -31.94 -24.71 -13.15
CA ILE A 2423 -31.32 -24.23 -14.39
C ILE A 2423 -32.33 -24.13 -15.52
N ALA A 2424 -33.38 -24.96 -15.48
CA ALA A 2424 -34.37 -24.98 -16.56
C ALA A 2424 -35.74 -25.29 -15.98
N LEU A 2425 -36.78 -24.93 -16.74
CA LEU A 2425 -38.15 -25.10 -16.30
C LEU A 2425 -39.05 -25.47 -17.48
N ASP A 2426 -40.14 -26.17 -17.17
CA ASP A 2426 -41.22 -26.39 -18.11
C ASP A 2426 -42.48 -26.69 -17.32
N TYR A 2427 -43.63 -26.38 -17.91
CA TYR A 2427 -44.91 -26.41 -17.20
C TYR A 2427 -45.80 -27.51 -17.73
N ASP A 2428 -46.44 -28.23 -16.82
CA ASP A 2428 -47.38 -29.30 -17.15
C ASP A 2428 -48.79 -28.79 -16.83
N ARG A 2429 -49.61 -28.61 -17.86
CA ARG A 2429 -50.91 -27.98 -17.70
C ARG A 2429 -51.95 -28.88 -17.05
N ARG A 2430 -51.79 -30.20 -17.14
CA ARG A 2430 -52.82 -31.09 -16.61
C ARG A 2430 -52.88 -31.05 -15.08
N ASN A 2431 -51.72 -30.92 -14.42
CA ASN A 2431 -51.70 -30.92 -12.96
C ASN A 2431 -51.16 -29.61 -12.37
N ASN A 2432 -50.92 -28.61 -13.19
CA ASN A 2432 -50.38 -27.32 -12.75
C ASN A 2432 -49.11 -27.50 -11.91
N ARG A 2433 -48.16 -28.22 -12.49
CA ARG A 2433 -46.88 -28.46 -11.86
C ARG A 2433 -45.76 -28.07 -12.83
N ILE A 2434 -44.64 -27.62 -12.27
CA ILE A 2434 -43.51 -27.17 -13.05
C ILE A 2434 -42.39 -28.19 -12.92
N PHE A 2435 -41.93 -28.70 -14.06
CA PHE A 2435 -40.78 -29.60 -14.08
C PHE A 2435 -39.51 -28.77 -14.22
N PHE A 2436 -38.59 -28.92 -13.28
CA PHE A 2436 -37.39 -28.11 -13.27
C PHE A 2436 -36.19 -28.98 -12.88
N THR A 2437 -35.04 -28.66 -13.46
CA THR A 2437 -33.80 -29.36 -13.16
C THR A 2437 -33.05 -28.65 -12.05
N GLN A 2438 -32.03 -29.32 -11.52
CA GLN A 2438 -31.22 -28.76 -10.45
C GLN A 2438 -29.76 -29.10 -10.70
N LYS A 2439 -28.88 -28.38 -9.99
CA LYS A 2439 -27.45 -28.62 -10.04
C LYS A 2439 -26.93 -28.84 -8.63
N LEU A 2440 -26.13 -29.89 -8.45
CA LEU A 2440 -25.55 -30.22 -7.16
C LEU A 2440 -24.08 -30.56 -7.35
N ASN A 2441 -23.25 -29.99 -6.47
CA ASN A 2441 -21.80 -30.19 -6.35
C ASN A 2441 -21.11 -30.37 -7.69
N SER A 2442 -21.53 -29.61 -8.70
CA SER A 2442 -20.89 -29.49 -10.00
C SER A 2442 -20.83 -30.80 -10.77
N LEU A 2443 -21.36 -31.90 -10.21
CA LEU A 2443 -21.29 -33.18 -10.89
C LEU A 2443 -22.66 -33.86 -10.95
N ARG A 2444 -23.46 -33.71 -9.90
CA ARG A 2444 -24.75 -34.38 -9.84
C ARG A 2444 -25.86 -33.45 -10.29
N GLY A 2445 -26.67 -33.91 -11.24
CA GLY A 2445 -27.90 -33.24 -11.57
C GLY A 2445 -29.07 -33.85 -10.82
N GLN A 2446 -30.24 -33.25 -11.02
CA GLN A 2446 -31.45 -33.71 -10.35
C GLN A 2446 -32.66 -33.13 -11.05
N ILE A 2447 -33.71 -33.94 -11.17
CA ILE A 2447 -34.96 -33.52 -11.79
C ILE A 2447 -36.05 -33.59 -10.74
N SER A 2448 -36.79 -32.51 -10.57
CA SER A 2448 -37.83 -32.42 -9.56
C SER A 2448 -39.04 -31.72 -10.18
N TYR A 2449 -40.11 -31.64 -9.39
CA TYR A 2449 -41.29 -30.90 -9.81
C TYR A 2449 -41.96 -30.30 -8.57
N VAL A 2450 -42.71 -29.24 -8.80
CA VAL A 2450 -43.46 -28.56 -7.75
C VAL A 2450 -44.76 -28.04 -8.36
N SER A 2451 -45.85 -28.15 -7.60
CA SER A 2451 -47.17 -27.74 -8.04
C SER A 2451 -47.48 -26.34 -7.51
N LEU A 2452 -48.41 -25.67 -8.18
CA LEU A 2452 -48.86 -24.34 -7.80
C LEU A 2452 -50.37 -24.29 -7.69
N TYR A 2453 -50.97 -25.33 -7.11
CA TYR A 2453 -52.40 -25.32 -6.84
C TYR A 2453 -52.70 -24.61 -5.53
N SER A 2454 -52.04 -25.03 -4.45
CA SER A 2454 -52.30 -24.49 -3.12
C SER A 2454 -51.06 -24.73 -2.26
N GLY A 2455 -51.21 -24.61 -0.94
CA GLY A 2455 -50.10 -24.77 -0.01
C GLY A 2455 -49.29 -26.04 -0.17
N SER A 2456 -49.77 -26.99 -0.98
CA SER A 2456 -48.99 -28.17 -1.32
C SER A 2456 -47.90 -27.80 -2.33
N SER A 2457 -46.94 -26.99 -1.91
CA SER A 2457 -45.91 -26.47 -2.81
C SER A 2457 -44.52 -26.97 -2.42
N SER A 2458 -44.42 -28.12 -1.77
CA SER A 2458 -43.12 -28.68 -1.44
C SER A 2458 -42.55 -29.43 -2.63
N PRO A 2459 -41.38 -29.05 -3.13
CA PRO A 2459 -40.79 -29.78 -4.26
C PRO A 2459 -40.39 -31.19 -3.88
N THR A 2460 -40.55 -32.10 -4.83
CA THR A 2460 -40.12 -33.48 -4.65
C THR A 2460 -39.44 -33.95 -5.93
N VAL A 2461 -38.53 -34.91 -5.76
CA VAL A 2461 -37.64 -35.30 -6.84
C VAL A 2461 -38.28 -36.42 -7.66
N LEU A 2462 -37.77 -36.61 -8.87
CA LEU A 2462 -38.10 -37.74 -9.71
C LEU A 2462 -36.90 -38.61 -10.04
N LEU A 2463 -35.76 -38.00 -10.37
CA LEU A 2463 -34.53 -38.73 -10.63
C LEU A 2463 -33.40 -38.16 -9.78
N SER A 2464 -32.37 -38.97 -9.58
CA SER A 2464 -31.22 -38.59 -8.78
C SER A 2464 -29.97 -39.25 -9.36
N ASN A 2465 -28.82 -38.73 -8.96
CA ASN A 2465 -27.52 -39.24 -9.38
C ASN A 2465 -27.30 -39.06 -10.88
N ILE A 2466 -28.23 -38.40 -11.57
CA ILE A 2466 -28.07 -38.08 -12.98
C ILE A 2466 -27.06 -36.96 -13.10
N GLY A 2467 -26.50 -36.79 -14.30
CA GLY A 2467 -25.50 -35.75 -14.50
C GLY A 2467 -26.10 -34.37 -14.57
N VAL A 2468 -25.21 -33.37 -14.64
CA VAL A 2468 -25.64 -31.98 -14.69
C VAL A 2468 -26.45 -31.77 -15.96
N THR A 2469 -27.71 -31.38 -15.80
CA THR A 2469 -28.64 -31.23 -16.91
C THR A 2469 -29.02 -29.77 -17.04
N ASP A 2470 -28.98 -29.26 -18.27
CA ASP A 2470 -29.24 -27.85 -18.55
C ASP A 2470 -30.50 -27.61 -19.35
N GLY A 2471 -31.23 -28.65 -19.71
CA GLY A 2471 -32.43 -28.49 -20.51
C GLY A 2471 -33.52 -29.47 -20.16
N ILE A 2472 -34.78 -29.09 -20.40
CA ILE A 2472 -35.91 -29.96 -20.13
C ILE A 2472 -37.08 -29.50 -21.00
N ALA A 2473 -37.92 -30.46 -21.39
CA ALA A 2473 -39.11 -30.18 -22.16
C ALA A 2473 -40.19 -31.20 -21.81
N PHE A 2474 -41.44 -30.81 -21.99
CA PHE A 2474 -42.57 -31.65 -21.65
C PHE A 2474 -43.38 -31.94 -22.91
N ASP A 2475 -43.68 -33.22 -23.14
CA ASP A 2475 -44.58 -33.63 -24.20
C ASP A 2475 -45.98 -33.70 -23.62
N TRP A 2476 -46.86 -32.78 -24.04
CA TRP A 2476 -48.16 -32.65 -23.38
C TRP A 2476 -49.19 -33.65 -23.87
N ILE A 2477 -48.92 -34.37 -24.97
CA ILE A 2477 -49.89 -35.34 -25.47
C ILE A 2477 -49.45 -36.76 -25.14
N ASN A 2478 -48.14 -36.98 -25.07
CA ASN A 2478 -47.61 -38.30 -24.79
C ASN A 2478 -47.16 -38.48 -23.36
N ARG A 2479 -47.16 -37.41 -22.56
CA ARG A 2479 -46.82 -37.47 -21.13
C ARG A 2479 -45.43 -38.06 -20.90
N ARG A 2480 -44.46 -37.59 -21.69
CA ARG A 2480 -43.06 -37.90 -21.49
C ARG A 2480 -42.27 -36.60 -21.49
N ILE A 2481 -41.21 -36.54 -20.70
CA ILE A 2481 -40.39 -35.35 -20.59
C ILE A 2481 -38.97 -35.69 -21.03
N TYR A 2482 -38.37 -34.78 -21.80
CA TYR A 2482 -37.04 -34.96 -22.35
C TYR A 2482 -36.08 -34.00 -21.67
N TYR A 2483 -34.87 -34.50 -21.37
CA TYR A 2483 -33.87 -33.67 -20.73
C TYR A 2483 -32.50 -34.01 -21.29
N SER A 2484 -31.61 -33.01 -21.29
CA SER A 2484 -30.27 -33.15 -21.82
C SER A 2484 -29.29 -33.23 -20.67
N ASP A 2485 -28.51 -34.31 -20.62
CA ASP A 2485 -27.46 -34.47 -19.63
C ASP A 2485 -26.15 -33.98 -20.23
N PHE A 2486 -25.72 -32.79 -19.81
CA PHE A 2486 -24.49 -32.22 -20.38
C PHE A 2486 -23.27 -33.01 -19.97
N SER A 2487 -23.17 -33.41 -18.69
CA SER A 2487 -21.99 -34.13 -18.23
C SER A 2487 -21.87 -35.50 -18.89
N ASN A 2488 -22.97 -36.26 -18.97
CA ASN A 2488 -22.95 -37.54 -19.65
C ASN A 2488 -22.96 -37.37 -21.16
N GLN A 2489 -23.37 -36.21 -21.67
CA GLN A 2489 -23.38 -35.89 -23.10
C GLN A 2489 -24.42 -36.73 -23.85
N THR A 2490 -25.59 -36.91 -23.24
CA THR A 2490 -26.69 -37.63 -23.85
C THR A 2490 -27.98 -36.87 -23.67
N ILE A 2491 -28.92 -37.09 -24.59
CA ILE A 2491 -30.29 -36.60 -24.47
C ILE A 2491 -31.18 -37.79 -24.14
N ASN A 2492 -31.89 -37.71 -23.02
CA ASN A 2492 -32.64 -38.85 -22.52
C ASN A 2492 -34.12 -38.53 -22.49
N SER A 2493 -34.93 -39.57 -22.28
CA SER A 2493 -36.37 -39.44 -22.19
C SER A 2493 -36.87 -40.36 -21.10
N MET A 2494 -38.03 -40.00 -20.55
CA MET A 2494 -38.64 -40.81 -19.49
C MET A 2494 -40.10 -40.44 -19.35
N ALA A 2495 -40.84 -41.31 -18.67
CA ALA A 2495 -42.26 -41.07 -18.43
C ALA A 2495 -42.45 -40.03 -17.34
N GLU A 2496 -43.71 -39.58 -17.19
CA GLU A 2496 -44.04 -38.55 -16.23
C GLU A 2496 -43.74 -38.96 -14.79
N ASP A 2497 -43.79 -40.26 -14.49
CA ASP A 2497 -43.56 -40.75 -13.13
C ASP A 2497 -42.09 -41.03 -12.84
N GLY A 2498 -41.19 -40.76 -13.79
CA GLY A 2498 -39.78 -41.04 -13.59
C GLY A 2498 -39.32 -42.41 -14.03
N SER A 2499 -40.23 -43.24 -14.53
CA SER A 2499 -39.88 -44.57 -14.99
C SER A 2499 -39.84 -44.61 -16.52
N ASN A 2500 -39.62 -45.81 -17.07
CA ASN A 2500 -39.55 -46.02 -18.52
C ASN A 2500 -38.48 -45.14 -19.15
N ARG A 2501 -37.27 -45.21 -18.60
CA ARG A 2501 -36.16 -44.40 -19.09
C ARG A 2501 -35.75 -44.84 -20.49
N ALA A 2502 -35.20 -43.89 -21.25
CA ALA A 2502 -34.73 -44.16 -22.60
C ALA A 2502 -33.64 -43.15 -22.95
N VAL A 2503 -32.88 -43.47 -23.99
CA VAL A 2503 -31.82 -42.59 -24.49
C VAL A 2503 -32.17 -42.21 -25.93
N ILE A 2504 -32.18 -40.91 -26.21
CA ILE A 2504 -32.54 -40.42 -27.53
C ILE A 2504 -31.33 -40.36 -28.45
N ALA A 2505 -30.25 -39.72 -28.02
CA ALA A 2505 -29.04 -39.62 -28.82
C ALA A 2505 -27.89 -39.17 -27.93
N ARG A 2506 -26.68 -39.33 -28.44
CA ARG A 2506 -25.48 -38.81 -27.80
C ARG A 2506 -24.95 -37.64 -28.61
N VAL A 2507 -24.91 -36.46 -28.00
CA VAL A 2507 -24.45 -35.25 -28.66
C VAL A 2507 -23.30 -34.67 -27.85
N SER A 2508 -22.48 -33.83 -28.51
CA SER A 2508 -21.28 -33.32 -27.87
C SER A 2508 -21.59 -32.50 -26.62
N LYS A 2509 -22.47 -31.51 -26.75
CA LYS A 2509 -22.77 -30.60 -25.64
C LYS A 2509 -24.21 -30.13 -25.76
N PRO A 2510 -25.15 -30.90 -25.20
CA PRO A 2510 -26.56 -30.54 -25.34
C PRO A 2510 -27.00 -29.47 -24.35
N ARG A 2511 -27.72 -28.48 -24.85
CA ARG A 2511 -28.24 -27.42 -23.97
C ARG A 2511 -29.76 -27.35 -23.92
N ALA A 2512 -30.40 -27.18 -25.07
CA ALA A 2512 -31.83 -26.88 -25.08
C ALA A 2512 -32.62 -27.92 -25.84
N ILE A 2513 -33.90 -28.02 -25.52
CA ILE A 2513 -34.82 -28.96 -26.16
C ILE A 2513 -36.13 -28.26 -26.46
N VAL A 2514 -36.65 -28.45 -27.68
CA VAL A 2514 -38.01 -28.10 -28.02
C VAL A 2514 -38.55 -29.17 -28.95
N LEU A 2515 -39.85 -29.38 -28.91
CA LEU A 2515 -40.45 -30.50 -29.63
C LEU A 2515 -41.81 -30.11 -30.19
N ASP A 2516 -42.24 -30.83 -31.22
CA ASP A 2516 -43.54 -30.66 -31.85
C ASP A 2516 -44.20 -32.04 -31.90
N PRO A 2517 -44.80 -32.48 -30.79
CA PRO A 2517 -45.33 -33.85 -30.74
C PRO A 2517 -46.43 -34.13 -31.75
N CYS A 2518 -47.27 -33.16 -32.08
CA CYS A 2518 -48.32 -33.38 -33.08
C CYS A 2518 -47.76 -33.56 -34.49
N ARG A 2519 -46.48 -33.25 -34.70
CA ARG A 2519 -45.77 -33.63 -35.91
C ARG A 2519 -44.71 -34.69 -35.64
N GLY A 2520 -44.50 -35.07 -34.38
CA GLY A 2520 -43.57 -36.12 -34.06
C GLY A 2520 -42.11 -35.73 -34.17
N TYR A 2521 -41.81 -34.43 -34.13
CA TYR A 2521 -40.44 -33.94 -34.28
C TYR A 2521 -39.99 -33.25 -33.02
N MET A 2522 -38.68 -33.31 -32.76
CA MET A 2522 -38.05 -32.61 -31.65
C MET A 2522 -36.79 -31.93 -32.16
N TYR A 2523 -36.42 -30.84 -31.50
CA TYR A 2523 -35.26 -30.06 -31.87
C TYR A 2523 -34.39 -29.81 -30.65
N TRP A 2524 -33.08 -29.73 -30.88
CA TRP A 2524 -32.14 -29.43 -29.82
C TRP A 2524 -30.91 -28.75 -30.40
N THR A 2525 -30.20 -28.02 -29.55
CA THR A 2525 -28.97 -27.35 -29.93
C THR A 2525 -27.79 -27.94 -29.19
N ASP A 2526 -26.63 -27.87 -29.82
CA ASP A 2526 -25.37 -28.23 -29.17
C ASP A 2526 -24.36 -27.10 -29.39
N TRP A 2527 -23.44 -26.98 -28.43
CA TRP A 2527 -22.43 -25.94 -28.48
C TRP A 2527 -21.03 -26.53 -28.32
N GLY A 2528 -20.81 -27.71 -28.90
CA GLY A 2528 -19.53 -28.37 -28.83
C GLY A 2528 -18.55 -27.81 -29.84
N THR A 2529 -17.77 -28.72 -30.43
CA THR A 2529 -16.79 -28.33 -31.44
C THR A 2529 -17.46 -27.72 -32.66
N ASN A 2530 -18.57 -28.30 -33.12
CA ASN A 2530 -19.31 -27.82 -34.28
C ASN A 2530 -20.76 -27.59 -33.85
N ALA A 2531 -21.06 -26.37 -33.42
CA ALA A 2531 -22.40 -26.05 -32.94
C ALA A 2531 -23.41 -26.11 -34.08
N LYS A 2532 -24.56 -26.70 -33.81
CA LYS A 2532 -25.63 -26.84 -34.80
C LYS A 2532 -26.93 -27.11 -34.08
N ILE A 2533 -28.03 -26.99 -34.83
CA ILE A 2533 -29.36 -27.33 -34.34
C ILE A 2533 -29.87 -28.51 -35.16
N GLU A 2534 -30.30 -29.56 -34.48
CA GLU A 2534 -30.62 -30.84 -35.10
C GLU A 2534 -32.10 -31.16 -34.92
N ARG A 2535 -32.67 -31.77 -35.94
CA ARG A 2535 -34.05 -32.26 -35.90
C ARG A 2535 -34.06 -33.77 -35.96
N ALA A 2536 -34.78 -34.39 -35.03
CA ALA A 2536 -34.93 -35.84 -35.01
C ALA A 2536 -36.38 -36.18 -34.69
N THR A 2537 -36.79 -37.36 -35.12
CA THR A 2537 -38.11 -37.86 -34.77
C THR A 2537 -38.22 -37.99 -33.26
N LEU A 2538 -39.46 -38.10 -32.77
CA LEU A 2538 -39.67 -38.15 -31.33
C LEU A 2538 -39.04 -39.36 -30.68
N GLY A 2539 -38.67 -40.38 -31.46
CA GLY A 2539 -37.90 -41.50 -30.95
C GLY A 2539 -36.41 -41.29 -31.10
N GLY A 2540 -36.03 -40.26 -31.86
CA GLY A 2540 -34.63 -39.87 -31.99
C GLY A 2540 -33.79 -40.73 -32.92
N ASN A 2541 -34.34 -41.18 -34.05
CA ASN A 2541 -33.56 -41.97 -34.99
C ASN A 2541 -33.07 -41.13 -36.15
N PHE A 2542 -33.99 -40.48 -36.86
CA PHE A 2542 -33.66 -39.73 -38.07
C PHE A 2542 -33.20 -38.31 -37.74
N ARG A 2543 -32.04 -38.23 -37.08
CA ARG A 2543 -31.48 -36.94 -36.72
C ARG A 2543 -30.84 -36.30 -37.96
N VAL A 2544 -31.00 -34.99 -38.09
CA VAL A 2544 -30.49 -34.25 -39.23
C VAL A 2544 -30.35 -32.78 -38.82
N PRO A 2545 -29.23 -32.13 -39.14
CA PRO A 2545 -29.07 -30.72 -38.79
C PRO A 2545 -30.09 -29.85 -39.51
N ILE A 2546 -30.55 -28.81 -38.82
CA ILE A 2546 -31.46 -27.83 -39.39
C ILE A 2546 -30.72 -26.58 -39.86
N VAL A 2547 -29.86 -26.04 -39.00
CA VAL A 2547 -28.99 -24.93 -39.36
C VAL A 2547 -27.64 -25.15 -38.69
N ASN A 2548 -26.58 -25.09 -39.47
CA ASN A 2548 -25.24 -25.38 -38.97
C ASN A 2548 -24.21 -24.41 -39.52
N THR A 2549 -24.65 -23.46 -40.36
CA THR A 2549 -23.74 -22.58 -41.07
C THR A 2549 -22.95 -21.67 -40.14
N SER A 2550 -23.58 -21.04 -39.16
CA SER A 2550 -22.84 -20.15 -38.25
C SER A 2550 -23.52 -20.19 -36.89
N LEU A 2551 -23.03 -21.08 -36.03
CA LEU A 2551 -23.43 -21.14 -34.63
C LEU A 2551 -22.18 -21.36 -33.78
N VAL A 2552 -22.16 -20.74 -32.61
CA VAL A 2552 -21.05 -20.91 -31.68
C VAL A 2552 -21.57 -21.39 -30.34
N TRP A 2553 -22.46 -20.62 -29.73
CA TRP A 2553 -23.02 -20.92 -28.40
C TRP A 2553 -24.53 -20.82 -28.44
N PRO A 2554 -25.21 -21.77 -29.09
CA PRO A 2554 -26.68 -21.74 -29.11
C PRO A 2554 -27.25 -22.23 -27.78
N ASN A 2555 -27.77 -21.32 -26.97
CA ASN A 2555 -28.24 -21.68 -25.64
C ASN A 2555 -29.76 -21.76 -25.52
N GLY A 2556 -30.49 -21.22 -26.48
CA GLY A 2556 -31.93 -21.16 -26.38
C GLY A 2556 -32.61 -21.69 -27.63
N LEU A 2557 -33.74 -22.38 -27.41
CA LEU A 2557 -34.58 -22.84 -28.51
C LEU A 2557 -36.04 -22.59 -28.14
N ALA A 2558 -36.78 -22.01 -29.06
CA ALA A 2558 -38.19 -21.75 -28.84
C ALA A 2558 -38.94 -21.92 -30.15
N LEU A 2559 -40.16 -22.44 -30.06
CA LEU A 2559 -40.98 -22.73 -31.23
C LEU A 2559 -42.29 -21.97 -31.10
N ASP A 2560 -42.63 -21.21 -32.15
CA ASP A 2560 -43.88 -20.47 -32.20
C ASP A 2560 -44.88 -21.35 -32.95
N LEU A 2561 -45.75 -22.02 -32.20
CA LEU A 2561 -46.70 -22.97 -32.80
C LEU A 2561 -47.67 -22.27 -33.73
N GLU A 2562 -48.07 -21.04 -33.39
CA GLU A 2562 -49.06 -20.33 -34.19
C GLU A 2562 -48.58 -19.98 -35.58
N THR A 2563 -47.26 -19.90 -35.81
CA THR A 2563 -46.73 -19.62 -37.14
C THR A 2563 -45.72 -20.66 -37.61
N ASP A 2564 -45.38 -21.65 -36.79
CA ASP A 2564 -44.43 -22.71 -37.16
C ASP A 2564 -43.08 -22.11 -37.57
N LEU A 2565 -42.46 -21.40 -36.63
CA LEU A 2565 -41.14 -20.81 -36.81
C LEU A 2565 -40.24 -21.24 -35.66
N LEU A 2566 -38.95 -21.33 -35.94
CA LEU A 2566 -37.97 -21.78 -34.96
C LEU A 2566 -37.06 -20.62 -34.56
N TYR A 2567 -36.96 -20.39 -33.25
CA TYR A 2567 -36.16 -19.30 -32.70
C TYR A 2567 -35.01 -19.86 -31.90
N TRP A 2568 -33.81 -19.33 -32.12
CA TRP A 2568 -32.65 -19.73 -31.33
C TRP A 2568 -31.84 -18.49 -31.00
N ALA A 2569 -31.12 -18.56 -29.87
CA ALA A 2569 -30.33 -17.44 -29.36
C ALA A 2569 -28.89 -17.88 -29.18
N ASP A 2570 -27.96 -17.13 -29.76
CA ASP A 2570 -26.54 -17.44 -29.69
C ASP A 2570 -25.89 -16.50 -28.68
N ALA A 2571 -25.21 -17.08 -27.69
CA ALA A 2571 -24.59 -16.28 -26.63
C ALA A 2571 -23.20 -15.76 -27.00
N SER A 2572 -22.59 -16.28 -28.06
CA SER A 2572 -21.27 -15.83 -28.49
C SER A 2572 -21.33 -14.84 -29.64
N LEU A 2573 -22.10 -15.14 -30.69
CA LEU A 2573 -22.37 -14.15 -31.72
C LEU A 2573 -23.26 -13.03 -31.20
N GLN A 2574 -23.93 -13.25 -30.07
CA GLN A 2574 -24.75 -12.25 -29.40
C GLN A 2574 -25.87 -11.74 -30.30
N LYS A 2575 -26.72 -12.65 -30.76
CA LYS A 2575 -27.91 -12.28 -31.49
C LYS A 2575 -28.90 -13.43 -31.46
N ILE A 2576 -30.17 -13.09 -31.65
CA ILE A 2576 -31.25 -14.07 -31.71
C ILE A 2576 -31.76 -14.12 -33.14
N GLU A 2577 -31.99 -15.34 -33.63
CA GLU A 2577 -32.36 -15.55 -35.01
C GLU A 2577 -33.64 -16.38 -35.10
N ARG A 2578 -34.26 -16.35 -36.27
CA ARG A 2578 -35.47 -17.12 -36.52
C ARG A 2578 -35.40 -17.70 -37.93
N SER A 2579 -36.11 -18.81 -38.13
CA SER A 2579 -36.18 -19.45 -39.43
C SER A 2579 -37.40 -20.37 -39.45
N THR A 2580 -37.75 -20.82 -40.65
CA THR A 2580 -38.83 -21.79 -40.79
C THR A 2580 -38.41 -23.12 -40.17
N LEU A 2581 -39.40 -23.98 -39.93
CA LEU A 2581 -39.13 -25.27 -39.30
C LEU A 2581 -38.16 -26.12 -40.10
N THR A 2582 -38.05 -25.88 -41.41
CA THR A 2582 -37.06 -26.54 -42.23
C THR A 2582 -35.72 -25.81 -42.25
N GLY A 2583 -35.62 -24.66 -41.58
CA GLY A 2583 -34.36 -23.95 -41.47
C GLY A 2583 -33.95 -23.17 -42.70
N THR A 2584 -34.91 -22.74 -43.52
CA THR A 2584 -34.58 -22.05 -44.77
C THR A 2584 -34.31 -20.57 -44.58
N ASN A 2585 -35.30 -19.82 -44.08
CA ASN A 2585 -35.24 -18.37 -44.07
C ASN A 2585 -34.66 -17.86 -42.76
N ARG A 2586 -33.32 -17.86 -42.69
CA ARG A 2586 -32.63 -17.30 -41.54
C ARG A 2586 -32.77 -15.78 -41.52
N GLU A 2587 -33.16 -15.24 -40.38
CA GLU A 2587 -33.24 -13.80 -40.17
C GLU A 2587 -32.75 -13.48 -38.77
N VAL A 2588 -32.31 -12.23 -38.58
CA VAL A 2588 -31.92 -11.77 -37.26
C VAL A 2588 -33.07 -10.94 -36.68
N VAL A 2589 -33.81 -11.53 -35.74
CA VAL A 2589 -34.92 -10.80 -35.13
C VAL A 2589 -34.39 -9.68 -34.24
N VAL A 2590 -33.34 -9.95 -33.46
CA VAL A 2590 -32.70 -8.93 -32.64
C VAL A 2590 -31.21 -9.19 -32.56
N SER A 2591 -30.41 -8.29 -33.11
CA SER A 2591 -28.97 -8.38 -32.97
C SER A 2591 -28.54 -7.78 -31.63
N THR A 2592 -27.31 -8.10 -31.21
CA THR A 2592 -26.76 -7.66 -29.94
C THR A 2592 -27.71 -7.96 -28.78
N ALA A 2593 -27.95 -9.25 -28.53
CA ALA A 2593 -28.82 -9.68 -27.43
C ALA A 2593 -28.03 -10.13 -26.22
N PHE A 2594 -26.73 -9.83 -26.15
CA PHE A 2594 -25.87 -10.18 -25.03
C PHE A 2594 -25.80 -11.69 -24.79
N HIS A 2595 -25.39 -12.08 -23.59
CA HIS A 2595 -25.16 -13.49 -23.26
C HIS A 2595 -26.49 -14.19 -22.98
N SER A 2596 -27.13 -14.61 -24.06
CA SER A 2596 -28.49 -15.13 -23.97
C SER A 2596 -28.49 -16.59 -23.50
N PHE A 2597 -29.20 -16.85 -22.41
CA PHE A 2597 -29.53 -18.20 -21.98
C PHE A 2597 -30.89 -18.57 -22.56
N GLY A 2598 -31.59 -19.60 -22.06
CA GLY A 2598 -32.80 -20.08 -22.72
C GLY A 2598 -33.79 -18.97 -23.04
N LEU A 2599 -34.59 -19.22 -24.07
CA LEU A 2599 -35.49 -18.25 -24.67
C LEU A 2599 -36.85 -18.88 -24.85
N THR A 2600 -37.90 -18.07 -24.73
CA THR A 2600 -39.26 -18.52 -24.95
C THR A 2600 -40.04 -17.48 -25.74
N VAL A 2601 -41.08 -17.93 -26.44
CA VAL A 2601 -41.92 -17.08 -27.26
C VAL A 2601 -43.36 -17.21 -26.78
N TYR A 2602 -44.01 -16.07 -26.56
CA TYR A 2602 -45.43 -16.04 -26.22
C TYR A 2602 -46.03 -14.78 -26.81
N GLY A 2603 -47.25 -14.91 -27.33
CA GLY A 2603 -47.94 -13.75 -27.88
C GLY A 2603 -47.17 -13.15 -29.04
N GLN A 2604 -46.92 -11.85 -28.96
CA GLN A 2604 -46.20 -11.11 -30.00
C GLN A 2604 -44.72 -10.97 -29.72
N TYR A 2605 -44.25 -11.39 -28.54
CA TYR A 2605 -42.91 -11.06 -28.08
C TYR A 2605 -42.11 -12.31 -27.79
N ILE A 2606 -40.79 -12.15 -27.76
CA ILE A 2606 -39.86 -13.19 -27.36
C ILE A 2606 -39.15 -12.74 -26.09
N TYR A 2607 -39.00 -13.64 -25.14
CA TYR A 2607 -38.40 -13.33 -23.84
C TYR A 2607 -37.19 -14.21 -23.62
N TRP A 2608 -36.06 -13.59 -23.27
CA TRP A 2608 -34.85 -14.34 -23.01
C TRP A 2608 -34.17 -13.79 -21.77
N THR A 2609 -33.40 -14.67 -21.11
CA THR A 2609 -32.64 -14.31 -19.93
C THR A 2609 -31.19 -14.12 -20.30
N ASP A 2610 -30.58 -13.06 -19.77
CA ASP A 2610 -29.21 -12.70 -20.08
C ASP A 2610 -28.31 -12.98 -18.88
N LEU A 2611 -27.25 -13.74 -19.10
CA LEU A 2611 -26.28 -14.01 -18.04
C LEU A 2611 -25.35 -12.83 -17.79
N TYR A 2612 -25.23 -11.91 -18.73
CA TYR A 2612 -24.27 -10.81 -18.59
C TYR A 2612 -24.84 -9.68 -17.74
N THR A 2613 -25.97 -9.11 -18.16
CA THR A 2613 -26.58 -8.02 -17.42
C THR A 2613 -27.57 -8.50 -16.36
N ARG A 2614 -27.78 -9.81 -16.24
CA ARG A 2614 -28.63 -10.40 -15.21
C ARG A 2614 -30.08 -9.92 -15.30
N LYS A 2615 -30.56 -9.62 -16.50
CA LYS A 2615 -31.92 -9.15 -16.69
C LYS A 2615 -32.69 -10.05 -17.63
N ILE A 2616 -34.01 -9.87 -17.62
CA ILE A 2616 -34.90 -10.55 -18.56
C ILE A 2616 -35.38 -9.53 -19.57
N TYR A 2617 -35.11 -9.77 -20.85
CA TYR A 2617 -35.48 -8.84 -21.90
C TYR A 2617 -36.66 -9.37 -22.70
N ARG A 2618 -37.25 -8.49 -23.50
CA ARG A 2618 -38.28 -8.86 -24.45
C ARG A 2618 -38.15 -7.99 -25.70
N ALA A 2619 -38.68 -8.50 -26.81
CA ALA A 2619 -38.65 -7.78 -28.07
C ALA A 2619 -39.75 -8.31 -28.97
N ASN A 2620 -40.12 -7.52 -29.96
CA ASN A 2620 -41.12 -7.95 -30.92
C ASN A 2620 -40.59 -9.14 -31.72
N LYS A 2621 -41.42 -10.17 -31.88
CA LYS A 2621 -40.96 -11.42 -32.46
C LYS A 2621 -40.65 -11.31 -33.95
N TYR A 2622 -41.11 -10.27 -34.63
CA TYR A 2622 -40.87 -10.12 -36.06
C TYR A 2622 -39.69 -9.23 -36.40
N ASP A 2623 -39.53 -8.10 -35.70
CA ASP A 2623 -38.44 -7.18 -36.01
C ASP A 2623 -37.61 -6.77 -34.80
N GLY A 2624 -37.97 -7.19 -33.58
CA GLY A 2624 -37.24 -6.77 -32.41
C GLY A 2624 -37.28 -5.30 -32.13
N SER A 2625 -38.41 -4.64 -32.37
CA SER A 2625 -38.47 -3.19 -32.23
C SER A 2625 -38.66 -2.78 -30.77
N ASP A 2626 -39.74 -3.25 -30.14
CA ASP A 2626 -40.07 -2.86 -28.77
C ASP A 2626 -39.21 -3.56 -27.72
N LEU A 2627 -37.91 -3.32 -27.73
CA LEU A 2627 -37.02 -4.01 -26.81
C LEU A 2627 -36.95 -3.28 -25.48
N VAL A 2628 -37.41 -3.94 -24.42
CA VAL A 2628 -37.37 -3.40 -23.07
C VAL A 2628 -36.87 -4.49 -22.13
N ALA A 2629 -36.42 -4.08 -20.95
CA ALA A 2629 -36.00 -5.04 -19.93
C ALA A 2629 -37.15 -5.30 -18.98
N MET A 2630 -37.49 -6.58 -18.79
CA MET A 2630 -38.63 -6.93 -17.96
C MET A 2630 -38.37 -6.71 -16.49
N THR A 2631 -37.14 -6.93 -16.03
CA THR A 2631 -36.79 -6.81 -14.62
C THR A 2631 -35.59 -5.89 -14.47
N THR A 2632 -35.32 -5.52 -13.22
CA THR A 2632 -34.07 -4.83 -12.90
C THR A 2632 -32.92 -5.83 -12.89
N ARG A 2633 -31.74 -5.35 -12.51
CA ARG A 2633 -30.59 -6.24 -12.43
C ARG A 2633 -30.79 -7.26 -11.33
N LEU A 2634 -31.07 -8.52 -11.71
CA LEU A 2634 -31.30 -9.55 -10.73
C LEU A 2634 -30.03 -9.85 -9.96
N PRO A 2635 -30.14 -10.15 -8.66
CA PRO A 2635 -28.94 -10.32 -7.83
C PRO A 2635 -28.04 -11.45 -8.24
N THR A 2636 -28.57 -12.57 -8.74
CA THR A 2636 -27.76 -13.79 -8.84
C THR A 2636 -27.97 -14.49 -10.19
N GLN A 2637 -27.85 -13.74 -11.29
CA GLN A 2637 -27.65 -14.33 -12.61
C GLN A 2637 -28.72 -15.35 -13.03
N PRO A 2638 -29.89 -14.90 -13.45
CA PRO A 2638 -30.98 -15.84 -13.78
C PRO A 2638 -30.60 -16.76 -14.92
N SER A 2639 -31.22 -17.95 -14.93
CA SER A 2639 -30.98 -18.94 -15.96
C SER A 2639 -32.25 -19.75 -16.17
N GLY A 2640 -32.61 -19.97 -17.42
CA GLY A 2640 -33.79 -20.74 -17.75
C GLY A 2640 -35.07 -19.93 -17.63
N ILE A 2641 -35.99 -20.12 -18.57
CA ILE A 2641 -37.24 -19.37 -18.59
C ILE A 2641 -38.28 -20.17 -19.37
N SER A 2642 -39.54 -20.06 -18.93
CA SER A 2642 -40.65 -20.69 -19.64
C SER A 2642 -41.91 -19.90 -19.32
N THR A 2643 -42.98 -20.22 -20.04
CA THR A 2643 -44.26 -19.54 -19.89
C THR A 2643 -45.30 -20.50 -19.34
N VAL A 2644 -46.08 -20.03 -18.36
CA VAL A 2644 -47.19 -20.82 -17.84
C VAL A 2644 -48.47 -20.37 -18.52
N VAL A 2645 -49.14 -21.30 -19.19
CA VAL A 2645 -50.37 -21.02 -19.93
C VAL A 2645 -51.48 -21.92 -19.40
N LYS A 2646 -52.68 -21.35 -19.30
CA LYS A 2646 -53.83 -22.09 -18.80
C LYS A 2646 -54.63 -22.77 -19.91
N THR A 2647 -54.61 -22.21 -21.12
CA THR A 2647 -55.34 -22.81 -22.23
C THR A 2647 -54.59 -24.00 -22.79
N GLN A 2648 -55.34 -25.06 -23.11
CA GLN A 2648 -54.73 -26.24 -23.72
C GLN A 2648 -54.18 -25.89 -25.10
N ARG A 2649 -53.02 -26.46 -25.42
CA ARG A 2649 -52.26 -26.10 -26.62
C ARG A 2649 -52.32 -27.23 -27.63
N GLN A 2650 -52.85 -26.93 -28.83
CA GLN A 2650 -52.77 -27.78 -30.01
C GLN A 2650 -52.93 -29.26 -29.70
N GLN A 2651 -54.03 -29.63 -29.06
CA GLN A 2651 -54.22 -31.03 -28.69
C GLN A 2651 -54.45 -31.90 -29.93
N CYS A 2652 -53.88 -33.10 -29.89
CA CYS A 2652 -54.01 -34.05 -30.99
C CYS A 2652 -53.94 -35.46 -30.41
N SER A 2653 -54.45 -36.42 -31.18
CA SER A 2653 -54.59 -37.80 -30.73
C SER A 2653 -53.31 -38.57 -31.06
N ASN A 2654 -52.60 -39.00 -30.01
CA ASN A 2654 -51.39 -39.76 -30.21
C ASN A 2654 -51.71 -41.22 -30.49
N PRO A 2655 -50.88 -41.91 -31.28
CA PRO A 2655 -51.13 -43.34 -31.54
C PRO A 2655 -50.70 -44.24 -30.40
N CYS A 2656 -49.95 -43.72 -29.43
CA CYS A 2656 -49.36 -44.57 -28.41
C CYS A 2656 -50.36 -45.01 -27.34
N ASP A 2657 -51.51 -44.34 -27.25
CA ASP A 2657 -52.49 -44.72 -26.24
C ASP A 2657 -53.11 -46.08 -26.55
N GLN A 2658 -53.34 -46.38 -27.83
CA GLN A 2658 -54.02 -47.59 -28.22
C GLN A 2658 -53.06 -48.77 -28.16
N PHE A 2659 -53.19 -49.59 -27.12
CA PHE A 2659 -52.39 -50.81 -26.95
C PHE A 2659 -50.90 -50.51 -26.99
N ASN A 2660 -50.51 -49.40 -26.36
CA ASN A 2660 -49.11 -48.97 -26.26
C ASN A 2660 -48.48 -48.84 -27.64
N GLY A 2661 -49.28 -48.40 -28.61
CA GLY A 2661 -48.79 -48.24 -29.96
C GLY A 2661 -48.34 -49.51 -30.64
N GLY A 2662 -48.80 -50.67 -30.18
CA GLY A 2662 -48.37 -51.92 -30.76
C GLY A 2662 -46.94 -52.31 -30.43
N CYS A 2663 -46.40 -51.81 -29.32
CA CYS A 2663 -45.02 -52.09 -28.94
C CYS A 2663 -44.96 -52.59 -27.51
N SER A 2664 -43.76 -53.02 -27.12
CA SER A 2664 -43.60 -53.70 -25.84
C SER A 2664 -43.93 -52.79 -24.66
N HIS A 2665 -43.09 -51.80 -24.41
CA HIS A 2665 -43.25 -50.97 -23.22
C HIS A 2665 -43.23 -49.47 -23.50
N ILE A 2666 -42.36 -49.03 -24.39
CA ILE A 2666 -42.06 -47.61 -24.59
C ILE A 2666 -42.26 -47.27 -26.06
N CYS A 2667 -43.02 -46.20 -26.31
CA CYS A 2667 -43.23 -45.71 -27.67
C CYS A 2667 -43.39 -44.20 -27.62
N ALA A 2668 -43.09 -43.56 -28.76
CA ALA A 2668 -43.25 -42.14 -28.93
C ALA A 2668 -43.92 -41.84 -30.26
N PRO A 2669 -44.83 -40.87 -30.30
CA PRO A 2669 -45.53 -40.58 -31.56
C PRO A 2669 -44.62 -39.91 -32.58
N GLY A 2670 -44.24 -40.65 -33.62
CA GLY A 2670 -43.39 -40.12 -34.66
C GLY A 2670 -44.19 -39.49 -35.77
N PRO A 2671 -43.49 -39.07 -36.84
CA PRO A 2671 -44.21 -38.48 -37.99
C PRO A 2671 -45.21 -39.43 -38.62
N ASN A 2672 -44.93 -40.73 -38.62
CA ASN A 2672 -45.82 -41.73 -39.19
C ASN A 2672 -45.97 -42.88 -38.20
N GLY A 2673 -47.11 -42.93 -37.52
CA GLY A 2673 -47.40 -44.02 -36.61
C GLY A 2673 -46.58 -43.97 -35.33
N ALA A 2674 -46.78 -44.96 -34.46
CA ALA A 2674 -46.04 -45.01 -33.22
C ALA A 2674 -44.59 -45.43 -33.47
N GLU A 2675 -43.67 -44.79 -32.78
CA GLU A 2675 -42.24 -45.10 -32.88
C GLU A 2675 -41.74 -45.54 -31.51
N CYS A 2676 -40.99 -46.64 -31.48
CA CYS A 2676 -40.74 -47.35 -30.23
C CYS A 2676 -39.23 -47.52 -30.00
N GLN A 2677 -38.87 -47.65 -28.73
CA GLN A 2677 -37.47 -47.68 -28.32
C GLN A 2677 -37.32 -48.53 -27.06
N CYS A 2678 -36.09 -48.98 -26.82
CA CYS A 2678 -35.72 -49.88 -25.74
C CYS A 2678 -35.27 -49.10 -24.51
N PRO A 2679 -35.23 -49.75 -23.34
CA PRO A 2679 -34.86 -49.03 -22.11
C PRO A 2679 -33.41 -48.57 -22.13
N HIS A 2680 -33.07 -47.77 -21.11
CA HIS A 2680 -31.71 -47.25 -20.99
C HIS A 2680 -30.70 -48.36 -20.76
N GLU A 2681 -31.03 -49.32 -19.90
CA GLU A 2681 -30.07 -50.33 -19.46
C GLU A 2681 -30.29 -51.64 -20.21
N GLY A 2682 -29.21 -52.17 -20.78
CA GLY A 2682 -29.26 -53.44 -21.48
C GLY A 2682 -28.74 -53.37 -22.90
N ASN A 2683 -28.20 -54.49 -23.39
CA ASN A 2683 -27.70 -54.56 -24.76
C ASN A 2683 -28.85 -54.83 -25.72
N TRP A 2684 -29.77 -53.88 -25.82
CA TRP A 2684 -31.00 -54.11 -26.57
C TRP A 2684 -30.79 -53.90 -28.06
N TYR A 2685 -31.72 -54.43 -28.85
CA TYR A 2685 -31.78 -54.20 -30.29
C TYR A 2685 -33.20 -54.48 -30.76
N LEU A 2686 -33.57 -53.85 -31.87
CA LEU A 2686 -34.96 -53.82 -32.30
C LEU A 2686 -35.25 -54.96 -33.27
N ALA A 2687 -36.48 -55.46 -33.21
CA ALA A 2687 -36.92 -56.58 -34.04
C ALA A 2687 -38.40 -56.47 -34.31
N ASN A 2688 -38.87 -57.26 -35.28
CA ASN A 2688 -40.28 -57.33 -35.67
C ASN A 2688 -40.80 -55.96 -36.10
N ASP A 2689 -40.22 -55.48 -37.21
CA ASP A 2689 -40.49 -54.14 -37.73
C ASP A 2689 -40.18 -53.06 -36.69
N ASN A 2690 -39.15 -53.31 -35.87
CA ASN A 2690 -38.74 -52.42 -34.79
C ASN A 2690 -39.86 -52.11 -33.82
N LYS A 2691 -40.71 -53.09 -33.52
CA LYS A 2691 -41.78 -52.90 -32.55
C LYS A 2691 -41.60 -53.70 -31.28
N TYR A 2692 -40.60 -54.58 -31.23
CA TYR A 2692 -40.28 -55.36 -30.04
C TYR A 2692 -38.83 -55.12 -29.64
N CYS A 2693 -38.59 -55.13 -28.33
CA CYS A 2693 -37.25 -54.96 -27.78
C CYS A 2693 -36.74 -56.28 -27.22
N VAL A 2694 -35.58 -56.71 -27.70
CA VAL A 2694 -34.95 -57.96 -27.27
C VAL A 2694 -33.47 -57.72 -27.04
N VAL A 2695 -32.86 -58.63 -26.28
CA VAL A 2695 -31.44 -58.50 -25.96
C VAL A 2695 -30.62 -58.98 -27.15
N ASP A 2696 -29.62 -58.19 -27.53
CA ASP A 2696 -28.74 -58.52 -28.66
C ASP A 2696 -27.70 -59.53 -28.18
N THR A 2697 -28.04 -60.80 -28.33
CA THR A 2697 -27.13 -61.90 -28.02
C THR A 2697 -26.22 -62.26 -29.19
N GLY A 2698 -26.08 -61.38 -30.18
CA GLY A 2698 -25.31 -61.69 -31.35
C GLY A 2698 -25.99 -62.66 -32.28
N THR A 2699 -27.32 -62.79 -32.20
CA THR A 2699 -28.06 -63.75 -33.00
C THR A 2699 -29.25 -63.06 -33.65
N ARG A 2700 -29.61 -63.56 -34.83
CA ARG A 2700 -30.75 -63.06 -35.58
C ARG A 2700 -31.57 -64.24 -36.08
N CYS A 2701 -32.76 -63.95 -36.60
CA CYS A 2701 -33.57 -64.95 -37.29
C CYS A 2701 -33.97 -64.43 -38.67
N ASN A 2702 -34.26 -65.35 -39.58
CA ASN A 2702 -34.46 -65.01 -40.98
C ASN A 2702 -35.85 -64.40 -41.18
N GLN A 2703 -36.18 -64.10 -42.44
CA GLN A 2703 -37.40 -63.37 -42.76
C GLN A 2703 -38.66 -64.21 -42.62
N LEU A 2704 -38.54 -65.43 -42.06
CA LEU A 2704 -39.69 -66.30 -41.92
C LEU A 2704 -39.97 -66.72 -40.48
N GLN A 2705 -39.25 -66.18 -39.49
CA GLN A 2705 -39.48 -66.50 -38.09
C GLN A 2705 -39.84 -65.23 -37.33
N PHE A 2706 -40.98 -65.27 -36.64
CA PHE A 2706 -41.32 -64.20 -35.71
C PHE A 2706 -40.52 -64.35 -34.42
N THR A 2707 -40.05 -63.23 -33.88
CA THR A 2707 -39.20 -63.24 -32.70
C THR A 2707 -40.04 -62.91 -31.48
N CYS A 2708 -40.25 -63.89 -30.61
CA CYS A 2708 -40.81 -63.62 -29.29
C CYS A 2708 -39.78 -62.88 -28.45
N LEU A 2709 -40.20 -62.39 -27.30
CA LEU A 2709 -39.29 -61.71 -26.40
C LEU A 2709 -38.23 -62.71 -25.89
N ASN A 2710 -37.14 -62.15 -25.36
CA ASN A 2710 -35.98 -62.85 -24.82
C ASN A 2710 -35.28 -63.71 -25.87
N GLY A 2711 -35.69 -63.61 -27.13
CA GLY A 2711 -34.97 -64.22 -28.24
C GLY A 2711 -35.54 -65.49 -28.80
N HIS A 2712 -36.50 -66.13 -28.14
CA HIS A 2712 -37.14 -67.32 -28.69
C HIS A 2712 -37.88 -66.94 -29.97
N CYS A 2713 -37.41 -67.43 -31.11
CA CYS A 2713 -38.01 -67.02 -32.37
C CYS A 2713 -38.52 -68.21 -33.15
N ILE A 2714 -39.79 -68.14 -33.57
CA ILE A 2714 -40.52 -69.23 -34.20
C ILE A 2714 -41.14 -68.71 -35.49
N ASN A 2715 -41.51 -69.65 -36.37
CA ASN A 2715 -42.00 -69.28 -37.70
C ASN A 2715 -43.24 -68.40 -37.61
N GLN A 2716 -43.30 -67.40 -38.49
CA GLN A 2716 -44.29 -66.34 -38.40
C GLN A 2716 -45.72 -66.79 -38.68
N ASP A 2717 -45.93 -68.05 -39.09
CA ASP A 2717 -47.29 -68.52 -39.28
C ASP A 2717 -48.03 -68.70 -37.96
N TRP A 2718 -47.33 -69.15 -36.92
CA TRP A 2718 -47.95 -69.29 -35.60
C TRP A 2718 -48.13 -67.95 -34.91
N LYS A 2719 -47.56 -66.89 -35.46
CA LYS A 2719 -47.62 -65.57 -34.85
C LYS A 2719 -49.05 -65.08 -34.70
N CYS A 2720 -49.46 -64.86 -33.45
CA CYS A 2720 -50.81 -64.39 -33.12
C CYS A 2720 -51.88 -65.31 -33.72
N ASP A 2721 -51.68 -66.62 -33.59
CA ASP A 2721 -52.70 -67.58 -33.99
C ASP A 2721 -53.67 -67.91 -32.87
N ASN A 2722 -53.78 -67.04 -31.86
CA ASN A 2722 -54.64 -67.26 -30.70
C ASN A 2722 -54.27 -68.53 -29.95
N ASP A 2723 -52.98 -68.87 -29.97
CA ASP A 2723 -52.45 -70.00 -29.21
C ASP A 2723 -51.00 -69.69 -28.85
N ASN A 2724 -50.64 -70.01 -27.60
CA ASN A 2724 -49.30 -69.71 -27.13
C ASN A 2724 -48.29 -70.59 -27.87
N ASP A 2725 -47.14 -70.00 -28.22
CA ASP A 2725 -46.09 -70.70 -28.93
C ASP A 2725 -44.71 -70.44 -28.33
N CYS A 2726 -44.63 -69.71 -27.23
CA CYS A 2726 -43.34 -69.33 -26.64
C CYS A 2726 -43.38 -69.60 -25.15
N GLY A 2727 -42.24 -69.38 -24.49
CA GLY A 2727 -42.13 -69.63 -23.07
C GLY A 2727 -42.79 -68.59 -22.18
N ASP A 2728 -43.28 -67.49 -22.75
CA ASP A 2728 -43.88 -66.44 -21.93
C ASP A 2728 -45.16 -65.86 -22.51
N GLY A 2729 -45.69 -66.41 -23.61
CA GLY A 2729 -46.85 -65.81 -24.24
C GLY A 2729 -46.58 -64.50 -24.92
N SER A 2730 -45.33 -64.21 -25.28
CA SER A 2730 -45.00 -62.95 -25.92
C SER A 2730 -45.71 -62.81 -27.27
N ASP A 2731 -45.82 -63.93 -28.01
CA ASP A 2731 -46.49 -63.91 -29.30
C ASP A 2731 -47.96 -63.55 -29.19
N GLU A 2732 -48.66 -64.05 -28.17
CA GLU A 2732 -50.09 -63.80 -28.02
C GLU A 2732 -50.40 -62.56 -27.18
N LEU A 2733 -49.43 -61.65 -27.04
CA LEU A 2733 -49.71 -60.41 -26.34
C LEU A 2733 -50.67 -59.55 -27.16
N PRO A 2734 -51.55 -58.78 -26.51
CA PRO A 2734 -52.48 -57.94 -27.27
C PRO A 2734 -51.81 -56.84 -28.07
N THR A 2735 -50.54 -56.52 -27.77
CA THR A 2735 -49.86 -55.43 -28.48
C THR A 2735 -49.78 -55.72 -29.98
N VAL A 2736 -49.55 -56.97 -30.36
CA VAL A 2736 -49.49 -57.32 -31.77
C VAL A 2736 -50.85 -57.78 -32.29
N CYS A 2737 -51.67 -58.40 -31.43
CA CYS A 2737 -52.94 -58.96 -31.86
C CYS A 2737 -54.06 -57.93 -31.90
N ALA A 2738 -53.80 -56.68 -31.48
CA ALA A 2738 -54.82 -55.65 -31.60
C ALA A 2738 -55.18 -55.40 -33.05
N PHE A 2739 -54.19 -55.37 -33.93
CA PHE A 2739 -54.43 -55.25 -35.37
C PHE A 2739 -53.57 -56.32 -36.05
N HIS A 2740 -54.19 -57.43 -36.42
CA HIS A 2740 -53.45 -58.55 -37.00
C HIS A 2740 -54.24 -59.13 -38.16
N THR A 2741 -53.51 -59.66 -39.13
CA THR A 2741 -54.12 -60.28 -40.30
C THR A 2741 -53.70 -61.75 -40.42
N THR B 1308 -48.57 -39.65 -62.39
CA THR B 1308 -49.81 -39.56 -63.15
C THR B 1308 -51.02 -39.78 -62.25
N GLN B 1309 -52.22 -39.80 -62.85
CA GLN B 1309 -53.48 -39.90 -62.12
C GLN B 1309 -53.54 -38.82 -61.06
N PRO B 1310 -53.78 -37.56 -61.45
CA PRO B 1310 -53.64 -36.44 -60.50
C PRO B 1310 -54.53 -36.59 -59.28
N PHE B 1311 -54.06 -36.02 -58.18
CA PHE B 1311 -54.73 -36.08 -56.88
C PHE B 1311 -55.55 -34.81 -56.64
N HIS B 1312 -56.14 -34.27 -57.70
CA HIS B 1312 -56.92 -33.05 -57.62
C HIS B 1312 -57.96 -33.07 -58.74
N CYS B 1313 -58.60 -31.93 -58.95
CA CYS B 1313 -59.62 -31.80 -59.99
C CYS B 1313 -59.11 -30.88 -61.09
N PRO B 1314 -58.70 -31.40 -62.24
CA PRO B 1314 -58.31 -30.52 -63.35
C PRO B 1314 -59.50 -29.92 -64.08
N SER B 1315 -59.24 -29.23 -65.20
CA SER B 1315 -60.27 -28.69 -66.07
C SER B 1315 -61.05 -27.55 -65.42
N THR B 1316 -62.38 -27.60 -65.53
CA THR B 1316 -63.23 -26.47 -65.17
C THR B 1316 -63.56 -26.39 -63.68
N GLN B 1317 -62.76 -27.06 -62.85
CA GLN B 1317 -63.01 -27.12 -61.41
C GLN B 1317 -61.96 -26.33 -60.64
N TRP B 1318 -62.40 -25.75 -59.53
CA TRP B 1318 -61.51 -25.08 -58.58
C TRP B 1318 -61.82 -25.59 -57.18
N GLN B 1319 -60.77 -25.72 -56.37
CA GLN B 1319 -60.85 -26.37 -55.08
C GLN B 1319 -60.77 -25.34 -53.96
N CYS B 1320 -61.66 -25.47 -52.97
CA CYS B 1320 -61.56 -24.69 -51.74
C CYS B 1320 -60.35 -25.14 -50.96
N PRO B 1321 -59.41 -24.25 -50.64
CA PRO B 1321 -58.24 -24.64 -49.83
C PRO B 1321 -58.66 -25.08 -48.43
N GLY B 1322 -57.88 -26.00 -47.87
CA GLY B 1322 -58.28 -26.66 -46.64
C GLY B 1322 -59.24 -27.81 -46.84
N TYR B 1323 -59.58 -28.12 -48.10
CA TYR B 1323 -60.46 -29.22 -48.43
C TYR B 1323 -60.12 -29.71 -49.83
N SER B 1324 -60.70 -30.85 -50.19
CA SER B 1324 -60.62 -31.37 -51.55
C SER B 1324 -61.88 -31.10 -52.36
N THR B 1325 -62.77 -30.25 -51.86
CA THR B 1325 -64.03 -29.94 -52.53
C THR B 1325 -63.79 -29.20 -53.83
N CYS B 1326 -64.22 -29.78 -54.95
CA CYS B 1326 -64.06 -29.15 -56.25
C CYS B 1326 -65.37 -28.54 -56.71
N ILE B 1327 -65.33 -27.27 -57.07
CA ILE B 1327 -66.50 -26.55 -57.56
C ILE B 1327 -66.18 -25.97 -58.94
N ASN B 1328 -67.21 -25.86 -59.78
CA ASN B 1328 -67.01 -25.45 -61.16
C ASN B 1328 -66.91 -23.93 -61.28
N LEU B 1329 -66.81 -23.47 -62.54
CA LEU B 1329 -66.61 -22.05 -62.81
C LEU B 1329 -67.82 -21.20 -62.46
N SER B 1330 -69.00 -21.81 -62.38
CA SER B 1330 -70.21 -21.08 -62.00
C SER B 1330 -70.48 -21.13 -60.51
N ALA B 1331 -69.96 -22.13 -59.80
CA ALA B 1331 -70.18 -22.24 -58.36
C ALA B 1331 -69.31 -21.26 -57.59
N LEU B 1332 -68.34 -20.63 -58.24
CA LEU B 1332 -67.48 -19.65 -57.57
C LEU B 1332 -68.28 -18.43 -57.16
N CYS B 1333 -68.31 -18.17 -55.85
CA CYS B 1333 -69.06 -17.04 -55.28
C CYS B 1333 -70.52 -17.07 -55.68
N ASP B 1334 -71.12 -18.26 -55.67
CA ASP B 1334 -72.50 -18.41 -56.11
C ASP B 1334 -73.50 -17.87 -55.08
N GLY B 1335 -73.05 -17.56 -53.87
CA GLY B 1335 -73.97 -17.13 -52.83
C GLY B 1335 -73.35 -17.07 -51.45
N VAL B 1336 -74.01 -17.73 -50.48
CA VAL B 1336 -73.48 -17.80 -49.12
C VAL B 1336 -72.14 -18.54 -49.13
N PHE B 1337 -71.36 -18.31 -48.07
CA PHE B 1337 -70.03 -18.91 -47.93
C PHE B 1337 -70.22 -20.40 -47.63
N ASP B 1338 -70.50 -21.17 -48.69
CA ASP B 1338 -70.82 -22.58 -48.55
C ASP B 1338 -69.65 -23.41 -48.06
N CYS B 1339 -68.44 -23.18 -48.57
CA CYS B 1339 -67.28 -23.91 -48.10
C CYS B 1339 -67.04 -23.57 -46.63
N PRO B 1340 -66.86 -24.57 -45.76
CA PRO B 1340 -66.71 -24.28 -44.32
C PRO B 1340 -65.54 -23.37 -44.00
N ASN B 1341 -64.50 -23.36 -44.83
CA ASN B 1341 -63.36 -22.48 -44.63
C ASN B 1341 -63.62 -21.05 -45.11
N GLY B 1342 -64.72 -20.81 -45.81
CA GLY B 1342 -65.08 -19.48 -46.25
C GLY B 1342 -64.45 -19.07 -47.56
N THR B 1343 -63.63 -19.94 -48.14
CA THR B 1343 -62.94 -19.62 -49.38
C THR B 1343 -63.82 -19.77 -50.61
N ASP B 1344 -65.06 -20.24 -50.46
CA ASP B 1344 -65.98 -20.25 -51.59
C ASP B 1344 -66.27 -18.83 -52.07
N GLU B 1345 -66.25 -17.86 -51.17
CA GLU B 1345 -66.45 -16.45 -51.51
C GLU B 1345 -65.27 -15.62 -51.01
N SER B 1346 -65.14 -14.43 -51.59
CA SER B 1346 -64.09 -13.50 -51.22
C SER B 1346 -64.71 -12.12 -51.08
N PRO B 1347 -64.10 -11.23 -50.27
CA PRO B 1347 -64.71 -9.90 -50.08
C PRO B 1347 -64.80 -9.09 -51.36
N LEU B 1348 -63.86 -9.24 -52.28
CA LEU B 1348 -63.84 -8.48 -53.52
C LEU B 1348 -64.48 -9.21 -54.69
N CYS B 1349 -65.08 -10.38 -54.45
CA CYS B 1349 -65.54 -11.25 -55.53
C CYS B 1349 -66.53 -10.57 -56.45
N ASN B 1350 -66.12 -10.34 -57.70
CA ASN B 1350 -66.96 -9.72 -58.73
C ASN B 1350 -67.55 -8.40 -58.25
N GLN B 1351 -66.68 -7.55 -57.69
CA GLN B 1351 -67.12 -6.20 -57.32
C GLN B 1351 -67.54 -5.42 -58.54
N ASP B 1352 -66.80 -5.55 -59.64
CA ASP B 1352 -67.18 -4.97 -60.91
C ASP B 1352 -66.72 -5.91 -62.02
N SER B 1353 -67.31 -5.73 -63.20
CA SER B 1353 -67.09 -6.66 -64.30
C SER B 1353 -65.81 -6.36 -65.08
N CYS B 1354 -65.07 -5.31 -64.70
CA CYS B 1354 -63.91 -4.83 -65.46
C CYS B 1354 -64.33 -4.45 -66.87
N SER B 1355 -65.57 -3.99 -67.01
CA SER B 1355 -66.09 -3.48 -68.27
C SER B 1355 -66.85 -2.17 -68.14
N HIS B 1356 -67.28 -1.77 -66.95
CA HIS B 1356 -67.99 -0.51 -66.72
C HIS B 1356 -66.97 0.60 -66.56
N PHE B 1357 -66.52 1.15 -67.69
CA PHE B 1357 -65.54 2.23 -67.73
C PHE B 1357 -64.26 1.81 -66.99
N ASN B 1358 -63.60 0.80 -67.58
CA ASN B 1358 -62.41 0.19 -67.00
C ASN B 1358 -62.70 -0.44 -65.64
N GLY B 1359 -63.96 -0.86 -65.44
CA GLY B 1359 -64.35 -1.54 -64.23
C GLY B 1359 -64.25 -0.72 -62.97
N GLY B 1360 -64.12 0.61 -63.09
CA GLY B 1360 -63.98 1.47 -61.94
C GLY B 1360 -62.55 1.67 -61.46
N CYS B 1361 -61.64 0.77 -61.78
CA CYS B 1361 -60.23 0.97 -61.43
C CYS B 1361 -59.65 2.09 -62.26
N THR B 1362 -58.91 2.99 -61.61
CA THR B 1362 -58.46 4.20 -62.28
C THR B 1362 -57.41 3.93 -63.36
N HIS B 1363 -56.65 2.85 -63.25
CA HIS B 1363 -55.56 2.62 -64.19
C HIS B 1363 -55.77 1.38 -65.05
N GLN B 1364 -55.97 0.22 -64.42
CA GLN B 1364 -56.01 -1.04 -65.18
C GLN B 1364 -56.71 -2.10 -64.34
N CYS B 1365 -57.86 -2.58 -64.83
CA CYS B 1365 -58.55 -3.67 -64.15
C CYS B 1365 -58.27 -5.00 -64.85
N MET B 1366 -58.38 -6.08 -64.08
CA MET B 1366 -58.27 -7.43 -64.62
C MET B 1366 -59.03 -8.37 -63.68
N GLN B 1367 -59.79 -9.29 -64.28
CA GLN B 1367 -60.64 -10.20 -63.52
C GLN B 1367 -59.96 -11.56 -63.39
N GLY B 1368 -59.80 -12.01 -62.15
CA GLY B 1368 -59.32 -13.34 -61.88
C GLY B 1368 -60.47 -14.28 -61.55
N PRO B 1369 -60.17 -15.37 -60.84
CA PRO B 1369 -61.25 -16.27 -60.40
C PRO B 1369 -62.27 -15.60 -59.51
N PHE B 1370 -61.86 -14.61 -58.72
CA PHE B 1370 -62.74 -13.91 -57.80
C PHE B 1370 -63.02 -12.47 -58.21
N GLY B 1371 -63.22 -12.21 -59.51
CA GLY B 1371 -63.62 -10.89 -59.94
C GLY B 1371 -62.44 -9.99 -60.28
N ALA B 1372 -62.76 -8.70 -60.45
CA ALA B 1372 -61.78 -7.75 -60.96
C ALA B 1372 -60.75 -7.38 -59.90
N THR B 1373 -59.53 -7.12 -60.36
CA THR B 1373 -58.46 -6.57 -59.54
C THR B 1373 -57.84 -5.38 -60.25
N CYS B 1374 -57.53 -4.33 -59.49
CA CYS B 1374 -57.00 -3.10 -60.03
C CYS B 1374 -55.48 -3.11 -59.94
N LEU B 1375 -54.83 -2.77 -61.06
CA LEU B 1375 -53.38 -2.76 -61.16
C LEU B 1375 -52.88 -1.32 -61.21
N CYS B 1376 -51.82 -1.04 -60.46
CA CYS B 1376 -51.19 0.27 -60.47
C CYS B 1376 -49.81 0.18 -61.09
N PRO B 1377 -49.42 1.13 -61.94
CA PRO B 1377 -48.08 1.06 -62.54
C PRO B 1377 -47.00 1.18 -61.49
N LEU B 1378 -45.82 0.63 -61.80
CA LEU B 1378 -44.70 0.57 -60.87
C LEU B 1378 -44.39 1.96 -60.34
N GLY B 1379 -44.59 2.15 -59.03
CA GLY B 1379 -44.47 3.45 -58.38
C GLY B 1379 -45.73 3.88 -57.67
N TYR B 1380 -46.89 3.53 -58.20
CA TYR B 1380 -48.17 3.85 -57.59
C TYR B 1380 -48.54 2.81 -56.53
N GLN B 1381 -49.55 3.14 -55.74
CA GLN B 1381 -50.03 2.26 -54.67
C GLN B 1381 -51.55 2.25 -54.65
N LEU B 1382 -52.12 1.08 -54.40
CA LEU B 1382 -53.56 0.96 -54.24
C LEU B 1382 -54.02 1.73 -53.02
N ALA B 1383 -55.04 2.56 -53.18
CA ALA B 1383 -55.54 3.35 -52.07
C ALA B 1383 -56.34 2.48 -51.10
N ASN B 1384 -56.85 3.11 -50.05
CA ASN B 1384 -57.71 2.40 -49.12
C ASN B 1384 -58.96 1.89 -49.82
N ASP B 1385 -59.54 2.71 -50.69
CA ASP B 1385 -60.57 2.24 -51.62
C ASP B 1385 -59.86 1.54 -52.77
N THR B 1386 -60.23 0.28 -53.00
CA THR B 1386 -59.39 -0.60 -53.81
C THR B 1386 -59.34 -0.17 -55.28
N LYS B 1387 -60.26 0.70 -55.71
CA LYS B 1387 -60.36 1.04 -57.12
C LYS B 1387 -59.54 2.26 -57.52
N THR B 1388 -58.79 2.86 -56.61
CA THR B 1388 -58.00 4.05 -56.91
C THR B 1388 -56.51 3.77 -56.69
N CYS B 1389 -55.70 4.16 -57.67
CA CYS B 1389 -54.25 4.09 -57.56
C CYS B 1389 -53.70 5.50 -57.32
N GLU B 1390 -52.84 5.64 -56.32
CA GLU B 1390 -52.32 6.93 -55.92
C GLU B 1390 -50.79 6.88 -55.87
N ASP B 1391 -50.19 8.07 -55.96
CA ASP B 1391 -48.75 8.21 -55.98
C ASP B 1391 -48.19 8.17 -54.56
N ILE B 1392 -47.15 7.36 -54.36
CA ILE B 1392 -46.48 7.34 -53.07
C ILE B 1392 -45.48 8.49 -53.00
N ASN B 1393 -45.32 9.06 -51.81
CA ASN B 1393 -44.33 10.11 -51.60
C ASN B 1393 -43.02 9.44 -51.22
N GLU B 1394 -42.23 9.10 -52.25
CA GLU B 1394 -40.99 8.37 -52.02
C GLU B 1394 -40.01 9.17 -51.19
N CYS B 1395 -40.16 10.49 -51.16
CA CYS B 1395 -39.28 11.33 -50.35
C CYS B 1395 -39.62 11.30 -48.88
N ASP B 1396 -40.79 10.78 -48.50
CA ASP B 1396 -41.14 10.67 -47.09
C ASP B 1396 -40.41 9.53 -46.38
N ILE B 1397 -40.04 8.48 -47.12
CA ILE B 1397 -39.24 7.39 -46.57
C ILE B 1397 -37.85 7.95 -46.30
N PRO B 1398 -37.33 7.85 -45.08
CA PRO B 1398 -36.08 8.56 -44.76
C PRO B 1398 -34.84 7.82 -45.24
N GLY B 1399 -34.05 8.51 -46.06
CA GLY B 1399 -32.89 7.92 -46.68
C GLY B 1399 -33.13 7.31 -48.04
N PHE B 1400 -34.37 7.34 -48.55
CA PHE B 1400 -34.63 6.82 -49.88
C PHE B 1400 -33.81 7.57 -50.92
N CYS B 1401 -33.78 8.90 -50.83
CA CYS B 1401 -32.90 9.73 -51.63
C CYS B 1401 -31.92 10.40 -50.69
N SER B 1402 -30.62 10.26 -50.97
CA SER B 1402 -29.61 10.62 -49.99
C SER B 1402 -29.64 12.09 -49.60
N GLN B 1403 -29.69 13.01 -50.55
CA GLN B 1403 -29.52 14.41 -50.19
C GLN B 1403 -30.75 15.27 -50.48
N HIS B 1404 -31.21 15.30 -51.72
CA HIS B 1404 -32.33 16.15 -52.12
C HIS B 1404 -33.33 15.34 -52.94
N CYS B 1405 -34.57 15.29 -52.46
CA CYS B 1405 -35.63 14.49 -53.09
C CYS B 1405 -36.77 15.41 -53.49
N VAL B 1406 -37.31 15.18 -54.69
CA VAL B 1406 -38.46 15.91 -55.19
C VAL B 1406 -39.53 14.89 -55.56
N ASN B 1407 -40.69 15.00 -54.92
CA ASN B 1407 -41.79 14.09 -55.20
C ASN B 1407 -42.44 14.43 -56.53
N MET B 1408 -42.69 13.40 -57.34
CA MET B 1408 -43.30 13.58 -58.65
C MET B 1408 -44.49 12.64 -58.78
N ARG B 1409 -45.26 12.85 -59.84
CA ARG B 1409 -46.43 12.02 -60.11
C ARG B 1409 -46.01 10.59 -60.44
N GLY B 1410 -46.15 9.69 -59.48
CA GLY B 1410 -45.72 8.31 -59.68
C GLY B 1410 -44.24 8.16 -59.90
N SER B 1411 -43.44 9.13 -59.46
CA SER B 1411 -42.00 9.11 -59.68
C SER B 1411 -41.34 10.00 -58.65
N PHE B 1412 -40.01 10.10 -58.75
CA PHE B 1412 -39.21 10.91 -57.84
C PHE B 1412 -38.05 11.51 -58.61
N ARG B 1413 -37.51 12.61 -58.10
CA ARG B 1413 -36.34 13.25 -58.67
C ARG B 1413 -35.32 13.49 -57.57
N CYS B 1414 -34.04 13.32 -57.92
CA CYS B 1414 -32.96 13.40 -56.94
C CYS B 1414 -31.83 14.27 -57.48
N ALA B 1415 -31.16 14.96 -56.56
CA ALA B 1415 -29.98 15.76 -56.85
C ALA B 1415 -29.18 15.90 -55.57
N CYS B 1416 -27.94 16.34 -55.69
CA CYS B 1416 -27.10 16.56 -54.53
C CYS B 1416 -26.11 17.70 -54.79
N ASP B 1417 -25.44 18.10 -53.71
CA ASP B 1417 -24.59 19.28 -53.71
C ASP B 1417 -23.39 19.07 -54.63
N PRO B 1418 -22.77 20.16 -55.09
CA PRO B 1418 -21.64 20.03 -56.02
C PRO B 1418 -20.48 19.22 -55.49
N GLU B 1419 -20.34 19.08 -54.18
CA GLU B 1419 -19.30 18.21 -53.63
C GLU B 1419 -19.58 16.73 -53.91
N TYR B 1420 -20.77 16.39 -54.38
CA TYR B 1420 -21.18 15.01 -54.58
C TYR B 1420 -21.65 14.81 -56.02
N THR B 1421 -21.67 13.55 -56.44
CA THR B 1421 -22.16 13.16 -57.76
C THR B 1421 -23.13 12.00 -57.62
N LEU B 1422 -24.26 12.09 -58.31
CA LEU B 1422 -25.25 11.03 -58.28
C LEU B 1422 -24.73 9.79 -58.99
N GLU B 1423 -25.06 8.62 -58.45
CA GLU B 1423 -24.59 7.36 -59.01
C GLU B 1423 -25.50 6.91 -60.15
N SER B 1424 -25.23 5.71 -60.67
CA SER B 1424 -26.04 5.16 -61.75
C SER B 1424 -27.50 5.02 -61.32
N ASP B 1425 -27.73 4.44 -60.15
CA ASP B 1425 -29.06 4.51 -59.55
C ASP B 1425 -29.35 5.94 -59.14
N GLY B 1426 -30.58 6.38 -59.37
CA GLY B 1426 -30.92 7.78 -59.14
C GLY B 1426 -31.16 8.13 -57.69
N ARG B 1427 -30.53 7.41 -56.76
CA ARG B 1427 -30.74 7.68 -55.35
C ARG B 1427 -29.43 8.02 -54.62
N THR B 1428 -28.39 7.23 -54.84
CA THR B 1428 -27.15 7.38 -54.08
C THR B 1428 -26.27 8.47 -54.69
N CYS B 1429 -25.68 9.29 -53.83
CA CYS B 1429 -24.70 10.30 -54.24
C CYS B 1429 -23.37 10.02 -53.57
N LYS B 1430 -22.29 10.17 -54.32
CA LYS B 1430 -20.94 9.88 -53.86
C LYS B 1430 -20.07 11.12 -53.99
N VAL B 1431 -19.06 11.22 -53.12
CA VAL B 1431 -18.20 12.40 -53.10
C VAL B 1431 -17.51 12.55 -54.45
N THR B 1432 -17.54 13.78 -54.98
CA THR B 1432 -16.98 14.02 -56.31
C THR B 1432 -15.46 13.95 -56.31
N GLY B 1433 -14.82 14.35 -55.21
CA GLY B 1433 -13.39 14.23 -55.12
C GLY B 1433 -12.97 12.85 -54.64
N SER B 1434 -11.75 12.46 -55.00
CA SER B 1434 -11.28 11.15 -54.58
C SER B 1434 -10.75 11.20 -53.16
N GLU B 1435 -9.66 11.93 -52.94
CA GLU B 1435 -9.00 12.07 -51.64
C GLU B 1435 -8.91 10.69 -50.98
N ASN B 1436 -8.99 10.65 -49.65
CA ASN B 1436 -9.15 9.43 -48.89
C ASN B 1436 -9.96 9.77 -47.64
N PRO B 1437 -11.15 9.21 -47.48
CA PRO B 1437 -11.94 9.47 -46.26
C PRO B 1437 -11.16 9.00 -45.03
N LEU B 1438 -10.79 9.96 -44.19
CA LEU B 1438 -9.88 9.72 -43.08
C LEU B 1438 -10.65 9.86 -41.77
N LEU B 1439 -10.59 8.83 -40.94
CA LEU B 1439 -11.30 8.79 -39.67
C LEU B 1439 -10.29 8.85 -38.53
N VAL B 1440 -10.48 9.80 -37.62
CA VAL B 1440 -9.56 10.02 -36.52
C VAL B 1440 -10.31 9.86 -35.20
N VAL B 1441 -9.73 9.07 -34.30
CA VAL B 1441 -10.36 8.73 -33.02
C VAL B 1441 -9.37 9.05 -31.91
N ALA B 1442 -9.87 9.60 -30.80
CA ALA B 1442 -9.02 10.03 -29.70
C ALA B 1442 -9.03 8.99 -28.59
N SER B 1443 -8.02 8.12 -28.58
CA SER B 1443 -7.76 7.26 -27.43
C SER B 1443 -6.92 8.03 -26.42
N ARG B 1444 -6.89 7.51 -25.19
CA ARG B 1444 -6.30 8.25 -24.08
C ARG B 1444 -4.89 8.77 -24.40
N ASP B 1445 -3.95 7.87 -24.65
CA ASP B 1445 -2.56 8.24 -24.88
C ASP B 1445 -2.16 8.20 -26.34
N LYS B 1446 -3.10 8.02 -27.26
CA LYS B 1446 -2.78 7.94 -28.68
C LYS B 1446 -3.94 8.49 -29.50
N ILE B 1447 -3.62 9.28 -30.53
CA ILE B 1447 -4.61 9.74 -31.49
C ILE B 1447 -4.56 8.79 -32.68
N ILE B 1448 -5.53 7.89 -32.75
CA ILE B 1448 -5.54 6.86 -33.80
C ILE B 1448 -6.31 7.39 -35.00
N VAL B 1449 -5.72 7.20 -36.19
CA VAL B 1449 -6.30 7.68 -37.43
C VAL B 1449 -6.49 6.49 -38.37
N ASP B 1450 -7.69 6.36 -38.92
CA ASP B 1450 -8.05 5.26 -39.81
C ASP B 1450 -8.13 5.77 -41.25
N ASN B 1451 -7.50 5.04 -42.16
CA ASN B 1451 -7.50 5.38 -43.59
C ASN B 1451 -8.54 4.49 -44.26
N ILE B 1452 -9.78 4.97 -44.32
CA ILE B 1452 -10.89 4.18 -44.85
C ILE B 1452 -10.75 4.08 -46.36
N THR B 1453 -10.71 2.87 -46.88
CA THR B 1453 -10.65 2.63 -48.32
C THR B 1453 -10.95 1.16 -48.61
N ALA B 1454 -11.85 0.92 -49.56
CA ALA B 1454 -12.16 -0.41 -50.06
C ALA B 1454 -12.52 -1.38 -48.92
N HIS B 1455 -13.36 -0.90 -48.01
CA HIS B 1455 -13.82 -1.70 -46.87
C HIS B 1455 -12.65 -2.21 -46.02
N THR B 1456 -11.56 -1.45 -46.00
CA THR B 1456 -10.37 -1.81 -45.26
C THR B 1456 -9.91 -0.62 -44.41
N HIS B 1457 -9.51 -0.89 -43.18
CA HIS B 1457 -9.10 0.13 -42.24
C HIS B 1457 -7.63 -0.08 -41.88
N ASN B 1458 -6.84 0.98 -42.00
CA ASN B 1458 -5.43 0.96 -41.63
C ASN B 1458 -5.22 1.88 -40.43
N LEU B 1459 -4.58 1.37 -39.39
CA LEU B 1459 -4.45 2.07 -38.12
C LEU B 1459 -3.01 2.53 -37.92
N TYR B 1460 -2.84 3.79 -37.52
CA TYR B 1460 -1.55 4.31 -37.13
C TYR B 1460 -1.75 5.52 -36.22
N SER B 1461 -0.68 5.94 -35.57
CA SER B 1461 -0.72 7.03 -34.59
C SER B 1461 -0.32 8.33 -35.26
N LEU B 1462 -1.13 9.38 -35.06
CA LEU B 1462 -0.87 10.65 -35.72
C LEU B 1462 0.29 11.40 -35.05
N VAL B 1463 0.34 11.43 -33.73
CA VAL B 1463 1.32 12.22 -32.99
C VAL B 1463 1.94 11.35 -31.91
N GLN B 1464 3.03 11.87 -31.32
CA GLN B 1464 3.89 11.04 -30.49
C GLN B 1464 3.76 11.33 -29.00
N ASP B 1465 3.44 12.56 -28.62
CA ASP B 1465 3.61 12.98 -27.23
C ASP B 1465 2.31 13.53 -26.65
N VAL B 1466 1.21 12.81 -26.82
CA VAL B 1466 -0.05 13.19 -26.18
C VAL B 1466 -0.23 12.39 -24.90
N SER B 1467 -1.01 12.94 -23.97
CA SER B 1467 -1.29 12.30 -22.70
C SER B 1467 -2.75 11.94 -22.51
N PHE B 1468 -3.67 12.88 -22.72
CA PHE B 1468 -5.09 12.60 -22.58
C PHE B 1468 -5.89 13.49 -23.53
N VAL B 1469 -6.19 12.99 -24.73
CA VAL B 1469 -6.93 13.79 -25.71
C VAL B 1469 -8.41 13.45 -25.62
N VAL B 1470 -9.25 14.48 -25.57
CA VAL B 1470 -10.67 14.31 -25.36
C VAL B 1470 -11.49 14.83 -26.54
N ALA B 1471 -10.92 15.77 -27.30
CA ALA B 1471 -11.64 16.41 -28.38
C ALA B 1471 -10.79 16.44 -29.63
N LEU B 1472 -11.45 16.49 -30.79
CA LEU B 1472 -10.78 16.49 -32.08
C LEU B 1472 -11.56 17.34 -33.09
N ASP B 1473 -10.82 18.01 -33.97
CA ASP B 1473 -11.37 18.63 -35.16
C ASP B 1473 -10.24 18.86 -36.15
N PHE B 1474 -10.61 19.24 -37.37
CA PHE B 1474 -9.63 19.50 -38.41
C PHE B 1474 -10.06 20.72 -39.23
N ASP B 1475 -9.06 21.41 -39.77
CA ASP B 1475 -9.28 22.55 -40.65
C ASP B 1475 -8.95 22.16 -42.07
N SER B 1476 -9.92 22.31 -42.98
CA SER B 1476 -9.70 21.91 -44.37
C SER B 1476 -8.75 22.86 -45.09
N VAL B 1477 -8.80 24.14 -44.76
CA VAL B 1477 -7.99 25.13 -45.49
C VAL B 1477 -6.50 24.85 -45.29
N THR B 1478 -6.09 24.58 -44.06
CA THR B 1478 -4.68 24.34 -43.77
C THR B 1478 -4.35 22.86 -43.62
N GLY B 1479 -5.35 21.98 -43.59
CA GLY B 1479 -5.10 20.57 -43.43
C GLY B 1479 -4.48 20.18 -42.10
N ARG B 1480 -4.88 20.85 -41.03
CA ARG B 1480 -4.32 20.63 -39.70
C ARG B 1480 -5.37 20.03 -38.79
N VAL B 1481 -4.96 19.09 -37.95
CA VAL B 1481 -5.85 18.49 -36.96
C VAL B 1481 -5.72 19.21 -35.64
N PHE B 1482 -6.84 19.62 -35.06
CA PHE B 1482 -6.87 20.30 -33.78
C PHE B 1482 -7.39 19.36 -32.70
N TRP B 1483 -6.67 19.29 -31.59
CA TRP B 1483 -7.08 18.44 -30.47
C TRP B 1483 -6.69 19.10 -29.16
N SER B 1484 -7.37 18.68 -28.09
CA SER B 1484 -7.15 19.23 -26.76
C SER B 1484 -6.70 18.11 -25.83
N ASP B 1485 -5.81 18.45 -24.90
CA ASP B 1485 -5.27 17.50 -23.94
C ASP B 1485 -5.83 17.83 -22.56
N LEU B 1486 -6.46 16.84 -21.92
CA LEU B 1486 -7.06 17.08 -20.62
C LEU B 1486 -6.02 17.18 -19.52
N LEU B 1487 -5.00 16.33 -19.55
CA LEU B 1487 -3.98 16.36 -18.51
C LEU B 1487 -3.05 17.55 -18.68
N GLN B 1488 -2.65 17.86 -19.92
CA GLN B 1488 -1.76 18.99 -20.17
C GLN B 1488 -2.49 20.32 -20.10
N GLY B 1489 -3.80 20.33 -20.31
CA GLY B 1489 -4.55 21.56 -20.34
C GLY B 1489 -4.20 22.48 -21.50
N LYS B 1490 -3.98 21.92 -22.68
CA LYS B 1490 -3.60 22.71 -23.85
C LYS B 1490 -4.34 22.20 -25.08
N THR B 1491 -4.41 23.05 -26.09
CA THR B 1491 -4.94 22.68 -27.40
C THR B 1491 -3.83 22.76 -28.44
N TRP B 1492 -3.67 21.69 -29.20
CA TRP B 1492 -2.59 21.55 -30.16
C TRP B 1492 -3.13 21.44 -31.57
N SER B 1493 -2.30 21.83 -32.54
CA SER B 1493 -2.63 21.70 -33.95
C SER B 1493 -1.42 21.13 -34.68
N VAL B 1494 -1.66 20.09 -35.49
CA VAL B 1494 -0.59 19.41 -36.22
C VAL B 1494 -1.10 19.06 -37.61
N PHE B 1495 -0.16 18.94 -38.55
CA PHE B 1495 -0.51 18.49 -39.89
C PHE B 1495 -0.94 17.02 -39.86
N GLN B 1496 -1.62 16.61 -40.94
CA GLN B 1496 -2.14 15.24 -41.00
C GLN B 1496 -1.05 14.19 -41.15
N ASN B 1497 0.20 14.59 -41.40
CA ASN B 1497 1.31 13.66 -41.44
C ASN B 1497 2.11 13.65 -40.15
N GLY B 1498 1.63 14.34 -39.11
CA GLY B 1498 2.27 14.33 -37.81
C GLY B 1498 3.40 15.32 -37.63
N THR B 1499 3.62 16.22 -38.59
CA THR B 1499 4.73 17.15 -38.52
C THR B 1499 4.24 18.55 -38.15
N ASP B 1500 5.15 19.32 -37.57
CA ASP B 1500 4.92 20.74 -37.28
C ASP B 1500 3.77 20.93 -36.29
N LYS B 1501 3.89 20.32 -35.12
CA LYS B 1501 2.89 20.50 -34.08
C LYS B 1501 3.09 21.84 -33.38
N ARG B 1502 1.98 22.56 -33.19
CA ARG B 1502 2.01 23.86 -32.54
C ARG B 1502 0.98 23.89 -31.43
N VAL B 1503 1.20 24.78 -30.46
CA VAL B 1503 0.21 25.00 -29.42
C VAL B 1503 -0.74 26.11 -29.86
N VAL B 1504 -2.04 25.92 -29.59
CA VAL B 1504 -3.05 26.92 -29.92
C VAL B 1504 -3.41 27.68 -28.66
N HIS B 1505 -3.83 26.95 -27.63
CA HIS B 1505 -4.08 27.51 -26.31
C HIS B 1505 -3.18 26.80 -25.32
N ASP B 1506 -2.33 27.56 -24.63
CA ASP B 1506 -1.45 27.01 -23.61
C ASP B 1506 -1.93 27.29 -22.20
N SER B 1507 -3.04 28.03 -22.05
CA SER B 1507 -3.58 28.35 -20.74
C SER B 1507 -5.05 28.70 -20.89
N GLY B 1508 -5.76 28.66 -19.77
CA GLY B 1508 -7.17 29.01 -19.75
C GLY B 1508 -8.12 27.88 -20.03
N LEU B 1509 -7.63 26.68 -20.34
CA LEU B 1509 -8.48 25.53 -20.57
C LEU B 1509 -8.43 24.60 -19.38
N SER B 1510 -9.61 24.16 -18.92
CA SER B 1510 -9.70 23.25 -17.78
C SER B 1510 -10.23 21.88 -18.20
N VAL B 1511 -11.43 21.80 -18.76
CA VAL B 1511 -11.96 20.57 -19.32
C VAL B 1511 -12.66 20.88 -20.62
N THR B 1512 -11.98 20.68 -21.75
CA THR B 1512 -12.56 20.98 -23.06
C THR B 1512 -13.37 19.77 -23.52
N GLU B 1513 -14.68 19.84 -23.36
CA GLU B 1513 -15.53 18.70 -23.72
C GLU B 1513 -15.53 18.46 -25.23
N MET B 1514 -15.64 19.53 -26.02
CA MET B 1514 -15.63 19.41 -27.46
C MET B 1514 -14.98 20.65 -28.06
N ILE B 1515 -14.52 20.50 -29.30
CA ILE B 1515 -13.89 21.58 -30.04
C ILE B 1515 -14.45 21.57 -31.46
N ALA B 1516 -14.57 22.76 -32.04
CA ALA B 1516 -15.14 22.89 -33.37
C ALA B 1516 -14.54 24.11 -34.05
N VAL B 1517 -13.94 23.91 -35.21
CA VAL B 1517 -13.30 24.99 -35.96
C VAL B 1517 -14.31 25.58 -36.94
N ASP B 1518 -14.18 26.88 -37.18
CA ASP B 1518 -15.02 27.59 -38.14
C ASP B 1518 -14.14 27.87 -39.36
N TRP B 1519 -14.34 27.09 -40.43
CA TRP B 1519 -13.43 27.16 -41.56
C TRP B 1519 -13.71 28.35 -42.47
N ILE B 1520 -14.85 29.02 -42.31
CA ILE B 1520 -15.18 30.16 -43.14
C ILE B 1520 -14.69 31.44 -42.47
N GLY B 1521 -15.09 31.63 -41.21
CA GLY B 1521 -14.66 32.81 -40.47
C GLY B 1521 -13.31 32.70 -39.82
N ARG B 1522 -12.64 31.55 -39.95
CA ARG B 1522 -11.33 31.31 -39.36
C ARG B 1522 -11.34 31.47 -37.85
N ASN B 1523 -12.38 30.96 -37.20
CA ASN B 1523 -12.48 30.99 -35.74
C ASN B 1523 -12.40 29.59 -35.16
N LEU B 1524 -12.44 29.52 -33.83
CA LEU B 1524 -12.28 28.26 -33.12
C LEU B 1524 -13.16 28.28 -31.88
N TYR B 1525 -14.15 27.39 -31.84
CA TYR B 1525 -15.11 27.29 -30.75
C TYR B 1525 -14.83 26.05 -29.92
N TRP B 1526 -15.11 26.14 -28.62
CA TRP B 1526 -15.01 24.98 -27.74
C TRP B 1526 -15.93 25.16 -26.56
N THR B 1527 -16.26 24.05 -25.91
CA THR B 1527 -17.09 24.03 -24.71
C THR B 1527 -16.27 23.53 -23.54
N ASP B 1528 -16.37 24.22 -22.40
CA ASP B 1528 -15.60 23.87 -21.22
C ASP B 1528 -16.56 23.45 -20.11
N TYR B 1529 -16.42 22.23 -19.62
CA TYR B 1529 -17.33 21.72 -18.61
C TYR B 1529 -17.04 22.34 -17.24
N ALA B 1530 -15.76 22.48 -16.89
CA ALA B 1530 -15.40 23.06 -15.60
C ALA B 1530 -15.78 24.54 -15.52
N LEU B 1531 -15.49 25.30 -16.58
CA LEU B 1531 -15.83 26.72 -16.60
C LEU B 1531 -17.30 26.96 -16.92
N GLU B 1532 -18.00 25.95 -17.45
CA GLU B 1532 -19.42 26.04 -17.78
C GLU B 1532 -19.70 27.20 -18.73
N THR B 1533 -18.84 27.33 -19.75
CA THR B 1533 -18.97 28.38 -20.73
C THR B 1533 -18.68 27.82 -22.12
N ILE B 1534 -19.14 28.56 -23.13
CA ILE B 1534 -18.81 28.29 -24.52
C ILE B 1534 -17.99 29.46 -25.04
N GLU B 1535 -16.79 29.19 -25.52
CA GLU B 1535 -15.79 30.21 -25.79
C GLU B 1535 -15.37 30.16 -27.24
N VAL B 1536 -14.94 31.31 -27.76
CA VAL B 1536 -14.53 31.43 -29.15
C VAL B 1536 -13.26 32.24 -29.21
N SER B 1537 -12.43 31.94 -30.21
CA SER B 1537 -11.19 32.67 -30.45
C SER B 1537 -10.81 32.49 -31.91
N LYS B 1538 -9.79 33.22 -32.34
CA LYS B 1538 -9.28 33.02 -33.69
C LYS B 1538 -8.57 31.68 -33.78
N ILE B 1539 -8.34 31.23 -35.02
CA ILE B 1539 -7.79 29.91 -35.25
C ILE B 1539 -6.33 29.87 -34.84
N ASP B 1540 -5.76 31.03 -34.52
CA ASP B 1540 -4.41 31.14 -33.99
C ASP B 1540 -4.38 31.05 -32.46
N GLY B 1541 -5.54 30.90 -31.81
CA GLY B 1541 -5.57 30.84 -30.37
C GLY B 1541 -5.41 32.18 -29.69
N SER B 1542 -5.84 33.27 -30.33
CA SER B 1542 -5.67 34.60 -29.80
C SER B 1542 -7.02 35.32 -29.74
N HIS B 1543 -7.09 36.33 -28.89
CA HIS B 1543 -8.27 37.17 -28.75
C HIS B 1543 -9.50 36.35 -28.32
N ARG B 1544 -9.30 35.44 -27.36
CA ARG B 1544 -10.40 34.58 -26.93
C ARG B 1544 -11.38 35.35 -26.05
N THR B 1545 -12.64 34.93 -26.09
CA THR B 1545 -13.68 35.52 -25.28
C THR B 1545 -14.69 34.45 -24.89
N VAL B 1546 -15.49 34.75 -23.89
CA VAL B 1546 -16.56 33.85 -23.48
C VAL B 1546 -17.82 34.24 -24.25
N LEU B 1547 -18.25 33.37 -25.16
CA LEU B 1547 -19.34 33.67 -26.07
C LEU B 1547 -20.70 33.49 -25.41
N ILE B 1548 -20.96 32.31 -24.85
CA ILE B 1548 -22.19 32.02 -24.14
C ILE B 1548 -21.83 31.57 -22.73
N SER B 1549 -22.21 32.37 -21.73
CA SER B 1549 -21.94 32.04 -20.34
C SER B 1549 -23.20 32.04 -19.49
N LYS B 1550 -24.36 32.31 -20.07
CA LYS B 1550 -25.59 32.41 -19.32
C LYS B 1550 -26.38 31.11 -19.44
N ASN B 1551 -26.82 30.60 -18.30
CA ASN B 1551 -27.93 29.65 -18.24
C ASN B 1551 -27.48 28.31 -18.81
N VAL B 1552 -26.16 28.07 -18.74
CA VAL B 1552 -25.50 26.88 -19.23
C VAL B 1552 -24.83 26.21 -18.04
N THR B 1553 -25.01 24.89 -17.91
CA THR B 1553 -24.47 24.16 -16.77
C THR B 1553 -23.38 23.17 -17.19
N LYS B 1554 -23.67 22.23 -18.08
CA LYS B 1554 -22.71 21.18 -18.47
C LYS B 1554 -22.68 21.04 -19.99
N PRO B 1555 -22.03 21.97 -20.68
CA PRO B 1555 -21.99 21.90 -22.15
C PRO B 1555 -21.02 20.83 -22.63
N ARG B 1556 -21.55 19.84 -23.36
CA ARG B 1556 -20.71 18.77 -23.89
C ARG B 1556 -20.54 18.86 -25.40
N GLY B 1557 -21.63 18.86 -26.15
CA GLY B 1557 -21.54 18.80 -27.59
C GLY B 1557 -21.40 20.17 -28.21
N LEU B 1558 -21.00 20.18 -29.49
CA LEU B 1558 -20.82 21.43 -30.22
C LEU B 1558 -20.73 21.14 -31.70
N ALA B 1559 -21.51 21.86 -32.50
CA ALA B 1559 -21.45 21.79 -33.95
C ALA B 1559 -21.93 23.12 -34.50
N LEU B 1560 -21.50 23.43 -35.73
CA LEU B 1560 -21.81 24.74 -36.30
C LEU B 1560 -21.81 24.66 -37.82
N ASP B 1561 -22.59 25.55 -38.44
CA ASP B 1561 -22.75 25.60 -39.89
C ASP B 1561 -22.34 26.98 -40.40
N PRO B 1562 -21.11 27.14 -40.89
CA PRO B 1562 -20.64 28.47 -41.30
C PRO B 1562 -21.14 28.94 -42.66
N ARG B 1563 -21.98 28.16 -43.33
CA ARG B 1563 -22.45 28.56 -44.65
C ARG B 1563 -23.30 29.82 -44.55
N MET B 1564 -23.37 30.55 -45.68
CA MET B 1564 -24.03 31.85 -45.69
C MET B 1564 -25.49 31.76 -45.27
N GLY B 1565 -26.22 30.77 -45.76
CA GLY B 1565 -27.62 30.67 -45.41
C GLY B 1565 -27.93 30.33 -43.98
N ASP B 1566 -26.95 29.81 -43.22
CA ASP B 1566 -27.26 29.36 -41.87
C ASP B 1566 -26.57 30.18 -40.79
N ASN B 1567 -25.24 30.22 -40.81
CA ASN B 1567 -24.42 30.84 -39.76
C ASN B 1567 -24.99 30.56 -38.37
N VAL B 1568 -25.08 29.28 -38.04
CA VAL B 1568 -25.73 28.82 -36.83
C VAL B 1568 -24.87 27.78 -36.13
N MET B 1569 -24.93 27.76 -34.81
CA MET B 1569 -24.18 26.82 -33.99
C MET B 1569 -25.14 26.04 -33.08
N PHE B 1570 -24.74 24.84 -32.70
CA PHE B 1570 -25.53 23.99 -31.81
C PHE B 1570 -24.64 23.47 -30.70
N TRP B 1571 -25.20 23.40 -29.49
CA TRP B 1571 -24.51 22.79 -28.37
C TRP B 1571 -25.49 21.98 -27.54
N SER B 1572 -24.96 21.02 -26.78
CA SER B 1572 -25.76 20.13 -25.96
C SER B 1572 -25.36 20.31 -24.49
N ASP B 1573 -26.35 20.46 -23.63
CA ASP B 1573 -26.14 20.67 -22.20
C ASP B 1573 -26.90 19.60 -21.45
N TRP B 1574 -26.21 18.85 -20.60
CA TRP B 1574 -26.85 17.82 -19.78
C TRP B 1574 -26.97 18.22 -18.32
N GLY B 1575 -27.28 19.48 -18.05
CA GLY B 1575 -27.49 19.93 -16.69
C GLY B 1575 -28.76 19.36 -16.09
N HIS B 1576 -29.27 20.08 -15.07
CA HIS B 1576 -30.48 19.61 -14.40
C HIS B 1576 -31.69 19.61 -15.33
N HIS B 1577 -31.68 20.41 -16.38
CA HIS B 1577 -32.71 20.39 -17.42
C HIS B 1577 -32.01 20.20 -18.76
N PRO B 1578 -31.83 18.95 -19.20
CA PRO B 1578 -31.09 18.72 -20.45
C PRO B 1578 -31.77 19.39 -21.64
N ARG B 1579 -30.96 19.87 -22.56
CA ARG B 1579 -31.47 20.57 -23.74
C ARG B 1579 -30.40 20.59 -24.81
N ILE B 1580 -30.86 20.70 -26.05
CA ILE B 1580 -30.00 21.00 -27.19
C ILE B 1580 -30.41 22.36 -27.73
N GLU B 1581 -29.46 23.28 -27.77
CA GLU B 1581 -29.74 24.67 -28.09
C GLU B 1581 -29.04 25.07 -29.39
N ARG B 1582 -29.64 26.02 -30.09
CA ARG B 1582 -29.03 26.63 -31.26
C ARG B 1582 -28.93 28.13 -31.05
N ALA B 1583 -27.96 28.74 -31.73
CA ALA B 1583 -27.77 30.18 -31.66
C ALA B 1583 -27.00 30.64 -32.89
N SER B 1584 -27.10 31.93 -33.16
CA SER B 1584 -26.26 32.54 -34.19
C SER B 1584 -24.80 32.47 -33.75
N MET B 1585 -23.89 32.39 -34.72
CA MET B 1585 -22.50 32.11 -34.35
C MET B 1585 -21.88 33.24 -33.53
N ASP B 1586 -22.52 34.41 -33.48
CA ASP B 1586 -22.11 35.46 -32.56
C ASP B 1586 -22.89 35.38 -31.25
N GLY B 1587 -23.71 34.36 -31.07
CA GLY B 1587 -24.37 34.09 -29.81
C GLY B 1587 -25.63 34.90 -29.53
N THR B 1588 -26.21 35.56 -30.53
CA THR B 1588 -27.34 36.44 -30.29
C THR B 1588 -28.66 35.69 -30.24
N MET B 1589 -29.04 35.04 -31.35
CA MET B 1589 -30.38 34.45 -31.49
C MET B 1589 -30.41 33.03 -30.93
N ARG B 1590 -30.48 32.94 -29.61
CA ARG B 1590 -30.45 31.65 -28.93
C ARG B 1590 -31.87 31.11 -28.74
N THR B 1591 -32.09 29.88 -29.17
CA THR B 1591 -33.36 29.18 -28.97
C THR B 1591 -33.08 27.74 -28.57
N VAL B 1592 -34.06 27.13 -27.90
CA VAL B 1592 -33.96 25.72 -27.53
C VAL B 1592 -34.71 24.87 -28.55
N ILE B 1593 -34.02 23.90 -29.13
CA ILE B 1593 -34.59 23.09 -30.20
C ILE B 1593 -34.96 21.68 -29.76
N VAL B 1594 -34.31 21.11 -28.75
CA VAL B 1594 -34.65 19.78 -28.25
C VAL B 1594 -34.61 19.81 -26.73
N GLN B 1595 -35.79 19.64 -26.11
CA GLN B 1595 -35.83 19.53 -24.65
C GLN B 1595 -36.81 18.46 -24.19
N GLU B 1596 -37.24 17.56 -25.07
CA GLU B 1596 -38.13 16.47 -24.71
C GLU B 1596 -37.49 15.15 -25.08
N LYS B 1597 -37.64 14.16 -24.20
CA LYS B 1597 -37.04 12.83 -24.37
C LYS B 1597 -35.52 12.96 -24.53
N ILE B 1598 -34.88 13.50 -23.49
CA ILE B 1598 -33.43 13.58 -23.40
C ILE B 1598 -33.05 13.54 -21.92
N TYR B 1599 -32.03 12.76 -21.61
CA TYR B 1599 -31.53 12.70 -20.25
C TYR B 1599 -30.05 13.06 -20.18
N TRP B 1600 -29.27 12.52 -21.12
CA TRP B 1600 -27.82 12.75 -21.17
C TRP B 1600 -27.41 13.06 -22.60
N PRO B 1601 -27.69 14.27 -23.09
CA PRO B 1601 -27.24 14.63 -24.44
C PRO B 1601 -25.72 14.62 -24.56
N CYS B 1602 -25.19 13.75 -25.41
CA CYS B 1602 -23.74 13.53 -25.50
C CYS B 1602 -23.35 13.41 -26.97
N GLY B 1603 -22.85 14.50 -27.53
CA GLY B 1603 -22.31 14.48 -28.88
C GLY B 1603 -23.29 15.06 -29.89
N LEU B 1604 -22.74 15.73 -30.91
CA LEU B 1604 -23.54 16.37 -31.94
C LEU B 1604 -22.79 16.32 -33.27
N SER B 1605 -23.54 16.33 -34.36
CA SER B 1605 -22.96 16.34 -35.70
C SER B 1605 -24.01 16.82 -36.68
N ILE B 1606 -23.54 17.42 -37.78
CA ILE B 1606 -24.40 18.09 -38.73
C ILE B 1606 -24.26 17.43 -40.10
N ASP B 1607 -25.40 17.16 -40.74
CA ASP B 1607 -25.45 16.67 -42.11
C ASP B 1607 -25.66 17.89 -43.01
N TYR B 1608 -24.56 18.43 -43.53
CA TYR B 1608 -24.62 19.69 -44.26
C TYR B 1608 -25.49 19.66 -45.50
N PRO B 1609 -25.46 18.64 -46.37
CA PRO B 1609 -26.29 18.71 -47.60
C PRO B 1609 -27.77 18.94 -47.34
N ASN B 1610 -28.39 18.15 -46.47
CA ASN B 1610 -29.81 18.26 -46.22
C ASN B 1610 -30.14 19.03 -44.94
N ARG B 1611 -29.13 19.59 -44.27
CA ARG B 1611 -29.32 20.41 -43.07
C ARG B 1611 -30.07 19.64 -41.98
N LEU B 1612 -29.44 18.58 -41.51
CA LEU B 1612 -29.94 17.80 -40.39
C LEU B 1612 -28.90 17.75 -39.29
N ILE B 1613 -29.36 17.89 -38.05
CA ILE B 1613 -28.48 17.86 -36.88
C ILE B 1613 -28.66 16.52 -36.19
N TYR B 1614 -27.59 15.74 -36.12
CA TYR B 1614 -27.59 14.44 -35.46
C TYR B 1614 -27.16 14.61 -34.01
N PHE B 1615 -27.86 13.95 -33.10
CA PHE B 1615 -27.50 13.99 -31.70
C PHE B 1615 -27.69 12.61 -31.09
N MET B 1616 -27.24 12.48 -29.85
CA MET B 1616 -27.11 11.18 -29.19
C MET B 1616 -27.37 11.35 -27.70
N ASP B 1617 -27.75 10.24 -27.07
CA ASP B 1617 -28.08 10.22 -25.65
C ASP B 1617 -27.50 8.96 -25.01
N ALA B 1618 -26.71 9.15 -23.96
CA ALA B 1618 -26.04 8.04 -23.28
C ALA B 1618 -26.91 7.37 -22.22
N TYR B 1619 -27.98 8.01 -21.77
CA TYR B 1619 -28.88 7.44 -20.78
C TYR B 1619 -30.06 6.73 -21.42
N LEU B 1620 -30.71 7.38 -22.38
CA LEU B 1620 -31.79 6.75 -23.12
C LEU B 1620 -31.29 5.87 -24.25
N ASP B 1621 -30.00 5.94 -24.58
CA ASP B 1621 -29.32 5.02 -25.50
C ASP B 1621 -29.99 5.04 -26.88
N TYR B 1622 -29.88 6.18 -27.55
CA TYR B 1622 -30.37 6.29 -28.91
C TYR B 1622 -29.49 7.21 -29.72
N ILE B 1623 -29.67 7.16 -31.04
CA ILE B 1623 -29.11 8.12 -31.98
C ILE B 1623 -30.25 8.69 -32.81
N GLU B 1624 -30.36 10.01 -32.87
CA GLU B 1624 -31.48 10.66 -33.51
C GLU B 1624 -30.96 11.83 -34.34
N PHE B 1625 -31.81 12.31 -35.25
CA PHE B 1625 -31.50 13.51 -36.01
C PHE B 1625 -32.75 14.37 -36.15
N CYS B 1626 -32.53 15.67 -36.37
CA CYS B 1626 -33.61 16.63 -36.52
C CYS B 1626 -33.19 17.68 -37.54
N ASP B 1627 -34.15 18.49 -37.95
CA ASP B 1627 -33.82 19.66 -38.75
C ASP B 1627 -33.36 20.79 -37.83
N TYR B 1628 -32.96 21.91 -38.43
CA TYR B 1628 -32.41 23.01 -37.66
C TYR B 1628 -33.41 23.62 -36.68
N ASP B 1629 -34.71 23.38 -36.88
CA ASP B 1629 -35.72 23.80 -35.91
C ASP B 1629 -36.06 22.71 -34.91
N GLY B 1630 -35.52 21.50 -35.08
CA GLY B 1630 -35.84 20.40 -34.20
C GLY B 1630 -37.22 19.83 -34.37
N HIS B 1631 -37.77 19.85 -35.59
CA HIS B 1631 -39.14 19.43 -35.82
C HIS B 1631 -39.23 17.99 -36.34
N ASN B 1632 -38.58 17.71 -37.45
CA ASN B 1632 -38.65 16.38 -38.07
C ASN B 1632 -37.69 15.44 -37.34
N ARG B 1633 -38.16 14.95 -36.20
CA ARG B 1633 -37.34 14.11 -35.33
C ARG B 1633 -37.51 12.64 -35.70
N ARG B 1634 -36.40 11.96 -35.95
CA ARG B 1634 -36.41 10.55 -36.33
C ARG B 1634 -35.38 9.81 -35.49
N GLN B 1635 -35.53 8.50 -35.42
CA GLN B 1635 -34.64 7.64 -34.67
C GLN B 1635 -33.82 6.79 -35.64
N VAL B 1636 -32.50 6.87 -35.53
CA VAL B 1636 -31.62 6.04 -36.33
C VAL B 1636 -31.45 4.70 -35.63
N ILE B 1637 -30.92 4.75 -34.41
CA ILE B 1637 -30.77 3.57 -33.58
C ILE B 1637 -31.45 3.86 -32.25
N ALA B 1638 -32.44 3.04 -31.90
CA ALA B 1638 -33.17 3.23 -30.66
C ALA B 1638 -33.75 1.89 -30.24
N SER B 1639 -33.99 1.76 -28.94
CA SER B 1639 -34.45 0.51 -28.34
C SER B 1639 -33.54 -0.65 -28.73
N ASP B 1640 -32.23 -0.37 -28.70
CA ASP B 1640 -31.22 -1.32 -29.16
C ASP B 1640 -30.12 -1.42 -28.12
N LEU B 1641 -29.49 -2.58 -28.07
CA LEU B 1641 -28.41 -2.84 -27.12
C LEU B 1641 -27.02 -2.63 -27.74
N VAL B 1642 -26.96 -2.14 -28.97
CA VAL B 1642 -25.65 -1.81 -29.55
C VAL B 1642 -25.04 -0.61 -28.84
N LEU B 1643 -25.87 0.21 -28.21
CA LEU B 1643 -25.42 1.41 -27.53
C LEU B 1643 -25.36 1.16 -26.03
N HIS B 1644 -24.21 1.43 -25.42
CA HIS B 1644 -24.06 1.33 -23.98
C HIS B 1644 -23.82 2.68 -23.33
N HIS B 1645 -22.79 3.40 -23.75
CA HIS B 1645 -22.53 4.76 -23.27
C HIS B 1645 -21.84 5.54 -24.37
N PRO B 1646 -22.56 5.85 -25.46
CA PRO B 1646 -21.93 6.51 -26.60
C PRO B 1646 -21.61 7.96 -26.28
N HIS B 1647 -20.50 8.45 -26.83
CA HIS B 1647 -19.97 9.77 -26.49
C HIS B 1647 -20.02 10.76 -27.63
N ALA B 1648 -19.38 10.45 -28.77
CA ALA B 1648 -19.27 11.40 -29.87
C ALA B 1648 -19.52 10.69 -31.19
N LEU B 1649 -19.96 11.45 -32.19
CA LEU B 1649 -20.26 10.90 -33.50
C LEU B 1649 -19.81 11.86 -34.59
N THR B 1650 -19.65 11.30 -35.79
CA THR B 1650 -19.37 12.05 -36.99
C THR B 1650 -20.03 11.35 -38.16
N LEU B 1651 -20.24 12.08 -39.25
CA LEU B 1651 -20.98 11.58 -40.39
C LEU B 1651 -20.08 11.44 -41.61
N PHE B 1652 -20.60 10.73 -42.60
CA PHE B 1652 -20.01 10.68 -43.93
C PHE B 1652 -21.16 10.41 -44.91
N GLU B 1653 -20.82 9.99 -46.13
CA GLU B 1653 -21.86 9.68 -47.11
C GLU B 1653 -22.63 8.44 -46.68
N ASP B 1654 -23.84 8.64 -46.16
CA ASP B 1654 -24.76 7.57 -45.80
C ASP B 1654 -24.22 6.66 -44.70
N PHE B 1655 -23.23 7.13 -43.95
CA PHE B 1655 -22.69 6.38 -42.82
C PHE B 1655 -22.49 7.29 -41.62
N VAL B 1656 -22.71 6.72 -40.43
CA VAL B 1656 -22.50 7.43 -39.17
C VAL B 1656 -21.55 6.60 -38.31
N TYR B 1657 -20.53 7.26 -37.77
CA TYR B 1657 -19.55 6.64 -36.90
C TYR B 1657 -19.66 7.25 -35.51
N TRP B 1658 -19.53 6.40 -34.49
CA TRP B 1658 -19.62 6.89 -33.12
C TRP B 1658 -18.74 6.03 -32.22
N THR B 1659 -18.42 6.58 -31.06
CA THR B 1659 -17.54 5.94 -30.09
C THR B 1659 -18.33 5.61 -28.83
N ASP B 1660 -18.05 4.45 -28.25
CA ASP B 1660 -18.67 4.03 -27.00
C ASP B 1660 -17.63 4.03 -25.88
N ARG B 1661 -17.94 4.71 -24.78
CA ARG B 1661 -17.06 4.66 -23.63
C ARG B 1661 -17.34 3.46 -22.74
N GLY B 1662 -18.44 2.76 -22.97
CA GLY B 1662 -18.77 1.59 -22.19
C GLY B 1662 -18.12 0.33 -22.71
N THR B 1663 -18.28 0.07 -24.01
CA THR B 1663 -17.66 -1.09 -24.64
C THR B 1663 -16.28 -0.80 -25.21
N ARG B 1664 -15.85 0.45 -25.21
CA ARG B 1664 -14.50 0.85 -25.65
C ARG B 1664 -14.23 0.40 -27.09
N GLN B 1665 -15.17 0.71 -27.98
CA GLN B 1665 -15.01 0.41 -29.39
C GLN B 1665 -15.72 1.46 -30.23
N VAL B 1666 -15.22 1.65 -31.45
CA VAL B 1666 -15.77 2.61 -32.40
C VAL B 1666 -16.66 1.85 -33.38
N MET B 1667 -17.85 2.39 -33.65
CA MET B 1667 -18.87 1.68 -34.40
C MET B 1667 -19.20 2.43 -35.69
N GLN B 1668 -19.85 1.71 -36.60
CA GLN B 1668 -20.32 2.24 -37.87
C GLN B 1668 -21.72 1.72 -38.15
N ALA B 1669 -22.58 2.58 -38.68
CA ALA B 1669 -23.94 2.18 -39.01
C ALA B 1669 -24.48 3.08 -40.11
N ASN B 1670 -25.58 2.64 -40.71
CA ASN B 1670 -26.25 3.46 -41.71
C ASN B 1670 -26.91 4.65 -41.02
N LYS B 1671 -26.66 5.84 -41.55
CA LYS B 1671 -27.08 7.06 -40.86
C LYS B 1671 -28.57 7.34 -40.99
N TRP B 1672 -29.30 6.57 -41.79
CA TRP B 1672 -30.72 6.80 -41.97
C TRP B 1672 -31.60 5.83 -41.20
N HIS B 1673 -31.19 4.57 -41.07
CA HIS B 1673 -31.99 3.60 -40.33
C HIS B 1673 -31.18 2.69 -39.41
N GLY B 1674 -29.87 2.88 -39.29
CA GLY B 1674 -29.08 2.13 -38.34
C GLY B 1674 -28.77 0.70 -38.73
N GLY B 1675 -28.94 0.33 -39.99
CA GLY B 1675 -28.61 -1.00 -40.43
C GLY B 1675 -27.15 -1.10 -40.84
N ASN B 1676 -26.76 -2.32 -41.22
CA ASN B 1676 -25.42 -2.60 -41.72
C ASN B 1676 -24.35 -2.16 -40.72
N GLN B 1677 -24.53 -2.56 -39.47
CA GLN B 1677 -23.61 -2.19 -38.41
C GLN B 1677 -22.37 -3.08 -38.42
N SER B 1678 -21.26 -2.50 -37.97
CA SER B 1678 -20.00 -3.24 -37.84
C SER B 1678 -19.09 -2.45 -36.92
N VAL B 1679 -18.13 -3.17 -36.33
CA VAL B 1679 -17.18 -2.54 -35.42
C VAL B 1679 -15.97 -2.06 -36.23
N VAL B 1680 -15.73 -0.76 -36.22
CA VAL B 1680 -14.57 -0.22 -36.94
C VAL B 1680 -13.28 -0.50 -36.20
N MET B 1681 -13.27 -0.29 -34.88
CA MET B 1681 -12.02 -0.33 -34.14
C MET B 1681 -12.30 -0.72 -32.69
N TYR B 1682 -11.39 -1.51 -32.13
CA TYR B 1682 -11.33 -1.76 -30.70
C TYR B 1682 -10.18 -0.96 -30.11
N SER B 1683 -10.43 -0.32 -28.97
CA SER B 1683 -9.43 0.50 -28.31
C SER B 1683 -9.29 0.08 -26.85
N VAL B 1684 -8.04 0.03 -26.38
CA VAL B 1684 -7.79 -0.35 -25.00
C VAL B 1684 -8.39 0.67 -24.03
N HIS B 1685 -8.23 1.95 -24.33
CA HIS B 1685 -8.77 3.01 -23.51
C HIS B 1685 -10.10 3.50 -24.08
N GLN B 1686 -10.78 4.34 -23.31
CA GLN B 1686 -12.07 4.86 -23.74
C GLN B 1686 -11.88 5.83 -24.90
N PRO B 1687 -12.54 5.60 -26.04
CA PRO B 1687 -12.45 6.54 -27.16
C PRO B 1687 -13.45 7.68 -27.01
N LEU B 1688 -12.95 8.90 -26.87
CA LEU B 1688 -13.83 10.04 -26.64
C LEU B 1688 -14.15 10.78 -27.94
N GLY B 1689 -13.13 11.30 -28.61
CA GLY B 1689 -13.38 12.13 -29.78
C GLY B 1689 -13.30 11.34 -31.07
N ILE B 1690 -13.99 11.86 -32.09
CA ILE B 1690 -14.00 11.25 -33.41
C ILE B 1690 -14.40 12.31 -34.43
N THR B 1691 -13.66 12.34 -35.55
CA THR B 1691 -13.97 13.21 -36.67
C THR B 1691 -13.62 12.50 -37.97
N ALA B 1692 -14.44 12.72 -39.00
CA ALA B 1692 -14.13 12.23 -40.34
C ALA B 1692 -13.53 13.36 -41.16
N ILE B 1693 -12.32 13.16 -41.65
CA ILE B 1693 -11.58 14.19 -42.38
C ILE B 1693 -11.79 14.00 -43.86
N HIS B 1694 -12.46 14.97 -44.49
CA HIS B 1694 -12.70 14.98 -45.93
C HIS B 1694 -13.26 16.34 -46.32
N PRO B 1695 -12.92 16.84 -47.51
CA PRO B 1695 -13.45 18.15 -47.94
C PRO B 1695 -14.98 18.21 -47.98
N SER B 1696 -15.64 17.09 -48.26
CA SER B 1696 -17.10 17.08 -48.30
C SER B 1696 -17.69 17.42 -46.93
N ARG B 1697 -17.01 17.05 -45.85
CA ARG B 1697 -17.43 17.42 -44.50
C ARG B 1697 -17.25 18.91 -44.24
N GLN B 1698 -16.56 19.64 -45.11
CA GLN B 1698 -16.16 21.02 -44.86
C GLN B 1698 -16.52 21.84 -46.08
N PRO B 1699 -17.81 22.02 -46.36
CA PRO B 1699 -18.22 22.64 -47.62
C PRO B 1699 -17.77 24.09 -47.69
N PRO B 1700 -17.40 24.57 -48.87
CA PRO B 1700 -16.99 25.97 -49.00
C PRO B 1700 -18.19 26.90 -49.12
N SER B 1701 -17.91 28.19 -48.94
CA SER B 1701 -18.93 29.23 -49.05
C SER B 1701 -18.26 30.58 -49.11
N ARG B 1702 -19.07 31.61 -49.35
CA ARG B 1702 -18.57 32.97 -49.30
C ARG B 1702 -18.29 33.37 -47.85
N ASN B 1703 -17.28 34.21 -47.67
CA ASN B 1703 -16.86 34.66 -46.35
C ASN B 1703 -17.22 36.13 -46.17
N PRO B 1704 -18.39 36.44 -45.60
CA PRO B 1704 -18.71 37.85 -45.34
C PRO B 1704 -17.75 38.50 -44.36
N CYS B 1705 -17.19 37.72 -43.43
CA CYS B 1705 -16.25 38.26 -42.46
C CYS B 1705 -14.96 38.72 -43.12
N ALA B 1706 -14.63 38.18 -44.30
CA ALA B 1706 -13.41 38.56 -45.00
C ALA B 1706 -13.41 40.03 -45.41
N SER B 1707 -14.58 40.63 -45.60
CA SER B 1707 -14.65 42.04 -45.95
C SER B 1707 -14.78 42.92 -44.71
N ALA B 1708 -14.92 42.31 -43.54
CA ALA B 1708 -15.18 43.08 -42.32
C ALA B 1708 -13.96 43.88 -41.90
N SER B 1709 -14.20 45.06 -41.32
CA SER B 1709 -13.16 45.91 -40.78
C SER B 1709 -13.00 45.75 -39.28
N CYS B 1710 -13.61 44.73 -38.69
CA CYS B 1710 -13.59 44.57 -37.24
C CYS B 1710 -12.16 44.32 -36.75
N SER B 1711 -11.76 45.03 -35.70
CA SER B 1711 -10.53 44.70 -35.01
C SER B 1711 -10.75 43.46 -34.15
N HIS B 1712 -9.65 42.77 -33.84
CA HIS B 1712 -9.66 41.56 -33.03
C HIS B 1712 -10.55 40.49 -33.64
N LEU B 1713 -11.72 40.25 -33.05
CA LEU B 1713 -12.61 39.18 -33.48
C LEU B 1713 -13.67 39.70 -34.45
N CYS B 1714 -13.88 38.95 -35.52
CA CYS B 1714 -15.01 39.14 -36.42
C CYS B 1714 -15.76 37.82 -36.50
N LEU B 1715 -16.96 37.77 -35.92
CA LEU B 1715 -17.73 36.56 -35.80
C LEU B 1715 -18.89 36.56 -36.78
N LEU B 1716 -19.11 35.43 -37.45
CA LEU B 1716 -20.23 35.28 -38.35
C LEU B 1716 -21.54 35.30 -37.56
N SER B 1717 -22.60 35.76 -38.23
CA SER B 1717 -23.90 35.84 -37.60
C SER B 1717 -24.99 35.50 -38.61
N ALA B 1718 -26.18 35.19 -38.10
CA ALA B 1718 -27.29 34.82 -38.95
C ALA B 1718 -28.15 36.00 -39.37
N GLN B 1719 -27.81 37.22 -38.95
CA GLN B 1719 -28.59 38.38 -39.34
C GLN B 1719 -28.40 38.66 -40.83
N ALA B 1720 -29.51 38.90 -41.52
CA ALA B 1720 -29.48 38.95 -42.98
C ALA B 1720 -28.64 40.08 -43.58
N PRO B 1721 -28.71 41.33 -43.11
CA PRO B 1721 -28.00 42.40 -43.83
C PRO B 1721 -26.51 42.16 -44.02
N ARG B 1722 -25.81 41.65 -43.01
CA ARG B 1722 -24.35 41.58 -43.05
C ARG B 1722 -23.79 40.20 -42.78
N HIS B 1723 -24.42 39.40 -41.92
CA HIS B 1723 -23.98 38.05 -41.58
C HIS B 1723 -22.62 38.02 -40.91
N TYR B 1724 -22.19 39.13 -40.32
CA TYR B 1724 -21.01 39.16 -39.47
C TYR B 1724 -21.23 40.16 -38.36
N SER B 1725 -20.50 39.98 -37.27
CA SER B 1725 -20.62 40.86 -36.11
C SER B 1725 -19.27 40.95 -35.42
N CYS B 1726 -18.83 42.17 -35.14
CA CYS B 1726 -17.54 42.35 -34.49
C CYS B 1726 -17.64 42.08 -33.00
N ALA B 1727 -16.62 41.42 -32.46
CA ALA B 1727 -16.52 41.15 -31.04
C ALA B 1727 -15.07 41.32 -30.61
N CYS B 1728 -14.86 41.37 -29.30
CA CYS B 1728 -13.51 41.54 -28.79
C CYS B 1728 -13.32 40.77 -27.48
N PRO B 1729 -12.08 40.47 -27.10
CA PRO B 1729 -11.84 39.45 -26.08
C PRO B 1729 -12.31 39.88 -24.70
N SER B 1730 -12.06 39.01 -23.73
CA SER B 1730 -12.35 39.29 -22.33
C SER B 1730 -11.51 40.48 -21.87
N GLY B 1731 -12.16 41.41 -21.18
CA GLY B 1731 -11.48 42.58 -20.69
C GLY B 1731 -11.37 43.72 -21.67
N TRP B 1732 -12.16 43.70 -22.74
CA TRP B 1732 -12.18 44.76 -23.75
C TRP B 1732 -13.59 45.33 -23.85
N ASN B 1733 -13.65 46.53 -24.42
CA ASN B 1733 -14.82 47.38 -24.41
C ASN B 1733 -15.27 47.53 -25.86
N LEU B 1734 -16.57 47.42 -26.12
CA LEU B 1734 -17.08 47.57 -27.48
C LEU B 1734 -17.45 49.04 -27.70
N SER B 1735 -16.71 49.71 -28.59
CA SER B 1735 -16.97 51.11 -28.85
C SER B 1735 -18.25 51.29 -29.66
N ASP B 1736 -18.74 52.52 -29.68
CA ASP B 1736 -19.96 52.83 -30.42
C ASP B 1736 -19.79 52.69 -31.93
N ASP B 1737 -18.55 52.64 -32.42
CA ASP B 1737 -18.33 52.39 -33.84
C ASP B 1737 -18.75 50.98 -34.24
N SER B 1738 -18.93 50.09 -33.27
CA SER B 1738 -19.32 48.69 -33.45
C SER B 1738 -18.28 47.88 -34.21
N VAL B 1739 -17.12 48.48 -34.51
CA VAL B 1739 -16.04 47.75 -35.17
C VAL B 1739 -14.71 47.85 -34.42
N ASN B 1740 -14.50 48.83 -33.56
CA ASN B 1740 -13.25 49.02 -32.85
C ASN B 1740 -13.48 48.74 -31.37
N CYS B 1741 -12.52 48.06 -30.74
CA CYS B 1741 -12.59 47.80 -29.31
C CYS B 1741 -11.38 48.38 -28.60
N VAL B 1742 -11.61 48.80 -27.35
CA VAL B 1742 -10.59 49.40 -26.51
C VAL B 1742 -10.49 48.58 -25.23
N ARG B 1743 -9.27 48.44 -24.73
CA ARG B 1743 -9.05 47.65 -23.52
C ARG B 1743 -9.76 48.27 -22.33
N GLY B 1744 -10.48 47.43 -21.58
CA GLY B 1744 -11.16 47.88 -20.39
C GLY B 1744 -10.26 48.00 -19.19
N ASP B 1745 -10.04 49.23 -18.73
CA ASP B 1745 -9.17 49.48 -17.60
C ASP B 1745 -9.90 49.49 -16.27
N GLN B 1746 -11.18 49.14 -16.26
CA GLN B 1746 -11.93 49.09 -15.01
C GLN B 1746 -11.41 47.97 -14.12
N PRO B 1747 -11.49 48.13 -12.81
CA PRO B 1747 -10.98 47.10 -11.90
C PRO B 1747 -11.86 45.85 -11.91
N PHE B 1748 -11.27 44.75 -11.42
CA PHE B 1748 -12.02 43.52 -11.23
C PHE B 1748 -11.40 42.74 -10.08
N LEU B 1749 -12.15 41.76 -9.60
CA LEU B 1749 -11.76 40.98 -8.43
C LEU B 1749 -11.20 39.64 -8.88
N MET B 1750 -10.00 39.31 -8.43
CA MET B 1750 -9.38 38.02 -8.71
C MET B 1750 -9.73 37.05 -7.58
N SER B 1751 -10.62 36.10 -7.88
CA SER B 1751 -11.04 35.11 -6.90
C SER B 1751 -10.25 33.83 -7.12
N VAL B 1752 -9.16 33.66 -6.37
CA VAL B 1752 -8.36 32.46 -6.45
C VAL B 1752 -9.05 31.35 -5.67
N ARG B 1753 -9.07 30.15 -6.25
CA ARG B 1753 -9.68 29.00 -5.62
C ARG B 1753 -8.66 27.86 -5.63
N ASP B 1754 -9.05 26.74 -5.01
CA ASP B 1754 -8.08 25.69 -4.72
C ASP B 1754 -7.40 25.14 -5.97
N ASN B 1755 -8.04 25.25 -7.13
CA ASN B 1755 -7.49 24.71 -8.35
C ASN B 1755 -7.60 25.66 -9.55
N ILE B 1756 -8.10 26.87 -9.36
CA ILE B 1756 -8.31 27.79 -10.47
C ILE B 1756 -8.44 29.20 -9.91
N ILE B 1757 -8.00 30.18 -10.71
CA ILE B 1757 -8.12 31.60 -10.37
C ILE B 1757 -9.06 32.24 -11.38
N PHE B 1758 -10.09 32.91 -10.89
CA PHE B 1758 -11.08 33.58 -11.73
C PHE B 1758 -10.98 35.08 -11.52
N GLY B 1759 -11.21 35.82 -12.60
CA GLY B 1759 -11.37 37.25 -12.50
C GLY B 1759 -12.83 37.63 -12.71
N ILE B 1760 -13.51 38.01 -11.63
CA ILE B 1760 -14.94 38.33 -11.68
C ILE B 1760 -15.12 39.83 -11.53
N SER B 1761 -16.16 40.35 -12.16
CA SER B 1761 -16.39 41.79 -12.15
C SER B 1761 -16.85 42.26 -10.77
N LEU B 1762 -16.53 43.52 -10.46
CA LEU B 1762 -16.96 44.12 -9.21
C LEU B 1762 -18.45 44.37 -9.15
N ASP B 1763 -19.14 44.36 -10.29
CA ASP B 1763 -20.58 44.54 -10.31
C ASP B 1763 -21.24 43.20 -9.99
N PRO B 1764 -21.99 43.11 -8.89
CA PRO B 1764 -22.62 41.83 -8.53
C PRO B 1764 -23.65 41.34 -9.54
N GLU B 1765 -24.17 42.21 -10.40
CA GLU B 1765 -25.15 41.79 -11.40
C GLU B 1765 -24.52 41.02 -12.55
N VAL B 1766 -23.22 41.17 -12.77
CA VAL B 1766 -22.53 40.47 -13.84
C VAL B 1766 -22.04 39.13 -13.27
N LYS B 1767 -22.61 38.04 -13.79
CA LYS B 1767 -22.29 36.70 -13.33
C LYS B 1767 -21.46 35.91 -14.34
N SER B 1768 -20.58 36.58 -15.10
CA SER B 1768 -19.92 35.94 -16.22
C SER B 1768 -18.58 35.29 -15.88
N ASN B 1769 -17.85 35.84 -14.90
CA ASN B 1769 -16.51 35.37 -14.55
C ASN B 1769 -15.54 35.42 -15.72
N ASP B 1770 -15.63 36.46 -16.55
CA ASP B 1770 -14.73 36.61 -17.69
C ASP B 1770 -14.04 37.96 -17.74
N ALA B 1771 -13.65 38.52 -16.58
CA ALA B 1771 -12.83 39.72 -16.60
C ALA B 1771 -11.43 39.45 -17.10
N MET B 1772 -10.96 38.21 -17.00
CA MET B 1772 -9.67 37.79 -17.52
C MET B 1772 -9.74 36.31 -17.85
N VAL B 1773 -8.76 35.85 -18.63
CA VAL B 1773 -8.68 34.44 -18.98
C VAL B 1773 -8.37 33.65 -17.71
N PRO B 1774 -9.19 32.64 -17.37
CA PRO B 1774 -8.99 31.92 -16.12
C PRO B 1774 -7.62 31.25 -16.06
N ILE B 1775 -7.03 31.25 -14.87
CA ILE B 1775 -5.72 30.65 -14.64
C ILE B 1775 -5.98 29.25 -14.11
N SER B 1776 -6.06 28.29 -15.01
CA SER B 1776 -6.34 26.91 -14.62
C SER B 1776 -5.05 26.20 -14.22
N GLY B 1777 -5.20 24.95 -13.79
CA GLY B 1777 -4.07 24.13 -13.44
C GLY B 1777 -3.28 24.59 -12.23
N ILE B 1778 -3.96 25.02 -11.17
CA ILE B 1778 -3.30 25.38 -9.94
C ILE B 1778 -3.29 24.18 -9.00
N GLN B 1779 -2.17 23.98 -8.30
CA GLN B 1779 -2.05 22.82 -7.43
C GLN B 1779 -2.77 23.05 -6.11
N HIS B 1780 -2.31 24.01 -5.31
CA HIS B 1780 -2.96 24.40 -4.06
C HIS B 1780 -2.93 25.92 -3.99
N GLY B 1781 -3.96 26.55 -4.54
CA GLY B 1781 -4.00 28.00 -4.55
C GLY B 1781 -4.37 28.56 -3.19
N TYR B 1782 -3.65 29.61 -2.79
CA TYR B 1782 -3.97 30.31 -1.56
C TYR B 1782 -4.30 31.77 -1.83
N ASP B 1783 -3.42 32.45 -2.57
CA ASP B 1783 -3.61 33.86 -2.89
C ASP B 1783 -2.81 34.19 -4.15
N VAL B 1784 -3.15 35.34 -4.74
CA VAL B 1784 -2.56 35.79 -5.99
C VAL B 1784 -1.94 37.17 -5.79
N GLU B 1785 -1.27 37.63 -6.82
CA GLU B 1785 -0.65 38.94 -6.81
C GLU B 1785 -0.38 39.37 -8.25
N PHE B 1786 -0.49 40.67 -8.52
CA PHE B 1786 -0.51 41.15 -9.88
C PHE B 1786 0.45 42.33 -10.05
N ASP B 1787 0.85 42.55 -11.30
CA ASP B 1787 1.69 43.67 -11.70
C ASP B 1787 1.05 44.28 -12.94
N ASP B 1788 0.29 45.37 -12.75
CA ASP B 1788 -0.40 45.99 -13.87
C ASP B 1788 0.54 46.70 -14.83
N SER B 1789 1.79 46.91 -14.45
CA SER B 1789 2.75 47.51 -15.39
C SER B 1789 2.97 46.63 -16.60
N GLU B 1790 3.01 45.30 -16.40
CA GLU B 1790 3.12 44.35 -17.49
C GLU B 1790 1.93 43.42 -17.57
N GLN B 1791 0.86 43.71 -16.82
CA GLN B 1791 -0.38 42.93 -16.84
C GLN B 1791 -0.13 41.46 -16.47
N PHE B 1792 0.73 41.22 -15.49
CA PHE B 1792 1.06 39.86 -15.07
C PHE B 1792 0.34 39.50 -13.77
N ILE B 1793 0.00 38.22 -13.64
CA ILE B 1793 -0.62 37.68 -12.44
C ILE B 1793 0.32 36.63 -11.86
N TYR B 1794 0.66 36.78 -10.59
CA TYR B 1794 1.65 35.92 -9.94
C TYR B 1794 1.00 35.01 -8.92
N TRP B 1795 1.48 33.78 -8.83
CA TRP B 1795 1.06 32.84 -7.79
C TRP B 1795 2.16 31.82 -7.58
N VAL B 1796 2.18 31.23 -6.39
CA VAL B 1796 3.22 30.27 -6.03
C VAL B 1796 2.77 28.86 -6.40
N GLU B 1797 3.73 27.94 -6.44
CA GLU B 1797 3.48 26.54 -6.67
C GLU B 1797 4.14 25.70 -5.59
N ASN B 1798 3.62 24.48 -5.39
CA ASN B 1798 4.10 23.64 -4.30
C ASN B 1798 5.58 23.30 -4.36
N PRO B 1799 6.20 22.96 -5.51
CA PRO B 1799 7.62 22.57 -5.49
C PRO B 1799 8.57 23.69 -5.06
N GLY B 1800 8.03 24.87 -4.74
CA GLY B 1800 8.86 25.99 -4.36
C GLY B 1800 9.19 26.88 -5.55
N GLU B 1801 8.16 27.24 -6.31
CA GLU B 1801 8.32 28.05 -7.51
C GLU B 1801 7.26 29.13 -7.53
N ILE B 1802 7.53 30.19 -8.29
CA ILE B 1802 6.56 31.25 -8.53
C ILE B 1802 6.28 31.31 -10.03
N HIS B 1803 5.00 31.27 -10.38
CA HIS B 1803 4.56 31.28 -11.77
C HIS B 1803 3.90 32.61 -12.09
N ARG B 1804 3.81 32.91 -13.38
CA ARG B 1804 3.18 34.16 -13.81
C ARG B 1804 2.56 33.95 -15.18
N VAL B 1805 1.58 34.79 -15.49
CA VAL B 1805 0.90 34.76 -16.78
C VAL B 1805 0.25 36.11 -17.01
N LYS B 1806 0.21 36.52 -18.27
CA LYS B 1806 -0.50 37.74 -18.61
C LYS B 1806 -2.01 37.53 -18.49
N THR B 1807 -2.75 38.64 -18.45
CA THR B 1807 -4.18 38.55 -18.23
C THR B 1807 -4.90 37.82 -19.37
N ASP B 1808 -4.26 37.70 -20.55
CA ASP B 1808 -4.84 36.99 -21.68
C ASP B 1808 -4.17 35.64 -21.92
N GLY B 1809 -3.27 35.20 -21.04
CA GLY B 1809 -2.68 33.88 -21.16
C GLY B 1809 -1.58 33.72 -22.17
N SER B 1810 -0.74 34.75 -22.37
CA SER B 1810 0.25 34.73 -23.45
C SER B 1810 1.57 34.07 -23.04
N ASN B 1811 2.11 34.46 -21.88
CA ASN B 1811 3.40 33.98 -21.34
C ASN B 1811 3.23 33.30 -20.00
N ARG B 1812 2.31 32.35 -19.90
CA ARG B 1812 2.29 31.47 -18.74
C ARG B 1812 3.59 30.68 -18.68
N THR B 1813 4.42 30.99 -17.70
CA THR B 1813 5.74 30.39 -17.55
C THR B 1813 6.09 30.38 -16.07
N VAL B 1814 7.12 29.62 -15.72
CA VAL B 1814 7.71 29.76 -14.40
C VAL B 1814 8.53 31.06 -14.37
N PHE B 1815 8.73 31.57 -13.17
CA PHE B 1815 9.46 32.83 -13.11
C PHE B 1815 10.75 32.72 -12.31
N ALA B 1816 10.73 32.10 -11.14
CA ALA B 1816 11.91 32.00 -10.29
C ALA B 1816 11.65 30.93 -9.25
N PRO B 1817 12.70 30.36 -8.67
CA PRO B 1817 12.53 29.50 -7.50
C PRO B 1817 12.45 30.33 -6.23
N LEU B 1818 11.52 29.95 -5.36
CA LEU B 1818 11.28 30.70 -4.13
C LEU B 1818 12.14 30.26 -2.97
N SER B 1819 12.09 28.98 -2.60
CA SER B 1819 12.85 28.48 -1.48
C SER B 1819 13.13 27.00 -1.68
N LEU B 1820 14.34 26.58 -1.30
CA LEU B 1820 14.76 25.20 -1.48
C LEU B 1820 14.28 24.28 -0.35
N LEU B 1821 13.70 24.83 0.71
CA LEU B 1821 13.38 24.07 1.91
C LEU B 1821 11.94 24.36 2.36
N GLY B 1822 11.02 24.32 1.41
CA GLY B 1822 9.62 24.49 1.74
C GLY B 1822 8.91 25.41 0.77
N SER B 1823 7.59 25.26 0.71
CA SER B 1823 6.77 26.05 -0.20
C SER B 1823 6.32 27.35 0.48
N SER B 1824 6.10 28.38 -0.33
CA SER B 1824 5.65 29.65 0.19
C SER B 1824 4.13 29.71 0.26
N LEU B 1825 3.62 30.52 1.18
CA LEU B 1825 2.19 30.62 1.42
C LEU B 1825 1.72 32.01 1.06
N GLY B 1826 2.28 33.05 1.68
CA GLY B 1826 1.80 34.40 1.43
C GLY B 1826 2.47 35.03 0.21
N LEU B 1827 1.90 36.15 -0.21
CA LEU B 1827 2.41 36.86 -1.38
C LEU B 1827 2.04 38.33 -1.29
N ALA B 1828 2.99 39.20 -1.62
CA ALA B 1828 2.77 40.63 -1.67
C ALA B 1828 3.83 41.24 -2.58
N LEU B 1829 3.42 42.22 -3.38
CA LEU B 1829 4.30 42.81 -4.39
C LEU B 1829 4.48 44.30 -4.14
N ASP B 1830 5.70 44.77 -4.35
CA ASP B 1830 6.01 46.20 -4.33
C ASP B 1830 6.10 46.65 -5.78
N TRP B 1831 5.17 47.52 -6.19
CA TRP B 1831 5.10 47.98 -7.56
C TRP B 1831 5.95 49.21 -7.83
N VAL B 1832 6.73 49.65 -6.85
CA VAL B 1832 7.63 50.79 -7.00
C VAL B 1832 9.08 50.34 -7.07
N SER B 1833 9.52 49.54 -6.11
CA SER B 1833 10.85 48.96 -6.15
C SER B 1833 10.91 47.70 -7.02
N ARG B 1834 9.76 47.21 -7.45
CA ARG B 1834 9.66 45.99 -8.26
C ARG B 1834 10.28 44.79 -7.53
N ASN B 1835 9.92 44.64 -6.27
CA ASN B 1835 10.27 43.48 -5.46
C ASN B 1835 8.99 42.79 -5.01
N ILE B 1836 9.06 41.47 -4.84
CA ILE B 1836 7.94 40.68 -4.37
C ILE B 1836 8.34 39.99 -3.07
N TYR B 1837 7.50 40.15 -2.06
CA TYR B 1837 7.73 39.54 -0.75
C TYR B 1837 6.81 38.33 -0.58
N TYR B 1838 7.33 37.30 0.09
CA TYR B 1838 6.56 36.10 0.33
C TYR B 1838 6.95 35.51 1.68
N THR B 1839 6.05 34.70 2.21
CA THR B 1839 6.24 34.04 3.49
C THR B 1839 6.43 32.55 3.27
N THR B 1840 7.32 31.94 4.06
CA THR B 1840 7.65 30.53 3.95
C THR B 1840 7.41 29.87 5.31
N PRO B 1841 6.18 29.45 5.59
CA PRO B 1841 5.89 28.83 6.89
C PRO B 1841 6.69 27.57 7.16
N ALA B 1842 7.10 26.84 6.12
CA ALA B 1842 7.95 25.68 6.31
C ALA B 1842 9.34 26.06 6.78
N SER B 1843 9.78 27.29 6.51
CA SER B 1843 11.09 27.76 6.93
C SER B 1843 11.00 28.90 7.94
N ARG B 1844 9.78 29.28 8.35
CA ARG B 1844 9.56 30.29 9.38
C ARG B 1844 10.20 31.63 9.05
N SER B 1845 10.16 32.03 7.77
CA SER B 1845 10.85 33.22 7.32
C SER B 1845 9.98 34.05 6.39
N ILE B 1846 10.31 35.34 6.31
CA ILE B 1846 9.74 36.26 5.33
C ILE B 1846 10.86 36.66 4.38
N GLU B 1847 10.62 36.48 3.08
CA GLU B 1847 11.67 36.63 2.09
C GLU B 1847 11.26 37.62 1.03
N VAL B 1848 12.24 38.04 0.23
CA VAL B 1848 12.02 38.99 -0.87
C VAL B 1848 12.62 38.41 -2.13
N LEU B 1849 12.11 38.87 -3.28
CA LEU B 1849 12.61 38.45 -4.58
C LEU B 1849 12.56 39.64 -5.52
N THR B 1850 13.50 39.67 -6.47
CA THR B 1850 13.66 40.82 -7.36
C THR B 1850 13.08 40.51 -8.72
N LEU B 1851 12.30 41.45 -9.27
CA LEU B 1851 11.69 41.26 -10.57
C LEU B 1851 12.53 41.84 -11.70
N LYS B 1852 13.24 42.94 -11.45
CA LYS B 1852 13.98 43.61 -12.51
C LYS B 1852 15.19 42.79 -12.93
N GLY B 1853 15.54 42.90 -14.21
CA GLY B 1853 16.71 42.24 -14.75
C GLY B 1853 16.44 40.79 -15.11
N ASP B 1854 17.43 40.19 -15.77
CA ASP B 1854 17.35 38.80 -16.16
C ASP B 1854 17.90 37.85 -15.11
N THR B 1855 18.48 38.37 -14.03
CA THR B 1855 19.04 37.55 -12.96
C THR B 1855 18.21 37.76 -11.70
N ARG B 1856 17.76 36.66 -11.11
CA ARG B 1856 16.92 36.73 -9.92
C ARG B 1856 17.77 36.80 -8.67
N TYR B 1857 17.39 37.69 -7.74
CA TYR B 1857 18.07 37.82 -6.47
C TYR B 1857 17.05 37.70 -5.34
N GLY B 1858 17.34 36.82 -4.38
CA GLY B 1858 16.44 36.60 -3.27
C GLY B 1858 17.17 36.67 -1.95
N LYS B 1859 16.43 37.04 -0.92
CA LYS B 1859 16.99 37.24 0.40
C LYS B 1859 15.93 36.90 1.44
N THR B 1860 16.39 36.46 2.62
CA THR B 1860 15.51 36.27 3.77
C THR B 1860 15.62 37.48 4.68
N LEU B 1861 14.47 38.11 4.95
CA LEU B 1861 14.47 39.32 5.77
C LEU B 1861 14.39 39.01 7.25
N ILE B 1862 13.36 38.28 7.67
CA ILE B 1862 13.11 38.01 9.08
C ILE B 1862 13.01 36.50 9.26
N ALA B 1863 13.61 35.99 10.33
CA ALA B 1863 13.60 34.57 10.63
C ALA B 1863 13.02 34.37 12.03
N ASN B 1864 13.10 33.15 12.53
CA ASN B 1864 12.53 32.80 13.84
C ASN B 1864 13.65 32.69 14.86
N ASP B 1865 13.99 33.84 15.46
CA ASP B 1865 14.82 33.84 16.65
C ASP B 1865 13.97 33.51 17.87
N GLY B 1866 14.60 33.51 19.04
CA GLY B 1866 13.85 33.22 20.26
C GLY B 1866 12.93 34.34 20.70
N THR B 1867 13.18 35.57 20.25
CA THR B 1867 12.43 36.72 20.70
C THR B 1867 11.02 36.73 20.11
N PRO B 1868 10.07 37.36 20.81
CA PRO B 1868 8.72 37.51 20.23
C PRO B 1868 8.69 38.39 19.00
N LEU B 1869 9.68 39.25 18.81
CA LEU B 1869 9.68 40.14 17.66
C LEU B 1869 9.94 39.40 16.35
N GLY B 1870 10.41 38.17 16.43
CA GLY B 1870 10.70 37.40 15.24
C GLY B 1870 9.44 36.89 14.58
N VAL B 1871 9.64 36.02 13.58
CA VAL B 1871 8.57 35.45 12.78
C VAL B 1871 8.28 34.05 13.30
N GLY B 1872 7.06 33.84 13.79
CA GLY B 1872 6.67 32.54 14.30
C GLY B 1872 6.11 31.62 13.25
N PHE B 1873 5.07 32.06 12.57
CA PHE B 1873 4.42 31.27 11.51
C PHE B 1873 3.66 32.22 10.61
N PRO B 1874 4.31 32.79 9.59
CA PRO B 1874 3.68 33.86 8.80
C PRO B 1874 2.59 33.31 7.90
N VAL B 1875 1.43 33.98 7.92
CA VAL B 1875 0.29 33.56 7.10
C VAL B 1875 0.09 34.57 5.97
N GLY B 1876 -0.19 35.82 6.33
CA GLY B 1876 -0.42 36.86 5.35
C GLY B 1876 0.63 37.94 5.41
N ILE B 1877 0.68 38.76 4.36
CA ILE B 1877 1.66 39.83 4.25
C ILE B 1877 1.10 40.91 3.34
N ALA B 1878 1.24 42.17 3.78
CA ALA B 1878 0.83 43.32 3.00
C ALA B 1878 1.89 44.40 3.12
N VAL B 1879 2.29 44.97 1.99
CA VAL B 1879 3.41 45.90 1.93
C VAL B 1879 2.88 47.29 1.58
N ASP B 1880 3.54 48.31 2.13
CA ASP B 1880 3.28 49.70 1.79
C ASP B 1880 4.53 50.26 1.12
N PRO B 1881 4.55 50.37 -0.21
CA PRO B 1881 5.79 50.83 -0.87
C PRO B 1881 6.24 52.20 -0.42
N ALA B 1882 5.35 53.18 -0.42
CA ALA B 1882 5.65 54.44 0.24
C ALA B 1882 5.69 54.22 1.74
N ARG B 1883 6.51 55.04 2.42
CA ARG B 1883 6.72 54.96 3.87
C ARG B 1883 7.47 53.69 4.27
N GLY B 1884 7.73 52.80 3.30
CA GLY B 1884 8.62 51.68 3.52
C GLY B 1884 8.27 50.76 4.67
N LYS B 1885 7.02 50.36 4.78
CA LYS B 1885 6.56 49.54 5.88
C LYS B 1885 5.98 48.22 5.36
N LEU B 1886 6.20 47.15 6.14
CA LEU B 1886 5.78 45.80 5.78
C LEU B 1886 5.03 45.22 6.98
N TYR B 1887 3.84 44.68 6.72
CA TYR B 1887 2.97 44.13 7.75
C TYR B 1887 2.68 42.67 7.46
N TRP B 1888 2.63 41.85 8.51
CA TRP B 1888 2.32 40.44 8.35
C TRP B 1888 1.58 39.93 9.58
N SER B 1889 0.80 38.87 9.37
CA SER B 1889 0.04 38.23 10.44
C SER B 1889 0.72 36.93 10.82
N ASP B 1890 0.92 36.74 12.13
CA ASP B 1890 1.71 35.62 12.64
C ASP B 1890 0.82 34.74 13.51
N HIS B 1891 0.85 33.44 13.25
CA HIS B 1891 0.13 32.48 14.08
C HIS B 1891 0.80 32.22 15.42
N GLY B 1892 2.06 32.60 15.57
CA GLY B 1892 2.77 32.31 16.79
C GLY B 1892 3.28 30.88 16.80
N THR B 1893 3.97 30.54 17.89
CA THR B 1893 4.53 29.21 18.07
C THR B 1893 4.33 28.79 19.52
N ASP B 1894 4.69 27.53 19.81
CA ASP B 1894 4.72 27.07 21.19
C ASP B 1894 6.02 27.54 21.82
N SER B 1895 6.30 28.83 21.68
CA SER B 1895 7.56 29.45 22.09
C SER B 1895 7.30 30.90 22.46
N GLY B 1896 8.34 31.71 22.50
CA GLY B 1896 8.17 33.11 22.84
C GLY B 1896 7.25 33.88 21.91
N VAL B 1897 7.18 33.50 20.65
CA VAL B 1897 6.42 34.23 19.65
C VAL B 1897 4.92 33.98 19.84
N PRO B 1898 4.12 35.01 20.10
CA PRO B 1898 2.67 34.83 20.20
C PRO B 1898 1.99 35.12 18.87
N ALA B 1899 0.68 34.81 18.84
CA ALA B 1899 -0.12 35.19 17.68
C ALA B 1899 -0.32 36.70 17.67
N LYS B 1900 -0.01 37.33 16.54
CA LYS B 1900 0.09 38.78 16.53
C LYS B 1900 -0.05 39.32 15.12
N ILE B 1901 -0.30 40.62 15.04
CA ILE B 1901 -0.14 41.41 13.82
C ILE B 1901 1.10 42.26 14.00
N ALA B 1902 2.12 42.01 13.17
CA ALA B 1902 3.42 42.62 13.34
C ALA B 1902 3.75 43.50 12.14
N SER B 1903 4.64 44.46 12.37
CA SER B 1903 5.07 45.38 11.33
C SER B 1903 6.59 45.47 11.36
N ALA B 1904 7.17 45.78 10.21
CA ALA B 1904 8.60 45.98 10.07
C ALA B 1904 8.89 46.79 8.82
N ASN B 1905 10.07 47.38 8.77
CA ASN B 1905 10.50 48.05 7.55
C ASN B 1905 10.81 47.02 6.48
N MET B 1906 10.68 47.44 5.22
CA MET B 1906 10.84 46.49 4.11
C MET B 1906 12.27 46.04 3.94
N ASP B 1907 13.22 46.62 4.66
CA ASP B 1907 14.56 46.06 4.77
C ASP B 1907 14.70 45.13 5.97
N GLY B 1908 13.62 44.93 6.74
CA GLY B 1908 13.58 43.95 7.80
C GLY B 1908 14.19 44.38 9.11
N THR B 1909 14.38 45.68 9.34
CA THR B 1909 15.11 46.13 10.52
C THR B 1909 14.24 46.31 11.76
N SER B 1910 13.23 47.17 11.69
CA SER B 1910 12.50 47.60 12.89
C SER B 1910 11.27 46.71 13.11
N LEU B 1911 11.51 45.56 13.72
CA LEU B 1911 10.42 44.65 14.07
C LEU B 1911 9.57 45.24 15.18
N LYS B 1912 8.25 45.12 15.05
CA LYS B 1912 7.31 45.68 16.01
C LYS B 1912 6.08 44.80 16.08
N ILE B 1913 5.50 44.69 17.28
CA ILE B 1913 4.25 43.97 17.49
C ILE B 1913 3.14 45.01 17.62
N LEU B 1914 2.20 44.98 16.69
CA LEU B 1914 1.12 45.96 16.68
C LEU B 1914 -0.07 45.53 17.50
N PHE B 1915 -0.68 44.39 17.16
CA PHE B 1915 -1.86 43.89 17.85
C PHE B 1915 -1.62 42.48 18.34
N THR B 1916 -2.11 42.19 19.53
CA THR B 1916 -2.04 40.85 20.09
C THR B 1916 -3.23 40.65 21.03
N GLY B 1917 -3.56 39.40 21.26
CA GLY B 1917 -4.67 39.06 22.13
C GLY B 1917 -5.34 37.79 21.64
N ASN B 1918 -6.68 37.82 21.62
CA ASN B 1918 -7.45 36.68 21.17
C ASN B 1918 -7.42 36.59 19.65
N LEU B 1919 -6.28 36.21 19.08
CA LEU B 1919 -6.10 36.08 17.65
C LEU B 1919 -5.85 34.64 17.22
N GLN B 1920 -6.48 33.67 17.88
CA GLN B 1920 -6.29 32.28 17.51
C GLN B 1920 -6.87 32.03 16.12
N HIS B 1921 -6.14 31.24 15.33
CA HIS B 1921 -6.49 30.95 13.93
C HIS B 1921 -6.64 32.25 13.15
N LEU B 1922 -5.53 32.99 13.06
CA LEU B 1922 -5.51 34.21 12.27
C LEU B 1922 -5.57 33.89 10.79
N GLU B 1923 -5.97 34.89 10.01
CA GLU B 1923 -6.01 34.73 8.55
C GLU B 1923 -5.24 35.87 7.89
N VAL B 1924 -5.35 35.99 6.57
CA VAL B 1924 -4.55 36.97 5.82
C VAL B 1924 -4.82 38.37 6.33
N VAL B 1925 -3.83 39.24 6.21
CA VAL B 1925 -3.92 40.62 6.64
C VAL B 1925 -3.91 41.52 5.42
N THR B 1926 -4.75 42.56 5.45
CA THR B 1926 -4.92 43.45 4.31
C THR B 1926 -4.74 44.89 4.77
N LEU B 1927 -4.00 45.66 3.98
CA LEU B 1927 -3.70 47.06 4.29
C LEU B 1927 -4.48 47.97 3.36
N ASP B 1928 -5.14 48.97 3.93
CA ASP B 1928 -5.78 50.04 3.15
C ASP B 1928 -4.81 51.21 3.10
N ILE B 1929 -4.07 51.30 1.98
CA ILE B 1929 -3.00 52.30 1.88
C ILE B 1929 -3.55 53.71 1.97
N GLN B 1930 -4.67 53.99 1.31
CA GLN B 1930 -5.24 55.34 1.31
C GLN B 1930 -5.60 55.81 2.71
N GLU B 1931 -6.00 54.91 3.60
CA GLU B 1931 -6.41 55.27 4.95
C GLU B 1931 -5.46 54.79 6.03
N GLN B 1932 -4.40 54.06 5.68
CA GLN B 1932 -3.46 53.51 6.64
C GLN B 1932 -4.17 52.68 7.72
N LYS B 1933 -5.03 51.77 7.26
CA LYS B 1933 -5.83 50.92 8.14
C LYS B 1933 -5.56 49.47 7.79
N LEU B 1934 -5.26 48.66 8.81
CA LEU B 1934 -5.02 47.24 8.62
C LEU B 1934 -6.34 46.48 8.81
N TYR B 1935 -6.55 45.47 7.96
CA TYR B 1935 -7.74 44.63 8.03
C TYR B 1935 -7.31 43.18 8.10
N TRP B 1936 -8.00 42.39 8.94
CA TRP B 1936 -7.69 40.98 9.07
C TRP B 1936 -8.92 40.25 9.59
N ALA B 1937 -8.89 38.93 9.49
CA ALA B 1937 -9.98 38.08 9.90
C ALA B 1937 -9.51 37.08 10.96
N VAL B 1938 -10.39 36.78 11.91
CA VAL B 1938 -10.10 35.83 12.98
C VAL B 1938 -11.12 34.70 12.92
N THR B 1939 -10.66 33.49 12.65
CA THR B 1939 -11.56 32.36 12.50
C THR B 1939 -12.07 31.83 13.83
N SER B 1940 -11.26 31.88 14.89
CA SER B 1940 -11.68 31.33 16.17
C SER B 1940 -12.90 32.06 16.73
N ARG B 1941 -13.04 33.36 16.44
CA ARG B 1941 -14.22 34.11 16.82
C ARG B 1941 -15.14 34.42 15.65
N GLY B 1942 -14.72 34.11 14.42
CA GLY B 1942 -15.55 34.37 13.26
C GLY B 1942 -15.81 35.83 12.97
N VAL B 1943 -14.80 36.69 13.14
CA VAL B 1943 -14.96 38.11 12.96
C VAL B 1943 -13.87 38.65 12.05
N ILE B 1944 -14.12 39.81 11.47
CA ILE B 1944 -13.14 40.58 10.72
C ILE B 1944 -12.88 41.86 11.49
N GLU B 1945 -11.63 42.07 11.88
CA GLU B 1945 -11.25 43.23 12.68
C GLU B 1945 -10.41 44.18 11.84
N ARG B 1946 -10.32 45.42 12.31
CA ARG B 1946 -9.49 46.43 11.67
C ARG B 1946 -8.85 47.30 12.74
N GLY B 1947 -7.73 47.92 12.37
CA GLY B 1947 -7.02 48.77 13.30
C GLY B 1947 -5.98 49.60 12.58
N ASN B 1948 -5.52 50.65 13.27
CA ASN B 1948 -4.55 51.55 12.70
C ASN B 1948 -3.18 50.90 12.63
N VAL B 1949 -2.34 51.42 11.72
CA VAL B 1949 -1.00 50.86 11.53
C VAL B 1949 -0.11 51.09 12.75
N ASP B 1950 -0.44 52.08 13.59
CA ASP B 1950 0.34 52.32 14.79
C ASP B 1950 -0.07 51.45 15.96
N GLY B 1951 -1.09 50.60 15.80
CA GLY B 1951 -1.50 49.69 16.85
C GLY B 1951 -2.37 50.29 17.93
N THR B 1952 -2.97 51.46 17.69
CA THR B 1952 -3.78 52.12 18.72
C THR B 1952 -5.21 51.59 18.76
N GLU B 1953 -5.95 51.75 17.67
CA GLU B 1953 -7.37 51.42 17.68
C GLU B 1953 -7.61 50.01 17.17
N ARG B 1954 -8.72 49.41 17.61
CA ARG B 1954 -9.13 48.10 17.14
C ARG B 1954 -10.61 47.92 17.41
N MET B 1955 -11.34 47.41 16.42
CA MET B 1955 -12.76 47.15 16.58
C MET B 1955 -13.17 46.01 15.65
N ILE B 1956 -14.23 45.32 16.04
CA ILE B 1956 -14.79 44.24 15.22
C ILE B 1956 -15.72 44.84 14.18
N LEU B 1957 -15.52 44.47 12.92
CA LEU B 1957 -16.26 45.05 11.81
C LEU B 1957 -17.37 44.15 11.29
N VAL B 1958 -17.12 42.85 11.14
CA VAL B 1958 -18.10 41.90 10.64
C VAL B 1958 -18.20 40.76 11.64
N HIS B 1959 -19.42 40.33 11.93
CA HIS B 1959 -19.69 39.29 12.91
C HIS B 1959 -20.24 38.04 12.24
N HIS B 1960 -20.25 36.94 13.01
CA HIS B 1960 -20.93 35.71 12.65
C HIS B 1960 -20.47 35.13 11.32
N LEU B 1961 -19.17 35.22 11.04
CA LEU B 1961 -18.63 34.53 9.88
C LEU B 1961 -18.21 33.11 10.27
N ALA B 1962 -18.13 32.23 9.27
CA ALA B 1962 -17.84 30.83 9.52
C ALA B 1962 -16.34 30.54 9.41
N HIS B 1963 -15.75 30.80 8.24
CA HIS B 1963 -14.33 30.58 8.03
C HIS B 1963 -13.84 31.56 6.98
N PRO B 1964 -13.60 32.82 7.37
CA PRO B 1964 -13.09 33.80 6.40
C PRO B 1964 -11.71 33.39 5.90
N TRP B 1965 -11.50 33.52 4.60
CA TRP B 1965 -10.23 33.13 4.01
C TRP B 1965 -9.54 34.33 3.37
N GLY B 1966 -10.24 35.04 2.51
CA GLY B 1966 -9.68 36.19 1.84
C GLY B 1966 -10.45 37.46 2.16
N LEU B 1967 -9.76 38.59 2.05
CA LEU B 1967 -10.38 39.89 2.22
C LEU B 1967 -9.50 40.94 1.56
N VAL B 1968 -10.13 41.96 0.99
CA VAL B 1968 -9.43 43.02 0.29
C VAL B 1968 -10.26 44.29 0.36
N VAL B 1969 -9.58 45.43 0.51
CA VAL B 1969 -10.22 46.73 0.60
C VAL B 1969 -9.96 47.50 -0.68
N TYR B 1970 -11.02 47.93 -1.35
CA TYR B 1970 -10.89 48.76 -2.54
C TYR B 1970 -12.03 49.76 -2.56
N GLY B 1971 -11.70 51.03 -2.74
CA GLY B 1971 -12.73 52.06 -2.73
C GLY B 1971 -13.39 52.14 -1.37
N SER B 1972 -14.72 52.18 -1.37
CA SER B 1972 -15.48 52.31 -0.15
C SER B 1972 -16.00 50.98 0.39
N PHE B 1973 -15.59 49.86 -0.21
CA PHE B 1973 -16.15 48.56 0.12
C PHE B 1973 -15.06 47.59 0.55
N LEU B 1974 -15.45 46.59 1.32
CA LEU B 1974 -14.56 45.51 1.75
C LEU B 1974 -15.14 44.19 1.27
N TYR B 1975 -14.40 43.51 0.40
CA TYR B 1975 -14.81 42.22 -0.15
C TYR B 1975 -14.16 41.10 0.67
N TYR B 1976 -14.94 40.09 1.02
CA TYR B 1976 -14.42 38.93 1.73
C TYR B 1976 -15.09 37.67 1.21
N SER B 1977 -14.33 36.58 1.18
CA SER B 1977 -14.82 35.28 0.74
C SER B 1977 -14.80 34.31 1.91
N ASP B 1978 -15.94 33.69 2.17
CA ASP B 1978 -16.08 32.74 3.28
C ASP B 1978 -16.02 31.33 2.71
N GLU B 1979 -15.05 30.54 3.17
CA GLU B 1979 -14.85 29.20 2.64
C GLU B 1979 -15.90 28.22 3.10
N GLN B 1980 -16.59 28.49 4.21
CA GLN B 1980 -17.60 27.57 4.74
C GLN B 1980 -19.02 27.96 4.37
N TYR B 1981 -19.31 29.23 4.17
CA TYR B 1981 -20.58 29.64 3.57
C TYR B 1981 -20.55 29.56 2.06
N GLU B 1982 -19.38 29.40 1.45
CA GLU B 1982 -19.22 29.35 0.00
C GLU B 1982 -19.79 30.60 -0.67
N VAL B 1983 -19.41 31.76 -0.16
CA VAL B 1983 -19.98 33.02 -0.60
C VAL B 1983 -18.88 34.07 -0.71
N ILE B 1984 -19.00 34.95 -1.70
CA ILE B 1984 -18.18 36.15 -1.81
C ILE B 1984 -19.09 37.35 -1.59
N GLU B 1985 -18.77 38.17 -0.60
CA GLU B 1985 -19.67 39.23 -0.16
C GLU B 1985 -18.95 40.56 -0.13
N ARG B 1986 -19.67 41.61 -0.50
CA ARG B 1986 -19.19 42.98 -0.44
C ARG B 1986 -19.90 43.72 0.68
N VAL B 1987 -19.12 44.38 1.54
CA VAL B 1987 -19.66 45.14 2.65
C VAL B 1987 -18.95 46.49 2.71
N ASP B 1988 -19.60 47.46 3.35
CA ASP B 1988 -19.02 48.79 3.47
C ASP B 1988 -17.86 48.75 4.45
N LYS B 1989 -16.70 49.26 4.01
CA LYS B 1989 -15.50 49.15 4.83
C LYS B 1989 -15.55 50.02 6.08
N SER B 1990 -16.39 51.05 6.09
CA SER B 1990 -16.43 51.97 7.23
C SER B 1990 -17.14 51.39 8.44
N SER B 1991 -18.22 50.64 8.23
CA SER B 1991 -19.02 50.16 9.35
C SER B 1991 -19.36 48.69 9.24
N GLY B 1992 -19.12 48.10 8.07
CA GLY B 1992 -19.52 46.72 7.86
C GLY B 1992 -20.99 46.52 7.60
N ASN B 1993 -21.69 47.57 7.15
CA ASN B 1993 -23.11 47.47 6.85
C ASN B 1993 -23.32 47.26 5.35
N ASN B 1994 -24.60 47.03 4.99
CA ASN B 1994 -25.01 46.91 3.59
C ASN B 1994 -24.30 45.75 2.89
N LYS B 1995 -24.50 44.54 3.41
CA LYS B 1995 -23.89 43.36 2.81
C LYS B 1995 -24.49 43.06 1.45
N VAL B 1996 -23.63 42.75 0.49
CA VAL B 1996 -24.04 42.39 -0.86
C VAL B 1996 -23.29 41.13 -1.26
N VAL B 1997 -24.02 40.16 -1.82
CA VAL B 1997 -23.47 38.88 -2.21
C VAL B 1997 -23.11 38.92 -3.69
N LEU B 1998 -21.86 38.61 -4.01
CA LEU B 1998 -21.41 38.55 -5.40
C LEU B 1998 -21.55 37.15 -5.98
N ARG B 1999 -20.87 36.17 -5.39
CA ARG B 1999 -20.99 34.78 -5.78
C ARG B 1999 -21.52 33.97 -4.61
N ASP B 2000 -22.08 32.82 -4.91
CA ASP B 2000 -22.54 31.89 -3.89
C ASP B 2000 -22.52 30.47 -4.45
N ASN B 2001 -22.51 29.50 -3.54
CA ASN B 2001 -22.40 28.08 -3.87
C ASN B 2001 -21.14 27.76 -4.65
N VAL B 2002 -20.06 28.52 -4.44
CA VAL B 2002 -18.78 28.25 -5.08
C VAL B 2002 -17.85 27.56 -4.08
N PRO B 2003 -17.51 26.30 -4.29
CA PRO B 2003 -16.66 25.59 -3.34
C PRO B 2003 -15.20 26.01 -3.48
N TYR B 2004 -14.42 25.62 -2.47
CA TYR B 2004 -12.96 25.85 -2.46
C TYR B 2004 -12.62 27.33 -2.56
N LEU B 2005 -13.35 28.18 -1.85
CA LEU B 2005 -13.05 29.60 -1.87
C LEU B 2005 -11.76 29.89 -1.12
N ARG B 2006 -10.89 30.68 -1.75
CA ARG B 2006 -9.60 31.06 -1.19
C ARG B 2006 -9.49 32.58 -1.20
N GLY B 2007 -8.29 33.10 -0.98
CA GLY B 2007 -8.07 34.53 -0.82
C GLY B 2007 -8.58 35.35 -2.00
N LEU B 2008 -8.50 36.67 -1.83
CA LEU B 2008 -9.02 37.61 -2.82
C LEU B 2008 -8.02 38.74 -3.03
N ARG B 2009 -8.13 39.38 -4.19
CA ARG B 2009 -7.35 40.57 -4.50
C ARG B 2009 -7.98 41.27 -5.69
N VAL B 2010 -7.96 42.59 -5.67
CA VAL B 2010 -8.60 43.40 -6.69
C VAL B 2010 -7.54 43.88 -7.67
N TYR B 2011 -7.67 43.47 -8.93
CA TYR B 2011 -6.77 43.97 -9.97
C TYR B 2011 -7.20 45.37 -10.38
N HIS B 2012 -6.24 46.30 -10.35
CA HIS B 2012 -6.50 47.68 -10.75
C HIS B 2012 -5.19 48.33 -11.13
N ARG B 2013 -5.29 49.43 -11.88
CA ARG B 2013 -4.11 50.17 -12.28
C ARG B 2013 -3.65 51.05 -11.13
N ARG B 2014 -2.41 50.85 -10.68
CA ARG B 2014 -1.79 51.69 -9.67
C ARG B 2014 -0.46 52.18 -10.20
N ASN B 2015 -0.30 53.50 -10.28
CA ASN B 2015 0.91 54.09 -10.84
C ASN B 2015 2.02 54.12 -9.80
N ALA B 2016 3.23 53.79 -10.23
CA ALA B 2016 4.38 53.89 -9.35
C ALA B 2016 4.78 55.34 -9.12
N ALA B 2017 4.47 56.21 -10.08
CA ALA B 2017 4.85 57.61 -9.98
C ALA B 2017 4.16 58.30 -8.81
N ASP B 2018 2.88 58.02 -8.60
CA ASP B 2018 2.14 58.64 -7.50
C ASP B 2018 2.56 58.13 -6.13
N SER B 2019 3.30 57.02 -6.07
CA SER B 2019 3.73 56.45 -4.81
C SER B 2019 5.22 56.09 -4.84
N SER B 2020 6.05 57.01 -5.33
CA SER B 2020 7.47 56.74 -5.47
C SER B 2020 8.13 56.63 -4.09
N ASN B 2021 9.28 55.96 -4.06
CA ASN B 2021 10.05 55.79 -2.84
C ASN B 2021 11.53 55.92 -3.17
N GLY B 2022 12.37 55.54 -2.21
CA GLY B 2022 13.81 55.66 -2.41
C GLY B 2022 14.33 54.80 -3.54
N CYS B 2023 13.83 53.57 -3.65
CA CYS B 2023 14.32 52.65 -4.67
C CYS B 2023 13.85 53.01 -6.07
N SER B 2024 12.94 53.98 -6.22
CA SER B 2024 12.55 54.48 -7.53
C SER B 2024 13.23 55.78 -7.90
N ASN B 2025 13.50 56.64 -6.92
CA ASN B 2025 14.22 57.87 -7.20
C ASN B 2025 15.69 57.62 -7.50
N ASN B 2026 16.22 56.49 -7.03
CA ASN B 2026 17.62 56.13 -7.22
C ASN B 2026 17.72 54.72 -7.81
N PRO B 2027 17.30 54.53 -9.06
CA PRO B 2027 17.41 53.21 -9.67
C PRO B 2027 18.86 52.87 -9.98
N ASN B 2028 19.14 51.56 -10.00
CA ASN B 2028 20.46 51.02 -10.32
C ASN B 2028 21.54 51.52 -9.36
N ALA B 2029 21.17 51.87 -8.13
CA ALA B 2029 22.16 52.28 -7.14
C ALA B 2029 22.78 51.05 -6.48
N CYS B 2030 21.95 50.11 -6.06
CA CYS B 2030 22.43 48.89 -5.43
C CYS B 2030 22.75 47.83 -6.49
N GLN B 2031 23.76 47.02 -6.19
CA GLN B 2031 24.20 46.01 -7.16
C GLN B 2031 23.12 44.96 -7.41
N GLN B 2032 22.49 44.46 -6.35
CA GLN B 2032 21.56 43.34 -6.51
C GLN B 2032 20.13 43.68 -6.13
N ILE B 2033 19.91 44.13 -4.89
CA ILE B 2033 18.57 44.33 -4.36
C ILE B 2033 18.49 45.70 -3.69
N CYS B 2034 17.37 46.39 -3.91
CA CYS B 2034 17.06 47.65 -3.24
C CYS B 2034 15.81 47.47 -2.40
N LEU B 2035 15.85 47.95 -1.16
CA LEU B 2035 14.72 47.84 -0.24
C LEU B 2035 14.42 49.21 0.35
N PRO B 2036 13.22 49.73 0.16
CA PRO B 2036 12.89 51.05 0.72
C PRO B 2036 12.71 51.00 2.23
N VAL B 2037 12.93 52.16 2.85
CA VAL B 2037 12.82 52.32 4.30
C VAL B 2037 12.03 53.60 4.57
N PRO B 2038 11.46 53.78 5.77
CA PRO B 2038 10.69 55.00 6.04
C PRO B 2038 11.53 56.26 5.89
N GLY B 2039 10.88 57.32 5.44
CA GLY B 2039 11.55 58.59 5.25
C GLY B 2039 12.06 58.85 3.85
N GLY B 2040 11.65 58.05 2.87
CA GLY B 2040 12.06 58.24 1.50
C GLY B 2040 13.44 57.70 1.16
N MET B 2041 14.15 57.12 2.11
CA MET B 2041 15.47 56.58 1.86
C MET B 2041 15.36 55.18 1.27
N PHE B 2042 16.51 54.54 1.07
CA PHE B 2042 16.56 53.18 0.56
C PHE B 2042 17.73 52.46 1.20
N SER B 2043 17.66 51.13 1.19
CA SER B 2043 18.67 50.29 1.84
C SER B 2043 19.12 49.24 0.84
N CYS B 2044 20.39 49.26 0.47
CA CYS B 2044 20.94 48.24 -0.42
C CYS B 2044 21.03 46.90 0.30
N ALA B 2045 20.82 45.83 -0.46
CA ALA B 2045 20.86 44.48 0.09
C ALA B 2045 21.42 43.53 -0.96
N CYS B 2046 21.89 42.38 -0.50
CA CYS B 2046 22.50 41.38 -1.35
C CYS B 2046 21.69 40.10 -1.31
N ALA B 2047 21.85 39.28 -2.35
CA ALA B 2047 21.14 38.02 -2.42
C ALA B 2047 21.63 37.07 -1.34
N SER B 2048 20.96 35.91 -1.25
CA SER B 2048 21.31 34.90 -0.26
C SER B 2048 22.73 34.40 -0.48
N GLY B 2049 23.51 34.38 0.60
CA GLY B 2049 24.89 33.94 0.53
C GLY B 2049 25.92 35.04 0.34
N PHE B 2050 25.49 36.30 0.29
CA PHE B 2050 26.40 37.42 0.11
C PHE B 2050 26.20 38.43 1.22
N LYS B 2051 27.27 39.15 1.55
CA LYS B 2051 27.25 40.20 2.56
C LYS B 2051 27.52 41.55 1.91
N LEU B 2052 26.81 42.57 2.37
CA LEU B 2052 26.98 43.90 1.81
C LEU B 2052 28.34 44.47 2.19
N SER B 2053 29.05 45.00 1.19
CA SER B 2053 30.36 45.59 1.42
C SER B 2053 30.23 46.92 2.15
N PRO B 2054 31.29 47.37 2.82
CA PRO B 2054 31.21 48.65 3.56
C PRO B 2054 30.91 49.85 2.68
N ASP B 2055 31.16 49.76 1.37
CA ASP B 2055 30.85 50.89 0.48
C ASP B 2055 29.34 51.12 0.36
N GLY B 2056 28.52 50.16 0.75
CA GLY B 2056 27.08 50.33 0.72
C GLY B 2056 26.41 50.02 -0.60
N ARG B 2057 27.17 49.61 -1.60
CA ARG B 2057 26.57 49.32 -2.90
C ARG B 2057 26.90 47.93 -3.42
N SER B 2058 28.13 47.46 -3.20
CA SER B 2058 28.57 46.19 -3.76
C SER B 2058 28.26 45.04 -2.82
N CYS B 2059 28.49 43.82 -3.31
CA CYS B 2059 28.22 42.60 -2.56
C CYS B 2059 29.41 41.68 -2.63
N SER B 2060 29.76 41.08 -1.50
CA SER B 2060 30.82 40.09 -1.39
C SER B 2060 30.30 38.90 -0.59
N PRO B 2061 30.81 37.70 -0.86
CA PRO B 2061 30.33 36.52 -0.15
C PRO B 2061 30.67 36.59 1.34
N TYR B 2062 29.81 35.95 2.14
CA TYR B 2062 30.06 35.86 3.57
C TYR B 2062 31.40 35.17 3.83
N ASN B 2063 32.24 35.81 4.65
CA ASN B 2063 33.51 35.23 5.04
C ASN B 2063 33.50 34.67 6.46
N SER B 2064 32.45 34.94 7.23
CA SER B 2064 32.32 34.45 8.60
C SER B 2064 30.87 34.08 8.87
N PHE B 2065 30.59 32.78 8.97
CA PHE B 2065 29.26 32.31 9.31
C PHE B 2065 29.38 30.94 9.94
N MET B 2066 28.30 30.50 10.57
CA MET B 2066 28.23 29.18 11.17
C MET B 2066 27.43 28.25 10.27
N VAL B 2067 27.91 27.01 10.12
CA VAL B 2067 27.29 26.04 9.25
C VAL B 2067 26.51 25.06 10.11
N VAL B 2068 25.19 25.21 10.14
CA VAL B 2068 24.31 24.35 10.92
C VAL B 2068 23.86 23.20 10.04
N SER B 2069 23.98 21.98 10.56
CA SER B 2069 23.69 20.77 9.80
C SER B 2069 22.39 20.15 10.31
N MET B 2070 21.49 19.85 9.39
CA MET B 2070 20.24 19.17 9.69
C MET B 2070 20.10 17.97 8.77
N LEU B 2071 19.20 17.07 9.13
CA LEU B 2071 18.92 15.93 8.24
C LEU B 2071 18.40 16.35 6.88
N PRO B 2072 17.41 17.26 6.75
CA PRO B 2072 16.93 17.61 5.40
C PRO B 2072 17.86 18.54 4.63
N ALA B 2073 18.60 19.40 5.33
CA ALA B 2073 19.36 20.43 4.63
C ALA B 2073 20.55 20.87 5.46
N VAL B 2074 21.48 21.56 4.80
CA VAL B 2074 22.63 22.19 5.43
C VAL B 2074 22.50 23.69 5.24
N ARG B 2075 22.48 24.44 6.34
CA ARG B 2075 22.17 25.86 6.31
C ARG B 2075 23.20 26.64 7.09
N GLY B 2076 23.43 27.87 6.67
CA GLY B 2076 24.42 28.74 7.30
C GLY B 2076 23.77 30.02 7.82
N PHE B 2077 24.24 30.46 8.98
CA PHE B 2077 23.74 31.67 9.64
C PHE B 2077 24.89 32.58 10.00
N SER B 2078 24.64 33.88 10.01
CA SER B 2078 25.67 34.83 10.40
C SER B 2078 25.94 34.74 11.90
N LEU B 2079 27.15 35.13 12.29
CA LEU B 2079 27.51 35.12 13.70
C LEU B 2079 26.85 36.24 14.50
N GLU B 2080 26.47 37.35 13.85
CA GLU B 2080 25.77 38.43 14.53
C GLU B 2080 24.28 38.12 14.55
N LEU B 2081 23.69 38.16 15.75
CA LEU B 2081 22.31 37.73 15.91
C LEU B 2081 21.31 38.69 15.31
N SER B 2082 21.73 39.93 15.00
CA SER B 2082 20.81 40.90 14.43
C SER B 2082 20.60 40.70 12.93
N ASP B 2083 21.35 39.79 12.30
CA ASP B 2083 21.27 39.55 10.87
C ASP B 2083 20.56 38.22 10.66
N HIS B 2084 19.40 38.26 9.99
CA HIS B 2084 18.62 37.07 9.70
C HIS B 2084 18.85 36.52 8.31
N SER B 2085 19.75 37.14 7.54
CA SER B 2085 20.00 36.69 6.18
C SER B 2085 20.61 35.29 6.17
N GLU B 2086 20.31 34.54 5.12
CA GLU B 2086 20.87 33.20 4.93
C GLU B 2086 22.29 33.35 4.43
N ALA B 2087 23.27 33.01 5.28
CA ALA B 2087 24.67 33.26 4.98
C ALA B 2087 25.25 32.30 3.95
N MET B 2088 24.54 31.23 3.61
CA MET B 2088 24.96 30.34 2.53
C MET B 2088 23.73 29.93 1.74
N VAL B 2089 23.94 29.58 0.48
CA VAL B 2089 22.86 29.03 -0.34
C VAL B 2089 22.55 27.65 0.24
N PRO B 2090 21.32 27.42 0.71
CA PRO B 2090 21.03 26.15 1.39
C PRO B 2090 21.23 24.95 0.49
N VAL B 2091 21.76 23.88 1.07
CA VAL B 2091 21.88 22.61 0.37
C VAL B 2091 20.73 21.72 0.78
N ALA B 2092 19.81 21.46 -0.15
CA ALA B 2092 18.62 20.70 0.15
C ALA B 2092 18.15 20.01 -1.12
N GLY B 2093 16.92 19.50 -1.10
CA GLY B 2093 16.36 18.87 -2.27
C GLY B 2093 16.42 17.34 -2.20
N GLN B 2094 16.35 16.73 -3.38
CA GLN B 2094 16.30 15.27 -3.48
C GLN B 2094 17.63 14.67 -3.05
N GLY B 2095 17.56 13.64 -2.22
CA GLY B 2095 18.72 12.87 -1.83
C GLY B 2095 19.43 13.35 -0.58
N ARG B 2096 18.98 14.43 0.03
CA ARG B 2096 19.67 14.95 1.21
C ARG B 2096 19.18 14.27 2.48
N ASN B 2097 20.09 13.55 3.14
CA ASN B 2097 19.93 13.03 4.49
C ASN B 2097 21.34 13.07 5.08
N VAL B 2098 21.66 14.17 5.75
CA VAL B 2098 23.04 14.50 6.07
C VAL B 2098 23.25 14.32 7.57
N LEU B 2099 24.42 13.80 7.95
CA LEU B 2099 24.71 13.55 9.36
C LEU B 2099 25.60 14.64 9.94
N HIS B 2100 26.77 14.87 9.35
CA HIS B 2100 27.69 15.87 9.84
C HIS B 2100 28.18 16.72 8.67
N ALA B 2101 28.75 17.88 9.00
CA ALA B 2101 29.31 18.78 8.02
C ALA B 2101 30.66 19.28 8.50
N ASP B 2102 31.50 19.67 7.55
CA ASP B 2102 32.79 20.27 7.85
C ASP B 2102 33.11 21.29 6.78
N VAL B 2103 33.99 22.23 7.11
CA VAL B 2103 34.24 23.38 6.26
C VAL B 2103 35.70 23.41 5.83
N ASP B 2104 35.93 24.03 4.68
CA ASP B 2104 37.27 24.31 4.15
C ASP B 2104 37.28 25.81 3.85
N VAL B 2105 37.69 26.60 4.84
CA VAL B 2105 37.52 28.05 4.75
C VAL B 2105 38.43 28.63 3.68
N ALA B 2106 39.68 28.16 3.61
CA ALA B 2106 40.65 28.76 2.70
C ALA B 2106 40.22 28.64 1.25
N ASN B 2107 39.71 27.48 0.86
CA ASN B 2107 39.32 27.24 -0.52
C ASN B 2107 37.86 27.55 -0.80
N GLY B 2108 37.06 27.77 0.24
CA GLY B 2108 35.65 28.05 0.05
C GLY B 2108 34.83 26.83 -0.30
N PHE B 2109 34.95 25.78 0.52
CA PHE B 2109 34.20 24.55 0.30
C PHE B 2109 33.60 24.08 1.62
N ILE B 2110 32.44 23.44 1.53
CA ILE B 2110 31.76 22.88 2.69
C ILE B 2110 31.47 21.41 2.39
N TYR B 2111 31.96 20.53 3.26
CA TYR B 2111 31.83 19.08 3.08
C TYR B 2111 30.74 18.55 3.99
N TRP B 2112 30.06 17.51 3.53
CA TRP B 2112 29.07 16.83 4.35
C TRP B 2112 28.98 15.37 3.92
N CYS B 2113 28.42 14.54 4.80
CA CYS B 2113 28.27 13.12 4.55
C CYS B 2113 26.78 12.78 4.56
N ASP B 2114 26.29 12.24 3.44
CA ASP B 2114 24.91 11.80 3.35
C ASP B 2114 24.81 10.33 3.73
N PHE B 2115 23.65 9.95 4.27
CA PHE B 2115 23.44 8.60 4.74
C PHE B 2115 22.04 8.12 4.36
N SER B 2116 21.96 6.86 3.96
CA SER B 2116 20.68 6.21 3.69
C SER B 2116 20.81 4.74 4.04
N SER B 2117 19.85 4.23 4.82
CA SER B 2117 19.93 2.84 5.27
C SER B 2117 19.46 1.84 4.22
N SER B 2118 18.73 2.29 3.20
CA SER B 2118 18.16 1.35 2.23
C SER B 2118 18.77 1.51 0.85
N VAL B 2119 18.70 2.71 0.27
CA VAL B 2119 19.13 2.90 -1.11
C VAL B 2119 20.60 3.31 -1.15
N ARG B 2120 21.36 2.65 -2.02
CA ARG B 2120 22.75 2.98 -2.22
C ARG B 2120 22.90 4.24 -3.07
N SER B 2121 24.14 4.66 -3.25
CA SER B 2121 24.49 5.85 -4.02
C SER B 2121 24.03 7.12 -3.31
N SER B 2122 23.35 6.96 -2.17
CA SER B 2122 23.02 8.11 -1.35
C SER B 2122 24.08 8.31 -0.26
N ASN B 2123 24.73 7.24 0.18
CA ASN B 2123 25.82 7.35 1.13
C ASN B 2123 27.04 7.93 0.45
N GLY B 2124 27.74 8.81 1.13
CA GLY B 2124 28.98 9.35 0.60
C GLY B 2124 29.26 10.74 1.13
N ILE B 2125 30.48 11.19 0.85
CA ILE B 2125 30.93 12.54 1.22
C ILE B 2125 30.91 13.41 -0.02
N ARG B 2126 30.36 14.61 0.12
CA ARG B 2126 30.20 15.52 -1.01
C ARG B 2126 30.65 16.92 -0.61
N ARG B 2127 30.96 17.73 -1.62
CA ARG B 2127 31.44 19.08 -1.41
C ARG B 2127 30.62 20.06 -2.23
N ILE B 2128 30.52 21.29 -1.75
CA ILE B 2128 29.84 22.36 -2.48
C ILE B 2128 30.37 23.68 -1.97
N LYS B 2129 30.39 24.68 -2.84
CA LYS B 2129 30.77 26.01 -2.43
C LYS B 2129 29.63 26.68 -1.67
N PRO B 2130 29.93 27.62 -0.77
CA PRO B 2130 28.86 28.26 0.01
C PRO B 2130 27.93 29.14 -0.81
N ASP B 2131 28.21 29.28 -2.11
CA ASP B 2131 27.30 29.97 -3.02
C ASP B 2131 26.55 29.02 -3.94
N GLY B 2132 26.74 27.71 -3.82
CA GLY B 2132 26.01 26.75 -4.61
C GLY B 2132 26.53 26.55 -6.01
N SER B 2133 27.85 26.36 -6.13
CA SER B 2133 28.49 26.12 -7.42
C SER B 2133 29.47 24.98 -7.29
N ASN B 2134 29.57 24.17 -8.35
CA ASN B 2134 30.47 23.01 -8.42
C ASN B 2134 30.32 22.09 -7.21
N PHE B 2135 29.08 21.61 -7.02
CA PHE B 2135 28.81 20.41 -6.25
C PHE B 2135 29.47 19.21 -6.93
N THR B 2136 30.40 18.56 -6.23
CA THR B 2136 31.00 17.32 -6.70
C THR B 2136 31.04 16.32 -5.56
N ASN B 2137 30.99 15.04 -5.93
CA ASN B 2137 31.18 13.98 -4.96
C ASN B 2137 32.65 13.89 -4.55
N VAL B 2138 32.88 13.40 -3.33
CA VAL B 2138 34.22 13.30 -2.78
C VAL B 2138 34.57 11.83 -2.55
N VAL B 2139 33.75 11.16 -1.76
CA VAL B 2139 33.91 9.73 -1.48
C VAL B 2139 32.59 9.03 -1.76
N THR B 2140 32.63 8.02 -2.62
CA THR B 2140 31.42 7.25 -2.93
C THR B 2140 31.67 5.76 -2.78
N TYR B 2141 32.86 5.31 -3.15
CA TYR B 2141 33.15 3.88 -3.19
C TYR B 2141 33.59 3.37 -1.81
N GLY B 2142 33.10 2.19 -1.45
CA GLY B 2142 33.54 1.54 -0.23
C GLY B 2142 32.91 2.04 1.05
N ILE B 2143 31.72 2.64 0.97
CA ILE B 2143 31.04 3.11 2.17
C ILE B 2143 30.41 1.91 2.89
N GLY B 2144 30.56 1.90 4.21
CA GLY B 2144 30.02 0.80 4.99
C GLY B 2144 28.51 0.81 5.04
N ALA B 2145 27.96 -0.24 5.67
CA ALA B 2145 26.51 -0.37 5.77
C ALA B 2145 25.90 0.73 6.63
N ASN B 2146 26.61 1.18 7.66
CA ASN B 2146 26.14 2.26 8.51
C ASN B 2146 26.55 3.64 8.00
N GLY B 2147 27.25 3.70 6.87
CA GLY B 2147 27.56 4.97 6.24
C GLY B 2147 28.64 5.75 6.95
N ILE B 2148 29.04 6.86 6.32
CA ILE B 2148 30.02 7.75 6.92
C ILE B 2148 29.40 8.39 8.15
N ARG B 2149 30.08 8.28 9.29
CA ARG B 2149 29.53 8.74 10.55
C ARG B 2149 30.28 9.94 11.12
N GLY B 2150 31.33 10.42 10.47
CA GLY B 2150 32.07 11.56 10.96
C GLY B 2150 33.01 12.12 9.91
N VAL B 2151 33.11 13.45 9.82
CA VAL B 2151 33.96 14.10 8.83
C VAL B 2151 34.86 15.10 9.54
N ALA B 2152 36.16 15.02 9.27
CA ALA B 2152 37.13 15.96 9.78
C ALA B 2152 38.09 16.33 8.66
N LEU B 2153 38.37 17.62 8.50
CA LEU B 2153 39.21 18.10 7.43
C LEU B 2153 40.45 18.77 8.02
N ASP B 2154 41.63 18.36 7.54
CA ASP B 2154 42.89 18.99 7.90
C ASP B 2154 43.14 20.09 6.89
N TRP B 2155 42.84 21.34 7.27
CA TRP B 2155 42.98 22.45 6.34
C TRP B 2155 44.43 22.73 5.97
N ALA B 2156 45.39 22.28 6.80
CA ALA B 2156 46.79 22.51 6.48
C ALA B 2156 47.31 21.53 5.44
N ALA B 2157 47.26 20.23 5.77
CA ALA B 2157 47.81 19.22 4.88
C ALA B 2157 46.87 18.86 3.73
N GLY B 2158 45.62 19.31 3.77
CA GLY B 2158 44.67 18.94 2.74
C GLY B 2158 44.16 17.52 2.82
N ASN B 2159 44.23 16.91 4.00
CA ASN B 2159 43.74 15.56 4.22
C ASN B 2159 42.34 15.62 4.81
N LEU B 2160 41.48 14.70 4.38
CA LEU B 2160 40.11 14.60 4.87
C LEU B 2160 39.95 13.28 5.60
N TYR B 2161 39.84 13.33 6.92
CA TYR B 2161 39.64 12.14 7.74
C TYR B 2161 38.16 11.87 7.91
N PHE B 2162 37.78 10.60 7.81
CA PHE B 2162 36.40 10.21 8.03
C PHE B 2162 36.36 8.81 8.61
N THR B 2163 35.25 8.50 9.28
CA THR B 2163 35.01 7.18 9.85
C THR B 2163 33.78 6.57 9.20
N ASN B 2164 33.97 5.41 8.56
CA ASN B 2164 32.89 4.65 7.97
C ASN B 2164 32.64 3.41 8.81
N ALA B 2165 31.38 3.17 9.15
CA ALA B 2165 31.01 2.11 10.06
C ALA B 2165 30.37 0.97 9.28
N PHE B 2166 30.89 -0.23 9.45
CA PHE B 2166 30.23 -1.43 8.98
C PHE B 2166 29.37 -2.00 10.10
N VAL B 2167 28.76 -3.17 9.83
CA VAL B 2167 27.85 -3.76 10.80
C VAL B 2167 28.58 -4.10 12.09
N TYR B 2168 29.78 -4.68 11.99
CA TYR B 2168 30.55 -5.07 13.16
C TYR B 2168 31.93 -4.45 13.21
N GLU B 2169 32.27 -3.57 12.27
CA GLU B 2169 33.58 -2.94 12.24
C GLU B 2169 33.42 -1.47 11.90
N THR B 2170 34.50 -0.71 12.11
CA THR B 2170 34.54 0.68 11.74
C THR B 2170 35.99 1.08 11.50
N LEU B 2171 36.20 1.92 10.49
CA LEU B 2171 37.53 2.30 10.05
C LEU B 2171 37.70 3.81 10.14
N ILE B 2172 38.91 4.24 10.47
CA ILE B 2172 39.32 5.63 10.33
C ILE B 2172 40.16 5.74 9.07
N GLU B 2173 39.72 6.58 8.15
CA GLU B 2173 40.25 6.58 6.79
C GLU B 2173 40.61 8.00 6.38
N VAL B 2174 41.64 8.12 5.55
CA VAL B 2174 42.11 9.42 5.06
C VAL B 2174 41.97 9.45 3.55
N LEU B 2175 41.57 10.59 3.03
CA LEU B 2175 41.56 10.86 1.60
C LEU B 2175 42.26 12.18 1.36
N ARG B 2176 43.29 12.16 0.53
CA ARG B 2176 43.93 13.40 0.11
C ARG B 2176 43.02 14.09 -0.89
N ILE B 2177 42.67 15.34 -0.60
CA ILE B 2177 41.70 16.05 -1.43
C ILE B 2177 42.27 16.29 -2.81
N ASN B 2178 41.39 16.30 -3.82
CA ASN B 2178 41.75 16.56 -5.21
C ASN B 2178 42.62 15.45 -5.79
N THR B 2179 42.68 14.29 -5.14
CA THR B 2179 43.54 13.20 -5.58
C THR B 2179 42.88 11.88 -5.21
N THR B 2180 43.32 10.80 -5.82
CA THR B 2180 42.74 9.49 -5.56
C THR B 2180 43.41 8.76 -4.41
N TYR B 2181 44.37 9.38 -3.73
CA TYR B 2181 45.09 8.71 -2.64
C TYR B 2181 44.18 8.53 -1.44
N ARG B 2182 43.85 7.28 -1.12
CA ARG B 2182 42.98 6.96 0.01
C ARG B 2182 43.49 5.70 0.68
N ARG B 2183 43.62 5.73 2.01
CA ARG B 2183 44.13 4.60 2.75
C ARG B 2183 43.49 4.53 4.12
N VAL B 2184 43.50 3.34 4.72
CA VAL B 2184 42.92 3.13 6.03
C VAL B 2184 44.01 3.21 7.09
N LEU B 2185 43.71 3.92 8.18
CA LEU B 2185 44.66 4.03 9.29
C LEU B 2185 44.38 3.06 10.42
N LEU B 2186 43.11 2.81 10.74
CA LEU B 2186 42.75 2.02 11.90
C LEU B 2186 41.51 1.20 11.60
N LYS B 2187 41.53 -0.07 12.00
CA LYS B 2187 40.37 -0.94 11.93
C LYS B 2187 40.12 -1.51 13.30
N VAL B 2188 38.91 -1.29 13.83
CA VAL B 2188 38.55 -1.74 15.17
C VAL B 2188 37.19 -2.41 15.13
N SER B 2189 36.93 -3.25 16.11
CA SER B 2189 35.62 -3.88 16.27
C SER B 2189 35.00 -3.59 17.63
N VAL B 2190 35.80 -3.62 18.70
CA VAL B 2190 35.27 -3.30 20.02
C VAL B 2190 34.95 -1.82 20.14
N ASP B 2191 35.85 -0.96 19.66
CA ASP B 2191 35.59 0.47 19.65
C ASP B 2191 34.80 0.86 18.41
N MET B 2192 33.99 1.91 18.54
CA MET B 2192 33.29 2.49 17.40
C MET B 2192 33.48 4.01 17.40
N PRO B 2193 34.59 4.50 16.86
CA PRO B 2193 34.75 5.94 16.68
C PRO B 2193 33.69 6.49 15.75
N ARG B 2194 32.99 7.53 16.19
CA ARG B 2194 31.88 8.04 15.40
C ARG B 2194 32.12 9.46 14.92
N HIS B 2195 32.36 10.40 15.83
CA HIS B 2195 32.65 11.76 15.42
C HIS B 2195 34.12 12.06 15.62
N ILE B 2196 34.80 12.49 14.56
CA ILE B 2196 36.23 12.69 14.56
C ILE B 2196 36.54 14.15 14.26
N ILE B 2197 37.52 14.71 14.96
CA ILE B 2197 38.00 16.06 14.71
C ILE B 2197 39.52 16.00 14.62
N VAL B 2198 40.10 16.98 13.94
CA VAL B 2198 41.53 17.03 13.69
C VAL B 2198 42.06 18.41 14.08
N ASP B 2199 43.26 18.44 14.66
CA ASP B 2199 43.89 19.69 15.09
C ASP B 2199 45.28 19.80 14.49
N PRO B 2200 45.43 20.49 13.36
CA PRO B 2200 46.76 20.64 12.76
C PRO B 2200 47.75 21.42 13.61
N LYS B 2201 47.29 22.23 14.57
CA LYS B 2201 48.20 23.01 15.39
C LYS B 2201 48.94 22.11 16.39
N HIS B 2202 48.20 21.45 17.27
CA HIS B 2202 48.80 20.50 18.20
C HIS B 2202 49.12 19.17 17.55
N ARG B 2203 48.69 18.97 16.30
CA ARG B 2203 48.99 17.75 15.54
C ARG B 2203 48.44 16.52 16.25
N TYR B 2204 47.15 16.56 16.54
CA TYR B 2204 46.45 15.48 17.24
C TYR B 2204 45.14 15.18 16.52
N LEU B 2205 44.65 13.97 16.74
CA LEU B 2205 43.40 13.51 16.15
C LEU B 2205 42.51 12.98 17.26
N PHE B 2206 41.37 13.61 17.46
CA PHE B 2206 40.43 13.25 18.52
C PHE B 2206 39.17 12.68 17.90
N TRP B 2207 38.51 11.79 18.65
CA TRP B 2207 37.22 11.28 18.22
C TRP B 2207 36.42 10.81 19.42
N ALA B 2208 35.10 10.74 19.25
CA ALA B 2208 34.21 10.26 20.29
C ALA B 2208 33.73 8.85 19.97
N ASP B 2209 33.44 8.10 21.03
CA ASP B 2209 33.00 6.72 20.94
C ASP B 2209 31.81 6.53 21.87
N TYR B 2210 30.69 6.02 21.34
CA TYR B 2210 29.49 5.88 22.14
C TYR B 2210 28.89 4.48 22.12
N GLY B 2211 29.70 3.46 21.82
CA GLY B 2211 29.26 2.08 21.90
C GLY B 2211 29.40 1.54 23.30
N GLN B 2212 29.76 0.26 23.38
CA GLN B 2212 30.16 -0.29 24.66
C GLN B 2212 31.48 0.34 25.08
N LYS B 2213 31.59 0.66 26.36
CA LYS B 2213 32.74 1.38 26.91
C LYS B 2213 32.93 2.71 26.19
N PRO B 2214 32.03 3.67 26.37
CA PRO B 2214 32.19 4.97 25.70
C PRO B 2214 33.40 5.72 26.24
N LYS B 2215 34.01 6.51 25.35
CA LYS B 2215 35.22 7.25 25.70
C LYS B 2215 35.48 8.29 24.63
N ILE B 2216 36.46 9.15 24.93
CA ILE B 2216 37.01 10.10 23.96
C ILE B 2216 38.50 9.81 23.85
N GLU B 2217 38.97 9.57 22.63
CA GLU B 2217 40.34 9.15 22.39
C GLU B 2217 41.12 10.23 21.67
N ARG B 2218 42.42 10.29 21.97
CA ARG B 2218 43.36 11.17 21.29
C ARG B 2218 44.46 10.34 20.66
N SER B 2219 44.91 10.76 19.49
CA SER B 2219 45.89 9.99 18.74
C SER B 2219 46.65 10.88 17.78
N PHE B 2220 47.74 10.35 17.24
CA PHE B 2220 48.50 11.06 16.23
C PHE B 2220 47.73 11.09 14.92
N LEU B 2221 48.27 11.83 13.94
CA LEU B 2221 47.60 11.95 12.65
C LEU B 2221 47.57 10.63 11.90
N ASP B 2222 48.43 9.67 12.25
CA ASP B 2222 48.45 8.37 11.60
C ASP B 2222 47.79 7.28 12.43
N CYS B 2223 47.13 7.65 13.52
CA CYS B 2223 46.44 6.74 14.44
C CYS B 2223 47.36 5.68 15.03
N THR B 2224 48.47 6.08 15.65
CA THR B 2224 49.45 5.12 16.15
C THR B 2224 49.71 5.23 17.65
N ASN B 2225 49.27 6.30 18.30
CA ASN B 2225 49.54 6.52 19.73
C ASN B 2225 48.22 6.79 20.44
N ARG B 2226 47.24 5.91 20.23
CA ARG B 2226 45.92 6.08 20.82
C ARG B 2226 46.01 6.15 22.33
N THR B 2227 45.43 7.20 22.90
CA THR B 2227 45.27 7.33 24.35
C THR B 2227 43.85 7.82 24.62
N VAL B 2228 43.35 7.51 25.81
CA VAL B 2228 42.00 7.89 26.20
C VAL B 2228 42.07 9.15 27.05
N LEU B 2229 41.20 10.12 26.74
CA LEU B 2229 41.13 11.34 27.55
C LEU B 2229 40.05 11.22 28.63
N VAL B 2230 38.84 10.86 28.23
CA VAL B 2230 37.73 10.67 29.15
C VAL B 2230 37.20 9.25 28.97
N SER B 2231 37.09 8.52 30.07
CA SER B 2231 36.51 7.19 30.05
C SER B 2231 35.57 6.92 31.22
N GLU B 2232 35.33 7.90 32.08
CA GLU B 2232 34.48 7.74 33.25
C GLU B 2232 33.41 8.83 33.25
N GLY B 2233 32.19 8.46 33.61
CA GLY B 2233 31.10 9.41 33.59
C GLY B 2233 30.78 9.95 32.21
N ILE B 2234 30.81 9.09 31.20
CA ILE B 2234 30.51 9.48 29.83
C ILE B 2234 29.73 8.36 29.16
N VAL B 2235 28.53 8.69 28.68
CA VAL B 2235 27.73 7.77 27.88
C VAL B 2235 27.14 8.52 26.71
N THR B 2236 27.28 7.97 25.51
CA THR B 2236 26.78 8.57 24.28
C THR B 2236 27.30 9.99 24.05
N PRO B 2237 28.62 10.17 23.82
CA PRO B 2237 29.10 11.49 23.39
C PRO B 2237 28.78 11.75 21.93
N ARG B 2238 27.80 12.61 21.67
CA ARG B 2238 27.32 12.80 20.31
C ARG B 2238 28.36 13.49 19.44
N GLY B 2239 29.00 14.53 19.96
CA GLY B 2239 29.96 15.27 19.16
C GLY B 2239 30.95 15.99 20.05
N LEU B 2240 32.04 16.44 19.44
CA LEU B 2240 33.07 17.16 20.15
C LEU B 2240 33.62 18.27 19.27
N ALA B 2241 34.18 19.28 19.93
CA ALA B 2241 34.76 20.43 19.24
C ALA B 2241 35.95 20.93 20.02
N MET B 2242 36.76 21.78 19.37
CA MET B 2242 38.00 22.28 19.93
C MET B 2242 38.13 23.77 19.71
N ASP B 2243 38.61 24.48 20.74
CA ASP B 2243 39.05 25.86 20.61
C ASP B 2243 40.58 25.86 20.56
N HIS B 2244 41.13 26.30 19.43
CA HIS B 2244 42.56 26.16 19.19
C HIS B 2244 43.38 27.10 20.07
N ASP B 2245 42.86 28.29 20.37
CA ASP B 2245 43.61 29.27 21.13
C ASP B 2245 43.78 28.86 22.60
N THR B 2246 42.94 27.96 23.11
CA THR B 2246 43.02 27.53 24.50
C THR B 2246 43.33 26.04 24.65
N GLY B 2247 43.15 25.23 23.61
CA GLY B 2247 43.46 23.82 23.69
C GLY B 2247 42.58 23.01 24.62
N TYR B 2248 41.27 23.21 24.57
CA TYR B 2248 40.33 22.40 25.32
C TYR B 2248 39.42 21.64 24.37
N ILE B 2249 39.00 20.44 24.79
CA ILE B 2249 38.07 19.63 24.01
C ILE B 2249 36.70 19.70 24.67
N TYR B 2250 35.71 20.19 23.92
CA TYR B 2250 34.35 20.29 24.39
C TYR B 2250 33.52 19.18 23.78
N TRP B 2251 32.65 18.56 24.58
CA TRP B 2251 31.81 17.49 24.09
C TRP B 2251 30.45 17.56 24.78
N VAL B 2252 29.47 16.88 24.18
CA VAL B 2252 28.08 16.92 24.64
C VAL B 2252 27.59 15.50 24.88
N ASP B 2253 26.81 15.32 25.94
CA ASP B 2253 26.22 14.03 26.28
C ASP B 2253 24.71 14.19 26.35
N ASP B 2254 24.00 13.58 25.40
CA ASP B 2254 22.55 13.61 25.46
C ASP B 2254 22.01 12.63 26.49
N SER B 2255 22.75 11.55 26.75
CA SER B 2255 22.35 10.58 27.76
C SER B 2255 22.63 11.07 29.17
N LEU B 2256 23.48 12.08 29.34
CA LEU B 2256 23.75 12.68 30.64
C LEU B 2256 23.26 14.11 30.74
N ASP B 2257 22.74 14.69 29.65
CA ASP B 2257 22.35 16.09 29.61
C ASP B 2257 23.52 16.99 30.00
N LEU B 2258 24.70 16.66 29.51
CA LEU B 2258 25.95 17.23 29.99
C LEU B 2258 26.73 17.86 28.84
N ILE B 2259 27.23 19.06 29.08
CA ILE B 2259 28.23 19.71 28.23
C ILE B 2259 29.46 19.95 29.09
N ALA B 2260 30.59 19.40 28.66
CA ALA B 2260 31.80 19.44 29.47
C ALA B 2260 33.00 19.74 28.58
N ARG B 2261 34.13 20.02 29.23
CA ARG B 2261 35.37 20.34 28.52
C ARG B 2261 36.55 19.74 29.26
N ILE B 2262 37.63 19.49 28.53
CA ILE B 2262 38.84 18.91 29.09
C ILE B 2262 40.02 19.36 28.24
N HIS B 2263 41.19 19.46 28.87
CA HIS B 2263 42.39 19.86 28.17
C HIS B 2263 42.93 18.68 27.36
N LEU B 2264 43.75 19.00 26.35
CA LEU B 2264 44.32 17.97 25.49
C LEU B 2264 45.22 17.02 26.26
N ASP B 2265 46.02 17.54 27.18
CA ASP B 2265 46.96 16.72 27.93
C ASP B 2265 46.29 15.86 29.00
N GLY B 2266 44.98 16.03 29.20
CA GLY B 2266 44.27 15.25 30.20
C GLY B 2266 44.09 16.03 31.50
N GLY B 2267 43.48 15.36 32.46
CA GLY B 2267 43.22 15.95 33.75
C GLY B 2267 41.82 15.59 34.22
N GLU B 2268 41.15 16.58 34.81
CA GLU B 2268 39.79 16.42 35.27
C GLU B 2268 38.82 17.03 34.27
N SER B 2269 37.64 16.44 34.15
CA SER B 2269 36.62 16.97 33.27
C SER B 2269 35.89 18.12 33.96
N GLN B 2270 35.73 19.23 33.25
CA GLN B 2270 35.04 20.40 33.77
C GLN B 2270 33.64 20.45 33.18
N VAL B 2271 32.64 20.55 34.06
CA VAL B 2271 31.26 20.61 33.62
C VAL B 2271 30.94 22.06 33.23
N VAL B 2272 30.71 22.27 31.93
CA VAL B 2272 30.34 23.60 31.47
C VAL B 2272 28.88 23.87 31.76
N ARG B 2273 27.99 23.00 31.29
CA ARG B 2273 26.57 23.14 31.51
C ARG B 2273 25.93 21.77 31.64
N TYR B 2274 24.96 21.66 32.54
CA TYR B 2274 24.26 20.39 32.75
C TYR B 2274 22.90 20.71 33.36
N GLY B 2275 22.05 19.69 33.39
CA GLY B 2275 20.74 19.81 34.00
C GLY B 2275 19.63 19.34 33.10
N SER B 2276 18.40 19.50 33.61
CA SER B 2276 17.22 19.08 32.86
C SER B 2276 17.03 19.91 31.61
N ARG B 2277 17.43 21.18 31.65
CA ARG B 2277 17.19 22.12 30.56
C ARG B 2277 18.11 21.87 29.36
N TYR B 2278 18.87 20.78 29.35
CA TYR B 2278 19.73 20.42 28.23
C TYR B 2278 19.46 18.97 27.82
N PRO B 2279 18.29 18.71 27.25
CA PRO B 2279 17.89 17.30 27.04
C PRO B 2279 18.77 16.55 26.06
N THR B 2280 18.93 17.05 24.84
CA THR B 2280 19.65 16.30 23.82
C THR B 2280 20.59 17.18 23.00
N PRO B 2281 21.73 17.59 23.56
CA PRO B 2281 22.73 18.27 22.72
C PRO B 2281 23.38 17.29 21.76
N TYR B 2282 23.36 17.65 20.47
CA TYR B 2282 23.82 16.76 19.42
C TYR B 2282 25.09 17.22 18.72
N GLY B 2283 25.43 18.49 18.78
CA GLY B 2283 26.63 19.00 18.13
C GLY B 2283 27.06 20.31 18.74
N ILE B 2284 28.36 20.59 18.76
CA ILE B 2284 28.91 21.73 19.47
C ILE B 2284 30.05 22.33 18.67
N THR B 2285 30.27 23.63 18.88
CA THR B 2285 31.40 24.33 18.30
C THR B 2285 31.79 25.47 19.23
N VAL B 2286 33.01 25.95 19.07
CA VAL B 2286 33.54 27.03 19.91
C VAL B 2286 33.96 28.18 19.02
N PHE B 2287 33.55 29.39 19.38
CA PHE B 2287 33.91 30.58 18.64
C PHE B 2287 34.15 31.72 19.62
N GLY B 2288 35.41 32.16 19.72
CA GLY B 2288 35.73 33.26 20.61
C GLY B 2288 35.49 32.89 22.06
N GLU B 2289 34.67 33.69 22.74
CA GLU B 2289 34.37 33.48 24.14
C GLU B 2289 33.10 32.65 24.37
N SER B 2290 32.46 32.17 23.31
CA SER B 2290 31.16 31.52 23.42
C SER B 2290 31.17 30.17 22.73
N ILE B 2291 30.41 29.23 23.28
CA ILE B 2291 30.15 27.96 22.62
C ILE B 2291 28.80 28.04 21.91
N ILE B 2292 28.69 27.32 20.80
CA ILE B 2292 27.45 27.25 20.03
C ILE B 2292 27.11 25.78 19.87
N TRP B 2293 25.87 25.41 20.20
CA TRP B 2293 25.46 24.02 20.11
C TRP B 2293 24.00 23.96 19.71
N VAL B 2294 23.60 22.81 19.18
CA VAL B 2294 22.24 22.56 18.73
C VAL B 2294 21.61 21.52 19.64
N ASP B 2295 20.29 21.61 19.80
CA ASP B 2295 19.53 20.70 20.65
C ASP B 2295 18.43 20.07 19.82
N ARG B 2296 18.38 18.74 19.80
CA ARG B 2296 17.40 18.05 18.96
C ARG B 2296 15.99 18.19 19.53
N ASN B 2297 15.84 17.97 20.84
CA ASN B 2297 14.51 18.01 21.44
C ASN B 2297 13.90 19.41 21.37
N LEU B 2298 14.71 20.43 21.70
CA LEU B 2298 14.19 21.79 21.78
C LEU B 2298 14.12 22.49 20.42
N LYS B 2299 14.71 21.90 19.37
CA LYS B 2299 14.69 22.47 18.03
C LYS B 2299 15.26 23.89 18.01
N LYS B 2300 16.38 24.08 18.69
CA LYS B 2300 16.98 25.40 18.83
C LYS B 2300 18.48 25.32 18.64
N VAL B 2301 19.07 26.44 18.21
CA VAL B 2301 20.51 26.60 18.14
C VAL B 2301 20.90 27.65 19.17
N PHE B 2302 21.71 27.26 20.14
CA PHE B 2302 22.00 28.09 21.30
C PHE B 2302 23.40 28.68 21.21
N GLN B 2303 23.62 29.71 22.02
CA GLN B 2303 24.93 30.33 22.22
C GLN B 2303 25.08 30.68 23.68
N ALA B 2304 26.21 30.32 24.27
CA ALA B 2304 26.43 30.54 25.70
C ALA B 2304 27.93 30.65 25.95
N SER B 2305 28.26 31.15 27.14
CA SER B 2305 29.66 31.36 27.50
C SER B 2305 30.38 30.03 27.63
N LYS B 2306 31.60 29.98 27.11
CA LYS B 2306 32.40 28.75 27.14
C LYS B 2306 32.92 28.43 28.53
N GLN B 2307 33.05 29.43 29.40
CA GLN B 2307 33.67 29.21 30.70
C GLN B 2307 32.72 28.43 31.60
N PRO B 2308 33.18 27.36 32.24
CA PRO B 2308 32.33 26.62 33.18
C PRO B 2308 32.00 27.47 34.41
N GLY B 2309 30.87 27.15 35.02
CA GLY B 2309 30.38 27.89 36.16
C GLY B 2309 29.56 29.11 35.82
N ASN B 2310 29.39 29.43 34.53
CA ASN B 2310 28.56 30.55 34.14
C ASN B 2310 27.08 30.20 34.31
N THR B 2311 26.29 31.17 34.73
CA THR B 2311 24.87 30.95 35.00
C THR B 2311 23.97 31.82 34.14
N ASP B 2312 24.51 32.45 33.10
CA ASP B 2312 23.67 33.23 32.20
C ASP B 2312 22.85 32.29 31.32
N PRO B 2313 21.56 32.56 31.15
CA PRO B 2313 20.75 31.71 30.27
C PRO B 2313 21.23 31.82 28.83
N PRO B 2314 21.24 30.72 28.09
CA PRO B 2314 21.70 30.76 26.70
C PRO B 2314 20.79 31.60 25.84
N VAL B 2315 21.38 32.29 24.87
CA VAL B 2315 20.62 33.03 23.87
C VAL B 2315 20.33 32.09 22.70
N VAL B 2316 19.15 32.24 22.12
CA VAL B 2316 18.70 31.35 21.04
C VAL B 2316 19.00 32.04 19.72
N ILE B 2317 19.83 31.41 18.89
CA ILE B 2317 20.11 31.96 17.58
C ILE B 2317 18.90 31.80 16.67
N ARG B 2318 18.41 30.57 16.50
CA ARG B 2318 17.21 30.32 15.74
C ARG B 2318 16.42 29.22 16.43
N ASP B 2319 15.13 29.14 16.13
CA ASP B 2319 14.21 28.26 16.82
C ASP B 2319 13.37 27.49 15.81
N LYS B 2320 12.81 26.38 16.28
CA LYS B 2320 11.93 25.53 15.49
C LYS B 2320 12.61 25.02 14.22
N ILE B 2321 13.86 24.59 14.36
CA ILE B 2321 14.55 23.89 13.27
C ILE B 2321 14.47 22.40 13.55
N ASN B 2322 13.88 21.66 12.60
CA ASN B 2322 13.65 20.24 12.81
C ASN B 2322 14.89 19.42 12.44
N LEU B 2323 15.14 18.38 13.24
CA LEU B 2323 16.19 17.40 12.97
C LEU B 2323 17.57 18.04 12.93
N LEU B 2324 17.94 18.73 14.02
CA LEU B 2324 19.27 19.30 14.12
C LEU B 2324 20.30 18.23 14.41
N ARG B 2325 21.48 18.36 13.80
CA ARG B 2325 22.50 17.34 13.99
C ARG B 2325 23.87 17.90 14.39
N ASP B 2326 24.25 19.05 13.84
CA ASP B 2326 25.62 19.53 14.06
C ASP B 2326 25.69 21.01 13.77
N VAL B 2327 26.79 21.63 14.19
CA VAL B 2327 27.06 23.04 13.93
C VAL B 2327 28.57 23.23 13.87
N THR B 2328 29.02 24.01 12.88
CA THR B 2328 30.44 24.26 12.68
C THR B 2328 30.62 25.72 12.30
N ILE B 2329 31.81 26.26 12.56
CA ILE B 2329 32.12 27.65 12.27
C ILE B 2329 32.90 27.73 10.96
N PHE B 2330 32.47 28.60 10.07
CA PHE B 2330 33.17 28.88 8.81
C PHE B 2330 33.82 30.25 8.96
N ASP B 2331 35.09 30.25 9.39
CA ASP B 2331 35.80 31.50 9.59
C ASP B 2331 37.29 31.23 9.41
N GLU B 2332 37.99 32.22 8.87
CA GLU B 2332 39.44 32.12 8.74
C GLU B 2332 40.12 32.09 10.10
N HIS B 2333 39.52 32.73 11.10
CA HIS B 2333 40.07 32.72 12.45
C HIS B 2333 39.98 31.35 13.09
N ALA B 2334 39.05 30.50 12.66
CA ALA B 2334 38.93 29.15 13.19
C ALA B 2334 39.78 28.14 12.44
N GLN B 2335 40.36 28.54 11.30
CA GLN B 2335 41.25 27.67 10.52
C GLN B 2335 42.47 28.47 10.11
N PRO B 2336 43.38 28.74 11.04
CA PRO B 2336 44.57 29.53 10.71
C PRO B 2336 45.45 28.81 9.70
N LEU B 2337 46.14 29.59 8.88
CA LEU B 2337 47.02 29.06 7.85
C LEU B 2337 48.47 29.51 7.97
N SER B 2338 48.74 30.61 8.66
CA SER B 2338 50.11 31.10 8.77
C SER B 2338 50.95 30.10 9.55
N PRO B 2339 52.22 29.89 9.15
CA PRO B 2339 53.05 28.90 9.87
C PRO B 2339 53.23 29.22 11.34
N ALA B 2340 53.32 30.50 11.71
CA ALA B 2340 53.47 30.86 13.11
C ALA B 2340 52.23 30.47 13.92
N GLU B 2341 51.04 30.69 13.37
CA GLU B 2341 49.81 30.33 14.08
C GLU B 2341 49.55 28.84 14.08
N LEU B 2342 50.21 28.08 13.20
CA LEU B 2342 50.09 26.62 13.18
C LEU B 2342 51.29 25.93 13.82
N ASN B 2343 52.09 26.66 14.58
CA ASN B 2343 53.27 26.13 15.27
C ASN B 2343 54.23 25.47 14.29
N ASN B 2344 54.49 26.17 13.18
CA ASN B 2344 55.45 25.73 12.15
C ASN B 2344 55.11 24.34 11.64
N ASN B 2345 53.83 24.08 11.40
CA ASN B 2345 53.39 22.76 10.97
C ASN B 2345 53.99 22.42 9.62
N PRO B 2346 54.59 21.23 9.47
CA PRO B 2346 55.02 20.79 8.13
C PRO B 2346 53.83 20.53 7.22
N CYS B 2347 54.10 20.09 6.00
CA CYS B 2347 53.08 19.78 5.01
C CYS B 2347 52.35 21.03 4.54
N LEU B 2348 52.74 22.19 5.06
CA LEU B 2348 52.18 23.44 4.56
C LEU B 2348 52.74 23.80 3.19
N GLN B 2349 54.00 23.44 2.93
CA GLN B 2349 54.65 23.74 1.66
C GLN B 2349 54.96 22.44 0.92
N SER B 2350 54.45 22.33 -0.30
CA SER B 2350 54.72 21.19 -1.18
C SER B 2350 54.38 19.85 -0.52
N ASN B 2351 53.38 19.87 0.36
CA ASN B 2351 52.95 18.66 1.07
C ASN B 2351 54.11 18.05 1.85
N GLY B 2352 55.05 18.88 2.29
CA GLY B 2352 56.22 18.39 2.99
C GLY B 2352 57.14 17.51 2.18
N GLY B 2353 57.00 17.50 0.86
CA GLY B 2353 57.79 16.64 0.00
C GLY B 2353 57.29 15.22 -0.11
N CYS B 2354 56.29 14.84 0.68
CA CYS B 2354 55.77 13.47 0.64
C CYS B 2354 54.99 13.24 -0.65
N SER B 2355 55.15 12.04 -1.21
CA SER B 2355 54.48 11.71 -2.46
C SER B 2355 52.98 11.46 -2.29
N HIS B 2356 52.56 10.77 -1.23
CA HIS B 2356 51.16 10.42 -1.09
C HIS B 2356 50.49 11.11 0.09
N PHE B 2357 51.02 10.94 1.30
CA PHE B 2357 50.43 11.50 2.49
C PHE B 2357 51.51 12.13 3.37
N CYS B 2358 51.14 13.22 4.04
CA CYS B 2358 52.05 13.97 4.90
C CYS B 2358 51.42 14.07 6.29
N PHE B 2359 51.94 13.26 7.22
CA PHE B 2359 51.44 13.25 8.60
C PHE B 2359 52.48 13.92 9.49
N ALA B 2360 52.09 14.98 10.17
CA ALA B 2360 52.99 15.64 11.10
C ALA B 2360 52.93 14.96 12.46
N LEU B 2361 53.99 15.17 13.25
CA LEU B 2361 54.08 14.59 14.57
C LEU B 2361 54.21 15.68 15.61
N PRO B 2362 53.72 15.44 16.84
CA PRO B 2362 53.45 16.57 17.77
C PRO B 2362 54.63 17.50 18.03
N GLU B 2363 55.84 16.98 18.17
CA GLU B 2363 56.99 17.82 18.48
C GLU B 2363 58.13 17.66 17.49
N LEU B 2364 57.98 16.84 16.46
CA LEU B 2364 59.12 16.65 15.57
C LEU B 2364 59.06 17.63 14.40
N PRO B 2365 60.21 18.07 13.89
CA PRO B 2365 60.20 19.05 12.79
C PRO B 2365 60.11 18.44 11.41
N THR B 2366 60.18 17.11 11.28
CA THR B 2366 60.08 16.47 9.99
C THR B 2366 58.84 15.59 9.93
N PRO B 2367 58.07 15.65 8.85
CA PRO B 2367 56.83 14.87 8.77
C PRO B 2367 57.11 13.39 8.51
N ARG B 2368 56.17 12.56 8.96
CA ARG B 2368 56.19 11.14 8.65
C ARG B 2368 55.34 10.90 7.42
N CYS B 2369 55.99 10.72 6.27
CA CYS B 2369 55.27 10.52 5.03
C CYS B 2369 54.51 9.19 5.04
N GLY B 2370 53.33 9.20 4.44
CA GLY B 2370 52.51 8.00 4.38
C GLY B 2370 52.35 7.56 2.95
N CYS B 2371 52.08 6.27 2.78
CA CYS B 2371 52.00 5.65 1.46
C CYS B 2371 50.59 5.13 1.22
N ALA B 2372 49.96 5.61 0.15
CA ALA B 2372 48.63 5.12 -0.20
C ALA B 2372 48.69 3.71 -0.77
N PHE B 2373 49.68 3.44 -1.61
CA PHE B 2373 49.88 2.11 -2.16
C PHE B 2373 51.38 1.86 -2.29
N GLY B 2374 51.79 0.64 -1.95
CA GLY B 2374 53.20 0.32 -1.95
C GLY B 2374 53.87 0.65 -0.62
N THR B 2375 55.20 0.60 -0.65
CA THR B 2375 56.01 0.81 0.54
C THR B 2375 56.88 2.04 0.37
N LEU B 2376 57.16 2.71 1.49
CA LEU B 2376 58.00 3.90 1.48
C LEU B 2376 59.46 3.48 1.29
N GLY B 2377 60.14 4.12 0.34
CA GLY B 2377 61.50 3.76 0.01
C GLY B 2377 62.51 4.32 1.00
N ASN B 2378 63.78 4.06 0.72
CA ASN B 2378 64.85 4.56 1.57
C ASN B 2378 64.94 6.08 1.52
N ASP B 2379 64.45 6.69 0.43
CA ASP B 2379 64.42 8.15 0.35
C ASP B 2379 63.56 8.76 1.45
N GLY B 2380 62.56 8.03 1.93
CA GLY B 2380 61.71 8.51 3.00
C GLY B 2380 60.54 9.37 2.56
N LYS B 2381 60.46 9.70 1.27
CA LYS B 2381 59.37 10.53 0.76
C LYS B 2381 58.81 10.05 -0.56
N SER B 2382 59.16 8.85 -1.01
CA SER B 2382 58.68 8.32 -2.28
C SER B 2382 58.19 6.89 -2.06
N CYS B 2383 57.28 6.45 -2.93
CA CYS B 2383 56.62 5.16 -2.79
C CYS B 2383 56.90 4.29 -4.01
N ALA B 2384 57.03 2.99 -3.77
CA ALA B 2384 57.26 2.02 -4.82
C ALA B 2384 56.54 0.73 -4.47
N THR B 2385 56.59 -0.22 -5.38
CA THR B 2385 55.94 -1.51 -5.15
C THR B 2385 56.55 -2.20 -3.94
N SER B 2386 55.76 -3.09 -3.33
CA SER B 2386 56.12 -3.67 -2.03
C SER B 2386 57.45 -4.41 -2.06
N GLN B 2387 57.82 -5.03 -3.19
CA GLN B 2387 59.03 -5.84 -3.28
C GLN B 2387 59.04 -6.97 -2.25
N GLU B 2388 57.85 -7.42 -1.84
CA GLU B 2388 57.72 -8.48 -0.85
C GLU B 2388 56.56 -9.38 -1.23
N ASP B 2389 56.26 -10.34 -0.37
CA ASP B 2389 55.17 -11.27 -0.61
C ASP B 2389 53.85 -10.69 -0.13
N PHE B 2390 52.81 -10.88 -0.94
CA PHE B 2390 51.48 -10.39 -0.60
C PHE B 2390 50.45 -11.19 -1.39
N LEU B 2391 49.19 -11.05 -0.98
CA LEU B 2391 48.09 -11.70 -1.67
C LEU B 2391 47.59 -10.83 -2.81
N ILE B 2392 46.93 -11.47 -3.77
CA ILE B 2392 46.22 -10.79 -4.85
C ILE B 2392 44.88 -11.46 -5.04
N TYR B 2393 43.83 -10.66 -5.22
CA TYR B 2393 42.50 -11.18 -5.46
C TYR B 2393 41.81 -10.32 -6.50
N SER B 2394 40.83 -10.92 -7.19
CA SER B 2394 40.07 -10.23 -8.23
C SER B 2394 38.71 -9.83 -7.68
N LEU B 2395 38.30 -8.60 -7.99
CA LEU B 2395 37.04 -8.06 -7.51
C LEU B 2395 36.33 -7.38 -8.67
N ASN B 2396 35.23 -7.99 -9.12
CA ASN B 2396 34.51 -7.58 -10.32
C ASN B 2396 35.45 -7.28 -11.47
N ASN B 2397 35.59 -6.01 -11.84
CA ASN B 2397 36.39 -5.59 -12.97
C ASN B 2397 37.77 -5.09 -12.58
N SER B 2398 38.38 -5.67 -11.54
CA SER B 2398 39.66 -5.17 -11.07
C SER B 2398 40.42 -6.27 -10.35
N LEU B 2399 41.74 -6.13 -10.34
CA LEU B 2399 42.62 -6.99 -9.56
C LEU B 2399 43.19 -6.17 -8.40
N ARG B 2400 43.00 -6.65 -7.18
CA ARG B 2400 43.38 -5.92 -6.00
C ARG B 2400 44.37 -6.74 -5.19
N SER B 2401 45.05 -6.07 -4.25
CA SER B 2401 46.12 -6.69 -3.49
C SER B 2401 45.83 -6.55 -2.01
N LEU B 2402 46.56 -7.33 -1.21
CA LEU B 2402 46.41 -7.32 0.24
C LEU B 2402 47.64 -7.93 0.88
N HIS B 2403 48.07 -7.34 2.00
CA HIS B 2403 49.21 -7.86 2.73
C HIS B 2403 48.82 -9.06 3.59
N PHE B 2404 49.82 -9.88 3.93
CA PHE B 2404 49.57 -11.02 4.81
C PHE B 2404 49.30 -10.57 6.24
N ASP B 2405 49.93 -9.49 6.67
CA ASP B 2405 49.76 -8.99 8.03
C ASP B 2405 48.38 -8.39 8.21
N PRO B 2406 47.54 -8.90 9.13
CA PRO B 2406 46.23 -8.28 9.35
C PRO B 2406 46.32 -6.86 9.88
N ARG B 2407 47.43 -6.48 10.52
CA ARG B 2407 47.59 -5.16 11.10
C ARG B 2407 48.21 -4.16 10.14
N ASP B 2408 48.50 -4.55 8.91
CA ASP B 2408 49.04 -3.64 7.90
C ASP B 2408 47.94 -3.40 6.88
N HIS B 2409 47.48 -2.15 6.79
CA HIS B 2409 46.38 -1.78 5.91
C HIS B 2409 46.85 -1.11 4.63
N SER B 2410 48.15 -0.98 4.41
CA SER B 2410 48.65 -0.38 3.18
C SER B 2410 48.45 -1.33 2.02
N LEU B 2411 48.12 -0.78 0.86
CA LEU B 2411 47.98 -1.60 -0.34
C LEU B 2411 49.34 -1.90 -0.94
N PRO B 2412 49.67 -3.16 -1.19
CA PRO B 2412 50.95 -3.46 -1.85
C PRO B 2412 51.10 -2.82 -3.21
N PHE B 2413 50.03 -2.75 -4.00
CA PHE B 2413 50.06 -1.99 -5.25
C PHE B 2413 48.67 -1.44 -5.53
N GLN B 2414 48.61 -0.39 -6.33
CA GLN B 2414 47.34 0.26 -6.63
C GLN B 2414 46.45 -0.67 -7.46
N VAL B 2415 45.14 -0.56 -7.25
CA VAL B 2415 44.20 -1.45 -7.90
C VAL B 2415 44.33 -1.34 -9.41
N ILE B 2416 44.38 -2.50 -10.08
CA ILE B 2416 44.48 -2.57 -11.53
C ILE B 2416 43.08 -2.72 -12.10
N SER B 2417 42.75 -1.88 -13.08
CA SER B 2417 41.44 -1.89 -13.71
C SER B 2417 41.50 -2.69 -15.01
N VAL B 2418 40.55 -3.61 -15.17
CA VAL B 2418 40.49 -4.48 -16.33
C VAL B 2418 39.10 -4.37 -16.97
N ALA B 2419 38.99 -4.89 -18.18
CA ALA B 2419 37.71 -4.95 -18.87
C ALA B 2419 37.01 -6.26 -18.59
N GLY B 2420 35.68 -6.20 -18.47
CA GLY B 2420 34.95 -7.39 -18.11
C GLY B 2420 35.15 -7.70 -16.62
N THR B 2421 34.73 -8.90 -16.25
CA THR B 2421 34.83 -9.36 -14.86
C THR B 2421 35.95 -10.40 -14.75
N ALA B 2422 36.86 -10.18 -13.79
CA ALA B 2422 37.97 -11.09 -13.56
C ALA B 2422 37.52 -12.19 -12.60
N ILE B 2423 37.85 -13.43 -12.95
CA ILE B 2423 37.41 -14.58 -12.18
C ILE B 2423 38.58 -15.28 -11.48
N ALA B 2424 39.64 -15.58 -12.21
CA ALA B 2424 40.77 -16.29 -11.64
C ALA B 2424 42.06 -15.59 -12.07
N LEU B 2425 43.13 -15.85 -11.32
CA LEU B 2425 44.41 -15.23 -11.61
C LEU B 2425 45.54 -16.08 -11.05
N ASP B 2426 46.74 -15.86 -11.59
CA ASP B 2426 47.94 -16.52 -11.10
C ASP B 2426 49.13 -15.65 -11.48
N TYR B 2427 50.22 -15.81 -10.74
CA TYR B 2427 51.36 -14.90 -10.83
C TYR B 2427 52.55 -15.59 -11.49
N ASP B 2428 53.24 -14.84 -12.35
CA ASP B 2428 54.45 -15.29 -13.03
C ASP B 2428 55.63 -14.52 -12.47
N ARG B 2429 56.53 -15.21 -11.77
CA ARG B 2429 57.66 -14.54 -11.14
C ARG B 2429 58.58 -13.91 -12.17
N ARG B 2430 59.00 -14.71 -13.16
CA ARG B 2430 60.16 -14.34 -13.98
C ARG B 2430 59.94 -13.01 -14.69
N ASN B 2431 58.77 -12.83 -15.28
CA ASN B 2431 58.43 -11.57 -15.96
C ASN B 2431 57.71 -10.59 -15.04
N ASN B 2432 57.42 -10.98 -13.80
CA ASN B 2432 56.71 -10.14 -12.84
C ASN B 2432 55.38 -9.66 -13.41
N ARG B 2433 54.52 -10.62 -13.72
CA ARG B 2433 53.23 -10.34 -14.32
C ARG B 2433 52.19 -11.29 -13.74
N ILE B 2434 50.93 -10.91 -13.89
CA ILE B 2434 49.81 -11.72 -13.39
C ILE B 2434 48.98 -12.18 -14.58
N PHE B 2435 48.83 -13.49 -14.71
CA PHE B 2435 47.94 -14.08 -15.71
C PHE B 2435 46.56 -14.25 -15.09
N PHE B 2436 45.58 -13.57 -15.66
CA PHE B 2436 44.23 -13.60 -15.10
C PHE B 2436 43.24 -13.83 -16.23
N THR B 2437 42.07 -14.33 -15.86
CA THR B 2437 41.01 -14.62 -16.82
C THR B 2437 39.85 -13.67 -16.65
N GLN B 2438 39.08 -13.50 -17.71
CA GLN B 2438 37.97 -12.56 -17.73
C GLN B 2438 36.71 -13.27 -18.21
N LYS B 2439 35.56 -12.70 -17.84
CA LYS B 2439 34.26 -13.15 -18.31
C LYS B 2439 33.52 -11.98 -18.93
N LEU B 2440 33.13 -12.12 -20.19
CA LEU B 2440 32.34 -11.12 -20.89
C LEU B 2440 31.09 -11.78 -21.43
N ASN B 2441 29.98 -11.02 -21.43
CA ASN B 2441 28.70 -11.51 -21.88
C ASN B 2441 28.31 -12.77 -21.10
N SER B 2442 27.44 -13.60 -21.67
CA SER B 2442 27.11 -14.87 -21.02
C SER B 2442 28.20 -15.91 -21.24
N LEU B 2443 28.81 -15.94 -22.43
CA LEU B 2443 29.73 -17.03 -22.78
C LEU B 2443 31.11 -16.57 -23.22
N ARG B 2444 31.36 -15.28 -23.43
CA ARG B 2444 32.62 -14.82 -24.02
C ARG B 2444 33.67 -14.66 -22.92
N GLY B 2445 34.42 -15.74 -22.67
CA GLY B 2445 35.53 -15.65 -21.76
C GLY B 2445 36.77 -15.07 -22.42
N GLN B 2446 37.78 -14.79 -21.62
CA GLN B 2446 39.00 -14.16 -22.12
C GLN B 2446 40.11 -14.35 -21.11
N ILE B 2447 41.35 -14.43 -21.60
CA ILE B 2447 42.54 -14.56 -20.78
C ILE B 2447 43.51 -13.44 -21.14
N SER B 2448 44.07 -12.80 -20.12
CA SER B 2448 44.98 -11.68 -20.34
C SER B 2448 46.09 -11.73 -19.30
N TYR B 2449 47.07 -10.85 -19.46
CA TYR B 2449 48.13 -10.67 -18.47
C TYR B 2449 48.47 -9.19 -18.35
N VAL B 2450 48.97 -8.82 -17.17
CA VAL B 2450 49.35 -7.45 -16.86
C VAL B 2450 50.63 -7.47 -16.06
N SER B 2451 51.51 -6.51 -16.33
CA SER B 2451 52.80 -6.44 -15.67
C SER B 2451 52.70 -5.66 -14.36
N LEU B 2452 53.48 -6.08 -13.38
CA LEU B 2452 53.53 -5.41 -12.08
C LEU B 2452 54.68 -4.41 -11.98
N TYR B 2453 55.40 -4.17 -13.07
CA TYR B 2453 56.46 -3.18 -13.05
C TYR B 2453 55.88 -1.77 -13.15
N SER B 2454 56.78 -0.78 -13.06
CA SER B 2454 56.35 0.62 -13.01
C SER B 2454 55.64 1.07 -14.27
N GLY B 2455 55.85 0.38 -15.40
CA GLY B 2455 55.14 0.73 -16.61
C GLY B 2455 53.64 0.60 -16.47
N SER B 2456 53.16 -0.54 -15.95
CA SER B 2456 51.76 -0.76 -15.62
C SER B 2456 50.85 -0.43 -16.81
N SER B 2457 51.19 -0.98 -17.96
CA SER B 2457 50.39 -0.76 -19.15
C SER B 2457 49.05 -1.50 -19.02
N SER B 2458 48.18 -1.25 -20.00
CA SER B 2458 46.90 -1.94 -20.03
C SER B 2458 47.13 -3.44 -20.16
N PRO B 2459 46.27 -4.28 -19.58
CA PRO B 2459 46.46 -5.73 -19.69
C PRO B 2459 46.53 -6.19 -21.15
N THR B 2460 47.47 -7.08 -21.42
CA THR B 2460 47.67 -7.58 -22.77
C THR B 2460 46.88 -8.88 -22.96
N VAL B 2461 46.03 -8.91 -23.98
CA VAL B 2461 45.15 -10.06 -24.17
C VAL B 2461 45.91 -11.20 -24.81
N LEU B 2462 45.64 -12.43 -24.35
CA LEU B 2462 46.20 -13.63 -24.94
C LEU B 2462 45.23 -14.34 -25.88
N LEU B 2463 43.97 -14.49 -25.50
CA LEU B 2463 42.95 -15.04 -26.38
C LEU B 2463 41.64 -14.30 -26.20
N SER B 2464 40.75 -14.50 -27.16
CA SER B 2464 39.37 -14.02 -27.08
C SER B 2464 38.47 -15.04 -27.74
N ASN B 2465 37.17 -14.89 -27.52
CA ASN B 2465 36.11 -15.75 -28.06
C ASN B 2465 36.11 -17.13 -27.44
N ILE B 2466 36.96 -17.39 -26.44
CA ILE B 2466 36.89 -18.66 -25.71
C ILE B 2466 35.77 -18.61 -24.67
N GLY B 2467 35.34 -19.80 -24.23
CA GLY B 2467 34.27 -19.89 -23.27
C GLY B 2467 34.62 -19.32 -21.90
N VAL B 2468 33.65 -19.39 -20.99
CA VAL B 2468 33.89 -18.93 -19.62
C VAL B 2468 34.93 -19.83 -18.97
N THR B 2469 35.92 -19.21 -18.35
CA THR B 2469 37.05 -19.92 -17.74
C THR B 2469 36.98 -19.72 -16.23
N ASP B 2470 37.02 -20.83 -15.49
CA ASP B 2470 36.82 -20.79 -14.05
C ASP B 2470 38.13 -20.78 -13.27
N GLY B 2471 39.23 -21.22 -13.87
CA GLY B 2471 40.49 -21.27 -13.17
C GLY B 2471 41.66 -21.19 -14.13
N ILE B 2472 42.84 -20.96 -13.56
CA ILE B 2472 44.06 -20.84 -14.34
C ILE B 2472 45.25 -21.14 -13.43
N ALA B 2473 46.24 -21.83 -13.99
CA ALA B 2473 47.48 -22.12 -13.27
C ALA B 2473 48.64 -21.95 -14.23
N PHE B 2474 49.80 -21.60 -13.67
CA PHE B 2474 51.01 -21.35 -14.46
C PHE B 2474 52.08 -22.36 -14.10
N ASP B 2475 52.71 -22.94 -15.12
CA ASP B 2475 53.83 -23.85 -14.94
C ASP B 2475 55.11 -23.04 -15.03
N TRP B 2476 55.74 -22.81 -13.87
CA TRP B 2476 56.97 -22.01 -13.87
C TRP B 2476 58.15 -22.76 -14.45
N ILE B 2477 58.14 -24.09 -14.42
CA ILE B 2477 59.23 -24.88 -14.98
C ILE B 2477 59.11 -25.01 -16.50
N ASN B 2478 57.93 -25.39 -16.98
CA ASN B 2478 57.74 -25.65 -18.40
C ASN B 2478 57.17 -24.46 -19.17
N ARG B 2479 56.87 -23.35 -18.47
CA ARG B 2479 56.51 -22.08 -19.10
C ARG B 2479 55.28 -22.20 -20.00
N ARG B 2480 54.29 -22.99 -19.57
CA ARG B 2480 53.01 -23.06 -20.27
C ARG B 2480 51.87 -22.90 -19.27
N ILE B 2481 50.75 -22.38 -19.76
CA ILE B 2481 49.62 -21.98 -18.93
C ILE B 2481 48.51 -23.01 -19.04
N TYR B 2482 48.00 -23.46 -17.91
CA TYR B 2482 46.87 -24.38 -17.85
C TYR B 2482 45.64 -23.63 -17.38
N TYR B 2483 44.52 -23.83 -18.08
CA TYR B 2483 43.27 -23.19 -17.70
C TYR B 2483 42.11 -24.11 -18.03
N SER B 2484 40.99 -23.88 -17.35
CA SER B 2484 39.80 -24.71 -17.48
C SER B 2484 38.68 -23.89 -18.10
N ASP B 2485 37.93 -24.50 -19.02
CA ASP B 2485 36.79 -23.86 -19.67
C ASP B 2485 35.52 -24.53 -19.17
N PHE B 2486 34.73 -23.79 -18.38
CA PHE B 2486 33.48 -24.35 -17.87
C PHE B 2486 32.47 -24.58 -18.96
N SER B 2487 32.23 -23.58 -19.79
CA SER B 2487 31.13 -23.65 -20.74
C SER B 2487 31.37 -24.67 -21.83
N ASN B 2488 32.59 -25.23 -21.88
CA ASN B 2488 32.98 -26.06 -23.00
C ASN B 2488 33.51 -27.41 -22.52
N GLN B 2489 33.60 -27.62 -21.20
CA GLN B 2489 33.79 -28.94 -20.59
C GLN B 2489 35.14 -29.57 -20.93
N THR B 2490 36.16 -28.73 -21.13
CA THR B 2490 37.50 -29.21 -21.38
C THR B 2490 38.49 -28.41 -20.54
N ILE B 2491 39.61 -29.06 -20.19
CA ILE B 2491 40.76 -28.39 -19.60
C ILE B 2491 41.87 -28.38 -20.64
N ASN B 2492 42.32 -27.19 -21.02
CA ASN B 2492 43.26 -27.04 -22.11
C ASN B 2492 44.49 -26.29 -21.62
N SER B 2493 45.56 -26.37 -22.40
CA SER B 2493 46.84 -25.78 -22.05
C SER B 2493 47.28 -24.85 -23.17
N MET B 2494 48.25 -23.99 -22.84
CA MET B 2494 48.73 -22.98 -23.76
C MET B 2494 50.14 -22.58 -23.35
N ALA B 2495 50.89 -22.04 -24.31
CA ALA B 2495 52.18 -21.45 -24.00
C ALA B 2495 52.00 -20.02 -23.51
N GLU B 2496 53.00 -19.52 -22.77
CA GLU B 2496 52.89 -18.20 -22.17
C GLU B 2496 52.75 -17.09 -23.21
N ASP B 2497 53.08 -17.36 -24.47
CA ASP B 2497 52.85 -16.42 -25.56
C ASP B 2497 51.52 -16.66 -26.26
N GLY B 2498 50.71 -17.59 -25.78
CA GLY B 2498 49.61 -18.12 -26.55
C GLY B 2498 50.09 -19.30 -27.37
N SER B 2499 50.31 -19.08 -28.66
CA SER B 2499 51.04 -20.02 -29.54
C SER B 2499 50.37 -21.39 -29.47
N ASN B 2500 51.13 -22.47 -29.26
CA ASN B 2500 50.57 -23.81 -29.32
C ASN B 2500 49.58 -24.05 -28.18
N ARG B 2501 48.45 -24.65 -28.49
CA ARG B 2501 47.41 -24.97 -27.53
C ARG B 2501 47.01 -26.43 -27.66
N ALA B 2502 46.75 -27.08 -26.53
CA ALA B 2502 46.39 -28.48 -26.52
C ALA B 2502 45.31 -28.72 -25.47
N VAL B 2503 44.57 -29.81 -25.65
CA VAL B 2503 43.51 -30.20 -24.72
C VAL B 2503 44.06 -31.27 -23.79
N ILE B 2504 43.89 -31.07 -22.49
CA ILE B 2504 44.42 -32.00 -21.50
C ILE B 2504 43.43 -33.10 -21.18
N ALA B 2505 42.16 -32.75 -20.94
CA ALA B 2505 41.15 -33.74 -20.59
C ALA B 2505 39.77 -33.12 -20.77
N ARG B 2506 38.76 -33.97 -20.73
CA ARG B 2506 37.36 -33.55 -20.71
C ARG B 2506 36.79 -33.75 -19.32
N VAL B 2507 36.04 -32.75 -18.84
CA VAL B 2507 35.49 -32.75 -17.50
C VAL B 2507 34.12 -32.12 -17.52
N SER B 2508 33.22 -32.62 -16.67
CA SER B 2508 31.84 -32.13 -16.68
C SER B 2508 31.76 -30.68 -16.24
N LYS B 2509 32.41 -30.34 -15.12
CA LYS B 2509 32.37 -28.98 -14.56
C LYS B 2509 33.72 -28.69 -13.90
N PRO B 2510 34.71 -28.27 -14.67
CA PRO B 2510 36.01 -27.92 -14.08
C PRO B 2510 36.01 -26.50 -13.54
N ARG B 2511 36.59 -26.33 -12.36
CA ARG B 2511 36.72 -24.98 -11.81
C ARG B 2511 38.17 -24.58 -11.57
N ALA B 2512 38.92 -25.41 -10.83
CA ALA B 2512 40.26 -25.01 -10.41
C ALA B 2512 41.31 -26.01 -10.85
N ILE B 2513 42.53 -25.52 -11.00
CA ILE B 2513 43.67 -26.32 -11.44
C ILE B 2513 44.89 -25.96 -10.61
N VAL B 2514 45.65 -26.99 -10.23
CA VAL B 2514 46.93 -26.80 -9.54
C VAL B 2514 47.94 -27.77 -10.14
N LEU B 2515 49.21 -27.36 -10.16
CA LEU B 2515 50.25 -28.10 -10.83
C LEU B 2515 51.40 -28.43 -9.89
N ASP B 2516 52.06 -29.57 -10.16
CA ASP B 2516 53.28 -29.98 -9.48
C ASP B 2516 54.30 -30.39 -10.52
N PRO B 2517 54.89 -29.42 -11.22
CA PRO B 2517 55.79 -29.77 -12.34
C PRO B 2517 57.00 -30.59 -11.93
N CYS B 2518 57.55 -30.37 -10.75
CA CYS B 2518 58.73 -31.13 -10.34
C CYS B 2518 58.42 -32.59 -10.03
N ARG B 2519 57.15 -32.97 -9.95
CA ARG B 2519 56.76 -34.37 -9.85
C ARG B 2519 55.98 -34.83 -11.06
N GLY B 2520 55.74 -33.97 -12.04
CA GLY B 2520 55.08 -34.36 -13.26
C GLY B 2520 53.59 -34.52 -13.18
N TYR B 2521 52.97 -34.14 -12.06
CA TYR B 2521 51.55 -34.36 -11.84
C TYR B 2521 50.78 -33.04 -11.89
N MET B 2522 49.50 -33.15 -12.19
CA MET B 2522 48.60 -32.00 -12.28
C MET B 2522 47.25 -32.39 -11.71
N TYR B 2523 46.70 -31.53 -10.86
CA TYR B 2523 45.44 -31.79 -10.18
C TYR B 2523 44.40 -30.77 -10.60
N TRP B 2524 43.13 -31.16 -10.53
CA TRP B 2524 42.02 -30.26 -10.81
C TRP B 2524 40.78 -30.78 -10.11
N THR B 2525 39.75 -29.95 -10.10
CA THR B 2525 38.50 -30.25 -9.39
C THR B 2525 37.33 -30.25 -10.36
N ASP B 2526 36.30 -31.02 -10.01
CA ASP B 2526 35.09 -31.13 -10.82
C ASP B 2526 33.89 -31.14 -9.88
N TRP B 2527 32.83 -30.43 -10.27
CA TRP B 2527 31.60 -30.36 -9.49
C TRP B 2527 30.37 -30.64 -10.34
N GLY B 2528 30.48 -31.56 -11.29
CA GLY B 2528 29.37 -31.89 -12.16
C GLY B 2528 28.34 -32.76 -11.48
N THR B 2529 27.77 -33.71 -12.23
CA THR B 2529 26.82 -34.65 -11.63
C THR B 2529 27.46 -35.42 -10.49
N ASN B 2530 28.71 -35.83 -10.64
CA ASN B 2530 29.51 -36.37 -9.55
C ASN B 2530 30.73 -35.47 -9.34
N ALA B 2531 30.93 -35.04 -8.10
CA ALA B 2531 32.01 -34.12 -7.77
C ALA B 2531 33.21 -34.90 -7.25
N LYS B 2532 34.39 -34.59 -7.79
CA LYS B 2532 35.60 -35.31 -7.44
C LYS B 2532 36.80 -34.46 -7.76
N ILE B 2533 37.94 -34.86 -7.21
CA ILE B 2533 39.24 -34.23 -7.47
C ILE B 2533 40.09 -35.23 -8.22
N GLU B 2534 40.58 -34.83 -9.40
CA GLU B 2534 41.25 -35.73 -10.32
C GLU B 2534 42.72 -35.35 -10.45
N ARG B 2535 43.54 -36.35 -10.73
CA ARG B 2535 44.97 -36.18 -10.91
C ARG B 2535 45.38 -36.79 -12.25
N ALA B 2536 46.29 -36.11 -12.94
CA ALA B 2536 46.86 -36.62 -14.18
C ALA B 2536 48.21 -35.96 -14.41
N THR B 2537 48.99 -36.56 -15.30
CA THR B 2537 50.25 -35.96 -15.69
C THR B 2537 49.99 -34.67 -16.46
N LEU B 2538 51.03 -33.82 -16.53
CA LEU B 2538 50.88 -32.55 -17.23
C LEU B 2538 50.56 -32.75 -18.70
N GLY B 2539 50.84 -33.93 -19.26
CA GLY B 2539 50.40 -34.26 -20.59
C GLY B 2539 48.96 -34.73 -20.68
N GLY B 2540 48.31 -34.96 -19.54
CA GLY B 2540 46.93 -35.40 -19.52
C GLY B 2540 46.73 -36.91 -19.51
N ASN B 2541 47.75 -37.68 -19.16
CA ASN B 2541 47.66 -39.12 -19.23
C ASN B 2541 47.56 -39.74 -17.83
N PHE B 2542 47.11 -40.99 -17.79
CA PHE B 2542 46.87 -41.74 -16.54
C PHE B 2542 46.02 -40.92 -15.57
N ARG B 2543 44.81 -40.57 -16.00
CA ARG B 2543 43.92 -39.80 -15.14
C ARG B 2543 43.33 -40.70 -14.04
N VAL B 2544 43.42 -40.23 -12.81
CA VAL B 2544 42.85 -40.95 -11.66
C VAL B 2544 42.19 -39.96 -10.73
N PRO B 2545 41.13 -40.39 -10.03
CA PRO B 2545 40.50 -39.53 -9.03
C PRO B 2545 41.16 -39.71 -7.67
N ILE B 2546 41.55 -38.59 -7.06
CA ILE B 2546 42.18 -38.66 -5.74
C ILE B 2546 41.12 -38.80 -4.64
N VAL B 2547 40.15 -37.89 -4.60
CA VAL B 2547 39.02 -38.00 -3.70
C VAL B 2547 37.74 -37.88 -4.49
N ASN B 2548 36.87 -38.89 -4.35
CA ASN B 2548 35.60 -38.91 -5.05
C ASN B 2548 34.46 -39.38 -4.15
N THR B 2549 34.43 -38.91 -2.91
CA THR B 2549 33.33 -39.13 -1.98
C THR B 2549 33.12 -37.88 -1.15
N SER B 2550 31.88 -37.66 -0.71
CA SER B 2550 31.53 -36.56 0.19
C SER B 2550 31.76 -35.18 -0.42
N LEU B 2551 32.01 -35.12 -1.72
CA LEU B 2551 32.21 -33.84 -2.38
C LEU B 2551 30.99 -33.46 -3.21
N VAL B 2552 30.61 -32.19 -3.14
CA VAL B 2552 29.48 -31.68 -3.92
C VAL B 2552 29.92 -30.49 -4.76
N TRP B 2553 30.48 -29.46 -4.12
CA TRP B 2553 30.95 -28.26 -4.81
C TRP B 2553 32.39 -27.94 -4.40
N PRO B 2554 33.35 -28.76 -4.82
CA PRO B 2554 34.75 -28.50 -4.46
C PRO B 2554 35.34 -27.35 -5.28
N ASN B 2555 35.08 -26.11 -4.84
CA ASN B 2555 35.46 -24.95 -5.63
C ASN B 2555 36.95 -24.64 -5.58
N GLY B 2556 37.59 -24.82 -4.45
CA GLY B 2556 38.96 -24.36 -4.27
C GLY B 2556 39.97 -25.48 -4.19
N LEU B 2557 41.18 -25.21 -4.65
CA LEU B 2557 42.29 -26.15 -4.59
C LEU B 2557 43.58 -25.42 -4.31
N ALA B 2558 44.40 -25.97 -3.42
CA ALA B 2558 45.70 -25.42 -3.10
C ALA B 2558 46.66 -26.54 -2.78
N LEU B 2559 47.89 -26.43 -3.27
CA LEU B 2559 48.93 -27.41 -3.04
C LEU B 2559 50.07 -26.74 -2.29
N ASP B 2560 50.54 -27.38 -1.23
CA ASP B 2560 51.63 -26.83 -0.41
C ASP B 2560 52.87 -27.70 -0.61
N LEU B 2561 53.89 -27.12 -1.25
CA LEU B 2561 55.14 -27.83 -1.46
C LEU B 2561 55.98 -27.91 -0.19
N GLU B 2562 55.77 -26.99 0.76
CA GLU B 2562 56.55 -26.98 1.99
C GLU B 2562 56.16 -28.10 2.95
N THR B 2563 55.00 -28.73 2.75
CA THR B 2563 54.59 -29.84 3.60
C THR B 2563 54.00 -31.01 2.81
N ASP B 2564 53.89 -30.91 1.49
CA ASP B 2564 53.43 -32.00 0.64
C ASP B 2564 52.02 -32.44 0.99
N LEU B 2565 51.11 -31.48 1.07
CA LEU B 2565 49.71 -31.74 1.38
C LEU B 2565 48.82 -31.02 0.37
N LEU B 2566 47.64 -31.60 0.12
CA LEU B 2566 46.68 -31.05 -0.81
C LEU B 2566 45.47 -30.52 -0.05
N TYR B 2567 45.04 -29.31 -0.38
CA TYR B 2567 43.92 -28.66 0.28
C TYR B 2567 42.79 -28.43 -0.72
N TRP B 2568 41.56 -28.52 -0.25
CA TRP B 2568 40.42 -28.20 -1.09
C TRP B 2568 39.27 -27.70 -0.23
N ALA B 2569 38.47 -26.81 -0.80
CA ALA B 2569 37.34 -26.19 -0.11
C ALA B 2569 36.07 -26.50 -0.87
N ASP B 2570 35.07 -27.03 -0.18
CA ASP B 2570 33.79 -27.37 -0.77
C ASP B 2570 32.77 -26.32 -0.37
N ALA B 2571 32.05 -25.78 -1.36
CA ALA B 2571 31.09 -24.72 -1.10
C ALA B 2571 29.76 -25.24 -0.59
N SER B 2572 29.35 -26.44 -0.97
CA SER B 2572 28.09 -26.99 -0.51
C SER B 2572 28.20 -27.57 0.91
N LEU B 2573 29.24 -28.38 1.14
CA LEU B 2573 29.49 -28.88 2.48
C LEU B 2573 30.00 -27.78 3.41
N GLN B 2574 30.46 -26.66 2.85
CA GLN B 2574 30.99 -25.53 3.62
C GLN B 2574 32.11 -25.99 4.56
N LYS B 2575 33.08 -26.72 3.99
CA LYS B 2575 34.22 -27.19 4.74
C LYS B 2575 35.47 -27.09 3.88
N ILE B 2576 36.61 -26.89 4.54
CA ILE B 2576 37.92 -26.94 3.92
C ILE B 2576 38.66 -28.14 4.50
N GLU B 2577 39.26 -28.95 3.64
CA GLU B 2577 39.87 -30.20 4.07
C GLU B 2577 41.30 -30.29 3.55
N ARG B 2578 42.07 -31.18 4.16
CA ARG B 2578 43.46 -31.41 3.80
C ARG B 2578 43.70 -32.91 3.70
N SER B 2579 44.66 -33.29 2.88
CA SER B 2579 45.02 -34.69 2.73
C SER B 2579 46.40 -34.78 2.10
N THR B 2580 46.99 -35.96 2.18
CA THR B 2580 48.25 -36.24 1.49
C THR B 2580 48.00 -36.28 -0.01
N LEU B 2581 49.06 -36.18 -0.81
CA LEU B 2581 48.89 -36.18 -2.26
C LEU B 2581 48.28 -37.49 -2.76
N THR B 2582 48.38 -38.56 -1.99
CA THR B 2582 47.68 -39.80 -2.29
C THR B 2582 46.22 -39.76 -1.87
N GLY B 2583 45.82 -38.77 -1.09
CA GLY B 2583 44.45 -38.66 -0.60
C GLY B 2583 44.13 -39.54 0.59
N THR B 2584 45.14 -40.03 1.31
CA THR B 2584 44.88 -40.98 2.39
C THR B 2584 44.45 -40.27 3.67
N ASN B 2585 45.33 -39.44 4.23
CA ASN B 2585 45.07 -38.79 5.52
C ASN B 2585 44.15 -37.59 5.34
N ARG B 2586 42.90 -37.89 5.02
CA ARG B 2586 41.91 -36.85 4.83
C ARG B 2586 41.46 -36.28 6.17
N GLU B 2587 41.64 -34.98 6.35
CA GLU B 2587 41.28 -34.31 7.58
C GLU B 2587 40.61 -32.98 7.26
N VAL B 2588 39.71 -32.54 8.11
CA VAL B 2588 39.09 -31.24 7.97
C VAL B 2588 39.91 -30.22 8.77
N VAL B 2589 40.18 -29.07 8.16
CA VAL B 2589 41.00 -28.05 8.78
C VAL B 2589 40.16 -26.91 9.36
N VAL B 2590 39.08 -26.53 8.67
CA VAL B 2590 38.15 -25.54 9.19
C VAL B 2590 36.75 -25.91 8.69
N SER B 2591 35.87 -26.26 9.62
CA SER B 2591 34.47 -26.50 9.28
C SER B 2591 33.70 -25.19 9.26
N THR B 2592 32.54 -25.21 8.60
CA THR B 2592 31.70 -24.05 8.40
C THR B 2592 32.51 -22.88 7.83
N ALA B 2593 33.02 -23.11 6.62
CA ALA B 2593 33.80 -22.12 5.90
C ALA B 2593 32.98 -21.29 4.92
N PHE B 2594 31.65 -21.42 4.96
CA PHE B 2594 30.75 -20.70 4.07
C PHE B 2594 31.03 -21.01 2.59
N HIS B 2595 30.59 -20.12 1.71
CA HIS B 2595 30.64 -20.35 0.26
C HIS B 2595 32.05 -20.04 -0.24
N SER B 2596 32.95 -21.00 -0.05
CA SER B 2596 34.33 -20.82 -0.48
C SER B 2596 34.43 -20.94 -2.00
N PHE B 2597 35.16 -20.00 -2.60
CA PHE B 2597 35.44 -20.08 -4.04
C PHE B 2597 36.93 -20.26 -4.31
N GLY B 2598 37.73 -19.33 -3.81
CA GLY B 2598 39.16 -19.40 -4.01
C GLY B 2598 39.88 -19.99 -2.81
N LEU B 2599 41.11 -20.42 -3.04
CA LEU B 2599 41.93 -20.97 -1.97
C LEU B 2599 43.40 -20.80 -2.31
N THR B 2600 44.19 -20.44 -1.29
CA THR B 2600 45.63 -20.37 -1.43
C THR B 2600 46.25 -20.64 -0.06
N VAL B 2601 47.52 -21.02 -0.06
CA VAL B 2601 48.25 -21.32 1.17
C VAL B 2601 49.61 -20.63 1.10
N TYR B 2602 49.99 -20.00 2.20
CA TYR B 2602 51.30 -19.37 2.31
C TYR B 2602 51.68 -19.30 3.78
N GLY B 2603 52.94 -19.59 4.07
CA GLY B 2603 53.37 -19.62 5.46
C GLY B 2603 52.61 -20.67 6.23
N GLN B 2604 52.08 -20.27 7.39
CA GLN B 2604 51.34 -21.17 8.26
C GLN B 2604 49.83 -21.09 8.07
N TYR B 2605 49.34 -20.27 7.15
CA TYR B 2605 47.93 -19.97 7.04
C TYR B 2605 47.40 -20.32 5.66
N ILE B 2606 46.10 -20.61 5.60
CA ILE B 2606 45.39 -20.83 4.35
C ILE B 2606 44.38 -19.71 4.16
N TYR B 2607 44.37 -19.13 2.97
CA TYR B 2607 43.52 -17.98 2.67
C TYR B 2607 42.48 -18.38 1.64
N TRP B 2608 41.22 -18.08 1.91
CA TRP B 2608 40.15 -18.40 0.98
C TRP B 2608 39.17 -17.23 0.91
N THR B 2609 38.51 -17.11 -0.24
CA THR B 2609 37.52 -16.07 -0.46
C THR B 2609 36.12 -16.65 -0.36
N ASP B 2610 35.22 -15.91 0.27
CA ASP B 2610 33.85 -16.36 0.50
C ASP B 2610 32.90 -15.49 -0.33
N LEU B 2611 32.07 -16.14 -1.13
CA LEU B 2611 31.09 -15.41 -1.94
C LEU B 2611 29.81 -15.08 -1.17
N TYR B 2612 29.60 -15.72 -0.02
CA TYR B 2612 28.38 -15.46 0.75
C TYR B 2612 28.51 -14.21 1.60
N THR B 2613 29.64 -14.06 2.29
CA THR B 2613 29.88 -12.90 3.14
C THR B 2613 30.69 -11.82 2.43
N ARG B 2614 31.26 -12.12 1.26
CA ARG B 2614 32.07 -11.18 0.49
C ARG B 2614 33.27 -10.69 1.30
N LYS B 2615 33.95 -11.64 1.94
CA LYS B 2615 35.15 -11.35 2.73
C LYS B 2615 36.20 -12.41 2.43
N ILE B 2616 37.44 -12.08 2.78
CA ILE B 2616 38.56 -13.01 2.68
C ILE B 2616 39.00 -13.37 4.09
N TYR B 2617 38.90 -14.65 4.44
CA TYR B 2617 39.31 -15.13 5.75
C TYR B 2617 40.68 -15.78 5.65
N ARG B 2618 41.28 -16.00 6.82
CA ARG B 2618 42.49 -16.79 6.96
C ARG B 2618 42.35 -17.70 8.17
N ALA B 2619 43.08 -18.80 8.14
CA ALA B 2619 43.07 -19.75 9.25
C ALA B 2619 44.38 -20.50 9.24
N ASN B 2620 44.73 -21.06 10.40
CA ASN B 2620 45.94 -21.85 10.52
C ASN B 2620 45.84 -23.07 9.62
N LYS B 2621 46.88 -23.32 8.83
CA LYS B 2621 46.82 -24.38 7.82
C LYS B 2621 46.71 -25.76 8.43
N TYR B 2622 47.03 -25.91 9.72
CA TYR B 2622 47.02 -27.22 10.35
C TYR B 2622 45.71 -27.54 11.04
N ASP B 2623 45.11 -26.59 11.75
CA ASP B 2623 43.90 -26.88 12.51
C ASP B 2623 42.87 -25.76 12.41
N GLY B 2624 43.16 -24.73 11.63
CA GLY B 2624 42.24 -23.61 11.49
C GLY B 2624 41.96 -22.86 12.77
N SER B 2625 42.96 -22.69 13.63
CA SER B 2625 42.71 -22.07 14.94
C SER B 2625 42.54 -20.56 14.82
N ASP B 2626 43.59 -19.88 14.36
CA ASP B 2626 43.59 -18.41 14.29
C ASP B 2626 42.76 -17.92 13.11
N LEU B 2627 41.43 -17.93 13.24
CA LEU B 2627 40.58 -17.51 12.14
C LEU B 2627 40.18 -16.04 12.29
N VAL B 2628 40.58 -15.23 11.32
CA VAL B 2628 40.23 -13.82 11.29
C VAL B 2628 39.79 -13.47 9.87
N ALA B 2629 39.12 -12.33 9.75
CA ALA B 2629 38.70 -11.83 8.44
C ALA B 2629 39.71 -10.79 7.97
N MET B 2630 40.34 -11.06 6.83
CA MET B 2630 41.37 -10.16 6.32
C MET B 2630 40.79 -8.86 5.80
N THR B 2631 39.60 -8.91 5.21
CA THR B 2631 38.96 -7.75 4.63
C THR B 2631 37.63 -7.48 5.30
N THR B 2632 37.15 -6.24 5.14
CA THR B 2632 35.77 -5.91 5.51
C THR B 2632 34.83 -6.47 4.45
N ARG B 2633 33.53 -6.29 4.63
CA ARG B 2633 32.58 -6.78 3.63
C ARG B 2633 32.75 -6.00 2.34
N LEU B 2634 33.30 -6.66 1.32
CA LEU B 2634 33.62 -5.99 0.07
C LEU B 2634 32.34 -5.58 -0.67
N PRO B 2635 32.41 -4.55 -1.50
CA PRO B 2635 31.22 -4.10 -2.24
C PRO B 2635 30.68 -5.12 -3.23
N THR B 2636 31.47 -6.10 -3.64
CA THR B 2636 31.00 -7.16 -4.52
C THR B 2636 31.80 -8.42 -4.23
N GLN B 2637 31.46 -9.48 -4.93
CA GLN B 2637 31.98 -10.80 -4.61
C GLN B 2637 33.44 -10.95 -5.07
N PRO B 2638 34.36 -11.27 -4.17
CA PRO B 2638 35.75 -11.53 -4.59
C PRO B 2638 35.88 -12.95 -5.15
N SER B 2639 36.18 -13.04 -6.44
CA SER B 2639 36.18 -14.34 -7.11
C SER B 2639 37.48 -15.11 -6.89
N GLY B 2640 38.59 -14.59 -7.39
CA GLY B 2640 39.83 -15.33 -7.33
C GLY B 2640 40.74 -14.89 -6.20
N ILE B 2641 41.78 -15.69 -5.97
CA ILE B 2641 42.79 -15.38 -4.97
C ILE B 2641 44.06 -16.13 -5.32
N SER B 2642 45.19 -15.50 -5.05
CA SER B 2642 46.50 -16.09 -5.31
C SER B 2642 47.55 -15.28 -4.56
N THR B 2643 48.77 -15.83 -4.51
CA THR B 2643 49.85 -15.15 -3.82
C THR B 2643 50.86 -14.61 -4.83
N VAL B 2644 51.66 -13.65 -4.36
CA VAL B 2644 52.77 -13.09 -5.12
C VAL B 2644 54.04 -13.38 -4.35
N VAL B 2645 54.94 -14.16 -4.94
CA VAL B 2645 56.13 -14.65 -4.28
C VAL B 2645 57.35 -14.08 -4.98
N LYS B 2646 58.24 -13.44 -4.21
CA LYS B 2646 59.47 -12.89 -4.75
C LYS B 2646 60.60 -13.89 -4.81
N THR B 2647 60.45 -15.06 -4.18
CA THR B 2647 61.49 -16.07 -4.24
C THR B 2647 61.08 -17.20 -5.17
N GLN B 2648 62.08 -17.78 -5.83
CA GLN B 2648 61.83 -18.88 -6.75
C GLN B 2648 61.28 -20.10 -6.01
N ARG B 2649 60.30 -20.76 -6.63
CA ARG B 2649 59.77 -22.00 -6.10
C ARG B 2649 60.68 -23.15 -6.52
N GLN B 2650 60.21 -24.38 -6.39
CA GLN B 2650 61.00 -25.55 -6.79
C GLN B 2650 61.48 -25.38 -8.22
N GLN B 2651 62.78 -25.62 -8.42
CA GLN B 2651 63.46 -25.26 -9.66
C GLN B 2651 64.15 -26.49 -10.25
N CYS B 2652 63.40 -27.59 -10.34
CA CYS B 2652 63.89 -28.79 -10.99
C CYS B 2652 64.14 -28.54 -12.47
N SER B 2653 65.04 -29.33 -13.05
CA SER B 2653 65.45 -29.16 -14.44
C SER B 2653 64.37 -29.68 -15.36
N ASN B 2654 63.99 -28.87 -16.35
CA ASN B 2654 62.96 -29.27 -17.31
C ASN B 2654 63.56 -30.18 -18.37
N PRO B 2655 63.06 -31.40 -18.53
CA PRO B 2655 63.59 -32.28 -19.59
C PRO B 2655 63.10 -31.93 -20.96
N CYS B 2656 62.19 -30.96 -21.10
CA CYS B 2656 61.53 -30.70 -22.36
C CYS B 2656 62.28 -29.71 -23.26
N ASP B 2657 63.29 -29.02 -22.74
CA ASP B 2657 64.00 -28.05 -23.56
C ASP B 2657 64.96 -28.74 -24.52
N GLN B 2658 65.53 -29.87 -24.11
CA GLN B 2658 66.50 -30.58 -24.95
C GLN B 2658 65.83 -31.20 -26.17
N PHE B 2659 66.06 -30.61 -27.34
CA PHE B 2659 65.51 -31.09 -28.61
C PHE B 2659 63.99 -31.18 -28.55
N ASN B 2660 63.38 -30.23 -27.84
CA ASN B 2660 61.93 -30.22 -27.61
C ASN B 2660 61.46 -31.51 -26.93
N GLY B 2661 62.34 -32.13 -26.16
CA GLY B 2661 62.02 -33.40 -25.53
C GLY B 2661 61.77 -34.53 -26.50
N GLY B 2662 62.20 -34.38 -27.75
CA GLY B 2662 61.96 -35.37 -28.78
C GLY B 2662 60.59 -35.29 -29.43
N CYS B 2663 59.66 -34.56 -28.84
CA CYS B 2663 58.31 -34.47 -29.40
C CYS B 2663 58.28 -33.50 -30.58
N SER B 2664 57.24 -33.64 -31.40
CA SER B 2664 57.16 -32.86 -32.63
C SER B 2664 56.53 -31.49 -32.43
N HIS B 2665 55.44 -31.38 -31.67
CA HIS B 2665 54.75 -30.10 -31.56
C HIS B 2665 54.82 -29.53 -30.14
N ILE B 2666 54.31 -30.28 -29.17
CA ILE B 2666 54.27 -29.83 -27.78
C ILE B 2666 54.77 -30.96 -26.89
N CYS B 2667 55.31 -30.59 -25.72
CA CYS B 2667 55.74 -31.56 -24.74
C CYS B 2667 55.61 -30.96 -23.35
N ALA B 2668 55.34 -31.82 -22.37
CA ALA B 2668 55.20 -31.43 -20.98
C ALA B 2668 55.95 -32.42 -20.10
N PRO B 2669 56.42 -31.99 -18.93
CA PRO B 2669 57.08 -32.91 -18.00
C PRO B 2669 56.12 -34.01 -17.55
N GLY B 2670 56.70 -35.07 -16.99
CA GLY B 2670 55.93 -36.20 -16.53
C GLY B 2670 56.59 -36.92 -15.38
N PRO B 2671 55.88 -37.90 -14.80
CA PRO B 2671 56.47 -38.69 -13.72
C PRO B 2671 57.73 -39.44 -14.14
N ASN B 2672 57.80 -39.90 -15.38
CA ASN B 2672 58.95 -40.64 -15.88
C ASN B 2672 59.79 -39.83 -16.84
N GLY B 2673 59.18 -39.24 -17.86
CA GLY B 2673 59.90 -38.45 -18.83
C GLY B 2673 58.95 -37.54 -19.57
N ALA B 2674 59.52 -36.75 -20.48
CA ALA B 2674 58.74 -35.79 -21.24
C ALA B 2674 57.63 -36.49 -22.02
N GLU B 2675 56.42 -35.93 -21.92
CA GLU B 2675 55.24 -36.49 -22.57
C GLU B 2675 54.81 -35.56 -23.69
N CYS B 2676 54.53 -36.12 -24.85
CA CYS B 2676 54.16 -35.33 -26.02
C CYS B 2676 52.66 -35.11 -26.08
N GLN B 2677 52.27 -33.99 -26.69
CA GLN B 2677 50.89 -33.65 -26.95
C GLN B 2677 50.74 -33.17 -28.39
N CYS B 2678 49.55 -33.36 -28.94
CA CYS B 2678 49.29 -32.85 -30.27
C CYS B 2678 48.23 -31.75 -30.23
N PRO B 2679 48.30 -30.78 -31.14
CA PRO B 2679 47.37 -29.65 -31.08
C PRO B 2679 45.93 -30.09 -31.32
N HIS B 2680 45.01 -29.17 -31.01
CA HIS B 2680 43.58 -29.42 -31.09
C HIS B 2680 42.97 -29.03 -32.43
N GLU B 2681 43.77 -28.57 -33.39
CA GLU B 2681 43.23 -28.09 -34.66
C GLU B 2681 42.77 -29.22 -35.56
N GLY B 2682 42.84 -30.47 -35.12
CA GLY B 2682 42.39 -31.56 -35.95
C GLY B 2682 42.44 -32.87 -35.21
N ASN B 2683 42.41 -33.96 -35.97
CA ASN B 2683 42.50 -35.31 -35.42
C ASN B 2683 43.95 -35.79 -35.51
N TRP B 2684 44.46 -36.32 -34.40
CA TRP B 2684 45.88 -36.66 -34.32
C TRP B 2684 46.04 -37.94 -33.51
N TYR B 2685 47.22 -38.52 -33.61
CA TYR B 2685 47.61 -39.65 -32.78
C TYR B 2685 49.12 -39.67 -32.61
N LEU B 2686 49.58 -40.31 -31.54
CA LEU B 2686 50.99 -40.33 -31.16
C LEU B 2686 51.64 -41.56 -31.76
N ALA B 2687 52.36 -41.38 -32.87
CA ALA B 2687 53.06 -42.48 -33.51
C ALA B 2687 54.51 -42.53 -33.05
N ASN B 2688 55.23 -43.55 -33.52
CA ASN B 2688 56.67 -43.72 -33.31
C ASN B 2688 56.99 -43.74 -31.80
N ASP B 2689 56.47 -44.79 -31.16
CA ASP B 2689 56.64 -44.98 -29.72
C ASP B 2689 56.11 -43.78 -28.94
N ASN B 2690 54.83 -43.45 -29.19
CA ASN B 2690 54.08 -42.34 -28.57
C ASN B 2690 54.92 -41.09 -28.39
N LYS B 2691 55.79 -40.79 -29.35
CA LYS B 2691 56.66 -39.62 -29.29
C LYS B 2691 56.65 -38.81 -30.58
N TYR B 2692 55.67 -39.03 -31.45
CA TYR B 2692 55.58 -38.30 -32.71
C TYR B 2692 54.12 -38.09 -33.06
N CYS B 2693 53.74 -36.83 -33.30
CA CYS B 2693 52.37 -36.50 -33.66
C CYS B 2693 52.15 -36.71 -35.15
N VAL B 2694 51.11 -37.46 -35.49
CA VAL B 2694 50.76 -37.75 -36.88
C VAL B 2694 49.25 -37.56 -37.04
N VAL B 2695 48.85 -36.99 -38.17
CA VAL B 2695 47.43 -36.79 -38.44
C VAL B 2695 46.74 -38.14 -38.50
N ASP B 2696 45.69 -38.31 -37.70
CA ASP B 2696 44.99 -39.59 -37.63
C ASP B 2696 43.97 -39.69 -38.76
N THR B 2697 43.99 -40.84 -39.45
CA THR B 2697 43.07 -41.08 -40.56
C THR B 2697 42.47 -42.47 -40.53
N GLY B 2698 42.57 -43.20 -39.42
CA GLY B 2698 42.11 -44.57 -39.37
C GLY B 2698 43.19 -45.54 -39.82
N THR B 2699 43.83 -45.23 -40.93
CA THR B 2699 44.95 -46.04 -41.40
C THR B 2699 46.11 -45.95 -40.42
N ARG B 2700 46.74 -47.09 -40.15
CA ARG B 2700 47.84 -47.15 -39.20
C ARG B 2700 48.92 -48.05 -39.77
N CYS B 2701 50.14 -47.52 -39.87
CA CYS B 2701 51.25 -48.31 -40.39
C CYS B 2701 51.69 -49.35 -39.36
N ASN B 2702 52.33 -50.40 -39.84
CA ASN B 2702 52.60 -51.58 -39.03
C ASN B 2702 53.74 -51.32 -38.04
N GLN B 2703 54.15 -52.37 -37.34
CA GLN B 2703 55.11 -52.34 -36.25
C GLN B 2703 56.56 -52.31 -36.71
N LEU B 2704 56.86 -52.05 -37.98
CA LEU B 2704 58.24 -51.94 -38.44
C LEU B 2704 58.45 -50.67 -39.25
N GLN B 2705 57.56 -49.69 -39.12
CA GLN B 2705 57.61 -48.47 -39.91
C GLN B 2705 57.70 -47.24 -39.03
N PHE B 2706 58.56 -46.30 -39.44
CA PHE B 2706 58.56 -44.97 -38.85
C PHE B 2706 57.55 -44.10 -39.58
N THR B 2707 56.61 -43.54 -38.83
CA THR B 2707 55.53 -42.74 -39.39
C THR B 2707 55.95 -41.28 -39.43
N CYS B 2708 55.93 -40.70 -40.62
CA CYS B 2708 56.30 -39.30 -40.78
C CYS B 2708 55.12 -38.38 -40.48
N LEU B 2709 55.40 -37.08 -40.48
CA LEU B 2709 54.33 -36.11 -40.22
C LEU B 2709 53.25 -36.17 -41.29
N ASN B 2710 53.64 -36.39 -42.54
CA ASN B 2710 52.70 -36.54 -43.64
C ASN B 2710 52.14 -37.95 -43.75
N GLY B 2711 52.33 -38.79 -42.74
CA GLY B 2711 52.09 -40.21 -42.88
C GLY B 2711 53.31 -40.85 -43.52
N HIS B 2712 53.21 -41.22 -44.80
CA HIS B 2712 54.35 -41.55 -45.65
C HIS B 2712 55.31 -42.51 -44.98
N CYS B 2713 54.79 -43.46 -44.20
CA CYS B 2713 55.65 -44.26 -43.33
C CYS B 2713 56.66 -45.06 -44.13
N ILE B 2714 57.90 -45.08 -43.62
CA ILE B 2714 59.03 -45.70 -44.29
C ILE B 2714 59.55 -46.84 -43.41
N ASN B 2715 60.57 -47.53 -43.90
CA ASN B 2715 61.12 -48.66 -43.17
C ASN B 2715 61.86 -48.19 -41.93
N GLN B 2716 62.10 -49.12 -41.01
CA GLN B 2716 62.71 -48.78 -39.73
C GLN B 2716 64.11 -48.21 -39.93
N ASP B 2717 64.92 -48.84 -40.77
CA ASP B 2717 66.29 -48.41 -40.99
C ASP B 2717 66.39 -47.17 -41.87
N TRP B 2718 65.30 -46.77 -42.54
CA TRP B 2718 65.28 -45.53 -43.29
C TRP B 2718 65.11 -44.31 -42.39
N LYS B 2719 64.99 -44.52 -41.08
CA LYS B 2719 65.01 -43.42 -40.13
C LYS B 2719 66.45 -42.99 -39.86
N CYS B 2720 66.68 -41.68 -39.91
CA CYS B 2720 67.97 -41.09 -39.55
C CYS B 2720 69.11 -41.59 -40.44
N ASP B 2721 68.89 -41.50 -41.74
CA ASP B 2721 69.95 -41.59 -42.74
C ASP B 2721 69.78 -40.40 -43.68
N ASN B 2722 70.90 -39.73 -43.99
CA ASN B 2722 70.86 -38.35 -44.47
C ASN B 2722 69.84 -38.10 -45.56
N ASP B 2723 69.47 -39.12 -46.33
CA ASP B 2723 68.47 -38.94 -47.38
C ASP B 2723 67.10 -38.65 -46.79
N ASN B 2724 66.36 -37.77 -47.46
CA ASN B 2724 65.01 -37.39 -47.03
C ASN B 2724 64.02 -38.44 -47.56
N ASP B 2725 63.91 -39.53 -46.81
CA ASP B 2725 63.04 -40.62 -47.23
C ASP B 2725 61.57 -40.31 -46.95
N CYS B 2726 61.29 -39.53 -45.92
CA CYS B 2726 59.91 -39.22 -45.57
C CYS B 2726 59.27 -38.19 -46.49
N GLY B 2727 60.07 -37.47 -47.28
CA GLY B 2727 59.54 -36.43 -48.13
C GLY B 2727 59.45 -35.09 -47.43
N ASP B 2728 58.92 -35.10 -46.20
CA ASP B 2728 58.82 -33.89 -45.39
C ASP B 2728 60.03 -33.68 -44.49
N GLY B 2729 61.03 -34.56 -44.53
CA GLY B 2729 62.19 -34.44 -43.69
C GLY B 2729 62.02 -34.93 -42.27
N SER B 2730 60.96 -35.69 -41.99
CA SER B 2730 60.71 -36.16 -40.63
C SER B 2730 61.82 -37.09 -40.15
N ASP B 2731 62.34 -37.93 -41.05
CA ASP B 2731 63.31 -38.94 -40.64
C ASP B 2731 64.64 -38.32 -40.23
N GLU B 2732 64.93 -37.10 -40.69
CA GLU B 2732 66.22 -36.47 -40.44
C GLU B 2732 66.14 -35.25 -39.54
N LEU B 2733 65.04 -35.06 -38.82
CA LEU B 2733 64.94 -33.94 -37.91
C LEU B 2733 65.89 -34.16 -36.73
N PRO B 2734 66.46 -33.08 -36.17
CA PRO B 2734 67.33 -33.26 -34.99
C PRO B 2734 66.62 -33.87 -33.80
N THR B 2735 65.31 -33.63 -33.65
CA THR B 2735 64.58 -34.13 -32.49
C THR B 2735 64.47 -35.66 -32.48
N VAL B 2736 64.41 -36.29 -33.65
CA VAL B 2736 64.28 -37.74 -33.70
C VAL B 2736 65.65 -38.41 -33.72
N CYS B 2737 66.58 -37.84 -34.49
CA CYS B 2737 67.92 -38.40 -34.59
C CYS B 2737 68.79 -38.11 -33.36
N ALA B 2738 68.32 -37.29 -32.44
CA ALA B 2738 69.02 -37.15 -31.16
C ALA B 2738 68.86 -38.38 -30.29
N PHE B 2739 67.98 -39.31 -30.68
CA PHE B 2739 67.75 -40.53 -29.92
C PHE B 2739 67.85 -41.80 -30.74
N HIS B 2740 68.25 -41.71 -32.00
CA HIS B 2740 68.43 -42.90 -32.82
C HIS B 2740 69.66 -43.68 -32.36
N THR B 2741 69.48 -44.96 -32.12
CA THR B 2741 70.56 -45.83 -31.67
C THR B 2741 70.63 -47.09 -32.53
N UNK C 1 -19.79 3.09 -17.26
CA UNK C 1 -18.92 4.27 -17.27
C UNK C 1 -19.69 5.52 -16.83
N UNK C 2 -19.08 6.28 -15.93
CA UNK C 2 -19.68 7.52 -15.45
C UNK C 2 -19.60 8.60 -16.52
N LEU C 3 -20.49 9.59 -16.41
CA LEU C 3 -20.57 10.64 -17.42
C LEU C 3 -19.35 11.55 -17.42
N UNK C 4 -18.87 11.96 -16.25
CA UNK C 4 -17.80 12.94 -16.18
C UNK C 4 -16.56 12.42 -16.90
N UNK C 5 -16.03 13.22 -17.81
CA UNK C 5 -14.89 12.79 -18.62
C UNK C 5 -13.62 12.65 -17.80
N UNK C 6 -13.56 13.27 -16.62
CA UNK C 6 -12.38 13.18 -15.78
C UNK C 6 -12.18 11.76 -15.26
N UNK D 1 -3.06 25.41 9.81
CA UNK D 1 -4.39 25.09 10.29
C UNK D 1 -5.37 24.98 9.13
N CYS D 2 -5.38 25.98 8.26
CA CYS D 2 -6.25 25.94 7.08
C CYS D 2 -5.87 24.80 6.16
N UNK D 3 -4.57 24.63 5.90
CA UNK D 3 -4.05 23.58 5.01
C UNK D 3 -4.72 23.62 3.64
N UNK E 1 21.30 0.03 11.07
CA UNK E 1 21.24 1.48 10.97
C UNK E 1 21.20 2.11 12.36
N GLU E 2 21.41 3.42 12.41
CA GLU E 2 21.36 4.13 13.68
C GLU E 2 20.41 5.34 13.64
N GLU E 3 20.37 6.03 12.50
CA GLU E 3 19.51 7.20 12.38
C GLU E 3 19.27 7.50 10.91
N UNK E 4 18.02 7.50 10.50
CA UNK E 4 17.64 7.82 9.12
C UNK E 4 16.23 8.37 9.11
N UNK E 5 16.04 9.51 8.45
CA UNK E 5 14.74 10.15 8.36
C UNK E 5 14.69 11.13 7.19
N UNK F 1 22.98 -17.27 -5.19
CA UNK F 1 22.16 -18.48 -5.22
C UNK F 1 22.90 -19.63 -5.89
N UNK F 2 23.04 -19.55 -7.21
CA UNK F 2 23.73 -20.57 -7.96
C UNK F 2 25.24 -20.50 -7.73
N ASN F 3 25.92 -21.61 -8.04
CA ASN F 3 27.36 -21.69 -7.90
C ASN F 3 28.10 -21.09 -9.10
N UNK F 4 27.87 -19.82 -9.39
CA UNK F 4 28.53 -19.13 -10.50
C UNK F 4 29.25 -17.89 -9.98
N UNK F 5 30.39 -17.58 -10.59
CA UNK F 5 31.18 -16.43 -10.19
C UNK F 5 30.50 -15.13 -10.60
N UNK G 1 21.16 -9.40 12.33
CA UNK G 1 20.00 -9.31 13.20
C UNK G 1 20.31 -8.45 14.42
N UNK G 2 19.44 -7.49 14.70
CA UNK G 2 19.59 -6.66 15.89
C UNK G 2 19.37 -7.49 17.14
N LEU G 3 20.12 -7.16 18.20
CA LEU G 3 20.08 -7.98 19.40
C LEU G 3 18.78 -7.79 20.18
N UNK G 4 18.16 -6.63 20.07
CA UNK G 4 16.91 -6.39 20.80
C UNK G 4 15.87 -7.43 20.38
N UNK G 5 15.25 -8.07 21.38
CA UNK G 5 14.31 -9.16 21.12
C UNK G 5 13.07 -8.66 20.39
N UNK G 6 12.58 -7.47 20.74
CA UNK G 6 11.40 -6.92 20.11
C UNK G 6 11.63 -6.64 18.63
N UNK H 1 -3.21 20.19 19.93
CA UNK H 1 -2.09 19.64 19.20
C UNK H 1 -1.55 18.39 19.88
N CYS H 2 -0.75 18.59 20.92
CA CYS H 2 -0.10 17.51 21.66
C CYS H 2 0.55 16.50 20.72
N UNK H 3 0.11 15.24 20.80
CA UNK H 3 0.65 14.16 19.98
C UNK H 3 2.16 14.04 20.12
N UNK I 1 -22.66 5.92 -7.84
CA UNK I 1 -22.47 7.30 -8.26
C UNK I 1 -23.24 8.26 -7.35
N GLU I 2 -23.12 8.04 -6.04
CA GLU I 2 -23.84 8.85 -5.07
C GLU I 2 -22.92 9.10 -3.87
N GLU I 3 -23.52 9.56 -2.78
CA GLU I 3 -22.74 9.99 -1.62
C GLU I 3 -22.42 8.80 -0.71
N UNK I 4 -21.18 8.76 -0.23
CA UNK I 4 -20.74 7.71 0.69
C UNK I 4 -19.62 8.27 1.57
N UNK I 5 -19.38 7.61 2.69
CA UNK I 5 -18.35 8.04 3.63
C UNK I 5 -16.97 7.97 3.00
N UNK J 1 -14.58 -16.03 -21.69
CA UNK J 1 -15.43 -16.33 -20.54
C UNK J 1 -16.01 -17.74 -20.64
N UNK J 2 -16.64 -18.19 -19.56
CA UNK J 2 -17.27 -19.50 -19.55
C UNK J 2 -18.68 -19.40 -20.13
N ASN J 3 -19.25 -20.56 -20.46
CA ASN J 3 -20.61 -20.64 -20.98
C ASN J 3 -21.54 -21.39 -20.03
N UNK J 4 -21.06 -21.79 -18.85
CA UNK J 4 -21.92 -22.44 -17.89
C UNK J 4 -22.80 -21.42 -17.18
N UNK J 5 -23.83 -21.91 -16.51
CA UNK J 5 -24.77 -21.05 -15.81
C UNK J 5 -24.10 -20.34 -14.63
C1 NAG K . 10.03 -40.25 24.59
C2 NAG K . 8.92 -40.21 25.63
C3 NAG K . 8.82 -41.52 26.40
C4 NAG K . 8.82 -42.75 25.50
C5 NAG K . 9.94 -42.65 24.46
C6 NAG K . 9.85 -43.73 23.39
C7 NAG K . 8.20 -38.25 26.88
C8 NAG K . 8.21 -37.78 28.30
N2 NAG K . 9.16 -39.13 26.56
O3 NAG K . 7.62 -41.52 27.18
O4 NAG K . 9.03 -43.89 26.36
O5 NAG K . 9.88 -41.41 23.77
O6 NAG K . 10.89 -43.53 22.43
O7 NAG K . 7.39 -37.86 26.06
C1 NAG K . 8.13 -44.99 26.04
C2 NAG K . 7.99 -45.89 27.28
C3 NAG K . 7.12 -47.10 26.96
C4 NAG K . 5.78 -46.61 26.45
C5 NAG K . 5.98 -45.65 25.28
C6 NAG K . 4.64 -45.11 24.79
C7 NAG K . 10.24 -46.94 27.18
C8 NAG K . 11.50 -47.16 27.98
N2 NAG K . 9.29 -46.29 27.84
O3 NAG K . 6.95 -47.91 28.12
O4 NAG K . 5.00 -47.74 26.03
O5 NAG K . 6.82 -44.56 25.67
O6 NAG K . 3.82 -46.21 24.38
O7 NAG K . 10.15 -47.34 26.04
C1 NAG L . -1.10 -35.26 32.30
C2 NAG L . -2.07 -36.25 32.94
C3 NAG L . -2.32 -35.89 34.40
C4 NAG L . -1.00 -35.81 35.14
C5 NAG L . -0.01 -34.95 34.35
C6 NAG L . 1.33 -34.81 35.09
C7 NAG L . -3.60 -37.30 31.41
C8 NAG L . -4.25 -36.93 30.11
N2 NAG L . -3.34 -36.29 32.23
O3 NAG L . -3.18 -36.87 34.99
O4 NAG L . -1.28 -35.16 36.40
O5 NAG L . 0.15 -35.40 32.99
O6 NAG L . 1.90 -36.08 35.42
O7 NAG L . -3.31 -38.45 31.68
C1 NAG L . -1.41 -36.12 37.46
C2 NAG L . -1.28 -35.37 38.78
C3 NAG L . -1.29 -36.37 39.93
C4 NAG L . -2.55 -37.22 39.87
C5 NAG L . -2.74 -37.81 38.47
C6 NAG L . -4.08 -38.53 38.35
C7 NAG L . 0.14 -33.57 39.62
C8 NAG L . 1.57 -33.15 39.78
N2 NAG L . -0.06 -34.58 38.77
O3 NAG L . -1.22 -35.67 41.18
O4 NAG L . -2.43 -38.31 40.79
O5 NAG L . -2.67 -36.79 37.46
O6 NAG L . -5.15 -37.58 38.43
O7 NAG L . -0.77 -33.03 40.22
C1 BMA L . -3.08 -37.99 42.03
C2 BMA L . -3.83 -39.23 42.52
C3 BMA L . -4.43 -39.02 43.90
C4 BMA L . -3.35 -38.55 44.86
C5 BMA L . -2.68 -37.31 44.31
C6 BMA L . -1.56 -36.84 45.25
O2 BMA L . -2.92 -40.33 42.57
O3 BMA L . -5.01 -40.24 44.36
O4 BMA L . -3.92 -38.28 46.14
O5 BMA L . -2.13 -37.56 43.01
O6 BMA L . -1.02 -35.61 44.76
C1 NAG M . 27.01 1.01 40.53
C2 NAG M . 27.64 0.62 41.88
C3 NAG M . 28.60 1.69 42.40
C4 NAG M . 29.57 2.15 41.33
C5 NAG M . 28.78 2.57 40.09
C6 NAG M . 29.71 3.05 38.98
C7 NAG M . 26.03 -0.80 43.01
C8 NAG M . 24.93 -0.86 44.03
N2 NAG M . 26.62 0.38 42.86
O3 NAG M . 29.33 1.15 43.50
O4 NAG M . 30.35 3.24 41.81
O5 NAG M . 28.00 1.47 39.61
O6 NAG M . 30.52 1.95 38.54
O7 NAG M . 26.36 -1.78 42.36
C1 NAG M . 31.73 2.82 41.95
C2 NAG M . 32.62 4.06 42.08
C3 NAG M . 34.08 3.64 42.18
C4 NAG M . 34.25 2.68 43.34
C5 NAG M . 33.27 1.52 43.23
C6 NAG M . 33.35 0.63 44.47
C7 NAG M . 31.74 6.07 41.05
C8 NAG M . 31.92 7.06 39.94
N2 NAG M . 32.43 4.95 40.94
O3 NAG M . 34.89 4.80 42.39
O4 NAG M . 35.59 2.16 43.35
O5 NAG M . 31.92 1.99 43.09
O6 NAG M . 32.49 -0.50 44.31
O7 NAG M . 31.00 6.30 42.00
C1 NAG N . 33.90 -36.17 17.51
C2 NAG N . 35.30 -35.73 17.93
C3 NAG N . 36.32 -36.79 17.53
C4 NAG N . 35.91 -38.21 17.92
C5 NAG N . 34.40 -38.47 17.86
C6 NAG N . 34.01 -39.65 18.74
C7 NAG N . 36.69 -33.72 17.69
C8 NAG N . 36.96 -32.51 16.85
N2 NAG N . 35.62 -34.44 17.32
O3 NAG N . 37.56 -36.48 18.15
O4 NAG N . 36.47 -39.17 17.01
O5 NAG N . 33.61 -37.35 18.26
O6 NAG N . 32.59 -39.81 18.70
O7 NAG N . 37.39 -34.01 18.64
C1 NAG N . 37.88 -39.39 17.22
C2 NAG N . 38.13 -40.90 17.13
C3 NAG N . 39.60 -41.25 17.04
C4 NAG N . 40.24 -40.46 15.91
C5 NAG N . 40.03 -38.97 16.15
C6 NAG N . 40.63 -38.16 15.02
C7 NAG N . 36.85 -42.70 18.17
C8 NAG N . 37.10 -43.73 19.22
N2 NAG N . 37.55 -41.56 18.29
O3 NAG N . 39.74 -42.65 16.78
O4 NAG N . 41.64 -40.74 15.86
O5 NAG N . 38.63 -38.67 16.23
O6 NAG N . 41.92 -38.69 14.68
O7 NAG N . 36.06 -42.87 17.26
C1 NAG O . 6.72 1.98 54.98
C2 NAG O . 6.11 2.84 56.08
C3 NAG O . 5.99 4.30 55.67
C4 NAG O . 7.34 4.86 55.22
C5 NAG O . 8.06 3.91 54.28
C6 NAG O . 9.53 4.30 54.17
C7 NAG O . 4.60 1.52 57.45
C8 NAG O . 3.21 1.55 58.02
N2 NAG O . 4.80 2.34 56.42
O3 NAG O . 5.50 5.04 56.80
O4 NAG O . 7.13 6.10 54.54
O5 NAG O . 8.01 2.55 54.72
O6 NAG O . 10.22 3.88 55.35
O7 NAG O . 5.46 0.78 57.89
C1 NAG O . 7.54 7.19 55.39
C2 NAG O . 7.69 8.43 54.50
C3 NAG O . 7.92 9.68 55.32
C4 NAG O . 6.81 9.82 56.36
C5 NAG O . 6.79 8.58 57.23
C6 NAG O . 5.66 8.66 58.25
C7 NAG O . 8.52 8.00 52.27
C8 NAG O . 9.64 7.36 51.50
N2 NAG O . 8.77 8.25 53.56
O3 NAG O . 7.92 10.82 54.45
O4 NAG O . 7.04 10.98 57.16
O5 NAG O . 6.58 7.41 56.42
O6 NAG O . 4.43 8.84 57.55
O7 NAG O . 7.45 8.28 51.75
C1 BMA O . 6.07 12.00 56.84
C2 BMA O . 6.02 12.99 58.00
C3 BMA O . 5.16 14.20 57.68
C4 BMA O . 5.58 14.80 56.33
C5 BMA O . 5.58 13.74 55.24
C6 BMA O . 6.13 14.34 53.96
O2 BMA O . 7.36 13.42 58.30
O3 BMA O . 5.35 15.20 58.68
O4 BMA O . 4.67 15.85 55.98
O5 BMA O . 6.43 12.65 55.62
O6 BMA O . 7.42 14.88 54.25
C1 MAN O . 4.38 15.05 59.72
C2 MAN O . 3.96 16.43 60.21
C3 MAN O . 5.14 17.16 60.83
C4 MAN O . 5.83 16.28 61.87
C5 MAN O . 6.12 14.89 61.30
C6 MAN O . 6.74 13.98 62.35
O2 MAN O . 2.91 16.30 61.18
O3 MAN O . 4.69 18.36 61.45
O4 MAN O . 7.05 16.90 62.27
O5 MAN O . 4.91 14.31 60.82
O6 MAN O . 5.86 13.90 63.48
C1 MAN O . 8.00 15.47 53.07
C2 MAN O . 8.47 14.37 52.13
C3 MAN O . 9.55 13.52 52.81
C4 MAN O . 10.64 14.41 53.39
C5 MAN O . 10.05 15.55 54.20
C6 MAN O . 11.14 16.49 54.71
O2 MAN O . 8.99 14.95 50.94
O3 MAN O . 10.11 12.62 51.85
O4 MAN O . 11.50 13.62 54.23
O5 MAN O . 9.12 16.28 53.41
O6 MAN O . 10.55 17.48 55.55
C1 NAG P . -10.14 -10.74 42.07
C2 NAG P . -11.56 -10.68 42.64
C3 NAG P . -11.73 -11.74 43.72
C4 NAG P . -11.30 -13.12 43.23
C5 NAG P . -9.93 -13.06 42.56
C6 NAG P . -9.59 -14.39 41.90
C7 NAG P . -12.64 -8.51 42.58
C8 NAG P . -13.06 -7.32 43.39
N2 NAG P . -11.84 -9.38 43.20
O3 NAG P . -13.10 -11.79 44.12
O4 NAG P . -11.22 -13.98 44.38
O5 NAG P . -9.90 -12.05 41.56
O6 NAG P . -8.26 -14.33 41.35
O7 NAG P . -13.02 -8.69 41.44
C1 NAG P . -12.16 -15.07 44.24
C2 NAG P . -11.87 -16.08 45.35
C3 NAG P . -12.87 -17.23 45.34
C4 NAG P . -14.28 -16.67 45.38
C5 NAG P . -14.48 -15.66 44.25
C6 NAG P . -15.88 -15.07 44.31
C7 NAG P . -9.91 -17.12 44.25
C8 NAG P . -8.43 -17.31 44.38
N2 NAG P . -10.50 -16.58 45.31
O3 NAG P . -12.65 -18.08 46.48
O4 NAG P . -15.22 -17.74 45.24
O5 NAG P . -13.51 -14.62 44.32
O6 NAG P . -16.84 -16.10 44.51
O7 NAG P . -10.50 -17.47 43.23
C1 NAG Q . -43.47 -6.51 15.51
C2 NAG Q . -44.40 -5.41 15.99
C3 NAG Q . -43.93 -4.71 17.26
C4 NAG Q . -43.39 -5.70 18.30
C5 NAG Q . -42.40 -6.63 17.62
C6 NAG Q . -41.77 -7.61 18.59
C7 NAG Q . -45.60 -3.87 14.56
C8 NAG Q . -45.46 -2.72 13.61
N2 NAG Q . -44.47 -4.45 14.91
O3 NAG Q . -45.04 -4.01 17.82
O4 NAG Q . -42.71 -4.99 19.34
O5 NAG Q . -43.06 -7.36 16.58
O6 NAG Q . -40.71 -8.28 17.91
O7 NAG Q . -46.69 -4.25 14.98
C1 NAG Q . -43.51 -4.97 20.53
C2 NAG Q . -42.63 -4.56 21.71
C3 NAG Q . -43.46 -4.42 22.98
C4 NAG Q . -44.63 -3.48 22.74
C5 NAG Q . -45.44 -3.93 21.53
C6 NAG Q . -46.54 -2.94 21.19
C7 NAG Q . -40.36 -5.39 21.46
C8 NAG Q . -39.53 -6.63 21.35
N2 NAG Q . -41.59 -5.55 21.94
O3 NAG Q . -42.64 -3.90 24.03
O4 NAG Q . -45.45 -3.52 23.91
O5 NAG Q . -44.59 -4.05 20.39
O6 NAG Q . -47.58 -2.98 22.19
O7 NAG Q . -39.94 -4.29 21.12
C1 BMA Q . -45.46 -2.22 24.54
C2 BMA Q . -46.81 -2.06 25.23
C3 BMA Q . -46.91 -0.74 25.96
C4 BMA Q . -45.73 -0.60 26.91
C5 BMA Q . -44.41 -0.83 26.17
C6 BMA Q . -43.25 -0.79 27.17
O2 BMA Q . -46.98 -3.13 26.16
O3 BMA Q . -48.13 -0.71 26.70
O4 BMA Q . -45.73 0.71 27.48
O5 BMA Q . -44.42 -2.09 25.51
O6 BMA Q . -43.55 -1.66 28.26
C1 MAN Q . -49.27 -0.69 25.81
C2 MAN Q . -50.29 0.30 26.35
C3 MAN Q . -50.85 -0.17 27.69
C4 MAN Q . -51.32 -1.62 27.60
C5 MAN Q . -50.23 -2.49 27.00
C6 MAN Q . -50.68 -3.95 26.86
O2 MAN Q . -51.36 0.42 25.40
O3 MAN Q . -51.95 0.66 28.07
O4 MAN Q . -51.64 -2.11 28.91
O5 MAN Q . -49.88 -1.98 25.72
O6 MAN Q . -51.79 -4.01 25.95
C1 MAN Q . -42.78 -1.26 29.41
C2 MAN Q . -42.60 -2.48 30.31
C3 MAN Q . -43.95 -2.98 30.79
C4 MAN Q . -44.71 -1.84 31.47
C5 MAN Q . -44.76 -0.62 30.57
C6 MAN Q . -45.42 0.55 31.29
O2 MAN Q . -41.79 -2.13 31.42
O3 MAN Q . -43.77 -4.06 31.71
O4 MAN Q . -46.04 -2.27 31.77
O5 MAN Q . -43.43 -0.24 30.17
O6 MAN Q . -45.60 1.64 30.37
C1 NAG R . -27.50 -19.62 -4.23
C2 NAG R . -27.31 -18.82 -2.95
C3 NAG R . -26.20 -19.40 -2.08
C4 NAG R . -26.39 -20.90 -1.86
C5 NAG R . -26.67 -21.60 -3.20
C6 NAG R . -26.99 -23.07 -2.97
C7 NAG R . -27.43 -16.43 -2.49
C8 NAG R . -26.68 -15.14 -2.67
N2 NAG R . -27.02 -17.43 -3.27
O3 NAG R . -26.22 -18.71 -0.83
O4 NAG R . -25.19 -21.50 -1.34
O5 NAG R . -27.75 -20.99 -3.90
O6 NAG R . -26.94 -23.77 -4.22
O7 NAG R . -28.33 -16.57 -1.69
C1 NAG R . -25.16 -21.43 0.11
C2 NAG R . -24.43 -22.67 0.65
C3 NAG R . -24.14 -22.57 2.14
C4 NAG R . -23.46 -21.24 2.45
C5 NAG R . -24.33 -20.09 1.94
C6 NAG R . -23.67 -18.75 2.23
C7 NAG R . -26.34 -24.24 0.81
C8 NAG R . -26.76 -25.64 0.49
N2 NAG R . -25.14 -23.89 0.34
O3 NAG R . -23.29 -23.65 2.54
O4 NAG R . -23.29 -21.11 3.87
O5 NAG R . -24.52 -20.22 0.53
O6 NAG R . -24.51 -17.71 1.71
O7 NAG R . -27.06 -23.49 1.46
C1 NAG S . -24.02 -28.34 -42.68
C2 NAG S . -22.77 -29.15 -43.03
C3 NAG S . -22.74 -29.52 -44.51
C4 NAG S . -24.05 -30.22 -44.89
C5 NAG S . -25.21 -29.30 -44.53
C6 NAG S . -26.54 -29.94 -44.92
C7 NAG S . -20.93 -28.56 -41.57
C8 NAG S . -19.92 -27.51 -41.23
N2 NAG S . -21.58 -28.39 -42.71
O3 NAG S . -21.63 -30.39 -44.74
O4 NAG S . -24.07 -30.48 -46.30
O5 NAG S . -25.21 -29.02 -43.13
O6 NAG S . -27.57 -28.94 -44.86
O7 NAG S . -21.14 -29.51 -40.83
C1 NAG S . -23.74 -31.88 -46.53
C2 NAG S . -24.28 -32.31 -47.89
C3 NAG S . -23.88 -33.74 -48.19
C4 NAG S . -22.37 -33.90 -48.08
C5 NAG S . -21.90 -33.42 -46.72
C6 NAG S . -20.38 -33.49 -46.62
C7 NAG S . -26.30 -31.17 -48.58
C8 NAG S . -27.80 -31.13 -48.48
N2 NAG S . -25.72 -32.18 -47.94
O3 NAG S . -24.30 -34.10 -49.51
O4 NAG S . -22.01 -35.27 -48.26
O5 NAG S . -22.32 -32.08 -46.48
O6 NAG S . -19.97 -33.07 -45.31
O7 NAG S . -25.67 -30.35 -49.20
C1 NAG T . -4.46 6.35 -47.38
C2 NAG T . -3.41 7.45 -47.36
C3 NAG T . -3.00 7.88 -48.75
C4 NAG T . -2.68 6.70 -49.66
C5 NAG T . -3.81 5.67 -49.58
C6 NAG T . -3.49 4.43 -50.41
C7 NAG T . -3.41 9.05 -45.52
C8 NAG T . -3.73 10.48 -45.17
N2 NAG T . -3.94 8.61 -46.66
O3 NAG T . -1.83 8.71 -48.65
O4 NAG T . -2.59 7.18 -51.01
O5 NAG T . -4.04 5.28 -48.23
O6 NAG T . -2.40 3.73 -49.80
O7 NAG T . -2.72 8.35 -44.80
C1 NAG T . -1.24 7.11 -51.48
C2 NAG T . -1.27 7.18 -53.01
C3 NAG T . 0.12 7.26 -53.61
C4 NAG T . 0.86 8.42 -52.98
C5 NAG T . 0.89 8.25 -51.47
C6 NAG T . 1.63 9.40 -50.81
C7 NAG T . -3.28 6.05 -53.81
C8 NAG T . -3.91 4.71 -54.05
N2 NAG T . -1.97 6.01 -53.55
O3 NAG T . 0.02 7.47 -55.02
O4 NAG T . 2.20 8.48 -53.49
O5 NAG T . -0.44 8.17 -50.95
O6 NAG T . 1.84 9.11 -49.42
O7 NAG T . -3.91 7.08 -53.85
C1 NAG U . 2.95 17.29 -44.24
C2 NAG U . 4.26 17.57 -44.98
C3 NAG U . 4.45 19.06 -45.16
C4 NAG U . 3.24 19.67 -45.87
C5 NAG U . 1.96 19.28 -45.14
C6 NAG U . 0.73 19.75 -45.91
C7 NAG U . 6.05 15.96 -44.68
C8 NAG U . 7.17 15.48 -43.81
N2 NAG U . 5.40 17.03 -44.26
O3 NAG U . 5.63 19.32 -45.93
O4 NAG U . 3.36 21.10 -45.88
O5 NAG U . 1.87 17.87 -44.98
O6 NAG U . 0.72 21.18 -46.00
O7 NAG U . 5.76 15.39 -45.73
C1 NAG U . 3.66 21.52 -47.22
C2 NAG U . 3.37 23.02 -47.32
C3 NAG U . 3.78 23.57 -48.68
C4 NAG U . 5.22 23.22 -49.00
C5 NAG U . 5.41 21.71 -48.85
C6 NAG U . 6.85 21.29 -49.11
C7 NAG U . 1.51 24.18 -46.28
C8 NAG U . 0.03 24.37 -46.23
N2 NAG U . 1.95 23.26 -47.11
O3 NAG U . 3.62 25.00 -48.69
O4 NAG U . 5.49 23.62 -50.34
O5 NAG U . 5.04 21.28 -47.55
O6 NAG U . 7.68 21.68 -48.01
O7 NAG U . 2.27 24.85 -45.58
C1 BMA U . 6.58 24.57 -50.36
C2 BMA U . 7.29 24.43 -51.71
C3 BMA U . 8.40 25.46 -51.86
C4 BMA U . 7.86 26.86 -51.61
C5 BMA U . 7.14 26.90 -50.26
C6 BMA U . 6.54 28.28 -50.02
O2 BMA U . 6.33 24.59 -52.77
O3 BMA U . 8.92 25.40 -53.19
O4 BMA U . 8.93 27.80 -51.62
O5 BMA U . 6.11 25.91 -50.20
O6 BMA U . 5.95 28.34 -48.71
C1 NAG V . -32.85 30.63 -18.61
C2 NAG V . -33.50 31.75 -19.43
C3 NAG V . -34.74 32.23 -18.70
C4 NAG V . -35.65 31.06 -18.40
C5 NAG V . -34.88 29.88 -17.77
C6 NAG V . -35.79 28.69 -17.53
C7 NAG V . -31.83 32.94 -20.76
C8 NAG V . -31.02 34.19 -20.94
N2 NAG V . -32.58 32.86 -19.66
O3 NAG V . -35.43 33.20 -19.51
O4 NAG V . -36.66 31.51 -17.48
O5 NAG V . -33.72 29.50 -18.54
O6 NAG V . -36.48 28.33 -18.74
O7 NAG V . -31.79 32.03 -21.57
C1 NAG V . -37.94 31.66 -18.13
C2 NAG V . -38.88 32.45 -17.22
C3 NAG V . -40.25 32.55 -17.85
C4 NAG V . -40.13 33.18 -19.24
C5 NAG V . -39.10 32.44 -20.08
C6 NAG V . -38.88 33.16 -21.41
C7 NAG V . -38.20 32.28 -14.90
C8 NAG V . -38.25 31.45 -13.64
N2 NAG V . -38.95 31.84 -15.90
O3 NAG V . -41.10 33.35 -17.04
O4 NAG V . -41.40 33.12 -19.90
O5 NAG V . -37.85 32.35 -19.39
O6 NAG V . -40.15 33.31 -22.07
O7 NAG V . -37.49 33.27 -14.99
C1 NAG W . -27.80 -4.21 -44.71
C2 NAG W . -29.26 -3.82 -44.41
C3 NAG W . -30.24 -4.57 -45.32
C4 NAG W . -29.80 -4.54 -46.77
C5 NAG W . -28.32 -4.89 -46.93
C6 NAG W . -27.88 -4.72 -48.39
C7 NAG W . -30.67 -3.80 -42.41
C8 NAG W . -31.01 -4.63 -41.21
N2 NAG W . -29.53 -4.10 -43.02
O3 NAG W . -31.53 -3.95 -45.22
O4 NAG W . -30.58 -5.53 -47.47
O5 NAG W . -27.53 -4.05 -46.10
O6 NAG W . -26.52 -5.17 -48.51
O7 NAG W . -31.39 -2.91 -42.80
C1 NAG W . -31.48 -4.93 -48.43
C2 NAG W . -32.56 -5.98 -48.74
C3 NAG W . -33.60 -5.42 -49.71
C4 NAG W . -34.14 -4.10 -49.18
C5 NAG W . -33.01 -3.14 -48.85
C6 NAG W . -33.54 -1.84 -48.27
C7 NAG W . -31.49 -8.15 -48.52
C8 NAG W . -30.50 -9.07 -49.16
N2 NAG W . -31.96 -7.17 -49.29
O3 NAG W . -34.67 -6.35 -49.84
O4 NAG W . -35.01 -3.51 -50.16
O5 NAG W . -32.09 -3.74 -47.93
O6 NAG W . -34.31 -2.11 -47.10
O7 NAG W . -31.85 -8.28 -47.36
C1 NAG X . -16.07 49.21 -20.49
C2 NAG X . -15.76 50.66 -20.06
C3 NAG X . -15.73 50.78 -18.55
C4 NAG X . -17.03 50.28 -17.94
C5 NAG X . -17.38 48.91 -18.51
C6 NAG X . -18.77 48.50 -18.05
C7 NAG X . -14.32 52.07 -21.46
C8 NAG X . -12.97 52.70 -21.59
N2 NAG X . -14.47 51.14 -20.52
O3 NAG X . -15.48 52.14 -18.16
O4 NAG X . -16.86 50.21 -16.52
O5 NAG X . -17.35 48.86 -19.94
O6 NAG X . -19.70 49.40 -18.67
O7 NAG X . -15.25 52.41 -22.17
C1 NAG X . -17.38 51.36 -15.80
C2 NAG X . -17.48 50.97 -14.32
C3 NAG X . -18.06 52.11 -13.49
C4 NAG X . -17.19 53.34 -13.64
C5 NAG X . -17.04 53.67 -15.13
C6 NAG X . -16.12 54.86 -15.34
C7 NAG X . -17.74 48.61 -13.80
C8 NAG X . -18.55 47.39 -14.11
N2 NAG X . -18.28 49.76 -14.18
O3 NAG X . -18.13 51.70 -12.12
O4 NAG X . -17.80 54.46 -12.96
O5 NAG X . -16.56 52.53 -15.89
O6 NAG X . -14.80 54.52 -14.93
O7 NAG X . -16.65 48.54 -13.25
C1 BMA X . -17.13 54.73 -11.71
C2 BMA X . -17.32 56.21 -11.38
C3 BMA X . -16.75 56.59 -10.01
C4 BMA X . -17.27 55.63 -8.95
C5 BMA X . -17.03 54.18 -9.36
C6 BMA X . -17.64 53.24 -8.33
O2 BMA X . -18.72 56.52 -11.41
O3 BMA X . -17.18 57.92 -9.68
O4 BMA X . -16.60 55.88 -7.71
O5 BMA X . -17.63 53.92 -10.64
O6 BMA X . -17.97 52.00 -8.95
C1 MAN X . -16.07 58.83 -9.78
C2 MAN X . -16.39 60.08 -8.97
C3 MAN X . -17.55 60.84 -9.58
C4 MAN X . -17.29 61.11 -11.07
C5 MAN X . -16.94 59.81 -11.77
C6 MAN X . -16.62 60.04 -13.24
O2 MAN X . -15.23 60.94 -8.95
O3 MAN X . -17.76 62.09 -8.90
O4 MAN X . -18.46 61.67 -11.66
O5 MAN X . -15.80 59.21 -11.12
O6 MAN X . -15.34 60.68 -13.36
C1 MAN X . -18.17 51.00 -7.94
C2 MAN X . -17.99 49.62 -8.57
C3 MAN X . -19.02 49.45 -9.68
C4 MAN X . -20.42 49.67 -9.14
C5 MAN X . -20.52 50.98 -8.35
C6 MAN X . -21.86 51.10 -7.64
O2 MAN X . -18.18 48.62 -7.58
O3 MAN X . -18.92 48.13 -10.23
O4 MAN X . -21.35 49.71 -10.23
O5 MAN X . -19.49 51.06 -7.37
O6 MAN X . -21.82 52.19 -6.72
C1 NAG Y . 4.84 36.41 -24.70
C2 NAG Y . 6.31 36.90 -24.61
C3 NAG Y . 6.86 37.53 -25.89
C4 NAG Y . 6.62 36.63 -27.09
C5 NAG Y . 5.14 36.27 -27.12
C6 NAG Y . 4.88 35.29 -28.26
C7 NAG Y . 7.60 37.85 -22.75
C8 NAG Y . 8.13 39.15 -22.24
N2 NAG Y . 6.53 37.88 -23.55
O3 NAG Y . 8.26 37.75 -25.70
O4 NAG Y . 7.01 37.33 -28.29
O5 NAG Y . 4.68 35.66 -25.92
O6 NAG Y . 5.74 34.16 -28.08
O7 NAG Y . 8.12 36.81 -22.43
C1 NAG Y . 8.07 36.68 -29.04
C2 NAG Y . 8.08 37.34 -30.42
C3 NAG Y . 9.16 36.77 -31.33
C4 NAG Y . 10.51 36.85 -30.64
C5 NAG Y . 10.42 36.19 -29.27
C6 NAG Y . 11.76 36.25 -28.54
C7 NAG Y . 5.86 38.15 -31.02
C8 NAG Y . 4.48 37.68 -31.41
N2 NAG Y . 6.79 37.19 -31.06
O3 NAG Y . 9.19 37.49 -32.57
O4 NAG Y . 11.49 36.19 -31.45
O5 NAG Y . 9.38 36.80 -28.46
O6 NAG Y . 12.05 37.60 -28.16
O7 NAG Y . 6.10 39.29 -30.70
C1 NAG Z . 41.14 21.40 -5.39
C2 NAG Z . 41.93 22.48 -4.65
C3 NAG Z . 41.12 23.75 -4.39
C4 NAG Z . 40.50 24.21 -5.69
C5 NAG Z . 39.73 23.06 -6.33
C6 NAG Z . 39.10 23.47 -7.65
C7 NAG Z . 41.77 21.52 -2.36
C8 NAG Z . 42.59 21.02 -1.21
N2 NAG Z . 42.47 21.97 -3.40
O3 NAG Z . 41.98 24.77 -3.85
O4 NAG Z . 39.58 25.25 -5.41
O5 NAG Z . 40.60 21.95 -6.59
O6 NAG Z . 38.36 22.38 -8.18
O7 NAG Z . 40.54 21.52 -2.33
C1 NAG Z . 40.17 26.52 -5.76
C2 NAG Z . 39.05 27.49 -6.13
C3 NAG Z . 39.60 28.86 -6.42
C4 NAG Z . 40.45 29.34 -5.25
C5 NAG Z . 41.53 28.32 -4.92
C6 NAG Z . 42.32 28.73 -3.69
C7 NAG Z . 37.13 26.47 -7.20
C8 NAG Z . 36.54 25.95 -8.48
N2 NAG Z . 38.34 27.00 -7.30
O3 NAG Z . 38.53 29.78 -6.64
O4 NAG Z . 41.05 30.59 -5.61
O5 NAG Z . 40.93 27.04 -4.67
O6 NAG Z . 43.32 27.75 -3.40
O7 NAG Z . 36.53 26.41 -6.15
C1 BMA Z . 40.55 31.62 -4.74
C2 BMA Z . 41.67 32.63 -4.53
C3 BMA Z . 41.22 33.76 -3.62
C4 BMA Z . 39.95 34.39 -4.18
C5 BMA Z . 38.90 33.33 -4.45
C6 BMA Z . 37.66 33.94 -5.09
O2 BMA Z . 42.07 33.16 -5.80
O3 BMA Z . 42.26 34.75 -3.53
O4 BMA Z . 39.45 35.34 -3.25
O5 BMA Z . 39.42 32.30 -5.31
O6 BMA Z . 38.04 34.76 -6.20
C1 MAN Z . 43.14 34.40 -2.45
C2 MAN Z . 43.65 35.68 -1.81
C3 MAN Z . 44.49 36.48 -2.82
C4 MAN Z . 45.58 35.59 -3.42
C5 MAN Z . 44.99 34.28 -3.93
C6 MAN Z . 46.09 33.36 -4.45
O2 MAN Z . 44.46 35.36 -0.67
O3 MAN Z . 45.10 37.59 -2.16
O4 MAN Z . 46.20 36.29 -4.51
O5 MAN Z . 44.26 33.63 -2.89
O6 MAN Z . 45.51 32.14 -4.93
C1 MAN Z . 36.97 35.68 -6.50
C2 MAN Z . 37.13 36.17 -7.94
C3 MAN Z . 38.41 36.98 -8.09
C4 MAN Z . 38.45 38.09 -7.05
C5 MAN Z . 38.20 37.53 -5.65
C6 MAN Z . 38.14 38.65 -4.62
O2 MAN Z . 36.01 36.99 -8.28
O3 MAN Z . 38.47 37.54 -9.39
O4 MAN Z . 39.72 38.73 -7.09
O5 MAN Z . 36.97 36.80 -5.63
O6 MAN Z . 37.81 38.09 -3.35
C1 NAG AA . 31.29 -4.51 -12.36
C2 NAG AA . 30.74 -3.09 -12.20
C3 NAG AA . 29.84 -2.70 -13.38
C4 NAG AA . 30.56 -2.94 -14.70
C5 NAG AA . 31.03 -4.38 -14.75
C6 NAG AA . 31.77 -4.67 -16.05
C7 NAG AA . 30.24 -2.07 -10.06
C8 NAG AA . 29.43 -2.17 -8.80
N2 NAG AA . 29.97 -3.00 -10.98
O3 NAG AA . 29.48 -1.32 -13.24
O4 NAG AA . 29.68 -2.68 -15.80
O5 NAG AA . 31.89 -4.68 -13.65
O6 NAG AA . 32.15 -6.04 -16.09
O7 NAG AA . 31.06 -1.20 -10.24
C1 NAG AA . 29.98 -1.38 -16.37
C2 NAG AA . 29.52 -1.36 -17.83
C3 NAG AA . 29.64 0.05 -18.42
C4 NAG AA . 28.91 1.04 -17.54
C5 NAG AA . 29.48 0.96 -16.13
C6 NAG AA . 28.81 1.97 -15.20
C7 NAG AA . 29.89 -3.45 -19.02
C8 NAG AA . 30.86 -4.29 -19.79
N2 NAG AA . 30.33 -2.26 -18.62
O3 NAG AA . 29.07 0.06 -19.74
O4 NAG AA . 29.06 2.36 -18.06
O5 NAG AA . 29.30 -0.36 -15.62
O6 NAG AA . 29.54 2.04 -13.98
O7 NAG AA . 28.76 -3.84 -18.75
C1 NAG BA . 36.03 -43.54 -5.75
C2 NAG BA . 35.41 -44.53 -6.73
C3 NAG BA . 35.89 -45.95 -6.47
C4 NAG BA . 37.41 -46.02 -6.49
C5 NAG BA . 38.00 -44.96 -5.56
C6 NAG BA . 39.50 -44.86 -5.73
C7 NAG BA . 33.24 -44.15 -7.73
C8 NAG BA . 31.76 -44.14 -7.52
N2 NAG BA . 33.96 -44.48 -6.66
O3 NAG BA . 35.35 -46.83 -7.46
O4 NAG BA . 37.84 -47.31 -6.04
O5 NAG BA . 37.46 -43.67 -5.83
O6 NAG BA . 40.14 -46.09 -5.37
O7 NAG BA . 33.75 -43.88 -8.80
C1 NAG BA . 38.34 -48.09 -7.16
C2 NAG BA . 39.18 -49.24 -6.61
C3 NAG BA . 39.66 -50.15 -7.73
C4 NAG BA . 38.47 -50.61 -8.56
C5 NAG BA . 37.68 -49.42 -9.04
C6 NAG BA . 36.45 -49.86 -9.82
C7 NAG BA . 40.45 -48.94 -4.56
C8 NAG BA . 41.86 -48.97 -4.05
N2 NAG BA . 40.33 -48.74 -5.87
O3 NAG BA . 40.34 -51.28 -7.18
O4 NAG BA . 38.94 -51.38 -9.67
O5 NAG BA . 37.26 -48.61 -7.94
O6 NAG BA . 35.52 -50.48 -8.92
O7 NAG BA . 39.49 -49.09 -3.82
C1 NAG CA . 61.66 -27.11 28.62
C2 NAG CA . 60.78 -27.80 27.56
C3 NAG CA . 59.74 -26.87 26.97
C4 NAG CA . 58.85 -26.46 28.12
C5 NAG CA . 59.67 -25.63 29.10
C6 NAG CA . 58.83 -25.46 30.37
C7 NAG CA . 61.30 -29.51 25.89
C8 NAG CA . 61.88 -29.72 24.53
N2 NAG CA . 61.60 -28.35 26.49
O3 NAG CA . 58.98 -27.53 25.96
O4 NAG CA . 57.74 -25.71 27.64
O5 NAG CA . 60.91 -26.23 29.49
O6 NAG CA . 59.67 -25.02 31.44
O7 NAG CA . 60.60 -30.35 26.44
C1 NAG DA . -36.05 -8.73 22.23
C2 NAG DA . -36.15 -10.21 21.86
C3 NAG DA . -36.25 -11.11 23.08
C4 NAG DA . -35.15 -10.77 24.08
C5 NAG DA . -35.30 -9.31 24.47
C6 NAG DA . -34.27 -8.89 25.49
C7 NAG DA . -37.25 -10.32 19.70
C8 NAG DA . -38.46 -10.80 18.95
N2 NAG DA . -37.31 -10.44 21.01
O3 NAG DA . -36.12 -12.48 22.69
O4 NAG DA . -35.26 -11.59 25.24
O5 NAG DA . -35.15 -8.48 23.31
O6 NAG DA . -33.01 -8.69 24.82
O7 NAG DA . -36.29 -9.84 19.12
C1 NAG EA . -56.56 10.15 -10.42
C2 NAG EA . -57.10 11.55 -10.14
C3 NAG EA . -58.34 11.85 -10.97
C4 NAG EA . -58.26 11.31 -12.40
C5 NAG EA . -57.56 9.96 -12.54
C6 NAG EA . -57.28 9.59 -13.99
C7 NAG EA . -58.56 11.26 -8.19
C8 NAG EA . -59.24 12.19 -7.24
N2 NAG EA . -57.44 11.73 -8.74
O3 NAG EA . -58.56 13.27 -10.94
O4 NAG EA . -59.60 11.16 -12.90
O5 NAG EA . -56.32 9.99 -11.82
O6 NAG EA . -55.89 9.81 -14.27
O7 NAG EA . -59.04 10.16 -8.45
C1 NAG FA . -24.65 -40.85 -17.22
C2 NAG FA . -24.19 -39.82 -16.19
C3 NAG FA . -24.54 -40.29 -14.78
C4 NAG FA . -25.97 -40.82 -14.68
C5 NAG FA . -26.32 -41.74 -15.85
C6 NAG FA . -27.78 -42.19 -15.79
C7 NAG FA . -21.88 -39.70 -15.37
C8 NAG FA . -21.42 -38.43 -14.71
N2 NAG FA . -22.77 -39.56 -16.35
O3 NAG FA . -24.40 -39.22 -13.85
O4 NAG FA . -26.13 -41.53 -13.45
O5 NAG FA . -26.06 -41.07 -17.08
O6 NAG FA . -28.01 -42.93 -14.60
O7 NAG FA . -21.43 -40.79 -15.05
O5 A2G GA . -50.79 -61.03 -43.11
C1 A2G GA . -51.04 -60.16 -42.00
C2 A2G GA . -50.05 -59.00 -41.93
N2 A2G GA . -50.36 -58.03 -40.89
C3 A2G GA . -49.97 -58.29 -43.27
O3 A2G GA . -48.94 -57.31 -43.24
C4 A2G GA . -49.72 -59.28 -44.40
O4 A2G GA . -48.46 -59.92 -44.20
C5 A2G GA . -50.82 -60.34 -44.38
C6 A2G GA . -50.64 -61.40 -45.44
O6 A2G GA . -50.65 -60.82 -46.75
C7 A2G GA . -50.30 -58.27 -39.59
O7 A2G GA . -50.02 -59.38 -39.13
C8 A2G GA . -50.58 -57.11 -38.69
CA CA HA . 79.53 -38.64 12.77
CA CA IA . 48.79 -38.27 37.33
CA CA JA . -25.18 25.48 -0.95
CA CA KA . -49.48 -67.77 -31.52
CA CA LA . 27.91 -12.39 15.42
NI NI MA . 0.31 19.18 24.93
C1 NAG NA . -58.53 2.65 -44.24
C2 NAG NA . -57.47 3.16 -43.27
C3 NAG NA . -57.72 2.68 -41.84
C4 NAG NA . -59.16 3.00 -41.44
C5 NAG NA . -60.11 2.37 -42.44
C6 NAG NA . -61.56 2.67 -42.07
C7 NAG NA . -55.40 3.43 -44.53
C8 NAG NA . -53.92 3.15 -44.48
N2 NAG NA . -56.14 2.72 -43.67
O3 NAG NA . -56.82 3.34 -40.94
O4 NAG NA . -59.41 2.48 -40.14
O5 NAG NA . -59.85 2.88 -43.75
O6 NAG NA . -61.81 4.07 -42.20
O7 NAG NA . -55.88 4.23 -45.30
C1 NAG OA . 33.40 26.20 -10.75
C2 NAG OA . 34.12 25.46 -11.90
C3 NAG OA . 34.26 26.29 -13.15
C4 NAG OA . 32.85 26.67 -13.58
C5 NAG OA . 32.16 27.50 -12.51
C6 NAG OA . 30.71 27.62 -12.96
C7 NAG OA . 35.85 23.72 -11.72
C8 NAG OA . 37.30 23.42 -11.45
N2 NAG OA . 35.44 24.97 -11.47
O3 NAG OA . 34.86 25.48 -14.15
O4 NAG OA . 32.86 27.38 -14.84
O5 NAG OA . 32.21 26.88 -11.21
O6 NAG OA . 30.21 26.30 -13.19
O7 NAG OA . 35.08 22.86 -12.13
C1 NAG PA . 53.85 7.00 21.58
C2 NAG PA . 54.33 7.52 22.93
C3 NAG PA . 55.70 6.97 23.32
C4 NAG PA . 55.66 5.45 23.23
C5 NAG PA . 55.22 5.02 21.84
C6 NAG PA . 55.16 3.50 21.73
C7 NAG PA . 55.27 9.73 22.33
C8 NAG PA . 55.62 11.00 23.03
N2 NAG PA . 54.35 8.98 22.95
O3 NAG PA . 56.02 7.36 24.65
O4 NAG PA . 56.96 4.92 23.52
O5 NAG PA . 53.94 5.56 21.54
O6 NAG PA . 54.12 3.01 22.58
O7 NAG PA . 55.80 9.41 21.28
C1 NAG QA . 34.10 -24.10 -27.37
C2 NAG QA . 34.16 -22.56 -27.50
C3 NAG QA . 33.79 -22.02 -28.89
C4 NAG QA . 34.23 -22.96 -30.00
C5 NAG QA . 33.98 -24.41 -29.60
C6 NAG QA . 34.09 -25.37 -30.79
C7 NAG QA . 32.27 -21.18 -26.70
C8 NAG QA . 32.45 -19.70 -26.51
N2 NAG QA . 33.34 -21.96 -26.46
O3 NAG QA . 34.37 -20.71 -29.15
O4 NAG QA . 33.43 -22.69 -31.15
O5 NAG QA . 34.77 -24.75 -28.45
O6 NAG QA . 34.60 -26.66 -30.45
O7 NAG QA . 31.19 -21.64 -27.01
O5 A2G RA . 67.60 -47.94 -31.16
C1 A2G RA . 67.85 -47.02 -30.11
C2 A2G RA . 66.71 -46.98 -29.09
N2 A2G RA . 67.04 -46.09 -28.00
C3 A2G RA . 66.42 -48.39 -28.60
O3 A2G RA . 65.29 -48.39 -27.74
C4 A2G RA . 66.21 -49.34 -29.76
O4 A2G RA . 65.05 -48.96 -30.48
C5 A2G RA . 67.42 -49.29 -30.69
C6 A2G RA . 67.25 -50.16 -31.91
O6 A2G RA . 68.40 -50.08 -32.76
C7 A2G RA . 66.15 -45.63 -27.11
O7 A2G RA . 64.96 -45.93 -27.17
C8 A2G RA . 66.69 -44.75 -26.03
CA CA SA . -70.72 -20.04 -52.02
CA CA TA . -43.82 10.01 -56.36
CA CA UA . 18.77 13.34 27.72
CA CA VA . 66.26 -41.00 -44.45
CA CA WA . -26.69 3.68 -21.26
NI NI XA . -8.66 29.52 8.40
#